data_7W0J
#
_entry.id   7W0J
#
_cell.length_a   85.124
_cell.length_b   88.908
_cell.length_c   97.178
_cell.angle_alpha   90.190
_cell.angle_beta   91.930
_cell.angle_gamma   112.090
#
_symmetry.space_group_name_H-M   'P 1'
#
loop_
_entity.id
_entity.type
_entity.pdbx_description
1 polymer 'Acyl-CoA dehydrogenase'
2 non-polymer '[[(2R,3S,4R,5R)-5-(6-aminopurin-9-yl)-3,4-bis(oxidanyl)oxolan-2-yl]methoxy-oxidanyl-phosphoryl] [(2R,3S,4S)-5-azanyl-2,3,4-tris(oxidanyl)pentyl] hydrogen phosphate'
#
_entity_poly.entity_id   1
_entity_poly.type   'polypeptide(L)'
_entity_poly.pdbx_seq_one_letter_code
;MSDFDLYRPTEEHEALREAIRSVAEDKIAPHAADVDEQSRFPQEAYEALRASDFHAPHVAEEYGGVGADALATCIVIEEI
ARVCASSSLIPAVNKLGSMPLILSGSDEVKQRYLPELASGEAMFSYGLSEREAGSDTASMRTRAVRDGDDWILNGQKSWI
TNAGISKYYTVMAVTDPDGPRGRNISAFVVHIDDPGFSFGEPERKLGIKGSPTRELIFDNVRIPGDRLVGKVGEGLRTAL
RTLDHTRVTIGAQAVGIAQGALDYALGYVKERKQFGKAIADFQGIQFMLADMAMKLEAARQMVYVAAAKSERDDADLSFY
GAAAKCFASDVAMEITTDAVQLLGGYGYTRDYPVERMMRDAKITQIYEGTNQIQRVVMARQLLKK
;
_entity_poly.pdbx_strand_id   A,D,G,F,B,C,E,H
#
loop_
_chem_comp.id
_chem_comp.type
_chem_comp.name
_chem_comp.formula
875 non-polymer '[[(2R,3S,4R,5R)-5-(6-aminopurin-9-yl)-3,4-bis(oxidanyl)oxolan-2-yl]methoxy-oxidanyl-phosphoryl] [(2R,3S,4S)-5-azanyl-2,3,4-tris(oxidanyl)pentyl] hydrogen phosphate' 'C15 H26 N6 O13 P2'
#
# COMPACT_ATOMS: atom_id res chain seq x y z
N LEU A 6 -0.84 -28.32 29.69
CA LEU A 6 -0.42 -27.40 30.76
C LEU A 6 -0.70 -25.91 30.45
N TYR A 7 -1.29 -25.23 31.42
CA TYR A 7 -1.76 -23.88 31.24
C TYR A 7 -2.41 -23.76 29.87
N ARG A 8 -3.43 -24.61 29.66
CA ARG A 8 -4.22 -24.68 28.43
C ARG A 8 -5.40 -25.60 28.68
N PRO A 9 -6.52 -25.37 28.02
CA PRO A 9 -7.65 -26.29 28.14
C PRO A 9 -7.27 -27.67 27.65
N THR A 10 -7.75 -28.69 28.37
CA THR A 10 -7.55 -30.04 27.90
C THR A 10 -8.20 -30.14 26.53
N GLU A 11 -7.69 -31.03 25.69
CA GLU A 11 -8.18 -31.13 24.32
C GLU A 11 -9.68 -31.34 24.28
N GLU A 12 -10.26 -31.90 25.33
CA GLU A 12 -11.71 -32.04 25.38
C GLU A 12 -12.44 -30.74 25.78
N HIS A 13 -11.76 -29.83 26.49
CA HIS A 13 -12.32 -28.49 26.62
C HIS A 13 -12.43 -27.83 25.26
N GLU A 14 -11.40 -27.98 24.43
CA GLU A 14 -11.45 -27.38 23.11
C GLU A 14 -12.42 -28.13 22.19
N ALA A 15 -12.61 -29.42 22.46
CA ALA A 15 -13.60 -30.22 21.71
C ALA A 15 -14.96 -29.64 22.07
N LEU A 16 -15.12 -29.30 23.35
CA LEU A 16 -16.34 -28.67 23.92
C LEU A 16 -16.52 -27.30 23.27
N ARG A 17 -15.42 -26.58 23.05
CA ARG A 17 -15.47 -25.24 22.43
C ARG A 17 -15.99 -25.36 20.99
N GLU A 18 -15.41 -26.25 20.17
CA GLU A 18 -15.91 -26.36 18.79
C GLU A 18 -17.40 -26.71 18.78
N ALA A 19 -17.82 -27.60 19.68
CA ALA A 19 -19.25 -27.95 19.78
C ALA A 19 -20.10 -26.71 20.03
N ILE A 20 -19.90 -26.06 21.17
CA ILE A 20 -20.72 -24.91 21.53
C ILE A 20 -20.54 -23.75 20.55
N ARG A 21 -19.34 -23.61 19.96
CA ARG A 21 -19.16 -22.60 18.92
C ARG A 21 -20.10 -22.85 17.75
N SER A 22 -20.19 -24.10 17.27
CA SER A 22 -21.13 -24.34 16.18
C SER A 22 -22.56 -24.08 16.64
N VAL A 23 -22.88 -24.48 17.88
CA VAL A 23 -24.22 -24.28 18.41
C VAL A 23 -24.56 -22.80 18.47
N ALA A 24 -23.58 -21.97 18.86
CA ALA A 24 -23.73 -20.53 19.00
C ALA A 24 -23.77 -19.79 17.66
N GLU A 25 -22.75 -20.03 16.81
CA GLU A 25 -22.67 -19.41 15.48
C GLU A 25 -23.90 -19.72 14.66
N ASP A 26 -24.38 -20.96 14.76
CA ASP A 26 -25.41 -21.49 13.89
C ASP A 26 -26.80 -21.32 14.47
N LYS A 27 -27.01 -21.77 15.70
CA LYS A 27 -28.36 -21.79 16.25
C LYS A 27 -28.68 -20.54 17.06
N ILE A 28 -27.68 -19.93 17.70
CA ILE A 28 -27.92 -18.81 18.61
C ILE A 28 -27.72 -17.47 17.91
N ALA A 29 -26.63 -17.33 17.17
CA ALA A 29 -26.16 -16.08 16.61
C ALA A 29 -27.24 -15.32 15.84
N PRO A 30 -27.87 -15.90 14.81
CA PRO A 30 -28.80 -15.10 13.99
C PRO A 30 -29.95 -14.58 14.79
N HIS A 31 -30.36 -15.34 15.80
CA HIS A 31 -31.48 -14.87 16.58
C HIS A 31 -31.05 -13.88 17.64
N ALA A 32 -29.75 -13.87 17.99
CA ALA A 32 -29.24 -12.96 19.02
C ALA A 32 -29.66 -11.53 18.76
N ALA A 33 -29.49 -11.08 17.50
CA ALA A 33 -29.86 -9.73 17.13
C ALA A 33 -31.32 -9.44 17.46
N ASP A 34 -32.19 -10.42 17.17
CA ASP A 34 -33.61 -10.23 17.47
C ASP A 34 -33.88 -10.33 18.97
N VAL A 35 -33.27 -11.33 19.63
CA VAL A 35 -33.34 -11.57 21.07
C VAL A 35 -33.20 -10.23 21.76
N ASP A 36 -32.17 -9.49 21.35
CA ASP A 36 -31.96 -8.14 21.88
C ASP A 36 -33.03 -7.16 21.37
N GLU A 37 -33.34 -7.23 20.07
CA GLU A 37 -34.16 -6.20 19.45
C GLU A 37 -35.54 -6.08 20.10
N GLN A 38 -36.24 -7.21 20.24
CA GLN A 38 -37.56 -7.21 20.84
C GLN A 38 -37.51 -7.39 22.35
N SER A 39 -36.30 -7.46 22.91
CA SER A 39 -36.08 -7.57 24.35
C SER A 39 -36.76 -8.81 24.92
N ARG A 40 -36.81 -9.88 24.11
CA ARG A 40 -37.50 -11.10 24.49
C ARG A 40 -36.50 -12.23 24.72
N PHE A 41 -36.94 -13.23 25.46
CA PHE A 41 -36.07 -14.34 25.84
C PHE A 41 -35.45 -15.02 24.63
N PRO A 42 -34.18 -15.47 24.72
CA PRO A 42 -33.57 -16.22 23.62
C PRO A 42 -34.15 -17.61 23.48
N GLN A 43 -35.41 -17.68 23.03
CA GLN A 43 -36.07 -18.97 22.92
C GLN A 43 -35.33 -19.89 21.95
N GLU A 44 -35.00 -19.37 20.76
CA GLU A 44 -34.25 -20.18 19.79
C GLU A 44 -32.97 -20.67 20.42
N ALA A 45 -32.28 -19.77 21.10
CA ALA A 45 -31.06 -20.14 21.79
C ALA A 45 -31.34 -21.18 22.87
N TYR A 46 -32.38 -20.99 23.69
CA TYR A 46 -32.58 -21.94 24.77
C TYR A 46 -32.85 -23.33 24.22
N GLU A 47 -33.77 -23.44 23.27
CA GLU A 47 -34.09 -24.74 22.70
C GLU A 47 -32.91 -25.37 21.95
N ALA A 48 -32.00 -24.54 21.41
CA ALA A 48 -30.84 -25.05 20.70
C ALA A 48 -29.70 -25.43 21.64
N LEU A 49 -29.53 -24.69 22.75
CA LEU A 49 -28.58 -25.08 23.78
C LEU A 49 -29.04 -26.35 24.47
N ARG A 50 -30.35 -26.44 24.70
CA ARG A 50 -30.93 -27.67 25.21
C ARG A 50 -30.69 -28.82 24.25
N ALA A 51 -30.87 -28.56 22.95
CA ALA A 51 -30.61 -29.59 21.95
C ALA A 51 -29.16 -30.02 21.95
N SER A 52 -28.27 -29.14 22.41
CA SER A 52 -26.84 -29.43 22.37
C SER A 52 -26.23 -29.67 23.74
N ASP A 53 -27.04 -29.81 24.79
CA ASP A 53 -26.60 -30.07 26.16
C ASP A 53 -25.72 -28.97 26.73
N PHE A 54 -25.94 -27.72 26.34
CA PHE A 54 -25.14 -26.61 26.89
C PHE A 54 -25.99 -25.61 27.66
N HIS A 55 -27.25 -25.92 27.94
CA HIS A 55 -28.10 -25.02 28.70
C HIS A 55 -27.71 -25.01 30.16
N ALA A 56 -27.03 -26.05 30.62
CA ALA A 56 -26.61 -26.13 32.01
C ALA A 56 -25.59 -27.26 32.17
N PRO A 57 -24.50 -27.25 31.40
CA PRO A 57 -23.59 -28.40 31.42
C PRO A 57 -22.87 -28.60 32.74
N HIS A 58 -23.05 -27.73 33.73
CA HIS A 58 -22.29 -27.91 34.96
C HIS A 58 -22.78 -29.10 35.80
N VAL A 59 -24.05 -29.48 35.63
CA VAL A 59 -24.67 -30.44 36.54
C VAL A 59 -23.91 -31.75 36.54
N ALA A 60 -23.76 -32.35 37.72
CA ALA A 60 -23.13 -33.66 37.82
C ALA A 60 -23.91 -34.63 36.95
N GLU A 61 -23.19 -35.56 36.30
CA GLU A 61 -23.86 -36.62 35.55
C GLU A 61 -24.84 -37.41 36.42
N GLU A 62 -24.56 -37.47 37.73
CA GLU A 62 -25.41 -38.05 38.77
C GLU A 62 -26.90 -37.78 38.57
N TYR A 63 -27.23 -36.61 38.03
CA TYR A 63 -28.62 -36.22 37.77
C TYR A 63 -28.93 -36.15 36.29
N GLY A 64 -28.02 -36.64 35.46
CA GLY A 64 -28.20 -36.56 34.03
C GLY A 64 -27.59 -35.33 33.41
N GLY A 65 -26.70 -34.64 34.13
CA GLY A 65 -26.04 -33.47 33.60
C GLY A 65 -24.91 -33.84 32.69
N VAL A 66 -24.28 -32.80 32.13
CA VAL A 66 -23.10 -32.97 31.29
C VAL A 66 -21.84 -33.21 32.11
N GLY A 67 -21.90 -33.00 33.42
CA GLY A 67 -20.74 -33.22 34.25
C GLY A 67 -19.58 -32.31 33.91
N ALA A 68 -19.87 -31.11 33.40
CA ALA A 68 -18.82 -30.22 32.92
C ALA A 68 -18.03 -29.64 34.09
N ASP A 69 -16.72 -29.63 33.92
CA ASP A 69 -15.87 -28.94 34.87
C ASP A 69 -16.14 -27.43 34.75
N ALA A 70 -15.82 -26.70 35.81
CA ALA A 70 -16.09 -25.25 35.80
C ALA A 70 -15.45 -24.57 34.60
N LEU A 71 -14.23 -24.98 34.23
CA LEU A 71 -13.60 -24.46 33.02
C LEU A 71 -14.50 -24.69 31.82
N ALA A 72 -15.04 -25.89 31.70
CA ALA A 72 -15.93 -26.16 30.59
C ALA A 72 -17.15 -25.25 30.64
N THR A 73 -17.74 -25.09 31.82
CA THR A 73 -18.92 -24.25 31.95
C THR A 73 -18.62 -22.84 31.48
N CYS A 74 -17.48 -22.32 31.91
CA CYS A 74 -17.09 -20.98 31.51
C CYS A 74 -16.90 -20.91 30.01
N ILE A 75 -16.25 -21.91 29.41
CA ILE A 75 -16.05 -21.90 27.96
C ILE A 75 -17.40 -21.87 27.23
N VAL A 76 -18.37 -22.63 27.74
CA VAL A 76 -19.69 -22.64 27.10
C VAL A 76 -20.29 -21.25 27.16
N ILE A 77 -20.36 -20.71 28.38
CA ILE A 77 -20.90 -19.35 28.64
C ILE A 77 -20.22 -18.35 27.71
N GLU A 78 -18.92 -18.56 27.47
CA GLU A 78 -18.13 -17.65 26.61
C GLU A 78 -18.57 -17.76 25.16
N GLU A 79 -18.66 -18.98 24.65
CA GLU A 79 -18.97 -19.20 23.22
C GLU A 79 -20.40 -18.78 22.93
N ILE A 80 -21.24 -18.72 23.96
CA ILE A 80 -22.60 -18.23 23.80
C ILE A 80 -22.60 -16.72 23.84
N ALA A 81 -21.96 -16.15 24.88
CA ALA A 81 -21.78 -14.71 25.01
C ALA A 81 -21.04 -14.13 23.81
N ARG A 82 -20.14 -14.92 23.21
CA ARG A 82 -19.48 -14.51 21.98
C ARG A 82 -20.52 -14.13 20.94
N VAL A 83 -21.68 -14.81 20.93
CA VAL A 83 -22.74 -14.39 20.00
C VAL A 83 -23.99 -13.85 20.67
N CYS A 84 -24.28 -14.21 21.90
CA CYS A 84 -25.49 -13.66 22.50
C CYS A 84 -25.40 -13.69 24.01
N ALA A 85 -25.26 -12.50 24.62
CA ALA A 85 -25.11 -12.43 26.07
C ALA A 85 -26.38 -12.86 26.76
N SER A 86 -27.50 -12.34 26.26
CA SER A 86 -28.77 -12.75 26.79
C SER A 86 -28.83 -14.27 26.82
N SER A 87 -28.41 -14.90 25.71
CA SER A 87 -28.38 -16.35 25.60
C SER A 87 -27.33 -16.97 26.51
N SER A 88 -26.20 -16.29 26.63
CA SER A 88 -25.05 -16.78 27.43
C SER A 88 -25.42 -16.89 28.90
N LEU A 89 -26.55 -16.31 29.30
CA LEU A 89 -26.91 -16.31 30.74
C LEU A 89 -27.64 -17.60 31.12
N ILE A 90 -28.26 -18.26 30.14
CA ILE A 90 -28.97 -19.51 30.40
C ILE A 90 -28.05 -20.49 31.12
N PRO A 91 -26.93 -20.94 30.54
CA PRO A 91 -26.09 -21.87 31.30
C PRO A 91 -25.53 -21.21 32.53
N ALA A 92 -25.29 -19.89 32.44
CA ALA A 92 -24.64 -19.13 33.49
C ALA A 92 -25.58 -18.94 34.68
N VAL A 93 -26.80 -18.51 34.42
CA VAL A 93 -27.74 -18.36 35.52
C VAL A 93 -28.19 -19.74 36.02
N ASN A 94 -28.15 -20.77 35.17
CA ASN A 94 -28.48 -22.11 35.66
C ASN A 94 -27.42 -22.60 36.63
N LYS A 95 -26.14 -22.41 36.30
CA LYS A 95 -25.11 -22.77 37.27
C LYS A 95 -25.24 -21.90 38.51
N LEU A 96 -25.59 -20.62 38.36
CA LEU A 96 -25.76 -19.75 39.52
C LEU A 96 -26.87 -20.24 40.45
N GLY A 97 -28.05 -20.49 39.91
CA GLY A 97 -29.18 -20.89 40.73
C GLY A 97 -29.04 -22.28 41.28
N SER A 98 -28.31 -23.15 40.60
CA SER A 98 -28.12 -24.48 41.13
C SER A 98 -26.93 -24.55 42.05
N MET A 99 -26.03 -23.58 41.99
CA MET A 99 -24.81 -23.66 42.79
C MET A 99 -25.08 -23.76 44.28
N PRO A 100 -25.96 -22.95 44.89
CA PRO A 100 -26.25 -23.20 46.31
C PRO A 100 -26.87 -24.56 46.50
N LEU A 101 -27.70 -24.94 45.53
CA LEU A 101 -28.38 -26.22 45.58
C LEU A 101 -27.42 -27.37 45.41
N ILE A 102 -26.25 -27.15 44.78
CA ILE A 102 -25.22 -28.18 44.59
C ILE A 102 -24.28 -28.22 45.78
N LEU A 103 -23.83 -27.04 46.17
CA LEU A 103 -22.73 -26.88 47.11
C LEU A 103 -23.12 -27.30 48.53
N SER A 104 -24.42 -27.30 48.87
CA SER A 104 -24.76 -27.57 50.26
C SER A 104 -26.07 -28.32 50.40
N GLY A 105 -26.87 -28.44 49.35
CA GLY A 105 -28.13 -29.15 49.47
C GLY A 105 -27.93 -30.63 49.79
N SER A 106 -28.84 -31.18 50.58
CA SER A 106 -28.86 -32.63 50.82
C SER A 106 -29.27 -33.33 49.53
N ASP A 107 -28.77 -34.55 49.36
CA ASP A 107 -29.07 -35.24 48.12
C ASP A 107 -30.57 -35.31 47.84
N GLU A 108 -31.42 -35.17 48.87
CA GLU A 108 -32.85 -35.08 48.62
C GLU A 108 -33.14 -34.00 47.58
N VAL A 109 -32.86 -32.75 47.95
CA VAL A 109 -33.21 -31.60 47.12
C VAL A 109 -32.39 -31.61 45.83
N LYS A 110 -31.12 -32.05 45.89
CA LYS A 110 -30.35 -32.19 44.66
C LYS A 110 -31.05 -33.12 43.68
N GLN A 111 -31.49 -34.29 44.15
CA GLN A 111 -32.15 -35.26 43.28
C GLN A 111 -33.51 -34.78 42.83
N ARG A 112 -34.18 -33.91 43.63
CA ARG A 112 -35.48 -33.39 43.24
C ARG A 112 -35.34 -32.34 42.14
N TYR A 113 -34.22 -31.63 42.11
CA TYR A 113 -34.07 -30.45 41.25
C TYR A 113 -33.05 -30.60 40.12
N LEU A 114 -31.86 -31.07 40.42
CA LEU A 114 -30.81 -31.12 39.42
C LEU A 114 -31.14 -31.95 38.18
N PRO A 115 -31.83 -33.08 38.25
CA PRO A 115 -32.14 -33.78 36.98
C PRO A 115 -33.06 -33.01 36.07
N GLU A 116 -34.08 -32.34 36.64
CA GLU A 116 -35.04 -31.53 35.87
C GLU A 116 -34.38 -30.30 35.25
N LEU A 117 -33.35 -29.74 35.92
CA LEU A 117 -32.51 -28.69 35.33
C LEU A 117 -31.60 -29.27 34.24
N ALA A 118 -30.80 -30.27 34.59
CA ALA A 118 -29.83 -30.87 33.70
C ALA A 118 -30.45 -31.35 32.42
N SER A 119 -31.65 -31.91 32.51
CA SER A 119 -32.35 -32.36 31.32
C SER A 119 -32.85 -31.19 30.48
N GLY A 120 -33.24 -30.10 31.13
CA GLY A 120 -33.81 -28.96 30.45
C GLY A 120 -35.31 -28.77 30.58
N GLU A 121 -35.96 -29.44 31.54
CA GLU A 121 -37.34 -29.07 31.86
C GLU A 121 -37.36 -27.69 32.50
N ALA A 122 -36.45 -27.43 33.45
CA ALA A 122 -36.51 -26.25 34.29
C ALA A 122 -35.21 -25.47 34.29
N MET A 123 -35.35 -24.15 34.35
CA MET A 123 -34.24 -23.23 34.50
C MET A 123 -34.25 -22.67 35.92
N PHE A 124 -33.06 -22.34 36.39
CA PHE A 124 -32.91 -21.76 37.71
C PHE A 124 -32.53 -20.29 37.64
N SER A 125 -33.01 -19.57 38.62
CA SER A 125 -32.57 -18.23 38.96
C SER A 125 -32.26 -18.25 40.44
N TYR A 126 -31.69 -17.18 40.95
CA TYR A 126 -31.08 -17.20 42.27
C TYR A 126 -31.42 -15.92 42.99
N GLY A 127 -32.19 -16.00 44.08
CA GLY A 127 -32.61 -14.80 44.76
C GLY A 127 -31.75 -14.43 45.96
N LEU A 128 -30.80 -13.53 45.74
CA LEU A 128 -29.92 -13.08 46.83
C LEU A 128 -29.98 -11.57 46.89
N SER A 129 -29.81 -10.94 45.74
CA SER A 129 -29.81 -9.46 45.67
C SER A 129 -31.15 -8.91 46.12
N GLU A 130 -31.14 -7.87 46.95
CA GLU A 130 -32.38 -7.23 47.43
C GLU A 130 -32.25 -5.73 47.15
N ARG A 131 -33.34 -5.06 46.81
CA ARG A 131 -33.24 -3.67 46.53
C ARG A 131 -32.78 -2.87 47.70
N GLU A 132 -33.36 -3.12 48.84
CA GLU A 132 -32.96 -2.39 50.01
C GLU A 132 -31.56 -2.71 50.48
N ALA A 133 -31.22 -3.99 50.49
CA ALA A 133 -29.92 -4.39 50.95
C ALA A 133 -29.32 -5.28 49.91
N GLY A 134 -28.93 -4.62 48.87
CA GLY A 134 -28.38 -5.20 47.66
C GLY A 134 -26.94 -5.61 47.85
N SER A 135 -26.05 -4.63 48.06
CA SER A 135 -24.63 -4.89 48.24
C SER A 135 -24.34 -5.46 49.62
N ASP A 136 -25.16 -5.14 50.62
CA ASP A 136 -25.03 -5.70 51.96
C ASP A 136 -25.94 -6.92 52.10
N THR A 137 -25.63 -7.96 51.33
CA THR A 137 -26.47 -9.14 51.38
C THR A 137 -26.47 -9.75 52.77
N ALA A 138 -25.48 -9.43 53.60
CA ALA A 138 -25.45 -10.00 54.93
C ALA A 138 -26.58 -9.46 55.81
N SER A 139 -27.18 -8.35 55.42
CA SER A 139 -28.23 -7.68 56.18
C SER A 139 -29.54 -7.65 55.40
N MET A 140 -29.88 -8.74 54.71
CA MET A 140 -31.06 -8.69 53.88
C MET A 140 -32.34 -8.79 54.71
N ARG A 141 -33.47 -8.56 54.02
CA ARG A 141 -34.77 -8.29 54.62
C ARG A 141 -35.88 -9.21 54.12
N THR A 142 -35.59 -10.14 53.20
CA THR A 142 -36.55 -11.17 52.81
C THR A 142 -36.64 -12.20 53.93
N ARG A 143 -37.80 -12.25 54.57
CA ARG A 143 -38.00 -13.02 55.80
C ARG A 143 -38.59 -14.38 55.44
N ALA A 144 -38.16 -15.41 56.18
CA ALA A 144 -38.77 -16.74 56.07
C ALA A 144 -38.82 -17.33 57.48
N VAL A 145 -40.02 -17.38 58.05
CA VAL A 145 -40.22 -17.99 59.38
C VAL A 145 -40.89 -19.36 59.23
N ARG A 146 -40.46 -20.32 60.06
CA ARG A 146 -40.95 -21.69 59.95
C ARG A 146 -42.37 -21.78 60.47
N ASP A 147 -43.24 -22.45 59.71
CA ASP A 147 -44.66 -22.65 60.01
C ASP A 147 -44.87 -24.15 60.02
N GLY A 148 -44.80 -24.75 61.21
CA GLY A 148 -44.77 -26.20 61.26
C GLY A 148 -43.50 -26.71 60.62
N ASP A 149 -43.64 -27.77 59.84
CA ASP A 149 -42.57 -28.28 59.00
C ASP A 149 -42.23 -27.32 57.87
N ASP A 150 -43.16 -26.46 57.44
CA ASP A 150 -42.85 -25.59 56.31
C ASP A 150 -42.08 -24.37 56.74
N TRP A 151 -41.90 -23.50 55.77
CA TRP A 151 -41.44 -22.15 55.98
C TRP A 151 -42.41 -21.28 55.22
N ILE A 152 -42.52 -20.05 55.68
CA ILE A 152 -43.30 -19.04 55.00
C ILE A 152 -42.32 -17.94 54.61
N LEU A 153 -42.52 -17.45 53.39
CA LEU A 153 -41.67 -16.39 52.80
C LEU A 153 -42.49 -15.12 52.60
N ASN A 154 -41.90 -14.00 52.97
CA ASN A 154 -42.46 -12.64 52.78
C ASN A 154 -41.25 -11.79 52.38
N GLY A 155 -41.26 -11.13 51.22
CA GLY A 155 -40.05 -10.41 50.92
C GLY A 155 -39.83 -10.18 49.45
N GLN A 156 -38.67 -9.62 49.12
CA GLN A 156 -38.55 -8.94 47.85
C GLN A 156 -37.11 -9.13 47.39
N LYS A 157 -36.91 -10.13 46.55
CA LYS A 157 -35.66 -10.22 45.81
C LYS A 157 -35.80 -9.36 44.57
N SER A 158 -34.71 -8.70 44.18
CA SER A 158 -34.75 -7.85 43.01
C SER A 158 -33.55 -8.18 42.12
N TRP A 159 -33.63 -7.66 40.89
CA TRP A 159 -32.62 -7.90 39.86
C TRP A 159 -32.23 -9.36 39.83
N ILE A 160 -33.26 -10.17 39.65
CA ILE A 160 -33.06 -11.61 39.53
C ILE A 160 -33.03 -11.91 38.05
N THR A 161 -31.85 -12.28 37.58
CA THR A 161 -31.66 -12.43 36.16
C THR A 161 -32.22 -13.78 35.72
N ASN A 162 -32.84 -13.79 34.55
CA ASN A 162 -33.56 -14.92 34.01
C ASN A 162 -34.81 -15.23 34.85
N ALA A 163 -35.29 -14.27 35.66
CA ALA A 163 -36.39 -14.51 36.60
C ALA A 163 -37.73 -14.83 35.93
N GLY A 164 -38.06 -14.17 34.81
CA GLY A 164 -39.39 -14.41 34.27
C GLY A 164 -39.68 -15.82 33.79
N ILE A 165 -38.64 -16.60 33.50
CA ILE A 165 -38.79 -17.85 32.75
C ILE A 165 -38.28 -19.04 33.55
N SER A 166 -37.35 -18.80 34.47
CA SER A 166 -36.94 -19.87 35.36
C SER A 166 -38.15 -20.44 36.04
N LYS A 167 -38.14 -21.77 36.21
CA LYS A 167 -39.12 -22.45 37.03
C LYS A 167 -38.74 -22.40 38.50
N TYR A 168 -37.50 -22.76 38.82
CA TYR A 168 -37.06 -23.06 40.18
C TYR A 168 -36.08 -21.98 40.62
N TYR A 169 -36.23 -21.50 41.86
CA TYR A 169 -35.59 -20.27 42.36
C TYR A 169 -34.96 -20.49 43.73
N THR A 170 -33.64 -20.68 43.82
CA THR A 170 -33.03 -20.78 45.15
C THR A 170 -33.01 -19.39 45.80
N VAL A 171 -34.12 -19.00 46.41
CA VAL A 171 -34.17 -17.69 47.04
C VAL A 171 -33.61 -17.84 48.45
N MET A 172 -32.88 -16.83 48.90
CA MET A 172 -32.21 -16.88 50.19
C MET A 172 -32.82 -15.88 51.14
N ALA A 173 -33.36 -16.35 52.25
CA ALA A 173 -34.07 -15.50 53.18
C ALA A 173 -33.49 -15.63 54.58
N VAL A 174 -33.54 -14.51 55.31
CA VAL A 174 -33.16 -14.52 56.70
C VAL A 174 -34.22 -15.25 57.48
N THR A 175 -33.81 -16.20 58.31
CA THR A 175 -34.70 -17.01 59.12
C THR A 175 -34.74 -16.61 60.60
N ASP A 176 -33.62 -16.16 61.15
CA ASP A 176 -33.50 -15.73 62.55
C ASP A 176 -32.87 -14.35 62.58
N PRO A 177 -33.66 -13.29 62.83
CA PRO A 177 -33.06 -11.94 62.76
C PRO A 177 -31.90 -11.79 63.71
N ASP A 178 -32.02 -12.40 64.88
CA ASP A 178 -31.03 -12.35 65.92
C ASP A 178 -29.83 -13.22 65.52
N GLY A 179 -28.73 -13.09 66.26
CA GLY A 179 -27.51 -13.77 65.88
C GLY A 179 -26.75 -12.99 64.83
N PRO A 180 -25.59 -13.48 64.45
CA PRO A 180 -24.77 -12.75 63.48
C PRO A 180 -25.34 -12.84 62.10
N ARG A 181 -25.69 -11.67 61.56
CA ARG A 181 -26.22 -11.61 60.17
C ARG A 181 -25.13 -12.19 59.27
N GLY A 182 -25.47 -13.18 58.44
CA GLY A 182 -24.41 -13.86 57.68
C GLY A 182 -24.27 -15.26 58.22
N ARG A 183 -25.03 -15.52 59.26
CA ARG A 183 -25.01 -16.85 59.93
C ARG A 183 -26.46 -17.15 60.31
N ASN A 184 -27.38 -16.28 59.88
CA ASN A 184 -28.82 -16.33 60.16
C ASN A 184 -29.64 -16.33 58.88
N ILE A 185 -29.07 -16.82 57.78
CA ILE A 185 -29.68 -16.72 56.45
C ILE A 185 -29.73 -18.14 55.91
N SER A 186 -30.84 -18.53 55.27
CA SER A 186 -30.86 -19.84 54.62
C SER A 186 -31.63 -19.79 53.30
N ALA A 187 -31.36 -20.79 52.45
CA ALA A 187 -31.81 -20.81 51.05
C ALA A 187 -32.83 -21.90 50.78
N PHE A 188 -33.89 -21.54 50.07
CA PHE A 188 -35.02 -22.41 49.78
C PHE A 188 -35.41 -22.22 48.33
N VAL A 189 -35.62 -23.32 47.60
CA VAL A 189 -36.01 -23.25 46.21
C VAL A 189 -37.52 -23.08 46.03
N VAL A 190 -37.94 -21.86 45.65
CA VAL A 190 -39.33 -21.51 45.31
C VAL A 190 -39.59 -21.76 43.83
N HIS A 191 -40.75 -22.35 43.53
CA HIS A 191 -41.25 -22.66 42.18
C HIS A 191 -42.03 -21.50 41.57
N ILE A 192 -42.16 -21.54 40.24
CA ILE A 192 -42.95 -20.52 39.54
C ILE A 192 -44.43 -20.67 39.86
N ASP A 193 -44.91 -21.90 39.96
CA ASP A 193 -46.29 -22.17 40.31
C ASP A 193 -46.55 -22.07 41.82
N ASP A 194 -45.53 -21.80 42.64
CA ASP A 194 -45.64 -21.90 44.08
C ASP A 194 -46.49 -20.74 44.61
N PRO A 195 -47.48 -21.01 45.48
CA PRO A 195 -48.54 -20.03 45.73
C PRO A 195 -48.02 -18.72 46.32
N GLY A 196 -48.52 -17.62 45.76
CA GLY A 196 -48.26 -16.24 46.17
C GLY A 196 -46.98 -15.60 45.68
N PHE A 197 -46.08 -16.34 45.05
CA PHE A 197 -44.80 -15.81 44.61
C PHE A 197 -44.94 -15.29 43.19
N SER A 198 -44.75 -13.99 42.99
CA SER A 198 -44.89 -13.42 41.66
C SER A 198 -43.64 -12.63 41.28
N PHE A 199 -43.59 -12.22 40.02
CA PHE A 199 -42.48 -11.43 39.50
C PHE A 199 -42.88 -9.98 39.30
N GLY A 200 -41.90 -9.10 39.36
CA GLY A 200 -42.14 -7.74 38.95
C GLY A 200 -42.21 -7.68 37.43
N GLU A 201 -42.28 -6.45 36.93
CA GLU A 201 -42.24 -6.23 35.49
C GLU A 201 -40.77 -6.31 35.02
N PRO A 202 -40.50 -6.98 33.89
CA PRO A 202 -39.09 -7.15 33.47
C PRO A 202 -38.42 -5.81 33.32
N GLU A 203 -37.20 -5.73 33.80
CA GLU A 203 -36.51 -4.45 33.75
C GLU A 203 -36.26 -4.11 32.29
N ARG A 204 -36.41 -2.84 31.96
CA ARG A 204 -36.03 -2.35 30.64
C ARG A 204 -34.53 -2.10 30.73
N LYS A 205 -33.73 -3.03 30.24
CA LYS A 205 -32.29 -2.99 30.46
C LYS A 205 -31.52 -2.36 29.28
N LEU A 206 -30.35 -1.84 29.61
CA LEU A 206 -29.45 -1.27 28.63
C LEU A 206 -29.06 -2.31 27.59
N GLY A 207 -28.60 -3.46 28.07
CA GLY A 207 -28.27 -4.58 27.21
C GLY A 207 -28.77 -5.84 27.86
N ILE A 208 -28.42 -7.01 27.32
CA ILE A 208 -28.95 -8.30 27.76
C ILE A 208 -30.46 -8.24 27.90
N LYS A 209 -31.11 -7.41 27.08
CA LYS A 209 -32.54 -7.18 27.21
C LYS A 209 -33.31 -8.49 27.11
N GLY A 210 -32.76 -9.47 26.39
CA GLY A 210 -33.38 -10.76 26.17
C GLY A 210 -33.62 -11.49 27.46
N SER A 211 -32.54 -11.73 28.21
CA SER A 211 -32.69 -12.41 29.49
C SER A 211 -33.49 -11.50 30.41
N PRO A 212 -34.67 -11.91 30.84
CA PRO A 212 -35.51 -10.99 31.60
C PRO A 212 -35.03 -10.93 33.04
N THR A 213 -34.86 -9.72 33.55
CA THR A 213 -34.63 -9.52 34.97
C THR A 213 -35.88 -8.88 35.53
N ARG A 214 -36.58 -9.60 36.40
CA ARG A 214 -37.79 -9.15 37.04
C ARG A 214 -37.59 -9.19 38.54
N GLU A 215 -38.29 -8.31 39.27
CA GLU A 215 -38.36 -8.48 40.71
C GLU A 215 -39.07 -9.76 41.08
N LEU A 216 -38.72 -10.28 42.26
CA LEU A 216 -39.39 -11.41 42.88
C LEU A 216 -40.04 -10.92 44.16
N ILE A 217 -41.38 -11.01 44.22
CA ILE A 217 -42.14 -10.62 45.39
C ILE A 217 -42.72 -11.87 46.00
N PHE A 218 -42.61 -12.00 47.32
CA PHE A 218 -43.11 -13.14 48.09
C PHE A 218 -44.19 -12.59 49.01
N ASP A 219 -45.43 -12.99 48.71
CA ASP A 219 -46.63 -12.64 49.48
C ASP A 219 -47.06 -13.89 50.22
N ASN A 220 -46.45 -14.12 51.37
CA ASN A 220 -46.76 -15.28 52.22
C ASN A 220 -46.74 -16.56 51.40
N VAL A 221 -45.59 -16.85 50.80
CA VAL A 221 -45.56 -18.05 49.99
C VAL A 221 -45.29 -19.21 50.95
N ARG A 222 -46.18 -20.20 50.91
CA ARG A 222 -46.07 -21.40 51.72
C ARG A 222 -45.12 -22.35 51.01
N ILE A 223 -43.91 -22.49 51.55
CA ILE A 223 -42.87 -23.32 50.95
C ILE A 223 -42.67 -24.54 51.81
N PRO A 224 -42.65 -25.75 51.25
CA PRO A 224 -42.44 -26.97 52.04
C PRO A 224 -41.11 -26.99 52.77
N GLY A 225 -41.03 -27.85 53.79
CA GLY A 225 -39.78 -28.00 54.50
C GLY A 225 -38.70 -28.70 53.70
N ASP A 226 -39.08 -29.48 52.68
CA ASP A 226 -38.15 -30.19 51.81
C ASP A 226 -37.51 -29.26 50.78
N ARG A 227 -37.95 -28.00 50.74
CA ARG A 227 -37.34 -26.97 49.92
C ARG A 227 -36.07 -26.41 50.57
N LEU A 228 -35.72 -26.89 51.76
CA LEU A 228 -34.46 -26.54 52.42
C LEU A 228 -33.23 -26.88 51.57
N VAL A 229 -32.30 -25.93 51.50
CA VAL A 229 -31.07 -26.05 50.72
C VAL A 229 -29.91 -25.99 51.69
N GLY A 230 -29.56 -27.11 52.29
CA GLY A 230 -28.53 -27.11 53.29
C GLY A 230 -29.06 -26.59 54.60
N LYS A 231 -28.24 -26.77 55.64
CA LYS A 231 -28.70 -26.51 56.99
C LYS A 231 -29.12 -25.05 57.16
N VAL A 232 -30.23 -24.86 57.88
CA VAL A 232 -30.72 -23.53 58.18
C VAL A 232 -29.61 -22.68 58.79
N GLY A 233 -29.54 -21.43 58.34
CA GLY A 233 -28.57 -20.46 58.85
C GLY A 233 -27.27 -20.37 58.07
N GLU A 234 -26.86 -21.45 57.38
CA GLU A 234 -25.62 -21.40 56.63
C GLU A 234 -25.75 -20.56 55.37
N GLY A 235 -26.96 -20.13 55.03
CA GLY A 235 -27.21 -19.58 53.72
C GLY A 235 -26.23 -18.53 53.26
N LEU A 236 -25.71 -17.69 54.17
CA LEU A 236 -24.72 -16.70 53.72
C LEU A 236 -23.38 -17.34 53.41
N ARG A 237 -22.92 -18.24 54.28
CA ARG A 237 -21.80 -19.11 53.96
C ARG A 237 -21.98 -19.71 52.56
N THR A 238 -23.16 -20.25 52.28
CA THR A 238 -23.43 -20.81 50.96
C THR A 238 -23.46 -19.74 49.87
N ALA A 239 -24.02 -18.56 50.16
CA ALA A 239 -24.19 -17.54 49.13
C ALA A 239 -22.85 -16.92 48.70
N LEU A 240 -21.98 -16.61 49.65
CA LEU A 240 -20.68 -16.12 49.26
C LEU A 240 -19.87 -17.24 48.65
N ARG A 241 -20.20 -18.47 49.05
CA ARG A 241 -19.54 -19.67 48.49
C ARG A 241 -19.93 -19.76 47.01
N THR A 242 -21.22 -19.60 46.67
CA THR A 242 -21.61 -19.67 45.27
C THR A 242 -21.09 -18.48 44.49
N LEU A 243 -21.18 -17.26 45.05
CA LEU A 243 -20.61 -16.11 44.37
C LEU A 243 -19.18 -16.43 43.97
N ASP A 244 -18.39 -16.96 44.91
CA ASP A 244 -17.03 -17.39 44.63
C ASP A 244 -16.95 -18.12 43.29
N HIS A 245 -17.96 -18.92 42.96
CA HIS A 245 -17.91 -19.65 41.70
C HIS A 245 -18.54 -18.93 40.53
N THR A 246 -19.58 -18.15 40.76
CA THR A 246 -20.30 -17.58 39.62
C THR A 246 -19.68 -16.26 39.18
N ARG A 247 -18.86 -15.68 40.05
CA ARG A 247 -17.94 -14.64 39.61
C ARG A 247 -17.24 -15.10 38.35
N VAL A 248 -16.64 -16.29 38.40
CA VAL A 248 -15.81 -16.75 37.31
C VAL A 248 -16.61 -16.93 36.05
N THR A 249 -17.86 -17.35 36.18
CA THR A 249 -18.68 -17.46 34.98
C THR A 249 -19.04 -16.09 34.43
N ILE A 250 -19.28 -15.10 35.30
CA ILE A 250 -19.54 -13.78 34.73
C ILE A 250 -18.30 -13.25 34.03
N GLY A 251 -17.13 -13.53 34.58
CA GLY A 251 -15.92 -13.23 33.84
C GLY A 251 -15.92 -13.87 32.47
N ALA A 252 -16.18 -15.17 32.43
CA ALA A 252 -16.20 -15.89 31.16
C ALA A 252 -17.20 -15.26 30.20
N GLN A 253 -18.36 -14.88 30.70
CA GLN A 253 -19.32 -14.21 29.85
C GLN A 253 -18.71 -12.95 29.25
N ALA A 254 -18.03 -12.16 30.10
CA ALA A 254 -17.42 -10.92 29.63
C ALA A 254 -16.38 -11.21 28.57
N VAL A 255 -15.50 -12.17 28.83
CA VAL A 255 -14.53 -12.61 27.83
C VAL A 255 -15.24 -12.92 26.53
N GLY A 256 -16.37 -13.63 26.60
CA GLY A 256 -17.08 -13.95 25.38
C GLY A 256 -17.59 -12.71 24.68
N ILE A 257 -18.27 -11.83 25.43
CA ILE A 257 -18.83 -10.62 24.83
C ILE A 257 -17.73 -9.83 24.16
N ALA A 258 -16.61 -9.71 24.85
CA ALA A 258 -15.49 -9.00 24.27
C ALA A 258 -15.04 -9.71 23.01
N GLN A 259 -14.94 -11.03 23.10
CA GLN A 259 -14.46 -11.79 21.96
C GLN A 259 -15.28 -11.46 20.74
N GLY A 260 -16.61 -11.58 20.89
CA GLY A 260 -17.50 -11.27 19.79
C GLY A 260 -17.29 -9.87 19.26
N ALA A 261 -17.09 -8.91 20.15
CA ALA A 261 -16.89 -7.53 19.71
C ALA A 261 -15.66 -7.44 18.82
N LEU A 262 -14.54 -8.01 19.29
CA LEU A 262 -13.25 -8.02 18.58
C LEU A 262 -13.32 -8.83 17.30
N ASP A 263 -14.12 -9.89 17.30
CA ASP A 263 -14.28 -10.71 16.12
C ASP A 263 -14.95 -9.91 15.02
N TYR A 264 -16.08 -9.26 15.32
CA TYR A 264 -16.65 -8.36 14.32
C TYR A 264 -15.67 -7.25 13.99
N ALA A 265 -14.86 -6.83 14.97
CA ALA A 265 -13.90 -5.76 14.69
C ALA A 265 -12.87 -6.21 13.66
N LEU A 266 -12.20 -7.34 13.92
CA LEU A 266 -11.20 -7.88 13.01
C LEU A 266 -11.80 -8.15 11.63
N GLY A 267 -12.96 -8.81 11.59
CA GLY A 267 -13.64 -9.04 10.32
C GLY A 267 -13.84 -7.75 9.56
N TYR A 268 -14.43 -6.74 10.24
CA TYR A 268 -14.67 -5.45 9.60
C TYR A 268 -13.36 -4.82 9.12
N VAL A 269 -12.27 -5.01 9.86
CA VAL A 269 -11.00 -4.38 9.48
C VAL A 269 -10.42 -5.05 8.26
N LYS A 270 -10.67 -6.34 8.09
CA LYS A 270 -10.27 -6.96 6.83
C LYS A 270 -11.15 -6.45 5.69
N GLU A 271 -12.47 -6.31 5.93
CA GLU A 271 -13.37 -5.94 4.84
C GLU A 271 -13.02 -4.58 4.24
N ARG A 272 -13.06 -3.53 5.05
CA ARG A 272 -12.92 -2.16 4.51
C ARG A 272 -11.56 -1.53 4.87
N PHE A 282 -4.36 1.30 8.23
CA PHE A 282 -3.08 1.73 8.79
C PHE A 282 -2.86 1.19 10.23
N GLN A 283 -1.66 1.45 10.77
CA GLN A 283 -1.17 0.85 12.02
C GLN A 283 -1.94 1.29 13.26
N GLY A 284 -2.59 2.46 13.23
CA GLY A 284 -3.32 2.92 14.42
C GLY A 284 -4.43 1.97 14.82
N ILE A 285 -5.30 1.67 13.87
CA ILE A 285 -6.35 0.67 14.10
C ILE A 285 -5.73 -0.68 14.43
N GLN A 286 -4.54 -0.97 13.89
CA GLN A 286 -3.87 -2.22 14.25
C GLN A 286 -3.54 -2.22 15.74
N PHE A 287 -2.94 -1.13 16.22
CA PHE A 287 -2.64 -0.99 17.65
C PHE A 287 -3.88 -1.09 18.50
N MET A 288 -4.97 -0.48 18.06
CA MET A 288 -6.20 -0.56 18.83
C MET A 288 -6.65 -2.01 18.92
N LEU A 289 -6.56 -2.75 17.80
CA LEU A 289 -6.91 -4.18 17.77
C LEU A 289 -5.96 -5.00 18.62
N ALA A 290 -4.70 -4.64 18.61
CA ALA A 290 -3.75 -5.35 19.43
C ALA A 290 -4.12 -5.19 20.90
N ASP A 291 -4.40 -3.94 21.32
CA ASP A 291 -4.81 -3.71 22.70
C ASP A 291 -6.09 -4.49 23.03
N MET A 292 -7.05 -4.45 22.12
CA MET A 292 -8.30 -5.19 22.32
C MET A 292 -8.00 -6.65 22.56
N ALA A 293 -7.30 -7.27 21.63
CA ALA A 293 -7.05 -8.70 21.72
C ALA A 293 -6.22 -9.04 22.93
N MET A 294 -5.22 -8.20 23.24
CA MET A 294 -4.29 -8.50 24.32
C MET A 294 -4.98 -8.44 25.67
N LYS A 295 -5.67 -7.32 25.94
CA LYS A 295 -6.53 -7.21 27.12
C LYS A 295 -7.48 -8.40 27.19
N LEU A 296 -8.17 -8.70 26.08
CA LEU A 296 -9.14 -9.80 26.01
C LEU A 296 -8.52 -11.12 26.44
N GLU A 297 -7.33 -11.39 25.94
CA GLU A 297 -6.76 -12.69 26.22
C GLU A 297 -6.29 -12.77 27.66
N ALA A 298 -5.77 -11.66 28.19
CA ALA A 298 -5.45 -11.66 29.60
C ALA A 298 -6.71 -11.93 30.41
N ALA A 299 -7.81 -11.29 30.00
CA ALA A 299 -9.08 -11.55 30.65
C ALA A 299 -9.49 -13.02 30.52
N ARG A 300 -9.36 -13.60 29.34
CA ARG A 300 -9.70 -15.01 29.16
C ARG A 300 -8.85 -15.92 30.03
N GLN A 301 -7.54 -15.78 29.93
CA GLN A 301 -6.69 -16.65 30.75
C GLN A 301 -6.95 -16.44 32.23
N MET A 302 -7.29 -15.20 32.62
CA MET A 302 -7.54 -14.88 34.01
C MET A 302 -8.80 -15.56 34.49
N VAL A 303 -9.84 -15.57 33.63
CA VAL A 303 -11.06 -16.30 33.93
C VAL A 303 -10.77 -17.81 34.01
N TYR A 304 -9.94 -18.35 33.11
CA TYR A 304 -9.72 -19.80 33.11
C TYR A 304 -8.86 -20.26 34.29
N VAL A 305 -7.81 -19.48 34.61
CA VAL A 305 -7.04 -19.72 35.81
C VAL A 305 -7.99 -19.77 36.99
N ALA A 306 -8.92 -18.82 37.03
CA ALA A 306 -9.84 -18.80 38.13
C ALA A 306 -10.83 -19.94 38.05
N ALA A 307 -11.24 -20.37 36.86
CA ALA A 307 -12.25 -21.43 36.75
C ALA A 307 -11.69 -22.75 37.20
N ALA A 308 -10.50 -23.09 36.69
CA ALA A 308 -9.78 -24.21 37.27
C ALA A 308 -9.60 -24.00 38.76
N LYS A 309 -9.41 -22.74 39.19
CA LYS A 309 -9.23 -22.44 40.60
C LYS A 309 -10.52 -22.66 41.38
N SER A 310 -11.64 -22.66 40.67
CA SER A 310 -12.95 -22.87 41.33
C SER A 310 -13.16 -24.38 41.50
N GLU A 311 -13.10 -25.11 40.40
CA GLU A 311 -13.30 -26.58 40.40
C GLU A 311 -12.44 -27.24 41.48
N ARG A 312 -11.17 -26.89 41.58
CA ARG A 312 -10.36 -27.51 42.66
C ARG A 312 -10.69 -26.83 43.99
N ASP A 313 -11.66 -25.90 43.96
CA ASP A 313 -12.06 -25.11 45.12
C ASP A 313 -10.83 -24.63 45.89
N ASP A 314 -9.97 -23.93 45.15
CA ASP A 314 -8.73 -23.39 45.69
C ASP A 314 -9.02 -22.43 46.85
N ALA A 315 -7.98 -22.15 47.63
CA ALA A 315 -8.16 -21.34 48.83
C ALA A 315 -8.60 -19.93 48.45
N ASP A 316 -7.93 -19.35 47.47
CA ASP A 316 -8.13 -17.97 47.05
C ASP A 316 -9.20 -17.79 45.99
N LEU A 317 -10.11 -18.75 45.82
CA LEU A 317 -11.17 -18.54 44.85
C LEU A 317 -11.90 -17.22 45.11
N SER A 318 -12.02 -16.82 46.38
CA SER A 318 -12.60 -15.53 46.70
C SER A 318 -11.92 -14.44 45.90
N PHE A 319 -10.62 -14.32 46.06
CA PHE A 319 -9.89 -13.30 45.33
C PHE A 319 -9.98 -13.47 43.82
N TYR A 320 -9.53 -14.62 43.29
CA TYR A 320 -9.39 -14.77 41.83
C TYR A 320 -10.72 -14.63 41.10
N GLY A 321 -11.79 -15.18 41.68
CA GLY A 321 -13.08 -15.00 41.05
C GLY A 321 -13.40 -13.54 40.91
N ALA A 322 -13.23 -12.78 42.00
CA ALA A 322 -13.37 -11.34 41.92
C ALA A 322 -12.43 -10.77 40.87
N ALA A 323 -11.14 -11.15 40.94
CA ALA A 323 -10.13 -10.55 40.08
C ALA A 323 -10.47 -10.73 38.60
N ALA A 324 -10.79 -11.97 38.22
CA ALA A 324 -11.24 -12.30 36.86
C ALA A 324 -12.60 -11.66 36.52
N LYS A 325 -13.53 -11.62 37.48
CA LYS A 325 -14.85 -11.04 37.22
C LYS A 325 -14.71 -9.57 36.88
N CYS A 326 -13.88 -8.87 37.64
CA CYS A 326 -13.67 -7.44 37.43
C CYS A 326 -12.95 -7.20 36.11
N PHE A 327 -11.77 -7.82 35.94
CA PHE A 327 -10.94 -7.53 34.79
C PHE A 327 -11.64 -7.86 33.48
N ALA A 328 -12.13 -9.10 33.36
CA ALA A 328 -12.85 -9.50 32.16
C ALA A 328 -13.93 -8.48 31.84
N SER A 329 -14.76 -8.19 32.82
CA SER A 329 -15.83 -7.22 32.61
C SER A 329 -15.25 -5.86 32.19
N ASP A 330 -14.28 -5.35 32.96
CA ASP A 330 -13.65 -4.09 32.57
C ASP A 330 -13.17 -4.16 31.14
N VAL A 331 -12.43 -5.24 30.82
CA VAL A 331 -11.91 -5.40 29.47
C VAL A 331 -13.05 -5.44 28.48
N ALA A 332 -14.08 -6.23 28.79
CA ALA A 332 -15.20 -6.31 27.89
C ALA A 332 -15.67 -4.92 27.56
N MET A 333 -15.86 -4.09 28.59
CA MET A 333 -16.36 -2.75 28.38
C MET A 333 -15.46 -1.94 27.45
N GLU A 334 -14.16 -1.92 27.68
CA GLU A 334 -13.32 -1.13 26.77
C GLU A 334 -13.39 -1.72 25.38
N ILE A 335 -13.32 -3.05 25.28
CA ILE A 335 -13.23 -3.71 23.98
C ILE A 335 -14.51 -3.51 23.22
N THR A 336 -15.62 -3.81 23.84
CA THR A 336 -16.86 -3.63 23.13
C THR A 336 -16.99 -2.19 22.71
N THR A 337 -16.57 -1.26 23.60
CA THR A 337 -16.55 0.16 23.25
C THR A 337 -15.63 0.40 22.09
N ASP A 338 -14.41 -0.10 22.22
CA ASP A 338 -13.48 0.01 21.12
C ASP A 338 -14.03 -0.70 19.89
N ALA A 339 -14.72 -1.84 20.07
CA ALA A 339 -15.29 -2.52 18.92
C ALA A 339 -16.24 -1.59 18.19
N VAL A 340 -17.14 -0.96 18.95
CA VAL A 340 -18.06 -0.01 18.36
C VAL A 340 -17.30 1.06 17.61
N GLN A 341 -16.21 1.52 18.21
CA GLN A 341 -15.38 2.57 17.62
C GLN A 341 -14.80 2.15 16.27
N LEU A 342 -14.34 0.90 16.14
CA LEU A 342 -13.66 0.50 14.92
C LEU A 342 -14.63 0.42 13.77
N LEU A 343 -15.86 0.02 14.07
CA LEU A 343 -16.86 -0.08 13.04
C LEU A 343 -17.47 1.27 12.72
N GLY A 344 -16.97 2.35 13.32
CA GLY A 344 -17.42 3.68 13.01
C GLY A 344 -18.92 3.84 13.06
N GLY A 345 -19.45 4.61 12.11
CA GLY A 345 -20.89 4.83 12.08
C GLY A 345 -21.64 3.53 12.07
N TYR A 346 -21.12 2.56 11.31
CA TYR A 346 -21.74 1.26 11.23
C TYR A 346 -21.74 0.59 12.59
N GLY A 347 -20.70 0.85 13.38
CA GLY A 347 -20.63 0.34 14.73
C GLY A 347 -21.64 0.95 15.67
N TYR A 348 -22.18 2.14 15.34
CA TYR A 348 -23.21 2.77 16.20
C TYR A 348 -24.61 2.32 15.82
N THR A 349 -24.69 1.43 14.87
CA THR A 349 -25.99 0.94 14.43
C THR A 349 -26.27 -0.46 14.96
N ARG A 350 -27.55 -0.76 15.17
CA ARG A 350 -27.96 -2.10 15.54
C ARG A 350 -27.90 -3.06 14.35
N ASP A 351 -27.72 -2.53 13.12
CA ASP A 351 -27.50 -3.38 11.97
C ASP A 351 -26.29 -4.29 12.17
N TYR A 352 -25.32 -3.80 12.87
CA TYR A 352 -24.18 -4.60 13.29
C TYR A 352 -24.28 -4.86 14.78
N PRO A 353 -23.87 -6.04 15.24
CA PRO A 353 -24.14 -6.42 16.62
C PRO A 353 -23.28 -5.69 17.67
N VAL A 354 -22.15 -5.06 17.29
CA VAL A 354 -21.23 -4.48 18.28
C VAL A 354 -21.93 -3.49 19.19
N GLU A 355 -22.93 -2.78 18.66
CA GLU A 355 -23.78 -1.95 19.49
C GLU A 355 -24.42 -2.78 20.63
N ARG A 356 -25.10 -3.88 20.27
CA ARG A 356 -25.63 -4.76 21.29
C ARG A 356 -24.53 -5.30 22.19
N MET A 357 -23.37 -5.66 21.62
CA MET A 357 -22.35 -6.27 22.46
C MET A 357 -21.76 -5.29 23.48
N MET A 358 -21.66 -4.01 23.13
CA MET A 358 -21.20 -3.03 24.12
C MET A 358 -22.23 -2.89 25.24
N ARG A 359 -23.49 -2.69 24.86
CA ARG A 359 -24.54 -2.64 25.85
C ARG A 359 -24.55 -3.90 26.71
N ASP A 360 -24.30 -5.06 26.10
CA ASP A 360 -24.30 -6.30 26.86
C ASP A 360 -23.15 -6.28 27.85
N ALA A 361 -21.95 -5.95 27.39
CA ALA A 361 -20.78 -6.04 28.25
C ALA A 361 -20.88 -5.11 29.45
N LYS A 362 -21.57 -3.98 29.35
CA LYS A 362 -21.61 -3.07 30.51
C LYS A 362 -22.07 -3.81 31.77
N ILE A 363 -23.11 -4.64 31.66
CA ILE A 363 -23.68 -5.26 32.85
C ILE A 363 -22.69 -6.15 33.56
N THR A 364 -21.73 -6.71 32.82
CA THR A 364 -20.79 -7.62 33.44
C THR A 364 -20.02 -6.95 34.57
N GLN A 365 -19.89 -5.63 34.50
CA GLN A 365 -19.29 -4.85 35.56
C GLN A 365 -20.20 -4.70 36.76
N ILE A 366 -21.51 -4.94 36.60
CA ILE A 366 -22.47 -4.62 37.64
C ILE A 366 -23.00 -5.84 38.38
N TYR A 367 -23.65 -6.78 37.67
CA TYR A 367 -24.32 -7.78 38.49
C TYR A 367 -23.33 -8.78 39.05
N GLU A 368 -23.80 -9.54 40.03
CA GLU A 368 -23.00 -10.53 40.71
C GLU A 368 -21.83 -9.87 41.42
N GLY A 369 -22.11 -8.71 41.99
CA GLY A 369 -21.13 -7.90 42.69
C GLY A 369 -20.49 -6.86 41.79
N THR A 370 -20.90 -5.60 41.95
CA THR A 370 -20.34 -4.53 41.16
C THR A 370 -18.82 -4.56 41.29
N ASN A 371 -18.14 -4.15 40.24
CA ASN A 371 -16.69 -4.26 40.30
C ASN A 371 -16.12 -3.44 41.45
N GLN A 372 -16.94 -2.56 42.04
CA GLN A 372 -16.58 -1.93 43.30
C GLN A 372 -16.53 -2.96 44.41
N ILE A 373 -17.56 -3.80 44.53
CA ILE A 373 -17.51 -4.86 45.52
C ILE A 373 -16.39 -5.82 45.18
N GLN A 374 -16.19 -6.09 43.89
CA GLN A 374 -15.09 -6.96 43.53
C GLN A 374 -13.76 -6.39 43.98
N ARG A 375 -13.55 -5.09 43.78
CA ARG A 375 -12.30 -4.51 44.24
C ARG A 375 -12.21 -4.54 45.74
N VAL A 376 -13.32 -4.36 46.44
CA VAL A 376 -13.25 -4.39 47.89
C VAL A 376 -12.89 -5.78 48.39
N VAL A 377 -13.60 -6.83 47.95
CA VAL A 377 -13.21 -8.18 48.39
C VAL A 377 -11.76 -8.45 48.02
N MET A 378 -11.34 -7.98 46.85
CA MET A 378 -9.95 -8.15 46.47
C MET A 378 -9.04 -7.49 47.48
N ALA A 379 -9.31 -6.20 47.74
CA ALA A 379 -8.54 -5.41 48.74
C ALA A 379 -8.46 -6.21 50.03
N ARG A 380 -9.64 -6.61 50.52
CA ARG A 380 -9.83 -7.44 51.74
C ARG A 380 -8.86 -8.61 51.76
N GLN A 381 -8.88 -9.50 50.76
CA GLN A 381 -7.90 -10.59 50.74
C GLN A 381 -6.47 -10.06 50.73
N LEU A 382 -6.22 -8.87 50.18
CA LEU A 382 -4.85 -8.38 50.12
C LEU A 382 -4.34 -7.97 51.50
N LEU A 383 -5.21 -7.40 52.33
CA LEU A 383 -4.78 -6.90 53.66
C LEU A 383 -5.16 -7.87 54.79
N LYS A 384 -5.36 -9.15 54.47
CA LYS A 384 -5.72 -10.15 55.51
C LYS A 384 -4.69 -10.11 56.64
N ASP B 3 -9.57 -32.86 42.00
CA ASP B 3 -8.15 -32.65 41.74
C ASP B 3 -7.78 -32.75 40.23
N PHE B 4 -7.77 -31.59 39.54
CA PHE B 4 -7.30 -31.45 38.16
C PHE B 4 -6.44 -30.18 38.01
N ASP B 5 -5.16 -30.37 37.63
CA ASP B 5 -4.17 -29.29 37.63
C ASP B 5 -4.28 -28.37 36.43
N LEU B 6 -5.43 -28.32 35.75
CA LEU B 6 -5.59 -27.43 34.63
C LEU B 6 -5.34 -25.98 35.07
N TYR B 7 -5.01 -25.15 34.07
CA TYR B 7 -4.73 -23.71 34.28
C TYR B 7 -4.12 -23.37 35.65
N ARG B 8 -3.02 -24.04 36.05
CA ARG B 8 -2.30 -23.67 37.28
C ARG B 8 -0.87 -24.15 37.06
N PRO B 9 0.14 -23.43 37.54
CA PRO B 9 1.50 -23.96 37.41
C PRO B 9 1.62 -25.19 38.30
N THR B 10 2.30 -26.20 37.77
CA THR B 10 2.50 -27.48 38.44
C THR B 10 3.20 -27.32 39.78
N GLU B 11 2.93 -28.31 40.65
CA GLU B 11 3.46 -28.29 42.00
C GLU B 11 4.98 -28.17 42.02
N GLU B 12 5.67 -28.80 41.06
CA GLU B 12 7.13 -28.70 41.02
C GLU B 12 7.57 -27.28 40.68
N HIS B 13 6.87 -26.65 39.72
CA HIS B 13 7.05 -25.23 39.48
C HIS B 13 6.90 -24.42 40.77
N GLU B 14 5.93 -24.78 41.60
CA GLU B 14 5.71 -24.01 42.83
C GLU B 14 6.84 -24.22 43.83
N ALA B 15 7.35 -25.46 43.92
CA ALA B 15 8.52 -25.71 44.76
C ALA B 15 9.71 -24.89 44.28
N LEU B 16 9.91 -24.88 42.96
CA LEU B 16 10.91 -24.02 42.35
C LEU B 16 10.68 -22.57 42.73
N ARG B 17 9.41 -22.17 42.81
CA ARG B 17 9.08 -20.79 43.13
C ARG B 17 9.55 -20.39 44.51
N GLU B 18 9.15 -21.13 45.55
CA GLU B 18 9.62 -20.75 46.90
C GLU B 18 11.12 -20.89 46.98
N ALA B 19 11.68 -21.79 46.16
CA ALA B 19 13.12 -21.88 46.01
C ALA B 19 13.71 -20.54 45.53
N ILE B 20 13.34 -20.13 44.32
CA ILE B 20 13.91 -18.94 43.73
C ILE B 20 13.53 -17.69 44.52
N ARG B 21 12.32 -17.70 45.11
CA ARG B 21 11.90 -16.60 45.97
C ARG B 21 12.82 -16.49 47.16
N SER B 22 13.10 -17.61 47.84
CA SER B 22 14.03 -17.55 48.96
C SER B 22 15.41 -17.15 48.47
N VAL B 23 15.83 -17.63 47.29
CA VAL B 23 17.14 -17.26 46.76
C VAL B 23 17.22 -15.76 46.58
N ALA B 24 16.11 -15.18 46.13
CA ALA B 24 16.03 -13.74 45.92
C ALA B 24 15.98 -12.99 47.25
N GLU B 25 14.99 -13.31 48.10
CA GLU B 25 14.84 -12.65 49.39
C GLU B 25 16.17 -12.65 50.11
N ASP B 26 16.69 -13.86 50.34
CA ASP B 26 17.79 -14.14 51.23
C ASP B 26 19.15 -13.75 50.62
N LYS B 27 19.29 -13.82 49.29
CA LYS B 27 20.57 -13.57 48.63
C LYS B 27 20.59 -12.39 47.67
N ILE B 28 19.50 -12.09 46.97
CA ILE B 28 19.49 -11.04 45.95
C ILE B 28 18.96 -9.72 46.48
N ALA B 29 17.87 -9.78 47.25
CA ALA B 29 17.14 -8.59 47.64
C ALA B 29 18.02 -7.48 48.22
N PRO B 30 18.87 -7.74 49.23
CA PRO B 30 19.61 -6.62 49.83
C PRO B 30 20.46 -5.87 48.83
N HIS B 31 20.93 -6.57 47.80
CA HIS B 31 21.84 -5.95 46.84
C HIS B 31 21.13 -5.17 45.75
N ALA B 32 19.84 -5.44 45.50
CA ALA B 32 19.12 -4.74 44.43
C ALA B 32 19.27 -3.22 44.52
N ALA B 33 19.09 -2.65 45.72
CA ALA B 33 19.18 -1.22 45.88
C ALA B 33 20.52 -0.72 45.43
N ASP B 34 21.57 -1.46 45.80
CA ASP B 34 22.93 -1.03 45.47
C ASP B 34 23.19 -1.21 43.99
N VAL B 35 22.73 -2.34 43.42
CA VAL B 35 22.81 -2.61 41.98
C VAL B 35 22.30 -1.41 41.19
N ASP B 36 21.08 -0.95 41.50
CA ASP B 36 20.52 0.21 40.79
C ASP B 36 21.32 1.47 41.07
N GLU B 37 21.62 1.73 42.35
CA GLU B 37 22.25 3.01 42.69
C GLU B 37 23.58 3.16 41.96
N GLN B 38 24.39 2.09 41.93
CA GLN B 38 25.73 2.18 41.36
C GLN B 38 25.79 1.87 39.87
N SER B 39 24.73 1.25 39.32
CA SER B 39 24.67 0.82 37.91
C SER B 39 25.69 -0.27 37.62
N ARG B 40 25.84 -1.17 38.57
CA ARG B 40 26.80 -2.27 38.52
C ARG B 40 26.12 -3.62 38.33
N PHE B 41 26.85 -4.53 37.74
CA PHE B 41 26.31 -5.86 37.54
C PHE B 41 25.97 -6.49 38.89
N PRO B 42 24.82 -7.17 39.01
CA PRO B 42 24.49 -7.83 40.28
C PRO B 42 25.35 -9.07 40.53
N GLN B 43 26.65 -8.90 40.80
CA GLN B 43 27.53 -10.06 40.91
C GLN B 43 27.09 -11.00 42.01
N GLU B 44 26.78 -10.48 43.20
CA GLU B 44 26.33 -11.35 44.28
C GLU B 44 25.13 -12.16 43.84
N ALA B 45 24.20 -11.51 43.15
CA ALA B 45 23.06 -12.22 42.62
C ALA B 45 23.50 -13.31 41.66
N TYR B 46 24.44 -13.00 40.76
CA TYR B 46 24.91 -14.01 39.83
C TYR B 46 25.53 -15.18 40.57
N GLU B 47 26.26 -14.90 41.66
CA GLU B 47 26.92 -15.97 42.42
C GLU B 47 25.89 -16.92 43.03
N ALA B 48 24.86 -16.35 43.68
CA ALA B 48 23.84 -17.20 44.29
C ALA B 48 22.98 -17.91 43.24
N LEU B 49 22.72 -17.25 42.09
CA LEU B 49 21.99 -17.90 41.01
C LEU B 49 22.78 -19.08 40.43
N ARG B 50 24.09 -18.88 40.22
CA ARG B 50 24.93 -19.98 39.74
C ARG B 50 24.99 -21.11 40.76
N ALA B 51 25.09 -20.76 42.04
CA ALA B 51 25.09 -21.78 43.09
C ALA B 51 23.77 -22.54 43.14
N SER B 52 22.68 -21.94 42.66
CA SER B 52 21.34 -22.52 42.77
C SER B 52 20.69 -22.99 41.46
N ASP B 53 21.46 -23.16 40.37
CA ASP B 53 20.96 -23.58 39.04
C ASP B 53 20.00 -22.57 38.40
N PHE B 54 20.22 -21.27 38.65
CA PHE B 54 19.35 -20.24 38.10
C PHE B 54 20.05 -19.28 37.15
N HIS B 55 21.28 -19.58 36.73
CA HIS B 55 21.96 -18.64 35.85
C HIS B 55 21.37 -18.69 34.46
N ALA B 56 20.78 -19.82 34.11
CA ALA B 56 20.06 -20.10 32.88
C ALA B 56 19.36 -21.44 33.02
N PRO B 57 18.48 -21.65 34.00
CA PRO B 57 17.99 -23.02 34.26
C PRO B 57 17.29 -23.65 33.07
N HIS B 58 17.10 -22.89 32.00
CA HIS B 58 16.43 -23.39 30.81
C HIS B 58 17.32 -24.36 30.05
N VAL B 59 18.65 -24.27 30.21
CA VAL B 59 19.56 -25.12 29.43
C VAL B 59 19.22 -26.58 29.66
N ALA B 60 19.27 -27.39 28.60
CA ALA B 60 18.84 -28.77 28.66
C ALA B 60 19.55 -29.53 29.76
N GLU B 61 18.96 -30.64 30.21
CA GLU B 61 19.73 -31.51 31.08
C GLU B 61 20.81 -32.26 30.30
N GLU B 62 20.62 -32.44 28.97
CA GLU B 62 21.66 -33.04 28.12
C GLU B 62 22.99 -32.33 28.30
N TYR B 63 22.96 -31.02 28.53
CA TYR B 63 24.15 -30.18 28.61
C TYR B 63 24.44 -29.72 30.05
N GLY B 64 23.75 -30.32 31.04
CA GLY B 64 23.96 -30.03 32.45
C GLY B 64 23.13 -28.92 33.07
N GLY B 65 22.12 -28.40 32.38
CA GLY B 65 21.20 -27.46 32.98
C GLY B 65 20.14 -28.23 33.73
N VAL B 66 19.20 -27.49 34.35
CA VAL B 66 18.02 -28.15 34.91
C VAL B 66 17.00 -28.43 33.81
N GLY B 67 17.13 -27.75 32.67
CA GLY B 67 16.25 -27.94 31.54
C GLY B 67 14.84 -27.49 31.80
N ALA B 68 14.67 -26.47 32.63
CA ALA B 68 13.35 -26.11 33.12
C ALA B 68 12.46 -25.60 31.99
N ASP B 69 11.18 -26.00 32.03
CA ASP B 69 10.19 -25.54 31.06
C ASP B 69 9.96 -24.03 31.18
N ALA B 70 9.36 -23.50 30.11
CA ALA B 70 9.21 -22.07 30.00
C ALA B 70 8.51 -21.47 31.21
N LEU B 71 7.51 -22.13 31.79
CA LEU B 71 7.01 -21.62 33.05
C LEU B 71 8.10 -21.62 34.11
N ALA B 72 8.85 -22.70 34.23
CA ALA B 72 9.87 -22.72 35.29
C ALA B 72 10.90 -21.63 35.08
N THR B 73 11.48 -21.54 33.88
CA THR B 73 12.45 -20.48 33.63
C THR B 73 11.82 -19.10 33.85
N CYS B 74 10.60 -18.90 33.34
CA CYS B 74 9.93 -17.63 33.51
C CYS B 74 9.76 -17.31 34.98
N ILE B 75 9.29 -18.28 35.76
CA ILE B 75 9.03 -18.07 37.18
C ILE B 75 10.31 -17.65 37.88
N VAL B 76 11.43 -18.21 37.47
CA VAL B 76 12.70 -17.77 38.05
C VAL B 76 12.92 -16.29 37.73
N ILE B 77 12.77 -15.93 36.46
CA ILE B 77 12.99 -14.56 36.03
C ILE B 77 12.09 -13.59 36.81
N GLU B 78 10.84 -13.99 37.04
CA GLU B 78 9.90 -13.21 37.85
C GLU B 78 10.38 -13.11 39.29
N GLU B 79 10.48 -14.24 39.97
CA GLU B 79 10.77 -14.22 41.39
C GLU B 79 12.08 -13.51 41.66
N ILE B 80 12.99 -13.50 40.69
CA ILE B 80 14.17 -12.69 40.80
C ILE B 80 13.83 -11.22 40.60
N ALA B 81 13.19 -10.89 39.47
CA ALA B 81 12.82 -9.49 39.19
C ALA B 81 12.02 -8.93 40.32
N ARG B 82 11.26 -9.79 40.99
CA ARG B 82 10.50 -9.37 42.15
C ARG B 82 11.34 -8.58 43.13
N VAL B 83 12.63 -8.88 43.21
CA VAL B 83 13.50 -8.19 44.14
C VAL B 83 14.55 -7.33 43.44
N CYS B 84 14.93 -7.65 42.21
CA CYS B 84 15.95 -6.90 41.47
C CYS B 84 15.75 -7.21 39.99
N ALA B 85 15.38 -6.20 39.21
CA ALA B 85 15.16 -6.46 37.79
C ALA B 85 16.45 -6.83 37.09
N SER B 86 17.49 -6.04 37.33
CA SER B 86 18.79 -6.33 36.78
C SER B 86 19.18 -7.77 37.08
N SER B 87 18.92 -8.21 38.31
CA SER B 87 19.33 -9.56 38.68
C SER B 87 18.55 -10.59 37.88
N SER B 88 17.29 -10.28 37.58
CA SER B 88 16.47 -11.17 36.76
C SER B 88 16.97 -11.29 35.34
N LEU B 89 17.73 -10.30 34.85
CA LEU B 89 18.24 -10.45 33.47
C LEU B 89 19.21 -11.60 33.30
N ILE B 90 19.80 -12.07 34.39
CA ILE B 90 20.75 -13.16 34.30
C ILE B 90 20.06 -14.33 33.59
N PRO B 91 19.04 -14.98 34.16
CA PRO B 91 18.41 -16.08 33.39
C PRO B 91 17.77 -15.59 32.12
N ALA B 92 17.29 -14.34 32.12
CA ALA B 92 16.60 -13.78 30.97
C ALA B 92 17.55 -13.51 29.81
N VAL B 93 18.65 -12.79 30.06
CA VAL B 93 19.56 -12.56 28.96
C VAL B 93 20.25 -13.85 28.56
N ASN B 94 20.42 -14.81 29.49
CA ASN B 94 21.03 -16.06 29.07
C ASN B 94 20.12 -16.84 28.14
N LYS B 95 18.82 -16.93 28.44
CA LYS B 95 17.91 -17.55 27.48
C LYS B 95 17.89 -16.78 26.19
N LEU B 96 17.95 -15.45 26.27
CA LEU B 96 17.92 -14.63 25.07
C LEU B 96 19.06 -14.99 24.14
N GLY B 97 20.29 -15.04 24.66
CA GLY B 97 21.48 -15.38 23.91
C GLY B 97 21.58 -16.85 23.53
N SER B 98 20.92 -17.73 24.29
CA SER B 98 20.99 -19.16 24.05
C SER B 98 19.93 -19.68 23.09
N MET B 99 18.85 -18.91 22.87
CA MET B 99 17.79 -19.40 21.98
C MET B 99 18.23 -19.63 20.54
N PRO B 100 19.02 -18.76 19.89
CA PRO B 100 19.45 -19.11 18.53
C PRO B 100 20.30 -20.37 18.53
N LEU B 101 21.14 -20.51 19.55
CA LEU B 101 22.03 -21.66 19.64
C LEU B 101 21.28 -22.94 19.92
N ILE B 102 20.11 -22.85 20.54
CA ILE B 102 19.30 -24.02 20.81
C ILE B 102 18.37 -24.32 19.66
N LEU B 103 17.66 -23.29 19.18
CA LEU B 103 16.60 -23.43 18.21
C LEU B 103 17.11 -23.83 16.84
N SER B 104 18.38 -23.61 16.53
CA SER B 104 18.88 -23.96 15.20
C SER B 104 20.34 -24.37 15.26
N GLY B 105 20.98 -24.17 16.41
CA GLY B 105 22.39 -24.53 16.52
C GLY B 105 22.60 -26.01 16.33
N SER B 106 23.68 -26.35 15.64
CA SER B 106 24.09 -27.74 15.45
C SER B 106 24.56 -28.33 16.77
N ASP B 107 24.42 -29.65 16.89
CA ASP B 107 24.82 -30.32 18.11
C ASP B 107 26.25 -29.98 18.52
N GLU B 108 27.16 -29.78 17.54
CA GLU B 108 28.52 -29.34 17.84
C GLU B 108 28.52 -27.95 18.46
N VAL B 109 27.81 -27.01 17.84
CA VAL B 109 27.79 -25.64 18.35
C VAL B 109 27.04 -25.55 19.66
N LYS B 110 25.97 -26.35 19.82
CA LYS B 110 25.31 -26.47 21.12
C LYS B 110 26.32 -26.96 22.15
N GLN B 111 27.12 -27.94 21.78
CA GLN B 111 28.09 -28.52 22.70
C GLN B 111 29.22 -27.54 23.05
N ARG B 112 29.63 -26.69 22.11
CA ARG B 112 30.78 -25.83 22.36
C ARG B 112 30.51 -24.82 23.48
N TYR B 113 29.24 -24.57 23.78
CA TYR B 113 28.89 -23.36 24.52
C TYR B 113 27.92 -23.62 25.66
N LEU B 114 26.79 -24.32 25.37
CA LEU B 114 25.74 -24.49 26.38
C LEU B 114 26.25 -25.10 27.69
N PRO B 115 27.23 -26.01 27.70
CA PRO B 115 27.76 -26.41 29.01
C PRO B 115 28.40 -25.27 29.77
N GLU B 116 29.09 -24.33 29.10
CA GLU B 116 29.71 -23.22 29.83
C GLU B 116 28.67 -22.33 30.48
N LEU B 117 27.50 -22.21 29.85
CA LEU B 117 26.38 -21.52 30.46
C LEU B 117 25.78 -22.31 31.61
N ALA B 118 25.29 -23.53 31.31
CA ALA B 118 24.61 -24.38 32.28
C ALA B 118 25.44 -24.62 33.54
N SER B 119 26.77 -24.66 33.40
CA SER B 119 27.66 -24.76 34.56
C SER B 119 27.69 -23.46 35.34
N GLY B 120 27.51 -22.33 34.66
CA GLY B 120 27.60 -21.02 35.28
C GLY B 120 28.86 -20.27 34.96
N GLU B 121 29.75 -20.82 34.13
CA GLU B 121 30.96 -20.11 33.74
C GLU B 121 30.62 -18.81 33.02
N ALA B 122 29.97 -18.93 31.87
CA ALA B 122 29.78 -17.85 30.91
C ALA B 122 28.34 -17.36 30.92
N MET B 123 28.15 -16.07 30.66
CA MET B 123 26.83 -15.54 30.40
C MET B 123 26.71 -15.21 28.93
N PHE B 124 25.50 -15.31 28.40
CA PHE B 124 25.21 -15.01 27.02
C PHE B 124 24.42 -13.71 26.91
N SER B 125 24.70 -12.95 25.85
CA SER B 125 23.86 -11.83 25.40
C SER B 125 23.61 -12.00 23.91
N TYR B 126 22.73 -11.16 23.34
CA TYR B 126 22.15 -11.45 22.03
C TYR B 126 22.09 -10.20 21.17
N GLY B 127 22.85 -10.19 20.08
CA GLY B 127 22.94 -9.04 19.20
C GLY B 127 22.13 -9.10 17.91
N LEU B 128 20.94 -8.50 17.90
CA LEU B 128 20.07 -8.48 16.72
C LEU B 128 19.74 -7.07 16.29
N SER B 129 19.33 -6.22 17.23
CA SER B 129 18.96 -4.83 16.94
C SER B 129 20.20 -4.00 16.59
N GLU B 130 19.98 -2.95 15.80
CA GLU B 130 21.07 -2.05 15.43
C GLU B 130 20.61 -0.61 15.52
N ARG B 131 21.54 0.29 15.23
CA ARG B 131 21.21 1.72 15.18
C ARG B 131 20.21 2.02 14.10
N GLU B 132 20.45 1.52 12.89
CA GLU B 132 19.64 1.91 11.75
C GLU B 132 18.41 1.03 11.56
N ALA B 133 18.51 -0.27 11.84
CA ALA B 133 17.40 -1.18 11.61
C ALA B 133 17.32 -2.21 12.73
N GLY B 134 16.91 -1.77 13.91
CA GLY B 134 16.70 -2.69 15.01
C GLY B 134 15.50 -3.56 14.76
N SER B 135 14.33 -2.91 14.67
CA SER B 135 13.05 -3.60 14.48
C SER B 135 12.88 -4.12 13.07
N ASP B 136 13.56 -3.52 12.08
CA ASP B 136 13.54 -4.01 10.70
C ASP B 136 14.74 -4.92 10.46
N THR B 137 14.64 -6.15 10.99
CA THR B 137 15.72 -7.11 10.89
C THR B 137 16.13 -7.40 9.45
N ALA B 138 15.24 -7.14 8.49
CA ALA B 138 15.57 -7.33 7.09
C ALA B 138 16.54 -6.29 6.56
N SER B 139 16.71 -5.14 7.25
CA SER B 139 17.53 -4.08 6.71
C SER B 139 18.76 -3.71 7.54
N MET B 140 19.36 -4.66 8.25
CA MET B 140 20.51 -4.32 9.08
C MET B 140 21.74 -4.13 8.20
N ARG B 141 22.90 -3.89 8.82
CA ARG B 141 24.12 -3.55 8.08
C ARG B 141 25.36 -4.14 8.73
N THR B 142 25.21 -5.11 9.64
CA THR B 142 26.35 -5.84 10.17
C THR B 142 26.60 -7.06 9.28
N ARG B 143 27.69 -7.03 8.51
CA ARG B 143 27.97 -8.04 7.49
C ARG B 143 28.90 -9.14 8.00
N ALA B 144 28.55 -10.38 7.62
CA ALA B 144 29.35 -11.61 7.77
C ALA B 144 29.83 -12.04 6.38
N VAL B 145 31.12 -11.86 6.11
CA VAL B 145 31.77 -12.24 4.85
C VAL B 145 32.44 -13.59 5.03
N ARG B 146 32.18 -14.53 4.12
CA ARG B 146 32.83 -15.84 4.17
C ARG B 146 34.28 -15.70 3.72
N ASP B 147 35.18 -15.63 4.70
CA ASP B 147 36.62 -15.57 4.51
C ASP B 147 37.17 -16.98 4.71
N GLY B 148 37.35 -17.71 3.60
CA GLY B 148 37.62 -19.13 3.66
C GLY B 148 36.40 -19.85 4.20
N ASP B 149 36.63 -20.90 5.00
CA ASP B 149 35.53 -21.46 5.79
C ASP B 149 35.11 -20.48 6.88
N ASP B 150 36.01 -19.58 7.31
CA ASP B 150 35.79 -18.67 8.44
C ASP B 150 34.96 -17.48 8.01
N TRP B 151 34.71 -16.54 8.94
CA TRP B 151 33.94 -15.34 8.61
C TRP B 151 34.62 -14.10 9.18
N ILE B 152 34.51 -13.01 8.42
CA ILE B 152 34.87 -11.67 8.88
C ILE B 152 33.58 -10.93 9.19
N LEU B 153 33.53 -10.29 10.36
CA LEU B 153 32.36 -9.53 10.79
C LEU B 153 32.70 -8.07 10.88
N ASN B 154 31.80 -7.24 10.37
CA ASN B 154 31.90 -5.80 10.58
C ASN B 154 30.51 -5.19 10.75
N GLY B 155 30.42 -4.20 11.62
CA GLY B 155 29.15 -3.54 11.87
C GLY B 155 29.01 -3.21 13.34
N GLN B 156 27.77 -3.02 13.76
CA GLN B 156 27.49 -2.55 15.12
C GLN B 156 26.10 -3.02 15.51
N LYS B 157 26.05 -3.92 16.49
CA LYS B 157 24.84 -4.16 17.23
C LYS B 157 24.78 -3.18 18.41
N SER B 158 23.56 -2.73 18.72
CA SER B 158 23.32 -1.76 19.78
C SER B 158 22.22 -2.28 20.70
N TRP B 159 22.20 -1.77 21.93
CA TRP B 159 21.18 -2.08 22.93
C TRP B 159 21.28 -3.50 23.47
N ILE B 160 22.49 -3.93 23.81
CA ILE B 160 22.74 -5.33 24.10
C ILE B 160 22.94 -5.49 25.59
N THR B 161 22.05 -6.24 26.21
CA THR B 161 22.00 -6.33 27.65
C THR B 161 23.04 -7.32 28.16
N ASN B 162 23.58 -7.02 29.33
CA ASN B 162 24.64 -7.80 29.97
C ASN B 162 25.94 -7.77 29.17
N ALA B 163 26.05 -6.90 28.17
CA ALA B 163 27.26 -6.83 27.35
C ALA B 163 28.44 -6.37 28.17
N GLY B 164 29.63 -6.46 27.58
CA GLY B 164 30.84 -6.07 28.28
C GLY B 164 31.16 -6.92 29.49
N ILE B 165 30.14 -7.66 29.95
CA ILE B 165 30.14 -8.48 31.15
C ILE B 165 29.74 -9.91 30.82
N SER B 166 28.82 -10.04 29.86
CA SER B 166 28.50 -11.35 29.30
C SER B 166 29.69 -11.91 28.52
N LYS B 167 29.75 -13.25 28.39
CA LYS B 167 30.91 -13.89 27.78
C LYS B 167 30.74 -14.18 26.29
N TYR B 168 29.69 -14.88 25.90
CA TYR B 168 29.45 -15.24 24.51
C TYR B 168 28.30 -14.42 23.95
N TYR B 169 28.44 -13.96 22.71
CA TYR B 169 27.55 -12.98 22.12
C TYR B 169 27.05 -13.58 20.81
N THR B 170 25.88 -14.23 20.84
CA THR B 170 25.33 -14.73 19.56
C THR B 170 24.85 -13.57 18.72
N VAL B 171 25.77 -12.96 17.99
CA VAL B 171 25.44 -11.82 17.13
C VAL B 171 25.00 -12.32 15.75
N MET B 172 24.02 -11.64 15.14
CA MET B 172 23.44 -12.08 13.88
C MET B 172 23.76 -11.13 12.73
N ALA B 173 24.44 -11.65 11.69
CA ALA B 173 24.94 -10.85 10.58
C ALA B 173 24.45 -11.35 9.23
N VAL B 174 24.32 -10.43 8.29
CA VAL B 174 23.92 -10.74 6.92
C VAL B 174 25.08 -11.43 6.19
N THR B 175 24.76 -12.45 5.41
CA THR B 175 25.76 -13.14 4.62
C THR B 175 25.76 -12.68 3.16
N ASP B 176 24.58 -12.56 2.54
CA ASP B 176 24.45 -12.05 1.18
C ASP B 176 23.31 -11.05 1.16
N PRO B 177 23.57 -9.75 1.06
CA PRO B 177 22.57 -8.68 1.10
C PRO B 177 21.49 -8.82 0.03
N ASN B 184 19.04 -14.26 4.17
CA ASN B 184 20.09 -13.24 4.13
C ASN B 184 21.12 -13.33 5.27
N ILE B 185 20.69 -13.75 6.46
CA ILE B 185 21.48 -13.56 7.68
C ILE B 185 21.68 -14.88 8.40
N SER B 186 22.79 -14.97 9.12
CA SER B 186 23.17 -16.12 9.92
C SER B 186 23.63 -15.67 11.29
N ALA B 187 23.67 -16.62 12.23
CA ALA B 187 23.93 -16.35 13.64
C ALA B 187 25.31 -16.88 14.00
N PHE B 188 26.06 -16.11 14.79
CA PHE B 188 27.45 -16.46 15.14
C PHE B 188 27.79 -16.15 16.58
N VAL B 189 28.41 -17.10 17.28
CA VAL B 189 28.84 -16.86 18.65
C VAL B 189 30.17 -16.11 18.59
N VAL B 190 30.14 -14.81 18.77
CA VAL B 190 31.37 -14.06 18.89
C VAL B 190 31.80 -14.12 20.35
N HIS B 191 33.07 -14.39 20.59
CA HIS B 191 33.58 -14.43 21.94
C HIS B 191 34.00 -13.03 22.36
N ILE B 192 34.13 -12.85 23.67
CA ILE B 192 34.61 -11.57 24.17
C ILE B 192 36.03 -11.31 23.70
N ASP B 193 36.86 -12.36 23.71
CA ASP B 193 38.26 -12.19 23.41
C ASP B 193 38.55 -12.08 21.92
N ASP B 194 37.54 -12.19 21.06
CA ASP B 194 37.84 -12.35 19.65
C ASP B 194 38.47 -11.05 19.11
N PRO B 195 39.41 -11.19 18.17
CA PRO B 195 40.22 -10.03 17.76
C PRO B 195 39.37 -8.89 17.20
N GLY B 196 39.64 -7.68 17.68
CA GLY B 196 38.95 -6.54 17.12
C GLY B 196 37.53 -6.36 17.61
N PHE B 197 37.03 -7.29 18.39
CA PHE B 197 35.65 -7.22 18.86
C PHE B 197 35.62 -6.38 20.12
N SER B 198 34.99 -5.21 20.05
CA SER B 198 34.94 -4.32 21.19
C SER B 198 33.48 -3.93 21.48
N PHE B 199 33.29 -3.30 22.63
CA PHE B 199 32.01 -2.77 23.03
C PHE B 199 32.03 -1.25 23.01
N GLY B 200 30.86 -0.67 22.79
CA GLY B 200 30.68 0.75 22.94
C GLY B 200 30.54 1.12 24.40
N GLU B 201 30.43 2.42 24.64
CA GLU B 201 30.26 2.89 26.00
C GLU B 201 28.90 2.42 26.52
N PRO B 202 28.84 1.92 27.76
CA PRO B 202 27.55 1.53 28.35
C PRO B 202 26.60 2.70 28.57
N GLU B 203 25.32 2.43 28.32
CA GLU B 203 24.28 3.43 28.47
C GLU B 203 24.11 3.77 29.95
N ARG B 204 23.85 5.03 30.23
CA ARG B 204 23.39 5.42 31.55
C ARG B 204 21.88 5.34 31.48
N LYS B 205 21.30 4.26 32.00
CA LYS B 205 19.90 3.97 31.75
C LYS B 205 18.97 4.46 32.85
N LEU B 206 17.71 4.66 32.47
CA LEU B 206 16.66 5.03 33.41
C LEU B 206 16.50 3.97 34.48
N GLY B 207 16.45 2.71 34.07
CA GLY B 207 16.34 1.58 34.96
C GLY B 207 17.20 0.41 34.51
N ILE B 208 17.05 -0.75 35.15
CA ILE B 208 17.93 -1.91 34.96
C ILE B 208 19.37 -1.46 35.00
N LYS B 209 19.67 -0.45 35.83
CA LYS B 209 21.00 0.14 35.81
C LYS B 209 22.09 -0.89 36.10
N GLY B 210 21.77 -1.96 36.80
CA GLY B 210 22.76 -2.99 37.04
C GLY B 210 23.23 -3.64 35.75
N SER B 211 22.28 -4.25 35.02
CA SER B 211 22.57 -4.97 33.77
C SER B 211 23.05 -4.00 32.70
N PRO B 212 24.28 -4.15 32.20
CA PRO B 212 24.85 -3.14 31.33
C PRO B 212 24.25 -3.26 29.93
N THR B 213 23.82 -2.14 29.38
CA THR B 213 23.33 -2.07 28.01
C THR B 213 24.40 -1.33 27.20
N ARG B 214 25.09 -2.06 26.33
CA ARG B 214 26.23 -1.58 25.56
C ARG B 214 26.06 -1.74 24.05
N GLU B 215 26.76 -0.89 23.29
CA GLU B 215 26.99 -1.15 21.87
C GLU B 215 27.86 -2.38 21.66
N LEU B 216 27.68 -3.04 20.53
CA LEU B 216 28.60 -4.07 20.08
C LEU B 216 29.21 -3.58 18.79
N ILE B 217 30.53 -3.37 18.77
CA ILE B 217 31.23 -2.85 17.61
C ILE B 217 32.25 -3.88 17.12
N PHE B 218 32.27 -4.10 15.79
CA PHE B 218 33.16 -5.04 15.11
C PHE B 218 34.02 -4.33 14.06
N ASP B 219 35.34 -4.38 14.20
CA ASP B 219 36.24 -3.95 13.12
C ASP B 219 36.99 -5.19 12.60
N ASN B 220 36.40 -5.87 11.61
CA ASN B 220 37.00 -7.07 11.03
C ASN B 220 37.27 -8.13 12.10
N VAL B 221 36.20 -8.60 12.73
CA VAL B 221 36.35 -9.69 13.69
C VAL B 221 36.35 -11.00 12.93
N ARG B 222 37.47 -11.72 12.99
CA ARG B 222 37.54 -13.04 12.39
C ARG B 222 37.03 -14.06 13.39
N ILE B 223 36.06 -14.86 12.96
CA ILE B 223 35.56 -15.95 13.79
C ILE B 223 35.50 -17.21 12.95
N PRO B 224 35.90 -18.36 13.51
CA PRO B 224 35.86 -19.62 12.74
C PRO B 224 34.48 -19.92 12.15
N GLY B 225 34.45 -20.87 11.22
CA GLY B 225 33.21 -21.26 10.59
C GLY B 225 32.29 -22.06 11.49
N ASP B 226 32.83 -22.73 12.51
CA ASP B 226 31.99 -23.48 13.44
C ASP B 226 31.27 -22.58 14.43
N ARG B 227 31.57 -21.27 14.39
CA ARG B 227 30.81 -20.31 15.17
C ARG B 227 29.45 -20.09 14.54
N LEU B 228 29.23 -20.64 13.35
CA LEU B 228 27.92 -20.63 12.70
C LEU B 228 26.90 -21.35 13.56
N VAL B 229 25.73 -20.71 13.70
CA VAL B 229 24.62 -21.23 14.46
C VAL B 229 23.44 -21.39 13.51
N GLY B 230 23.03 -22.64 13.29
CA GLY B 230 21.97 -22.94 12.35
C GLY B 230 22.34 -22.99 10.87
N LYS B 231 21.51 -22.34 10.05
CA LYS B 231 21.61 -22.40 8.61
C LYS B 231 22.33 -21.13 8.14
N VAL B 232 23.21 -21.27 7.16
CA VAL B 232 23.89 -20.10 6.62
C VAL B 232 22.88 -19.31 5.78
N GLY B 233 22.75 -18.02 6.05
CA GLY B 233 21.80 -17.23 5.30
C GLY B 233 20.38 -17.34 5.82
N GLU B 234 20.14 -18.23 6.78
CA GLU B 234 18.81 -18.56 7.28
C GLU B 234 18.77 -18.52 8.81
N GLY B 235 19.55 -17.62 9.40
CA GLY B 235 19.33 -17.26 10.79
C GLY B 235 18.00 -16.55 11.04
N LEU B 236 17.42 -15.92 10.01
CA LEU B 236 16.20 -15.12 10.20
C LEU B 236 15.04 -15.97 10.70
N ARG B 237 14.83 -17.14 10.10
CA ARG B 237 13.86 -18.09 10.65
C ARG B 237 14.17 -18.46 12.09
N THR B 238 15.43 -18.31 12.52
CA THR B 238 15.81 -18.55 13.91
C THR B 238 15.58 -17.31 14.77
N ALA B 239 15.81 -16.12 14.19
CA ALA B 239 15.63 -14.89 14.95
C ALA B 239 14.17 -14.64 15.32
N LEU B 240 13.22 -14.86 14.39
CA LEU B 240 11.84 -14.64 14.79
C LEU B 240 11.40 -15.66 15.83
N ARG B 241 11.96 -16.88 15.78
CA ARG B 241 11.70 -17.87 16.83
C ARG B 241 12.26 -17.43 18.17
N THR B 242 13.49 -16.92 18.19
CA THR B 242 14.06 -16.50 19.47
C THR B 242 13.17 -15.43 20.10
N LEU B 243 12.73 -14.46 19.29
CA LEU B 243 11.73 -13.51 19.79
C LEU B 243 10.50 -14.24 20.32
N ASP B 244 9.89 -15.07 19.48
CA ASP B 244 8.70 -15.82 19.87
C ASP B 244 8.82 -16.42 21.25
N HIS B 245 10.00 -16.97 21.55
CA HIS B 245 10.19 -17.71 22.80
C HIS B 245 10.64 -16.82 23.97
N THR B 246 11.37 -15.72 23.71
CA THR B 246 11.95 -14.86 24.74
C THR B 246 11.12 -13.64 25.15
N ARG B 247 10.14 -13.20 24.34
CA ARG B 247 9.25 -12.19 24.90
C ARG B 247 8.80 -12.63 26.27
N VAL B 248 8.36 -13.87 26.40
CA VAL B 248 7.74 -14.27 27.66
C VAL B 248 8.74 -14.11 28.80
N THR B 249 10.04 -14.27 28.55
CA THR B 249 10.96 -14.05 29.66
C THR B 249 10.98 -12.57 30.02
N ILE B 250 10.90 -11.68 29.04
CA ILE B 250 10.87 -10.26 29.43
C ILE B 250 9.56 -9.91 30.12
N GLY B 251 8.46 -10.51 29.69
CA GLY B 251 7.20 -10.37 30.39
C GLY B 251 7.29 -10.79 31.83
N ALA B 252 7.72 -12.05 32.08
CA ALA B 252 7.89 -12.52 33.45
C ALA B 252 8.77 -11.57 34.22
N GLN B 253 9.78 -11.00 33.55
CA GLN B 253 10.55 -9.96 34.20
C GLN B 253 9.62 -8.86 34.67
N ALA B 254 8.70 -8.47 33.78
CA ALA B 254 7.78 -7.38 34.12
C ALA B 254 6.91 -7.76 35.32
N VAL B 255 6.31 -8.95 35.25
CA VAL B 255 5.48 -9.45 36.34
C VAL B 255 6.25 -9.45 37.64
N GLY B 256 7.51 -9.88 37.61
CA GLY B 256 8.28 -9.92 38.84
C GLY B 256 8.51 -8.53 39.41
N ILE B 257 8.97 -7.60 38.57
CA ILE B 257 9.13 -6.22 39.02
C ILE B 257 7.83 -5.72 39.60
N ALA B 258 6.75 -5.96 38.86
CA ALA B 258 5.43 -5.49 39.25
C ALA B 258 4.99 -6.09 40.57
N GLN B 259 5.15 -7.41 40.71
CA GLN B 259 4.77 -8.06 41.95
C GLN B 259 5.56 -7.49 43.10
N GLY B 260 6.87 -7.33 42.93
CA GLY B 260 7.67 -6.72 43.98
C GLY B 260 7.15 -5.36 44.38
N ALA B 261 6.80 -4.55 43.38
CA ALA B 261 6.29 -3.22 43.69
C ALA B 261 4.98 -3.31 44.46
N LEU B 262 4.09 -4.21 44.04
CA LEU B 262 2.84 -4.38 44.77
C LEU B 262 3.10 -4.86 46.20
N ASP B 263 4.15 -5.68 46.38
CA ASP B 263 4.51 -6.20 47.70
C ASP B 263 4.95 -5.06 48.62
N TYR B 264 5.93 -4.27 48.18
CA TYR B 264 6.31 -3.13 49.01
C TYR B 264 5.14 -2.18 49.21
N ALA B 265 4.28 -2.03 48.20
CA ALA B 265 3.15 -1.12 48.35
C ALA B 265 2.23 -1.57 49.48
N LEU B 266 1.80 -2.83 49.42
CA LEU B 266 0.94 -3.42 50.44
C LEU B 266 1.57 -3.33 51.80
N GLY B 267 2.85 -3.67 51.88
CA GLY B 267 3.55 -3.56 53.14
C GLY B 267 3.45 -2.16 53.71
N TYR B 268 3.75 -1.16 52.88
CA TYR B 268 3.68 0.20 53.34
C TYR B 268 2.27 0.57 53.77
N VAL B 269 1.27 0.20 52.98
CA VAL B 269 -0.05 0.73 53.28
C VAL B 269 -0.64 0.03 54.50
N LYS B 270 -0.28 -1.23 54.75
CA LYS B 270 -0.71 -1.83 56.01
C LYS B 270 0.10 -1.27 57.19
N GLU B 271 1.42 -1.09 57.01
CA GLU B 271 2.25 -0.57 58.09
C GLU B 271 1.88 0.87 58.42
N ARG B 272 1.89 1.77 57.43
CA ARG B 272 1.58 3.17 57.67
C ARG B 272 0.11 3.43 57.99
N LYS B 273 -0.10 4.41 58.87
CA LYS B 273 -1.38 4.96 59.24
C LYS B 273 -1.43 6.45 58.84
N GLN B 274 -2.64 6.95 58.55
CA GLN B 274 -2.79 8.30 58.05
C GLN B 274 -4.20 8.77 58.39
N PHE B 275 -4.35 10.06 58.69
CA PHE B 275 -5.60 10.62 59.25
C PHE B 275 -6.10 9.84 60.48
N GLY B 276 -5.25 9.01 61.10
CA GLY B 276 -5.66 8.24 62.25
C GLY B 276 -6.14 6.83 61.97
N LYS B 277 -6.36 6.47 60.71
CA LYS B 277 -6.67 5.09 60.32
C LYS B 277 -5.55 4.59 59.42
N ALA B 278 -5.38 3.28 59.30
CA ALA B 278 -4.33 2.80 58.41
C ALA B 278 -4.65 3.24 56.98
N ILE B 279 -3.61 3.58 56.22
CA ILE B 279 -3.87 4.24 54.94
C ILE B 279 -4.56 3.31 53.96
N ALA B 280 -4.59 2.01 54.25
CA ALA B 280 -5.31 1.01 53.47
C ALA B 280 -6.69 0.74 54.01
N ASP B 281 -7.10 1.43 55.08
CA ASP B 281 -8.50 1.41 55.42
C ASP B 281 -9.26 2.43 54.59
N PHE B 282 -8.54 3.23 53.83
CA PHE B 282 -9.18 4.14 52.90
C PHE B 282 -9.52 3.37 51.63
N GLN B 283 -10.79 3.45 51.20
CA GLN B 283 -11.20 2.68 50.05
C GLN B 283 -10.50 3.13 48.77
N GLY B 284 -10.04 4.38 48.71
CA GLY B 284 -9.28 4.80 47.54
C GLY B 284 -8.02 3.99 47.37
N ILE B 285 -7.22 3.91 48.42
CA ILE B 285 -6.04 3.06 48.39
C ILE B 285 -6.42 1.59 48.21
N GLN B 286 -7.58 1.16 48.74
CA GLN B 286 -7.99 -0.22 48.55
C GLN B 286 -8.28 -0.54 47.09
N PHE B 287 -9.14 0.24 46.43
CA PHE B 287 -9.37 0.01 45.01
C PHE B 287 -8.07 0.07 44.26
N MET B 288 -7.19 0.97 44.67
CA MET B 288 -5.97 1.12 43.93
C MET B 288 -5.17 -0.17 44.02
N LEU B 289 -5.09 -0.76 45.21
CA LEU B 289 -4.39 -2.03 45.38
C LEU B 289 -5.09 -3.15 44.63
N ALA B 290 -6.42 -3.12 44.59
CA ALA B 290 -7.19 -4.13 43.86
C ALA B 290 -6.89 -4.08 42.37
N ASP B 291 -6.96 -2.89 41.76
CA ASP B 291 -6.61 -2.77 40.34
C ASP B 291 -5.20 -3.30 40.13
N MET B 292 -4.29 -2.92 41.02
CA MET B 292 -2.93 -3.37 40.87
C MET B 292 -2.88 -4.88 40.91
N ALA B 293 -3.46 -5.49 41.92
CA ALA B 293 -3.34 -6.94 42.08
C ALA B 293 -3.96 -7.65 40.89
N MET B 294 -5.11 -7.19 40.41
CA MET B 294 -5.74 -7.92 39.32
C MET B 294 -5.01 -7.69 37.98
N LYS B 295 -4.71 -6.46 37.60
CA LYS B 295 -3.88 -6.32 36.41
C LYS B 295 -2.66 -7.21 36.55
N LEU B 296 -1.97 -7.08 37.67
CA LEU B 296 -0.74 -7.82 37.95
C LEU B 296 -0.91 -9.29 37.74
N GLU B 297 -1.96 -9.85 38.33
CA GLU B 297 -2.18 -11.28 38.28
C GLU B 297 -2.58 -11.70 36.89
N ALA B 298 -3.33 -10.85 36.18
CA ALA B 298 -3.68 -11.17 34.79
C ALA B 298 -2.45 -11.24 33.92
N ALA B 299 -1.59 -10.22 34.04
CA ALA B 299 -0.33 -10.19 33.30
C ALA B 299 0.52 -11.39 33.66
N ARG B 300 0.56 -11.74 34.95
CA ARG B 300 1.24 -12.95 35.40
C ARG B 300 0.68 -14.19 34.73
N GLN B 301 -0.63 -14.39 34.80
CA GLN B 301 -1.22 -15.58 34.19
C GLN B 301 -0.99 -15.62 32.70
N MET B 302 -1.03 -14.47 32.02
CA MET B 302 -0.81 -14.53 30.58
C MET B 302 0.65 -14.81 30.29
N VAL B 303 1.54 -14.32 31.14
CA VAL B 303 2.93 -14.72 31.02
C VAL B 303 3.04 -16.23 31.13
N TYR B 304 2.26 -16.83 32.02
CA TYR B 304 2.38 -18.27 32.18
C TYR B 304 1.80 -19.01 30.99
N VAL B 305 0.64 -18.57 30.49
CA VAL B 305 0.06 -19.20 29.30
C VAL B 305 1.05 -19.11 28.14
N ALA B 306 1.67 -17.94 27.94
CA ALA B 306 2.63 -17.79 26.85
C ALA B 306 3.92 -18.57 27.11
N ALA B 307 4.29 -18.78 28.36
CA ALA B 307 5.46 -19.59 28.63
C ALA B 307 5.18 -21.04 28.25
N ALA B 308 4.07 -21.58 28.71
CA ALA B 308 3.73 -22.92 28.25
C ALA B 308 3.67 -22.94 26.74
N LYS B 309 3.12 -21.88 26.12
CA LYS B 309 3.01 -21.86 24.67
C LYS B 309 4.36 -21.80 23.98
N SER B 310 5.39 -21.29 24.65
CA SER B 310 6.76 -21.29 24.13
C SER B 310 7.45 -22.62 24.42
N GLU B 311 6.90 -23.40 25.35
CA GLU B 311 7.45 -24.71 25.62
C GLU B 311 7.10 -25.67 24.48
N ARG B 312 5.82 -25.91 24.28
CA ARG B 312 5.32 -26.71 23.18
C ARG B 312 5.22 -25.93 21.86
N ASP B 313 5.74 -24.70 21.81
CA ASP B 313 5.97 -23.98 20.55
C ASP B 313 4.71 -23.89 19.68
N ASP B 314 3.61 -23.40 20.26
CA ASP B 314 2.33 -23.33 19.56
C ASP B 314 2.36 -22.37 18.38
N ALA B 315 1.31 -22.46 17.55
CA ALA B 315 1.22 -21.67 16.33
C ALA B 315 1.10 -20.20 16.66
N ASP B 316 0.23 -19.88 17.61
CA ASP B 316 -0.02 -18.50 18.00
C ASP B 316 0.98 -17.99 19.02
N LEU B 317 2.10 -18.71 19.23
CA LEU B 317 3.09 -18.30 20.23
C LEU B 317 3.52 -16.86 20.01
N SER B 318 3.57 -16.42 18.76
CA SER B 318 3.90 -15.03 18.53
C SER B 318 2.94 -14.12 19.29
N PHE B 319 1.65 -14.20 18.99
CA PHE B 319 0.69 -13.32 19.65
C PHE B 319 0.77 -13.47 21.16
N TYR B 320 0.53 -14.69 21.65
CA TYR B 320 0.51 -14.88 23.10
C TYR B 320 1.85 -14.47 23.70
N GLY B 321 2.96 -14.68 23.00
CA GLY B 321 4.23 -14.20 23.50
C GLY B 321 4.28 -12.68 23.62
N ALA B 322 4.05 -12.00 22.47
CA ALA B 322 4.07 -10.54 22.42
C ALA B 322 3.14 -9.97 23.47
N ALA B 323 1.89 -10.43 23.47
CA ALA B 323 0.90 -9.89 24.40
C ALA B 323 1.36 -10.04 25.83
N ALA B 324 1.84 -11.24 26.21
CA ALA B 324 2.26 -11.41 27.60
C ALA B 324 3.38 -10.42 27.95
N LYS B 325 4.36 -10.25 27.05
CA LYS B 325 5.37 -9.27 27.36
C LYS B 325 4.78 -7.87 27.30
N CYS B 326 3.99 -7.59 26.27
CA CYS B 326 3.45 -6.25 26.17
C CYS B 326 2.54 -5.94 27.33
N PHE B 327 1.68 -6.90 27.73
CA PHE B 327 0.78 -6.62 28.82
C PHE B 327 1.51 -6.58 30.15
N ALA B 328 2.24 -7.63 30.48
CA ALA B 328 3.00 -7.62 31.74
C ALA B 328 3.87 -6.39 31.86
N SER B 329 4.55 -6.00 30.79
CA SER B 329 5.34 -4.80 30.86
C SER B 329 4.47 -3.59 31.15
N ASP B 330 3.43 -3.37 30.33
CA ASP B 330 2.54 -2.23 30.56
C ASP B 330 1.98 -2.26 31.98
N VAL B 331 1.43 -3.40 32.38
CA VAL B 331 0.88 -3.53 33.72
C VAL B 331 1.94 -3.21 34.76
N ALA B 332 3.16 -3.73 34.60
CA ALA B 332 4.23 -3.43 35.55
C ALA B 332 4.41 -1.93 35.71
N MET B 333 4.48 -1.22 34.58
CA MET B 333 4.60 0.23 34.65
C MET B 333 3.47 0.79 35.46
N GLU B 334 2.26 0.42 35.06
CA GLU B 334 1.05 0.93 35.68
C GLU B 334 1.06 0.66 37.17
N ILE B 335 1.53 -0.51 37.56
CA ILE B 335 1.54 -0.85 38.97
C ILE B 335 2.64 -0.10 39.69
N THR B 336 3.87 -0.14 39.15
CA THR B 336 4.97 0.50 39.88
C THR B 336 4.70 1.99 40.02
N THR B 337 4.10 2.60 39.00
CA THR B 337 3.73 4.00 39.12
C THR B 337 2.83 4.19 40.33
N ASP B 338 1.76 3.41 40.43
CA ASP B 338 0.91 3.50 41.61
C ASP B 338 1.69 3.11 42.88
N ALA B 339 2.61 2.15 42.77
CA ALA B 339 3.42 1.79 43.91
C ALA B 339 4.19 3.00 44.41
N VAL B 340 4.85 3.72 43.50
CA VAL B 340 5.53 4.94 43.90
C VAL B 340 4.51 5.89 44.51
N GLN B 341 3.35 6.00 43.89
CA GLN B 341 2.30 6.87 44.41
C GLN B 341 1.89 6.42 45.81
N LEU B 342 1.84 5.11 46.04
CA LEU B 342 1.24 4.65 47.27
C LEU B 342 2.10 4.98 48.47
N LEU B 343 3.40 4.99 48.31
CA LEU B 343 4.24 5.24 49.45
C LEU B 343 4.44 6.73 49.70
N GLY B 344 3.78 7.58 48.93
CA GLY B 344 3.88 9.01 49.06
C GLY B 344 5.31 9.49 48.94
N GLY B 345 5.64 10.53 49.71
CA GLY B 345 6.98 11.07 49.66
C GLY B 345 8.01 10.00 49.90
N TYR B 346 7.68 9.05 50.75
CA TYR B 346 8.56 7.93 51.03
C TYR B 346 8.77 7.12 49.76
N GLY B 347 7.71 6.96 48.96
CA GLY B 347 7.84 6.22 47.71
C GLY B 347 8.65 6.99 46.69
N TYR B 348 8.76 8.27 46.89
CA TYR B 348 9.48 9.04 45.88
C TYR B 348 10.98 8.89 46.12
N THR B 349 11.35 8.55 47.35
CA THR B 349 12.77 8.48 47.68
C THR B 349 13.32 7.11 47.35
N ARG B 350 14.62 7.08 47.01
CA ARG B 350 15.29 5.84 46.66
C ARG B 350 15.52 4.95 47.87
N ASP B 351 15.33 5.50 49.08
CA ASP B 351 15.40 4.72 50.32
C ASP B 351 14.38 3.58 50.32
N TYR B 352 13.29 3.73 49.62
CA TYR B 352 12.37 2.65 49.40
C TYR B 352 12.42 2.21 47.93
N PRO B 353 12.22 0.91 47.66
CA PRO B 353 12.44 0.39 46.31
C PRO B 353 11.36 0.73 45.29
N VAL B 354 10.17 1.17 45.71
CA VAL B 354 9.08 1.30 44.76
C VAL B 354 9.48 2.17 43.59
N GLU B 355 10.30 3.19 43.87
CA GLU B 355 10.90 4.07 42.85
C GLU B 355 11.76 3.30 41.86
N ARG B 356 12.69 2.49 42.36
CA ARG B 356 13.51 1.68 41.47
C ARG B 356 12.67 0.74 40.65
N MET B 357 11.65 0.13 41.26
CA MET B 357 10.84 -0.81 40.49
C MET B 357 10.12 -0.09 39.39
N MET B 358 9.78 1.19 39.60
CA MET B 358 9.16 1.95 38.52
C MET B 358 10.14 2.17 37.37
N ARG B 359 11.32 2.65 37.67
CA ARG B 359 12.30 2.79 36.60
C ARG B 359 12.59 1.45 35.93
N ASP B 360 12.72 0.39 36.73
CA ASP B 360 12.93 -0.94 36.17
C ASP B 360 11.76 -1.30 35.27
N ALA B 361 10.55 -0.94 35.68
CA ALA B 361 9.38 -1.27 34.90
C ALA B 361 9.36 -0.52 33.56
N LYS B 362 9.85 0.72 33.53
CA LYS B 362 9.74 1.48 32.28
C LYS B 362 10.47 0.82 31.14
N ILE B 363 11.38 -0.09 31.41
CA ILE B 363 12.08 -0.73 30.31
C ILE B 363 11.41 -1.99 29.82
N THR B 364 10.92 -2.81 30.73
CA THR B 364 10.16 -3.96 30.31
C THR B 364 9.18 -3.58 29.21
N GLN B 365 8.71 -2.32 29.21
CA GLN B 365 7.90 -1.85 28.11
C GLN B 365 8.70 -1.60 26.83
N ILE B 366 10.01 -1.43 26.92
CA ILE B 366 10.81 -0.97 25.79
C ILE B 366 11.68 -2.07 25.20
N TYR B 367 12.59 -2.64 25.99
CA TYR B 367 13.55 -3.39 25.20
C TYR B 367 12.95 -4.65 24.61
N GLU B 368 13.67 -5.15 23.63
CA GLU B 368 13.47 -6.46 23.09
C GLU B 368 12.08 -6.51 22.47
N GLY B 369 11.80 -5.43 21.75
CA GLY B 369 10.58 -5.15 21.06
C GLY B 369 9.71 -4.29 21.92
N THR B 370 9.79 -2.98 21.66
CA THR B 370 8.97 -2.05 22.41
C THR B 370 7.53 -2.44 22.20
N ASN B 371 6.73 -2.25 23.24
CA ASN B 371 5.37 -2.75 23.19
C ASN B 371 4.64 -2.24 21.96
N GLN B 372 5.13 -1.17 21.34
CA GLN B 372 4.60 -0.81 20.03
C GLN B 372 4.94 -1.89 19.02
N ILE B 373 6.18 -2.35 19.02
CA ILE B 373 6.56 -3.47 18.14
C ILE B 373 5.81 -4.73 18.54
N GLN B 374 5.63 -4.95 19.85
CA GLN B 374 4.84 -6.09 20.32
C GLN B 374 3.42 -6.03 19.77
N ARG B 375 2.82 -4.84 19.75
CA ARG B 375 1.47 -4.67 19.22
C ARG B 375 1.45 -4.94 17.72
N VAL B 376 2.50 -4.55 16.99
CA VAL B 376 2.55 -4.86 15.56
C VAL B 376 2.54 -6.36 15.34
N VAL B 377 3.42 -7.07 16.07
CA VAL B 377 3.46 -8.52 15.95
C VAL B 377 2.09 -9.13 16.28
N MET B 378 1.43 -8.61 17.34
CA MET B 378 0.10 -9.08 17.69
C MET B 378 -0.92 -8.82 16.59
N ALA B 379 -0.94 -7.59 16.06
CA ALA B 379 -1.85 -7.23 14.98
C ALA B 379 -1.65 -8.12 13.73
N ARG B 380 -0.40 -8.49 13.41
CA ARG B 380 -0.15 -9.37 12.26
C ARG B 380 -0.56 -10.82 12.56
N GLN B 381 -0.28 -11.31 13.78
CA GLN B 381 -0.78 -12.61 14.23
C GLN B 381 -2.29 -12.68 14.31
N LEU B 382 -2.96 -11.54 14.47
CA LEU B 382 -4.42 -11.47 14.49
C LEU B 382 -5.05 -11.63 13.12
N LEU B 383 -4.45 -11.00 12.11
CA LEU B 383 -4.98 -11.06 10.76
C LEU B 383 -4.41 -12.25 10.00
N LYS B 384 -4.50 -13.43 10.63
CA LYS B 384 -3.98 -14.67 10.09
C LYS B 384 -5.17 -15.51 9.58
N LEU C 6 -10.43 36.02 32.65
CA LEU C 6 -9.88 34.99 31.76
C LEU C 6 -10.48 33.61 32.08
N TYR C 7 -10.40 32.67 31.14
CA TYR C 7 -10.99 31.33 31.30
C TYR C 7 -12.32 31.40 32.04
N ARG C 8 -13.08 32.42 31.70
CA ARG C 8 -14.42 32.59 32.19
C ARG C 8 -15.31 32.68 30.98
N PRO C 9 -16.36 31.86 30.88
CA PRO C 9 -17.51 32.27 30.06
C PRO C 9 -18.03 33.61 30.61
N THR C 10 -18.23 34.59 29.72
CA THR C 10 -18.57 35.94 30.17
C THR C 10 -19.87 35.95 30.98
N GLU C 11 -20.05 36.96 31.82
CA GLU C 11 -21.29 37.04 32.59
C GLU C 11 -22.50 37.00 31.68
N GLU C 12 -22.37 37.58 30.48
CA GLU C 12 -23.31 37.35 29.39
C GLU C 12 -23.53 35.85 29.19
N HIS C 13 -22.43 35.11 28.94
CA HIS C 13 -22.53 33.68 28.70
C HIS C 13 -23.06 32.96 29.93
N GLU C 14 -22.63 33.35 31.12
CA GLU C 14 -23.11 32.62 32.28
C GLU C 14 -24.60 32.79 32.44
N ALA C 15 -25.11 34.00 32.19
CA ALA C 15 -26.55 34.17 32.20
C ALA C 15 -27.18 33.32 31.13
N LEU C 16 -26.57 33.30 29.95
CA LEU C 16 -27.09 32.49 28.84
C LEU C 16 -27.15 31.01 29.21
N ARG C 17 -26.09 30.58 29.89
CA ARG C 17 -25.96 29.20 30.39
C ARG C 17 -27.16 28.94 31.31
N GLU C 18 -27.30 29.77 32.35
CA GLU C 18 -28.40 29.66 33.31
C GLU C 18 -29.72 29.56 32.57
N ALA C 19 -29.89 30.36 31.51
CA ALA C 19 -31.11 30.34 30.70
C ALA C 19 -31.34 28.98 30.06
N ILE C 20 -30.41 28.57 29.19
CA ILE C 20 -30.59 27.33 28.43
C ILE C 20 -30.66 26.12 29.35
N ARG C 21 -29.93 26.16 30.47
CA ARG C 21 -30.03 25.10 31.47
C ARG C 21 -31.46 25.00 31.96
N SER C 22 -32.06 26.15 32.30
CA SER C 22 -33.43 26.12 32.81
C SER C 22 -34.38 25.59 31.76
N VAL C 23 -34.15 25.93 30.49
CA VAL C 23 -34.98 25.42 29.40
C VAL C 23 -34.81 23.90 29.26
N ALA C 24 -33.59 23.40 29.44
CA ALA C 24 -33.34 21.98 29.30
C ALA C 24 -34.00 21.18 30.43
N GLU C 25 -33.88 21.70 31.66
CA GLU C 25 -34.34 21.00 32.86
C GLU C 25 -35.78 20.54 32.71
N ASP C 26 -36.70 21.50 32.58
CA ASP C 26 -38.14 21.28 32.53
C ASP C 26 -38.68 21.12 31.12
N LYS C 27 -38.26 21.94 30.16
CA LYS C 27 -38.95 21.85 28.89
C LYS C 27 -38.46 20.66 28.07
N ILE C 28 -37.17 20.31 28.17
CA ILE C 28 -36.59 19.24 27.37
C ILE C 28 -36.44 17.96 28.17
N ALA C 29 -35.79 18.03 29.33
CA ALA C 29 -35.34 16.82 30.04
C ALA C 29 -36.42 15.78 30.23
N PRO C 30 -37.61 16.12 30.74
CA PRO C 30 -38.57 15.05 31.04
C PRO C 30 -38.89 14.22 29.83
N HIS C 31 -38.84 14.84 28.65
CA HIS C 31 -39.13 14.14 27.41
C HIS C 31 -37.94 13.33 26.96
N ALA C 32 -36.74 13.61 27.49
CA ALA C 32 -35.52 12.94 27.03
C ALA C 32 -35.70 11.43 26.97
N ALA C 33 -36.25 10.85 28.04
CA ALA C 33 -36.44 9.41 28.04
C ALA C 33 -37.33 9.00 26.88
N ASP C 34 -38.38 9.77 26.59
CA ASP C 34 -39.30 9.36 25.53
C ASP C 34 -38.65 9.51 24.16
N VAL C 35 -38.01 10.66 23.93
CA VAL C 35 -37.29 10.88 22.68
C VAL C 35 -36.38 9.71 22.39
N ASP C 36 -35.59 9.31 23.37
CA ASP C 36 -34.68 8.20 23.17
C ASP C 36 -35.43 6.91 22.94
N GLU C 37 -36.48 6.68 23.72
CA GLU C 37 -37.15 5.37 23.70
C GLU C 37 -37.72 5.03 22.32
N GLN C 38 -38.78 5.74 21.88
CA GLN C 38 -39.35 5.56 20.54
C GLN C 38 -38.62 6.31 19.47
N SER C 39 -37.40 6.72 19.75
CA SER C 39 -36.47 7.13 18.71
C SER C 39 -37.06 8.27 17.88
N ARG C 40 -37.79 9.15 18.55
CA ARG C 40 -38.54 10.21 17.91
C ARG C 40 -37.81 11.54 18.04
N PHE C 41 -38.05 12.43 17.09
CA PHE C 41 -37.44 13.74 17.15
C PHE C 41 -37.90 14.46 18.43
N PRO C 42 -37.02 15.24 19.06
CA PRO C 42 -37.41 16.00 20.26
C PRO C 42 -38.34 17.17 19.98
N GLN C 43 -39.59 16.88 19.62
CA GLN C 43 -40.51 17.94 19.23
C GLN C 43 -40.69 18.96 20.33
N GLU C 44 -40.87 18.49 21.58
CA GLU C 44 -40.97 19.41 22.70
C GLU C 44 -39.73 20.29 22.78
N ALA C 45 -38.56 19.65 22.63
CA ALA C 45 -37.29 20.34 22.73
C ALA C 45 -37.14 21.39 21.64
N TYR C 46 -37.41 21.02 20.38
CA TYR C 46 -37.27 22.02 19.33
C TYR C 46 -38.24 23.15 19.57
N GLU C 47 -39.47 22.83 19.94
CA GLU C 47 -40.46 23.86 20.22
C GLU C 47 -39.95 24.81 21.28
N ALA C 48 -39.45 24.25 22.38
CA ALA C 48 -39.06 25.07 23.50
C ALA C 48 -37.85 25.93 23.17
N LEU C 49 -36.92 25.38 22.39
CA LEU C 49 -35.72 26.12 22.01
C LEU C 49 -36.04 27.28 21.10
N ARG C 50 -36.93 27.04 20.12
CA ARG C 50 -37.36 28.08 19.18
C ARG C 50 -38.12 29.20 19.89
N ALA C 51 -39.02 28.85 20.81
CA ALA C 51 -39.72 29.84 21.62
C ALA C 51 -38.78 30.63 22.52
N SER C 52 -37.58 30.08 22.80
CA SER C 52 -36.57 30.71 23.63
C SER C 52 -35.34 31.16 22.87
N ASP C 53 -35.34 31.08 21.53
CA ASP C 53 -34.19 31.46 20.68
C ASP C 53 -32.96 30.60 20.98
N PHE C 54 -33.15 29.32 21.29
CA PHE C 54 -32.02 28.44 21.54
C PHE C 54 -31.95 27.28 20.56
N HIS C 55 -32.73 27.34 19.48
CA HIS C 55 -32.76 26.25 18.51
C HIS C 55 -31.56 26.26 17.58
N ALA C 56 -30.97 27.42 17.33
CA ALA C 56 -29.85 27.54 16.41
C ALA C 56 -29.20 28.88 16.66
N PRO C 57 -28.85 29.16 17.91
CA PRO C 57 -28.57 30.54 18.31
C PRO C 57 -27.37 31.12 17.62
N HIS C 58 -26.58 30.34 16.91
CA HIS C 58 -25.36 30.89 16.33
C HIS C 58 -25.68 31.88 15.22
N VAL C 59 -26.87 31.77 14.62
CA VAL C 59 -27.19 32.50 13.39
C VAL C 59 -26.99 33.98 13.56
N ALA C 60 -26.47 34.60 12.52
CA ALA C 60 -26.13 36.00 12.52
C ALA C 60 -27.33 36.85 12.94
N GLU C 61 -27.02 37.93 13.66
CA GLU C 61 -27.93 39.04 13.91
C GLU C 61 -28.56 39.53 12.61
N GLU C 62 -27.70 39.92 11.65
CA GLU C 62 -28.02 40.39 10.29
C GLU C 62 -29.22 39.69 9.65
N TYR C 63 -29.37 38.37 9.88
CA TYR C 63 -30.45 37.56 9.33
C TYR C 63 -31.47 37.22 10.40
N GLY C 64 -31.41 37.95 11.51
CA GLY C 64 -32.36 37.83 12.59
C GLY C 64 -32.03 36.81 13.65
N GLY C 65 -30.81 36.27 13.68
CA GLY C 65 -30.43 35.34 14.72
C GLY C 65 -30.08 36.07 16.00
N VAL C 66 -29.81 35.28 17.04
CA VAL C 66 -29.39 35.91 18.29
C VAL C 66 -27.94 36.36 18.24
N GLY C 67 -27.20 36.00 17.19
CA GLY C 67 -25.81 36.38 17.11
C GLY C 67 -24.94 35.72 18.17
N ALA C 68 -25.27 34.48 18.52
CA ALA C 68 -24.61 33.82 19.63
C ALA C 68 -23.13 33.59 19.32
N ASP C 69 -22.33 33.85 20.34
CA ASP C 69 -20.91 33.58 20.31
C ASP C 69 -20.74 32.07 20.08
N ALA C 70 -19.64 31.69 19.41
CA ALA C 70 -19.44 30.25 19.19
C ALA C 70 -19.38 29.52 20.52
N LEU C 71 -18.66 30.10 21.49
CA LEU C 71 -18.66 29.58 22.85
C LEU C 71 -20.07 29.49 23.41
N ALA C 72 -20.84 30.55 23.25
CA ALA C 72 -22.22 30.49 23.72
C ALA C 72 -22.97 29.37 23.02
N THR C 73 -22.75 29.22 21.71
CA THR C 73 -23.41 28.15 21.00
C THR C 73 -23.09 26.81 21.63
N CYS C 74 -21.80 26.59 21.92
CA CYS C 74 -21.37 25.36 22.54
C CYS C 74 -22.04 25.20 23.88
N ILE C 75 -22.15 26.30 24.62
CA ILE C 75 -22.75 26.27 25.94
C ILE C 75 -24.20 25.81 25.84
N VAL C 76 -24.89 26.26 24.82
CA VAL C 76 -26.26 25.82 24.61
C VAL C 76 -26.30 24.33 24.26
N ILE C 77 -25.50 23.90 23.28
CA ILE C 77 -25.49 22.48 22.92
C ILE C 77 -25.15 21.65 24.15
N GLU C 78 -24.24 22.16 24.98
CA GLU C 78 -23.89 21.48 26.22
C GLU C 78 -25.13 21.31 27.07
N GLU C 79 -25.73 22.44 27.49
CA GLU C 79 -26.82 22.41 28.45
C GLU C 79 -28.03 21.66 27.94
N ILE C 80 -28.21 21.62 26.62
CA ILE C 80 -29.30 20.83 26.08
C ILE C 80 -28.95 19.36 26.19
N ALA C 81 -27.78 19.01 25.66
CA ALA C 81 -27.30 17.64 25.67
C ALA C 81 -27.29 17.07 27.08
N ARG C 82 -26.99 17.93 28.07
CA ARG C 82 -26.93 17.51 29.47
C ARG C 82 -28.15 16.71 29.92
N VAL C 83 -29.32 17.01 29.35
CA VAL C 83 -30.54 16.34 29.75
C VAL C 83 -31.10 15.45 28.65
N CYS C 84 -30.81 15.76 27.39
CA CYS C 84 -31.31 15.05 26.20
C CYS C 84 -30.24 15.31 25.18
N ALA C 85 -29.57 14.23 24.69
CA ALA C 85 -28.55 14.42 23.65
C ALA C 85 -29.19 14.70 22.33
N SER C 86 -30.22 13.94 22.00
CA SER C 86 -30.92 14.12 20.74
C SER C 86 -31.32 15.58 20.52
N SER C 87 -31.82 16.24 21.56
CA SER C 87 -32.28 17.61 21.38
C SER C 87 -31.15 18.55 21.06
N SER C 88 -29.95 18.33 21.61
CA SER C 88 -28.84 19.25 21.35
C SER C 88 -28.48 19.29 19.87
N LEU C 89 -28.79 18.24 19.12
CA LEU C 89 -28.48 18.34 17.71
C LEU C 89 -29.33 19.37 17.02
N ILE C 90 -30.41 19.80 17.63
CA ILE C 90 -31.16 20.87 16.99
C ILE C 90 -30.16 22.01 16.79
N PRO C 91 -29.63 22.67 17.82
CA PRO C 91 -28.66 23.73 17.52
C PRO C 91 -27.38 23.20 16.93
N ALA C 92 -26.99 21.96 17.21
CA ALA C 92 -25.71 21.49 16.71
C ALA C 92 -25.76 21.25 15.21
N VAL C 93 -26.73 20.44 14.77
CA VAL C 93 -26.84 20.16 13.34
C VAL C 93 -27.27 21.41 12.63
N ASN C 94 -27.95 22.32 13.33
CA ASN C 94 -28.27 23.60 12.73
C ASN C 94 -27.00 24.42 12.46
N LYS C 95 -26.09 24.49 13.42
CA LYS C 95 -24.82 25.18 13.16
C LYS C 95 -24.07 24.46 12.07
N LEU C 96 -24.07 23.14 12.10
CA LEU C 96 -23.33 22.36 11.11
C LEU C 96 -23.82 22.65 9.70
N GLY C 97 -25.13 22.53 9.49
CA GLY C 97 -25.66 22.75 8.16
C GLY C 97 -25.62 24.19 7.71
N SER C 98 -25.72 25.13 8.65
CA SER C 98 -25.72 26.51 8.18
C SER C 98 -24.33 27.09 8.05
N MET C 99 -23.33 26.48 8.67
CA MET C 99 -21.99 27.05 8.65
C MET C 99 -21.42 27.17 7.26
N PRO C 100 -21.53 26.21 6.35
CA PRO C 100 -21.05 26.47 4.99
C PRO C 100 -21.80 27.62 4.34
N LEU C 101 -23.08 27.77 4.65
CA LEU C 101 -23.84 28.89 4.14
C LEU C 101 -23.41 30.22 4.76
N ILE C 102 -22.78 30.20 5.94
CA ILE C 102 -22.26 31.42 6.57
C ILE C 102 -20.84 31.73 6.10
N LEU C 103 -19.96 30.74 6.15
CA LEU C 103 -18.54 30.92 5.91
C LEU C 103 -18.22 31.31 4.48
N SER C 104 -19.13 31.06 3.55
CA SER C 104 -18.84 31.27 2.14
C SER C 104 -20.09 31.69 1.41
N GLY C 105 -21.22 31.62 2.09
CA GLY C 105 -22.49 31.89 1.43
C GLY C 105 -22.58 33.30 0.88
N SER C 106 -23.16 33.40 -0.30
CA SER C 106 -23.43 34.69 -0.90
C SER C 106 -24.47 35.41 -0.06
N ASP C 107 -24.35 36.74 -0.05
CA ASP C 107 -25.21 37.60 0.77
C ASP C 107 -26.68 37.24 0.55
N GLU C 108 -27.04 36.92 -0.69
CA GLU C 108 -28.42 36.64 -1.07
C GLU C 108 -28.89 35.31 -0.52
N VAL C 109 -28.22 34.22 -0.90
CA VAL C 109 -28.61 32.89 -0.45
C VAL C 109 -28.56 32.82 1.08
N LYS C 110 -27.59 33.49 1.66
CA LYS C 110 -27.48 33.56 3.10
C LYS C 110 -28.72 34.20 3.68
N GLN C 111 -29.13 35.34 3.12
CA GLN C 111 -30.33 36.03 3.57
C GLN C 111 -31.60 35.26 3.20
N ARG C 112 -31.49 34.28 2.33
CA ARG C 112 -32.63 33.46 1.95
C ARG C 112 -32.93 32.42 3.03
N TYR C 113 -31.87 31.76 3.50
CA TYR C 113 -31.99 30.59 4.37
C TYR C 113 -31.84 30.92 5.84
N LEU C 114 -30.83 31.72 6.21
CA LEU C 114 -30.60 32.02 7.61
C LEU C 114 -31.81 32.62 8.31
N PRO C 115 -32.67 33.43 7.65
CA PRO C 115 -33.88 33.87 8.35
C PRO C 115 -34.75 32.69 8.69
N GLU C 116 -34.88 31.75 7.77
CA GLU C 116 -35.76 30.63 7.99
C GLU C 116 -35.30 29.86 9.20
N LEU C 117 -33.99 29.74 9.35
CA LEU C 117 -33.41 29.09 10.52
C LEU C 117 -33.57 29.92 11.79
N ALA C 118 -33.04 31.16 11.77
CA ALA C 118 -33.00 32.02 12.95
C ALA C 118 -34.38 32.19 13.61
N SER C 119 -35.44 32.26 12.82
CA SER C 119 -36.77 32.34 13.41
C SER C 119 -37.17 31.01 14.02
N GLY C 120 -36.72 29.90 13.42
CA GLY C 120 -37.14 28.59 13.84
C GLY C 120 -38.14 27.96 12.90
N GLU C 121 -38.36 28.55 11.74
CA GLU C 121 -39.24 27.93 10.75
C GLU C 121 -38.62 26.66 10.16
N ALA C 122 -37.38 26.76 9.69
CA ALA C 122 -36.70 25.69 9.00
C ALA C 122 -35.46 25.26 9.77
N MET C 123 -35.14 23.96 9.65
CA MET C 123 -33.91 23.38 10.15
C MET C 123 -32.94 23.03 9.02
N PHE C 124 -31.65 23.01 9.37
CA PHE C 124 -30.58 22.64 8.45
C PHE C 124 -29.95 21.30 8.80
N SER C 125 -29.52 20.59 7.78
CA SER C 125 -28.61 19.46 7.92
C SER C 125 -27.47 19.67 6.95
N TYR C 126 -26.44 18.83 7.03
CA TYR C 126 -25.21 19.14 6.33
C TYR C 126 -24.62 17.89 5.71
N GLY C 127 -24.73 17.77 4.39
CA GLY C 127 -24.29 16.57 3.70
C GLY C 127 -22.92 16.60 3.05
N LEU C 128 -21.90 16.09 3.74
CA LEU C 128 -20.54 16.10 3.20
C LEU C 128 -19.96 14.70 3.08
N SER C 129 -20.09 13.89 4.12
CA SER C 129 -19.54 12.55 4.17
C SER C 129 -20.21 11.64 3.13
N GLU C 130 -19.50 10.60 2.72
CA GLU C 130 -20.07 9.64 1.78
C GLU C 130 -19.79 8.21 2.19
N ARG C 131 -20.84 7.39 2.13
CA ARG C 131 -20.85 5.98 2.52
C ARG C 131 -19.53 5.29 2.18
N GLU C 132 -19.08 5.48 0.94
CA GLU C 132 -17.87 4.84 0.44
C GLU C 132 -16.52 5.25 0.98
N ALA C 133 -16.28 6.54 1.02
CA ALA C 133 -15.02 7.07 1.49
C ALA C 133 -15.34 8.21 2.41
N GLY C 134 -15.66 7.87 3.64
CA GLY C 134 -16.04 8.89 4.57
C GLY C 134 -14.99 9.91 4.91
N SER C 135 -13.75 9.48 5.12
CA SER C 135 -12.73 10.44 5.55
C SER C 135 -11.92 11.00 4.39
N ASP C 136 -11.94 10.34 3.23
CA ASP C 136 -11.30 10.84 2.00
C ASP C 136 -12.30 11.70 1.22
N THR C 137 -12.70 12.81 1.83
CA THR C 137 -13.77 13.63 1.26
C THR C 137 -13.40 14.27 -0.07
N ALA C 138 -12.12 14.41 -0.38
CA ALA C 138 -11.82 14.99 -1.68
C ALA C 138 -12.22 14.08 -2.82
N SER C 139 -12.49 12.81 -2.52
CA SER C 139 -12.80 11.77 -3.49
C SER C 139 -14.26 11.35 -3.40
N MET C 140 -15.13 12.32 -3.19
CA MET C 140 -16.56 12.06 -3.08
C MET C 140 -17.18 11.77 -4.44
N ARG C 141 -18.16 10.89 -4.46
CA ARG C 141 -18.80 10.50 -5.72
C ARG C 141 -19.94 11.43 -6.09
N THR C 142 -20.53 12.11 -5.12
CA THR C 142 -21.64 13.01 -5.39
C THR C 142 -21.18 14.12 -6.32
N ARG C 143 -21.78 14.17 -7.48
CA ARG C 143 -21.49 15.16 -8.50
C ARG C 143 -22.73 16.05 -8.65
N ALA C 144 -22.47 17.30 -9.01
CA ALA C 144 -23.49 18.23 -9.50
C ALA C 144 -23.03 18.64 -10.89
N VAL C 145 -23.80 18.27 -11.91
CA VAL C 145 -23.51 18.65 -13.29
C VAL C 145 -24.26 19.93 -13.58
N ARG C 146 -23.55 20.91 -14.11
CA ARG C 146 -24.12 22.22 -14.38
C ARG C 146 -25.01 22.15 -15.62
N ASP C 147 -26.27 22.54 -15.48
CA ASP C 147 -27.22 22.43 -16.58
C ASP C 147 -28.04 23.71 -16.62
N GLY C 148 -27.73 24.57 -17.58
CA GLY C 148 -28.33 25.88 -17.61
C GLY C 148 -27.83 26.64 -16.41
N ASP C 149 -28.73 27.47 -15.86
CA ASP C 149 -28.41 28.11 -14.59
C ASP C 149 -28.34 27.09 -13.47
N ASP C 150 -29.12 26.05 -13.57
CA ASP C 150 -29.26 25.11 -12.46
C ASP C 150 -28.18 24.05 -12.52
N TRP C 151 -28.30 23.10 -11.61
CA TRP C 151 -27.43 21.96 -11.57
C TRP C 151 -28.35 20.77 -11.45
N ILE C 152 -27.81 19.62 -11.80
CA ILE C 152 -28.50 18.37 -11.56
C ILE C 152 -27.58 17.58 -10.66
N LEU C 153 -28.07 17.27 -9.46
CA LEU C 153 -27.32 16.55 -8.46
C LEU C 153 -27.53 15.06 -8.59
N ASN C 154 -26.47 14.32 -8.39
CA ASN C 154 -26.53 12.87 -8.25
C ASN C 154 -25.50 12.47 -7.20
N GLY C 155 -25.82 11.46 -6.41
CA GLY C 155 -24.87 10.97 -5.43
C GLY C 155 -25.53 10.52 -4.15
N GLN C 156 -24.72 10.53 -3.09
CA GLN C 156 -24.91 9.64 -1.95
C GLN C 156 -24.21 10.24 -0.73
N LYS C 157 -24.92 11.09 0.00
CA LYS C 157 -24.45 11.48 1.32
C LYS C 157 -25.04 10.51 2.35
N SER C 158 -24.24 10.16 3.33
CA SER C 158 -24.67 9.18 4.32
C SER C 158 -24.40 9.75 5.70
N TRP C 159 -25.02 9.12 6.70
CA TRP C 159 -24.69 9.38 8.08
C TRP C 159 -25.14 10.77 8.51
N ILE C 160 -26.15 11.31 7.83
CA ILE C 160 -26.37 12.76 7.85
C ILE C 160 -27.42 13.04 8.91
N THR C 161 -27.00 13.72 9.96
CA THR C 161 -27.86 13.85 11.11
C THR C 161 -28.91 14.94 10.87
N ASN C 162 -30.10 14.71 11.46
CA ASN C 162 -31.34 15.47 11.34
C ASN C 162 -31.98 15.43 9.96
N ALA C 163 -31.58 14.50 9.10
CA ALA C 163 -32.23 14.39 7.80
C ALA C 163 -33.70 13.99 8.01
N GLY C 164 -34.50 14.26 6.99
CA GLY C 164 -35.92 14.00 7.10
C GLY C 164 -36.61 15.07 7.92
N ILE C 165 -35.84 15.79 8.73
CA ILE C 165 -36.50 16.70 9.65
C ILE C 165 -35.99 18.11 9.38
N SER C 166 -34.73 18.24 9.00
CA SER C 166 -34.26 19.51 8.46
C SER C 166 -34.88 19.76 7.09
N LYS C 167 -35.03 21.03 6.73
CA LYS C 167 -35.54 21.41 5.42
C LYS C 167 -34.47 21.79 4.40
N TYR C 168 -33.36 22.40 4.82
CA TYR C 168 -32.32 22.82 3.88
C TYR C 168 -30.98 22.22 4.27
N TYR C 169 -30.28 21.68 3.25
CA TYR C 169 -29.18 20.73 3.40
C TYR C 169 -27.96 21.23 2.62
N THR C 170 -26.96 21.77 3.31
CA THR C 170 -25.78 22.16 2.56
C THR C 170 -24.99 20.93 2.12
N VAL C 171 -25.32 20.36 0.95
CA VAL C 171 -24.64 19.18 0.42
C VAL C 171 -23.43 19.61 -0.42
N MET C 172 -22.37 18.82 -0.35
CA MET C 172 -21.10 19.11 -1.01
C MET C 172 -20.88 18.16 -2.17
N ALA C 173 -20.78 18.70 -3.38
CA ALA C 173 -20.67 17.86 -4.57
C ALA C 173 -19.47 18.25 -5.43
N VAL C 174 -18.90 17.27 -6.15
CA VAL C 174 -17.83 17.56 -7.11
C VAL C 174 -18.42 18.26 -8.32
N THR C 175 -17.79 19.33 -8.75
CA THR C 175 -18.16 20.05 -9.96
C THR C 175 -17.02 20.03 -10.97
N ASP C 176 -16.31 18.90 -11.04
CA ASP C 176 -15.20 18.57 -11.94
C ASP C 176 -14.65 17.17 -11.72
N PRO C 177 -15.09 16.20 -12.49
CA PRO C 177 -14.53 14.85 -12.36
C PRO C 177 -13.07 14.81 -12.72
N ASP C 178 -12.50 15.93 -13.22
CA ASP C 178 -11.08 16.05 -13.48
C ASP C 178 -10.47 17.35 -12.97
N GLY C 179 -11.26 18.26 -12.40
CA GLY C 179 -10.71 19.41 -11.72
C GLY C 179 -9.76 18.97 -10.62
N PRO C 180 -9.24 19.91 -9.87
CA PRO C 180 -8.17 19.58 -8.92
C PRO C 180 -8.67 19.14 -7.55
N ARG C 181 -7.87 18.31 -6.89
CA ARG C 181 -8.22 17.77 -5.58
C ARG C 181 -8.59 18.82 -4.57
N GLY C 182 -9.82 18.72 -4.08
CA GLY C 182 -10.31 19.62 -3.05
C GLY C 182 -10.70 20.98 -3.57
N ARG C 183 -10.39 21.31 -4.82
CA ARG C 183 -10.85 22.52 -5.44
C ARG C 183 -11.86 22.19 -6.53
N ASN C 184 -12.33 20.96 -6.56
CA ASN C 184 -13.28 20.50 -7.56
C ASN C 184 -14.68 20.36 -6.97
N ILE C 185 -14.92 20.86 -5.77
CA ILE C 185 -16.15 20.60 -5.03
C ILE C 185 -16.77 21.92 -4.58
N SER C 186 -18.08 22.01 -4.69
CA SER C 186 -18.80 23.19 -4.27
C SER C 186 -20.05 22.80 -3.51
N ALA C 187 -20.64 23.78 -2.82
CA ALA C 187 -21.70 23.56 -1.86
C ALA C 187 -23.04 24.04 -2.38
N PHE C 188 -24.09 23.23 -2.16
CA PHE C 188 -25.42 23.51 -2.68
C PHE C 188 -26.44 23.26 -1.59
N VAL C 189 -27.33 24.22 -1.39
CA VAL C 189 -28.41 24.10 -0.41
C VAL C 189 -29.56 23.33 -1.06
N VAL C 190 -29.73 22.08 -0.68
CA VAL C 190 -30.85 21.29 -1.19
C VAL C 190 -32.06 21.53 -0.31
N HIS C 191 -33.24 21.64 -0.93
CA HIS C 191 -34.48 21.73 -0.16
C HIS C 191 -35.02 20.34 0.09
N ILE C 192 -35.90 20.24 1.09
CA ILE C 192 -36.66 19.02 1.36
C ILE C 192 -37.68 18.81 0.23
N ASP C 193 -37.85 19.84 -0.62
CA ASP C 193 -38.78 19.79 -1.75
C ASP C 193 -38.18 19.32 -3.08
N ASP C 194 -36.87 19.17 -3.17
CA ASP C 194 -36.23 19.06 -4.48
C ASP C 194 -36.51 17.68 -5.09
N PRO C 195 -37.02 17.60 -6.32
CA PRO C 195 -37.33 16.29 -6.93
C PRO C 195 -36.09 15.43 -7.16
N GLY C 196 -36.25 14.13 -6.94
CA GLY C 196 -35.20 13.15 -7.07
C GLY C 196 -34.38 13.03 -5.82
N PHE C 197 -34.58 13.96 -4.89
CA PHE C 197 -33.92 14.00 -3.58
C PHE C 197 -34.80 13.19 -2.64
N SER C 198 -34.28 12.05 -2.19
CA SER C 198 -34.99 11.18 -1.25
C SER C 198 -34.09 10.89 -0.07
N PHE C 199 -34.67 10.34 1.01
CA PHE C 199 -33.90 9.92 2.17
C PHE C 199 -33.88 8.41 2.30
N GLY C 200 -32.82 7.89 2.85
CA GLY C 200 -32.79 6.49 3.18
C GLY C 200 -33.61 6.19 4.42
N GLU C 201 -33.78 4.91 4.68
CA GLU C 201 -34.47 4.51 5.90
C GLU C 201 -33.66 5.05 7.08
N PRO C 202 -34.33 5.63 8.09
CA PRO C 202 -33.57 6.21 9.21
C PRO C 202 -32.83 5.11 9.95
N GLU C 203 -31.56 5.36 10.23
CA GLU C 203 -30.74 4.34 10.84
C GLU C 203 -31.23 4.07 12.25
N ARG C 204 -31.14 2.80 12.65
CA ARG C 204 -31.45 2.37 14.00
C ARG C 204 -30.17 2.55 14.81
N LYS C 205 -30.09 3.64 15.60
CA LYS C 205 -28.84 4.05 16.23
C LYS C 205 -28.79 3.53 17.67
N LEU C 206 -27.55 3.31 18.14
CA LEU C 206 -27.32 2.90 19.53
C LEU C 206 -27.82 3.96 20.50
N GLY C 207 -27.42 5.19 20.28
CA GLY C 207 -27.88 6.26 21.12
C GLY C 207 -28.24 7.46 20.29
N ILE C 208 -28.56 8.60 20.91
CA ILE C 208 -29.10 9.80 20.19
C ILE C 208 -30.29 9.30 19.39
N LYS C 209 -30.97 8.29 19.93
CA LYS C 209 -31.93 7.64 19.06
C LYS C 209 -32.93 8.63 18.46
N GLY C 210 -33.18 9.73 19.15
CA GLY C 210 -34.17 10.68 18.69
C GLY C 210 -33.84 11.32 17.36
N SER C 211 -32.71 12.00 17.31
CA SER C 211 -32.33 12.76 16.12
C SER C 211 -32.09 11.82 14.94
N PRO C 212 -32.81 11.99 13.83
CA PRO C 212 -32.75 10.98 12.76
C PRO C 212 -31.42 11.02 12.04
N THR C 213 -30.83 9.85 11.86
CA THR C 213 -29.64 9.70 11.03
C THR C 213 -30.07 8.97 9.76
N ARG C 214 -30.13 9.70 8.65
CA ARG C 214 -30.63 9.15 7.40
C ARG C 214 -29.58 9.25 6.30
N GLU C 215 -29.68 8.32 5.35
CA GLU C 215 -29.01 8.45 4.07
C GLU C 215 -29.61 9.61 3.26
N LEU C 216 -28.79 10.18 2.38
CA LEU C 216 -29.22 11.21 1.44
C LEU C 216 -29.03 10.71 0.00
N ILE C 217 -30.14 10.61 -0.74
CA ILE C 217 -30.11 10.12 -2.12
C ILE C 217 -30.41 11.31 -3.04
N PHE C 218 -29.62 11.46 -4.12
CA PHE C 218 -29.86 12.46 -5.17
C PHE C 218 -30.08 11.76 -6.52
N ASP C 219 -31.31 11.78 -7.02
CA ASP C 219 -31.64 11.12 -8.28
C ASP C 219 -31.96 12.20 -9.30
N ASN C 220 -30.92 12.74 -9.91
CA ASN C 220 -31.07 13.80 -10.88
C ASN C 220 -31.91 14.91 -10.28
N VAL C 221 -31.40 15.44 -9.17
CA VAL C 221 -32.09 16.47 -8.41
C VAL C 221 -31.79 17.81 -9.05
N ARG C 222 -32.81 18.45 -9.62
CA ARG C 222 -32.60 19.77 -10.20
C ARG C 222 -32.52 20.77 -9.06
N ILE C 223 -31.38 21.42 -8.91
CA ILE C 223 -31.35 22.48 -7.90
C ILE C 223 -30.95 23.79 -8.56
N PRO C 224 -31.70 24.86 -8.28
CA PRO C 224 -31.42 26.17 -8.87
C PRO C 224 -29.98 26.62 -8.72
N GLY C 225 -29.63 27.62 -9.53
CA GLY C 225 -28.26 28.11 -9.54
C GLY C 225 -27.90 28.93 -8.32
N ASP C 226 -28.88 29.56 -7.69
CA ASP C 226 -28.50 30.33 -6.52
C ASP C 226 -28.23 29.43 -5.33
N ARG C 227 -28.46 28.12 -5.45
CA ARG C 227 -28.20 27.24 -4.33
C ARG C 227 -26.70 27.03 -4.12
N LEU C 228 -25.87 27.45 -5.07
CA LEU C 228 -24.43 27.48 -4.89
C LEU C 228 -24.06 28.45 -3.76
N VAL C 229 -23.24 28.01 -2.82
CA VAL C 229 -22.78 28.89 -1.74
C VAL C 229 -21.27 28.93 -1.84
N GLY C 230 -20.73 30.11 -2.03
CA GLY C 230 -19.33 30.25 -2.31
C GLY C 230 -19.05 30.02 -3.76
N LYS C 231 -17.77 30.09 -4.10
CA LYS C 231 -17.40 29.85 -5.47
C LYS C 231 -17.69 28.39 -5.82
N VAL C 232 -17.68 28.10 -7.11
CA VAL C 232 -17.64 26.70 -7.53
C VAL C 232 -16.22 26.18 -7.27
N GLY C 233 -16.13 24.99 -6.70
CA GLY C 233 -14.81 24.37 -6.50
C GLY C 233 -14.27 24.60 -5.11
N GLU C 234 -14.61 25.72 -4.49
CA GLU C 234 -14.07 26.09 -3.16
C GLU C 234 -14.91 25.51 -2.03
N GLY C 235 -15.91 24.69 -2.34
CA GLY C 235 -16.77 24.08 -1.31
C GLY C 235 -15.96 23.23 -0.36
N LEU C 236 -14.98 22.48 -0.86
CA LEU C 236 -14.18 21.65 0.06
C LEU C 236 -13.52 22.53 1.11
N ARG C 237 -12.73 23.56 0.71
CA ARG C 237 -12.14 24.46 1.70
C ARG C 237 -13.20 24.91 2.69
N THR C 238 -14.38 25.30 2.19
CA THR C 238 -15.50 25.69 3.05
C THR C 238 -15.91 24.54 3.98
N ALA C 239 -15.98 23.32 3.44
CA ALA C 239 -16.41 22.17 4.23
C ALA C 239 -15.42 21.86 5.33
N LEU C 240 -14.14 21.93 5.00
CA LEU C 240 -13.09 21.64 5.95
C LEU C 240 -13.09 22.67 7.07
N ARG C 241 -13.29 23.95 6.72
CA ARG C 241 -13.40 25.02 7.72
C ARG C 241 -14.60 24.79 8.64
N THR C 242 -15.75 24.50 8.05
CA THR C 242 -16.92 24.14 8.84
C THR C 242 -16.65 22.94 9.74
N LEU C 243 -15.92 21.94 9.24
CA LEU C 243 -15.55 20.80 10.07
C LEU C 243 -14.80 21.28 11.31
N ASP C 244 -13.71 22.03 11.10
CA ASP C 244 -12.93 22.66 12.16
C ASP C 244 -13.83 23.35 13.20
N HIS C 245 -14.91 24.00 12.75
CA HIS C 245 -15.75 24.75 13.69
C HIS C 245 -16.84 23.93 14.38
N THR C 246 -17.40 22.91 13.76
CA THR C 246 -18.46 22.16 14.41
C THR C 246 -17.91 20.99 15.19
N ARG C 247 -16.67 20.62 14.91
CA ARG C 247 -15.97 19.74 15.84
C ARG C 247 -16.19 20.21 17.26
N VAL C 248 -16.01 21.51 17.49
CA VAL C 248 -16.07 21.97 18.87
C VAL C 248 -17.49 21.86 19.43
N THR C 249 -18.53 22.02 18.60
CA THR C 249 -19.91 21.90 19.11
C THR C 249 -20.25 20.45 19.43
N ILE C 250 -19.72 19.51 18.66
CA ILE C 250 -19.91 18.14 19.08
C ILE C 250 -19.15 17.88 20.37
N GLY C 251 -17.98 18.49 20.53
CA GLY C 251 -17.26 18.41 21.80
C GLY C 251 -18.11 18.89 22.96
N ALA C 252 -18.69 20.08 22.82
CA ALA C 252 -19.59 20.62 23.82
C ALA C 252 -20.72 19.65 24.12
N GLN C 253 -21.26 19.03 23.08
CA GLN C 253 -22.31 18.04 23.30
C GLN C 253 -21.80 16.89 24.14
N ALA C 254 -20.59 16.43 23.87
CA ALA C 254 -20.05 15.32 24.63
C ALA C 254 -19.94 15.71 26.09
N VAL C 255 -19.33 16.87 26.35
CA VAL C 255 -19.23 17.39 27.72
C VAL C 255 -20.60 17.44 28.36
N GLY C 256 -21.61 17.86 27.60
CA GLY C 256 -22.95 17.95 28.14
C GLY C 256 -23.50 16.60 28.53
N ILE C 257 -23.40 15.62 27.64
CA ILE C 257 -23.88 14.27 27.94
C ILE C 257 -23.20 13.78 29.21
N ALA C 258 -21.88 14.00 29.29
CA ALA C 258 -21.14 13.58 30.47
C ALA C 258 -21.61 14.34 31.70
N GLN C 259 -21.84 15.65 31.57
CA GLN C 259 -22.28 16.46 32.71
C GLN C 259 -23.58 15.93 33.26
N GLY C 260 -24.53 15.64 32.38
CA GLY C 260 -25.73 14.98 32.83
C GLY C 260 -25.44 13.70 33.60
N ALA C 261 -24.53 12.89 33.08
CA ALA C 261 -24.21 11.65 33.78
C ALA C 261 -23.66 11.94 35.18
N LEU C 262 -22.70 12.85 35.28
CA LEU C 262 -22.09 13.13 36.57
C LEU C 262 -23.11 13.78 37.52
N ASP C 263 -24.04 14.58 37.00
CA ASP C 263 -25.04 15.18 37.85
C ASP C 263 -25.94 14.11 38.45
N TYR C 264 -26.57 13.29 37.57
CA TYR C 264 -27.49 12.27 38.06
C TYR C 264 -26.77 11.30 38.95
N ALA C 265 -25.51 10.99 38.63
CA ALA C 265 -24.73 10.11 39.49
C ALA C 265 -24.52 10.73 40.87
N LEU C 266 -24.08 12.00 40.91
CA LEU C 266 -23.86 12.67 42.18
C LEU C 266 -25.11 12.62 43.04
N GLY C 267 -26.25 12.96 42.43
CA GLY C 267 -27.53 12.92 43.14
C GLY C 267 -27.81 11.54 43.70
N TYR C 268 -27.77 10.53 42.83
CA TYR C 268 -28.03 9.17 43.27
C TYR C 268 -27.05 8.75 44.34
N VAL C 269 -25.81 9.23 44.27
CA VAL C 269 -24.80 8.75 45.20
C VAL C 269 -24.97 9.37 46.58
N LYS C 270 -25.30 10.64 46.67
CA LYS C 270 -25.43 11.13 48.00
C LYS C 270 -26.60 10.47 48.72
N GLU C 271 -27.74 10.42 48.06
CA GLU C 271 -28.91 9.85 48.68
C GLU C 271 -29.02 8.35 48.92
N ARG C 272 -28.66 7.55 47.94
CA ARG C 272 -28.83 6.12 48.07
C ARG C 272 -27.83 5.49 48.98
N LYS C 273 -28.25 4.50 49.73
CA LYS C 273 -27.36 3.89 50.68
C LYS C 273 -27.21 2.40 50.71
N GLN C 274 -25.96 1.98 50.67
CA GLN C 274 -25.63 0.58 50.80
C GLN C 274 -24.69 0.39 51.98
N PHE C 275 -24.83 -0.73 52.67
CA PHE C 275 -24.20 -0.99 53.97
C PHE C 275 -24.63 -0.01 55.05
N GLY C 276 -25.54 0.92 54.73
CA GLY C 276 -26.15 1.74 55.74
C GLY C 276 -25.53 3.11 55.91
N LYS C 277 -24.43 3.42 55.23
CA LYS C 277 -24.02 4.82 55.10
C LYS C 277 -24.06 5.20 53.63
N ALA C 278 -24.21 6.48 53.35
CA ALA C 278 -24.37 6.93 51.96
C ALA C 278 -23.14 6.52 51.17
N ILE C 279 -23.37 5.92 49.99
CA ILE C 279 -22.28 5.28 49.26
C ILE C 279 -21.20 6.29 48.91
N ALA C 280 -21.55 7.58 48.80
CA ALA C 280 -20.62 8.69 48.68
C ALA C 280 -19.70 8.82 49.88
N ASP C 281 -19.90 8.03 50.93
CA ASP C 281 -18.98 8.02 52.06
C ASP C 281 -17.82 7.08 51.84
N PHE C 282 -18.00 6.09 50.97
CA PHE C 282 -16.93 5.18 50.59
C PHE C 282 -15.93 5.92 49.70
N GLN C 283 -14.70 6.05 50.18
CA GLN C 283 -13.72 6.84 49.45
C GLN C 283 -13.51 6.32 48.04
N GLY C 284 -13.81 5.04 47.77
CA GLY C 284 -13.73 4.52 46.41
C GLY C 284 -14.68 5.22 45.46
N ILE C 285 -15.97 5.26 45.81
CA ILE C 285 -16.93 6.01 45.01
C ILE C 285 -16.49 7.46 44.93
N GLN C 286 -15.88 7.96 46.01
CA GLN C 286 -15.43 9.35 46.01
C GLN C 286 -14.33 9.57 44.97
N PHE C 287 -13.35 8.67 44.90
CA PHE C 287 -12.35 8.74 43.83
C PHE C 287 -12.99 8.69 42.46
N MET C 288 -13.95 7.78 42.28
CA MET C 288 -14.53 7.60 40.97
C MET C 288 -15.23 8.86 40.52
N LEU C 289 -16.00 9.46 41.44
CA LEU C 289 -16.70 10.71 41.19
C LEU C 289 -15.72 11.83 40.97
N ALA C 290 -14.60 11.80 41.69
CA ALA C 290 -13.58 12.80 41.50
C ALA C 290 -13.04 12.72 40.08
N ASP C 291 -12.64 11.52 39.66
CA ASP C 291 -12.15 11.35 38.31
C ASP C 291 -13.20 11.76 37.30
N MET C 292 -14.45 11.36 37.51
CA MET C 292 -15.47 11.76 36.57
C MET C 292 -15.46 13.28 36.44
N ALA C 293 -15.51 14.00 37.56
CA ALA C 293 -15.60 15.45 37.54
C ALA C 293 -14.37 16.08 36.91
N MET C 294 -13.20 15.54 37.21
CA MET C 294 -11.97 16.12 36.71
C MET C 294 -11.86 15.94 35.22
N LYS C 295 -12.01 14.70 34.74
CA LYS C 295 -12.05 14.45 33.30
C LYS C 295 -13.05 15.38 32.64
N LEU C 296 -14.30 15.38 33.14
CA LEU C 296 -15.37 16.17 32.58
C LEU C 296 -15.01 17.65 32.52
N GLU C 297 -14.46 18.21 33.61
CA GLU C 297 -14.16 19.64 33.63
C GLU C 297 -13.06 19.97 32.67
N ALA C 298 -12.07 19.11 32.53
CA ALA C 298 -11.06 19.34 31.50
C ALA C 298 -11.69 19.33 30.13
N ALA C 299 -12.54 18.33 29.86
CA ALA C 299 -13.21 18.23 28.57
C ALA C 299 -13.99 19.49 28.29
N ARG C 300 -14.68 19.99 29.31
CA ARG C 300 -15.41 21.24 29.23
C ARG C 300 -14.48 22.42 28.89
N GLN C 301 -13.42 22.61 29.68
CA GLN C 301 -12.57 23.78 29.45
C GLN C 301 -11.93 23.72 28.08
N MET C 302 -11.57 22.53 27.60
CA MET C 302 -11.02 22.49 26.26
C MET C 302 -12.11 22.70 25.20
N VAL C 303 -13.32 22.21 25.43
CA VAL C 303 -14.38 22.53 24.50
C VAL C 303 -14.53 24.03 24.38
N TYR C 304 -14.41 24.73 25.51
CA TYR C 304 -14.59 26.18 25.52
C TYR C 304 -13.41 26.92 24.86
N VAL C 305 -12.18 26.48 25.14
CA VAL C 305 -11.02 27.03 24.47
C VAL C 305 -11.17 26.88 22.97
N ALA C 306 -11.61 25.71 22.53
CA ALA C 306 -11.72 25.51 21.10
C ALA C 306 -12.87 26.33 20.54
N ALA C 307 -13.88 26.60 21.35
CA ALA C 307 -14.95 27.46 20.88
C ALA C 307 -14.42 28.88 20.67
N ALA C 308 -13.60 29.37 21.60
CA ALA C 308 -12.95 30.66 21.41
C ALA C 308 -12.14 30.67 20.11
N LYS C 309 -11.42 29.59 19.87
CA LYS C 309 -10.65 29.54 18.65
C LYS C 309 -11.53 29.41 17.41
N SER C 310 -12.76 28.91 17.56
CA SER C 310 -13.68 28.84 16.43
C SER C 310 -14.31 30.18 16.12
N GLU C 311 -14.38 31.06 17.11
CA GLU C 311 -14.71 32.45 16.77
C GLU C 311 -13.58 33.21 16.11
N ARG C 312 -12.39 33.21 16.73
CA ARG C 312 -11.23 33.97 16.19
C ARG C 312 -10.65 33.35 14.92
N ASP C 313 -11.24 32.27 14.38
CA ASP C 313 -10.66 31.57 13.23
C ASP C 313 -9.15 31.35 13.40
N ASP C 314 -8.78 30.83 14.56
CA ASP C 314 -7.37 30.59 14.87
C ASP C 314 -6.76 29.55 13.95
N ALA C 315 -5.43 29.53 13.92
CA ALA C 315 -4.68 28.60 13.05
C ALA C 315 -4.96 27.16 13.47
N ASP C 316 -4.59 26.84 14.71
CA ASP C 316 -4.73 25.46 15.25
C ASP C 316 -6.19 25.16 15.55
N LEU C 317 -7.09 25.90 14.94
CA LEU C 317 -8.54 25.70 15.23
C LEU C 317 -8.88 24.23 14.96
N SER C 318 -8.38 23.68 13.85
CA SER C 318 -8.60 22.25 13.52
C SER C 318 -8.05 21.40 14.66
N PHE C 319 -6.77 21.60 15.03
CA PHE C 319 -6.19 20.78 16.08
C PHE C 319 -7.00 20.90 17.37
N TYR C 320 -7.20 22.11 17.87
CA TYR C 320 -7.87 22.25 19.16
C TYR C 320 -9.29 21.71 19.09
N GLY C 321 -9.98 21.90 17.96
CA GLY C 321 -11.31 21.33 17.81
C GLY C 321 -11.29 19.82 17.83
N ALA C 322 -10.41 19.20 17.06
CA ALA C 322 -10.25 17.76 17.10
C ALA C 322 -9.98 17.32 18.52
N ALA C 323 -9.02 17.96 19.17
CA ALA C 323 -8.68 17.61 20.53
C ALA C 323 -9.89 17.74 21.43
N ALA C 324 -10.63 18.85 21.30
CA ALA C 324 -11.80 19.06 22.14
C ALA C 324 -12.84 18.00 21.90
N LYS C 325 -13.10 17.67 20.64
CA LYS C 325 -14.09 16.64 20.34
C LYS C 325 -13.62 15.29 20.86
N CYS C 326 -12.38 14.92 20.52
CA CYS C 326 -11.88 13.61 20.88
C CYS C 326 -11.83 13.45 22.38
N PHE C 327 -11.32 14.46 23.07
CA PHE C 327 -11.23 14.37 24.52
C PHE C 327 -12.60 14.42 25.16
N ALA C 328 -13.43 15.41 24.81
CA ALA C 328 -14.76 15.49 25.39
C ALA C 328 -15.52 14.18 25.22
N SER C 329 -15.55 13.67 23.98
CA SER C 329 -16.22 12.40 23.69
C SER C 329 -15.61 11.23 24.45
N ASP C 330 -14.28 11.00 24.33
CA ASP C 330 -13.65 9.91 25.07
C ASP C 330 -13.95 9.99 26.56
N VAL C 331 -13.75 11.17 27.11
CA VAL C 331 -13.99 11.43 28.52
C VAL C 331 -15.43 11.12 28.85
N ALA C 332 -16.36 11.61 28.02
CA ALA C 332 -17.77 11.34 28.17
C ALA C 332 -18.05 9.85 28.23
N MET C 333 -17.43 9.11 27.33
CA MET C 333 -17.61 7.68 27.34
C MET C 333 -17.21 7.10 28.69
N GLU C 334 -16.01 7.45 29.16
CA GLU C 334 -15.55 6.91 30.45
C GLU C 334 -16.53 7.29 31.55
N ILE C 335 -17.01 8.54 31.54
CA ILE C 335 -17.84 9.06 32.63
C ILE C 335 -19.21 8.44 32.62
N THR C 336 -19.89 8.42 31.46
CA THR C 336 -21.24 7.84 31.43
C THR C 336 -21.19 6.35 31.75
N THR C 337 -20.12 5.67 31.33
CA THR C 337 -19.92 4.29 31.76
C THR C 337 -19.82 4.22 33.28
N ASP C 338 -18.98 5.06 33.88
CA ASP C 338 -18.92 5.09 35.34
C ASP C 338 -20.28 5.46 35.94
N ALA C 339 -21.02 6.34 35.26
CA ALA C 339 -22.35 6.73 35.73
C ALA C 339 -23.24 5.52 35.80
N VAL C 340 -23.26 4.69 34.76
CA VAL C 340 -24.01 3.45 34.87
C VAL C 340 -23.49 2.64 36.06
N GLN C 341 -22.18 2.56 36.20
CA GLN C 341 -21.60 1.77 37.27
C GLN C 341 -22.12 2.22 38.63
N LEU C 342 -22.16 3.53 38.84
CA LEU C 342 -22.44 4.07 40.17
C LEU C 342 -23.87 3.79 40.59
N LEU C 343 -24.80 3.73 39.64
CA LEU C 343 -26.20 3.42 39.93
C LEU C 343 -26.49 1.91 39.95
N GLY C 344 -25.46 1.08 39.73
CA GLY C 344 -25.59 -0.37 39.84
C GLY C 344 -26.74 -0.94 39.03
N GLY C 345 -27.45 -1.87 39.66
CA GLY C 345 -28.59 -2.47 38.99
C GLY C 345 -29.55 -1.43 38.45
N TYR C 346 -29.72 -0.33 39.18
CA TYR C 346 -30.64 0.70 38.73
C TYR C 346 -30.14 1.34 37.44
N GLY C 347 -28.85 1.61 37.36
CA GLY C 347 -28.29 2.32 36.22
C GLY C 347 -28.33 1.53 34.94
N TYR C 348 -28.40 0.21 35.07
CA TYR C 348 -28.55 -0.65 33.92
C TYR C 348 -29.93 -0.56 33.28
N THR C 349 -30.91 0.06 33.95
CA THR C 349 -32.25 0.19 33.40
C THR C 349 -32.48 1.59 32.85
N ARG C 350 -33.37 1.66 31.84
CA ARG C 350 -33.75 2.93 31.22
C ARG C 350 -34.60 3.79 32.13
N ASP C 351 -35.09 3.23 33.25
CA ASP C 351 -35.72 4.06 34.26
C ASP C 351 -34.80 5.18 34.68
N TYR C 352 -33.49 4.93 34.68
CA TYR C 352 -32.61 6.03 34.96
C TYR C 352 -31.88 6.42 33.67
N PRO C 353 -31.66 7.72 33.44
CA PRO C 353 -31.21 8.15 32.11
C PRO C 353 -29.75 7.86 31.85
N VAL C 354 -28.95 7.64 32.88
CA VAL C 354 -27.49 7.60 32.69
C VAL C 354 -27.11 6.55 31.67
N GLU C 355 -27.81 5.42 31.68
CA GLU C 355 -27.59 4.39 30.67
C GLU C 355 -27.74 4.97 29.26
N ARG C 356 -28.84 5.71 29.04
CA ARG C 356 -29.02 6.42 27.79
C ARG C 356 -27.88 7.38 27.53
N MET C 357 -27.42 8.07 28.57
CA MET C 357 -26.36 9.03 28.35
C MET C 357 -25.11 8.31 27.89
N MET C 358 -24.92 7.07 28.33
CA MET C 358 -23.80 6.26 27.89
C MET C 358 -23.92 5.89 26.41
N ARG C 359 -25.09 5.40 26.04
CA ARG C 359 -25.32 5.09 24.65
C ARG C 359 -25.03 6.33 23.82
N ASP C 360 -25.45 7.48 24.33
CA ASP C 360 -25.23 8.76 23.66
C ASP C 360 -23.74 9.17 23.62
N ALA C 361 -22.98 8.98 24.69
CA ALA C 361 -21.59 9.36 24.61
C ALA C 361 -20.87 8.56 23.53
N LYS C 362 -21.34 7.32 23.29
CA LYS C 362 -20.67 6.48 22.30
C LYS C 362 -20.65 7.14 20.92
N ILE C 363 -21.76 7.75 20.53
CA ILE C 363 -21.82 8.28 19.17
C ILE C 363 -20.90 9.49 19.05
N THR C 364 -20.67 10.21 20.16
CA THR C 364 -19.74 11.32 20.14
C THR C 364 -18.32 10.83 19.98
N GLN C 365 -18.05 9.63 20.46
CA GLN C 365 -16.77 9.06 20.07
C GLN C 365 -16.77 8.68 18.60
N ILE C 366 -17.96 8.51 18.00
CA ILE C 366 -18.05 8.03 16.62
C ILE C 366 -18.42 9.09 15.57
N TYR C 367 -19.61 9.69 15.65
CA TYR C 367 -19.94 10.56 14.53
C TYR C 367 -19.18 11.87 14.65
N GLU C 368 -19.26 12.68 13.58
CA GLU C 368 -18.54 13.95 13.51
C GLU C 368 -17.03 13.68 13.47
N GLY C 369 -16.63 12.62 12.77
CA GLY C 369 -15.22 12.32 12.69
C GLY C 369 -14.87 11.47 13.88
N THR C 370 -14.73 10.17 13.66
CA THR C 370 -14.43 9.25 14.75
C THR C 370 -13.16 9.73 15.44
N ASN C 371 -13.10 9.51 16.76
CA ASN C 371 -11.96 9.98 17.53
C ASN C 371 -10.64 9.47 16.97
N GLN C 372 -10.64 8.37 16.20
CA GLN C 372 -9.44 7.95 15.49
C GLN C 372 -9.06 8.97 14.42
N ILE C 373 -10.05 9.39 13.64
CA ILE C 373 -9.81 10.43 12.65
C ILE C 373 -9.38 11.72 13.33
N GLN C 374 -10.00 12.04 14.48
CA GLN C 374 -9.58 13.20 15.26
C GLN C 374 -8.13 13.07 15.71
N ARG C 375 -7.74 11.88 16.14
CA ARG C 375 -6.37 11.68 16.59
C ARG C 375 -5.42 11.84 15.42
N VAL C 376 -5.84 11.42 14.23
CA VAL C 376 -5.05 11.65 13.03
C VAL C 376 -4.90 13.14 12.75
N VAL C 377 -6.02 13.87 12.78
CA VAL C 377 -5.97 15.31 12.51
C VAL C 377 -5.00 15.98 13.45
N MET C 378 -5.09 15.63 14.72
CA MET C 378 -4.18 16.19 15.71
C MET C 378 -2.74 15.82 15.41
N ALA C 379 -2.47 14.53 15.23
CA ALA C 379 -1.12 14.08 14.97
C ALA C 379 -0.54 14.75 13.74
N ARG C 380 -1.43 15.19 12.84
CA ARG C 380 -0.99 15.83 11.61
C ARG C 380 -0.60 17.28 11.90
N GLN C 381 -1.44 17.99 12.67
CA GLN C 381 -1.08 19.34 13.10
C GLN C 381 0.21 19.34 13.94
N LEU C 382 0.45 18.26 14.70
CA LEU C 382 1.66 18.15 15.50
C LEU C 382 2.88 17.95 14.63
N LEU C 383 2.70 17.22 13.54
CA LEU C 383 3.86 16.95 12.70
C LEU C 383 4.04 18.01 11.62
N LYS C 384 3.79 19.29 11.92
CA LYS C 384 3.84 20.33 10.90
C LYS C 384 5.22 20.35 10.24
N LEU D 6 -11.12 36.06 25.20
CA LEU D 6 -11.95 34.99 25.74
C LEU D 6 -11.26 33.61 25.70
N TYR D 7 -11.15 32.98 26.86
CA TYR D 7 -10.57 31.63 27.02
C TYR D 7 -9.16 31.54 26.42
N ARG D 8 -8.45 32.66 26.43
CA ARG D 8 -7.05 32.67 26.03
C ARG D 8 -6.28 33.61 26.95
N PRO D 9 -5.03 33.29 27.20
CA PRO D 9 -4.13 34.27 27.81
C PRO D 9 -4.07 35.56 27.00
N THR D 10 -3.91 36.68 27.70
CA THR D 10 -3.64 37.92 26.98
C THR D 10 -2.39 37.71 26.14
N GLU D 11 -2.31 38.39 25.00
CA GLU D 11 -1.09 38.23 24.22
C GLU D 11 0.13 38.70 25.01
N GLU D 12 -0.07 39.59 26.00
CA GLU D 12 0.93 39.87 27.03
C GLU D 12 1.60 38.69 27.70
N HIS D 13 0.75 37.77 28.15
CA HIS D 13 1.12 36.47 28.68
C HIS D 13 2.02 35.77 27.69
N GLU D 14 1.73 35.90 26.39
CA GLU D 14 2.53 35.22 25.37
C GLU D 14 3.90 35.87 25.20
N ALA D 15 3.98 37.20 25.30
CA ALA D 15 5.31 37.85 25.29
C ALA D 15 6.12 37.40 26.50
N LEU D 16 5.45 37.36 27.65
CA LEU D 16 5.98 36.79 28.88
C LEU D 16 6.46 35.36 28.65
N ARG D 17 5.65 34.57 27.94
CA ARG D 17 5.97 33.18 27.68
C ARG D 17 7.19 33.06 26.79
N GLU D 18 7.25 33.86 25.72
CA GLU D 18 8.41 33.82 24.84
C GLU D 18 9.65 34.21 25.62
N ALA D 19 9.49 35.16 26.54
CA ALA D 19 10.60 35.57 27.40
C ALA D 19 11.07 34.41 28.25
N ILE D 20 10.20 33.91 29.12
CA ILE D 20 10.60 32.87 30.05
C ILE D 20 10.99 31.62 29.29
N ARG D 21 10.37 31.40 28.13
CA ARG D 21 10.69 30.26 27.27
C ARG D 21 12.13 30.31 26.80
N SER D 22 12.55 31.45 26.23
CA SER D 22 13.91 31.63 25.74
C SER D 22 14.93 31.62 26.88
N VAL D 23 14.54 32.15 28.06
CA VAL D 23 15.37 32.03 29.26
C VAL D 23 15.56 30.57 29.63
N ALA D 24 14.49 29.78 29.45
CA ALA D 24 14.50 28.35 29.75
C ALA D 24 15.33 27.58 28.73
N GLU D 25 15.16 27.92 27.46
CA GLU D 25 15.93 27.28 26.41
C GLU D 25 17.42 27.64 26.53
N ASP D 26 17.71 28.83 27.02
CA ASP D 26 19.09 29.32 27.00
C ASP D 26 19.87 28.91 28.25
N LYS D 27 19.37 29.32 29.41
CA LYS D 27 20.13 29.16 30.65
C LYS D 27 19.72 27.96 31.46
N ILE D 28 18.55 27.38 31.20
CA ILE D 28 18.08 26.29 32.03
C ILE D 28 18.43 24.93 31.45
N ALA D 29 18.10 24.68 30.18
CA ALA D 29 18.13 23.33 29.63
C ALA D 29 19.41 22.52 29.84
N PRO D 30 20.58 23.02 29.41
CA PRO D 30 21.80 22.21 29.56
C PRO D 30 22.06 21.96 31.02
N HIS D 31 21.69 22.98 31.79
CA HIS D 31 21.91 22.87 33.19
C HIS D 31 20.91 21.90 33.76
N ALA D 32 19.75 21.71 33.12
CA ALA D 32 18.78 20.72 33.60
C ALA D 32 19.36 19.34 33.57
N ALA D 33 19.92 18.95 32.44
CA ALA D 33 20.46 17.60 32.40
C ALA D 33 21.49 17.42 33.51
N ASP D 34 22.35 18.43 33.70
CA ASP D 34 23.41 18.29 34.71
C ASP D 34 22.88 18.37 36.15
N VAL D 35 21.98 19.32 36.40
CA VAL D 35 21.27 19.43 37.68
C VAL D 35 20.73 18.09 38.10
N ASP D 36 19.99 17.43 37.21
CA ASP D 36 19.43 16.14 37.55
C ASP D 36 20.51 15.13 37.85
N GLU D 37 21.51 15.02 36.98
CA GLU D 37 22.48 13.96 37.18
C GLU D 37 23.08 14.09 38.57
N GLN D 38 23.62 15.27 38.88
CA GLN D 38 24.31 15.46 40.15
C GLN D 38 23.37 15.62 41.33
N SER D 39 22.09 15.88 41.07
CA SER D 39 21.09 16.18 42.11
C SER D 39 21.54 17.37 42.97
N ARG D 40 22.13 18.35 42.29
CA ARG D 40 22.56 19.62 42.88
C ARG D 40 21.61 20.71 42.40
N PHE D 41 21.53 21.81 43.14
CA PHE D 41 20.58 22.85 42.81
C PHE D 41 20.83 23.40 41.41
N PRO D 42 19.79 23.72 40.68
CA PRO D 42 19.95 24.44 39.41
C PRO D 42 20.26 25.91 39.64
N GLN D 43 21.48 26.20 40.13
CA GLN D 43 21.84 27.58 40.47
C GLN D 43 21.80 28.47 39.24
N GLU D 44 22.38 27.99 38.13
CA GLU D 44 22.32 28.77 36.90
C GLU D 44 20.89 29.17 36.60
N ALA D 45 19.96 28.25 36.82
CA ALA D 45 18.55 28.57 36.64
C ALA D 45 18.14 29.71 37.56
N TYR D 46 18.60 29.67 38.83
CA TYR D 46 18.22 30.69 39.81
C TYR D 46 18.74 32.08 39.41
N GLU D 47 20.01 32.16 38.98
CA GLU D 47 20.53 33.45 38.56
C GLU D 47 19.95 33.90 37.23
N ALA D 48 19.49 32.98 36.39
CA ALA D 48 18.90 33.36 35.12
C ALA D 48 17.45 33.77 35.28
N LEU D 49 16.74 33.14 36.20
CA LEU D 49 15.39 33.57 36.50
C LEU D 49 15.43 34.91 37.20
N ARG D 50 16.33 35.04 38.18
CA ARG D 50 16.53 36.28 38.91
C ARG D 50 16.99 37.39 37.99
N ALA D 51 17.92 37.08 37.08
CA ALA D 51 18.40 38.07 36.13
C ALA D 51 17.28 38.54 35.21
N SER D 52 16.27 37.71 34.98
CA SER D 52 15.20 38.09 34.09
C SER D 52 13.96 38.45 34.87
N ASP D 53 14.13 38.58 36.18
CA ASP D 53 13.08 38.95 37.12
C ASP D 53 11.93 37.93 37.00
N PHE D 54 12.30 36.67 36.82
CA PHE D 54 11.38 35.55 36.64
C PHE D 54 11.37 34.57 37.80
N HIS D 55 12.10 34.89 38.87
CA HIS D 55 12.32 33.99 39.99
C HIS D 55 11.12 33.91 40.90
N ALA D 56 10.27 34.88 40.85
CA ALA D 56 9.14 34.88 41.76
C ALA D 56 8.15 35.89 41.24
N PRO D 57 7.70 35.76 39.99
CA PRO D 57 6.89 36.83 39.39
C PRO D 57 5.57 37.06 40.09
N HIS D 58 5.20 36.20 41.06
CA HIS D 58 3.91 36.33 41.71
C HIS D 58 3.82 37.49 42.67
N VAL D 59 4.98 37.96 43.16
CA VAL D 59 5.00 38.95 44.22
C VAL D 59 4.30 40.22 43.74
N ALA D 60 3.61 40.92 44.64
CA ALA D 60 2.95 42.18 44.23
C ALA D 60 3.95 43.29 43.85
N GLU D 61 3.42 44.30 43.19
CA GLU D 61 4.27 45.42 42.76
C GLU D 61 4.82 46.16 43.97
N GLU D 62 4.04 46.21 45.07
CA GLU D 62 4.41 47.04 46.23
C GLU D 62 5.81 46.71 46.73
N TYR D 63 6.22 45.45 46.67
CA TYR D 63 7.54 45.04 47.16
C TYR D 63 8.55 44.90 46.03
N GLY D 64 8.27 45.43 44.84
CA GLY D 64 9.27 45.30 43.81
C GLY D 64 9.10 44.05 43.00
N GLY D 65 7.93 43.43 43.07
CA GLY D 65 7.64 42.23 42.33
C GLY D 65 7.34 42.52 40.87
N VAL D 66 7.11 41.45 40.13
CA VAL D 66 6.65 41.60 38.77
C VAL D 66 5.13 41.70 38.69
N GLY D 67 4.42 41.37 39.77
CA GLY D 67 2.97 41.49 39.76
C GLY D 67 2.26 40.52 38.82
N ALA D 68 2.80 39.33 38.67
CA ALA D 68 2.28 38.42 37.66
C ALA D 68 0.86 38.00 38.01
N ASP D 69 0.04 37.86 36.96
CA ASP D 69 -1.26 37.21 37.08
C ASP D 69 -1.01 35.75 37.47
N ALA D 70 -2.04 35.04 37.92
CA ALA D 70 -1.90 33.65 38.40
C ALA D 70 -1.61 32.79 37.17
N LEU D 71 -2.36 33.05 36.10
CA LEU D 71 -2.20 32.36 34.81
C LEU D 71 -0.78 32.66 34.32
N ALA D 72 -0.34 33.92 34.43
CA ALA D 72 1.02 34.32 34.06
C ALA D 72 2.00 33.58 34.96
N THR D 73 1.70 33.47 36.25
CA THR D 73 2.63 32.79 37.19
C THR D 73 2.82 31.33 36.79
N CYS D 74 1.71 30.63 36.46
CA CYS D 74 1.82 29.20 36.05
C CYS D 74 2.61 29.10 34.75
N ILE D 75 2.34 30.03 33.82
CA ILE D 75 3.04 30.06 32.50
C ILE D 75 4.54 30.00 32.75
N VAL D 76 5.04 30.81 33.69
CA VAL D 76 6.46 30.76 34.01
C VAL D 76 6.84 29.37 34.51
N ILE D 77 6.11 28.87 35.52
CA ILE D 77 6.44 27.55 36.09
C ILE D 77 6.38 26.46 35.02
N GLU D 78 5.39 26.56 34.14
CA GLU D 78 5.30 25.66 33.00
C GLU D 78 6.53 25.75 32.11
N GLU D 79 6.80 26.94 31.58
CA GLU D 79 7.86 27.06 30.61
C GLU D 79 9.18 26.63 31.18
N ILE D 80 9.35 26.73 32.49
CA ILE D 80 10.57 26.17 33.08
C ILE D 80 10.52 24.65 33.14
N ALA D 81 9.46 24.10 33.75
CA ALA D 81 9.38 22.65 33.87
C ALA D 81 9.52 21.97 32.53
N ARG D 82 9.06 22.64 31.45
CA ARG D 82 9.27 22.11 30.11
C ARG D 82 10.73 21.74 29.87
N VAL D 83 11.66 22.46 30.48
CA VAL D 83 13.07 22.14 30.26
C VAL D 83 13.77 21.65 31.51
N CYS D 84 13.29 22.01 32.70
CA CYS D 84 13.93 21.58 33.94
C CYS D 84 12.89 21.67 35.05
N ALA D 85 12.47 20.51 35.55
CA ALA D 85 11.43 20.48 36.59
C ALA D 85 12.00 21.04 37.86
N SER D 86 13.24 20.71 38.20
CA SER D 86 13.78 21.20 39.49
C SER D 86 13.82 22.73 39.47
N SER D 87 14.26 23.34 38.38
CA SER D 87 14.32 24.81 38.34
C SER D 87 12.90 25.37 38.40
N SER D 88 11.98 24.73 37.69
CA SER D 88 10.56 25.15 37.65
C SER D 88 10.03 25.34 39.05
N LEU D 89 10.61 24.65 40.03
CA LEU D 89 10.17 24.80 41.41
C LEU D 89 10.48 26.17 41.99
N ILE D 90 11.47 26.87 41.45
CA ILE D 90 11.92 28.13 42.04
C ILE D 90 10.76 29.10 42.19
N PRO D 91 10.15 29.63 41.12
CA PRO D 91 9.02 30.52 41.36
C PRO D 91 7.87 29.80 41.99
N ALA D 92 7.77 28.49 41.78
CA ALA D 92 6.67 27.71 42.32
C ALA D 92 6.79 27.57 43.83
N VAL D 93 7.98 27.21 44.33
CA VAL D 93 8.13 27.12 45.77
C VAL D 93 8.09 28.51 46.38
N ASN D 94 8.56 29.52 45.66
CA ASN D 94 8.49 30.88 46.19
C ASN D 94 7.06 31.34 46.30
N LYS D 95 6.23 31.09 45.30
CA LYS D 95 4.82 31.39 45.47
C LYS D 95 4.24 30.59 46.61
N LEU D 96 4.58 29.30 46.72
CA LEU D 96 3.99 28.49 47.78
C LEU D 96 4.39 29.02 49.16
N GLY D 97 5.70 29.19 49.38
CA GLY D 97 6.17 29.62 50.68
C GLY D 97 5.80 31.05 51.02
N SER D 98 5.62 31.93 50.03
CA SER D 98 5.23 33.30 50.33
C SER D 98 3.72 33.48 50.35
N MET D 99 2.95 32.52 49.85
CA MET D 99 1.50 32.68 49.83
C MET D 99 0.90 32.85 51.20
N PRO D 100 1.26 32.07 52.22
CA PRO D 100 0.67 32.37 53.54
C PRO D 100 1.01 33.78 53.96
N LEU D 101 2.20 34.21 53.57
CA LEU D 101 2.67 35.54 53.90
C LEU D 101 1.91 36.62 53.13
N ILE D 102 1.37 36.31 51.95
CA ILE D 102 0.61 37.28 51.15
C ILE D 102 -0.86 37.29 51.55
N LEU D 103 -1.45 36.08 51.61
CA LEU D 103 -2.88 35.88 51.82
C LEU D 103 -3.32 36.24 53.22
N SER D 104 -2.39 36.31 54.17
CA SER D 104 -2.80 36.51 55.55
C SER D 104 -1.74 37.25 56.35
N GLY D 105 -0.57 37.46 55.77
CA GLY D 105 0.49 38.15 56.50
C GLY D 105 0.13 39.58 56.86
N SER D 106 0.65 40.03 58.00
CA SER D 106 0.51 41.41 58.43
C SER D 106 1.27 42.34 57.46
N ASP D 107 0.77 43.58 57.33
CA ASP D 107 1.40 44.53 56.41
C ASP D 107 2.88 44.67 56.71
N GLU D 108 3.24 44.72 58.00
CA GLU D 108 4.63 44.83 58.43
C GLU D 108 5.45 43.62 58.00
N VAL D 109 4.88 42.42 58.14
CA VAL D 109 5.60 41.20 57.77
C VAL D 109 5.69 41.08 56.25
N LYS D 110 4.63 41.48 55.53
CA LYS D 110 4.70 41.49 54.07
C LYS D 110 5.82 42.40 53.61
N GLN D 111 5.87 43.63 54.17
CA GLN D 111 6.85 44.62 53.76
C GLN D 111 8.26 44.19 54.13
N ARG D 112 8.40 43.52 55.28
CA ARG D 112 9.66 42.89 55.63
C ARG D 112 10.12 41.96 54.51
N TYR D 113 9.33 40.91 54.24
CA TYR D 113 9.83 39.71 53.56
C TYR D 113 9.67 39.70 52.04
N LEU D 114 8.46 39.98 51.55
CA LEU D 114 8.20 39.89 50.13
C LEU D 114 9.11 40.74 49.22
N PRO D 115 9.56 41.94 49.62
CA PRO D 115 10.54 42.65 48.78
C PRO D 115 11.87 41.92 48.57
N GLU D 116 12.39 41.22 49.59
CA GLU D 116 13.64 40.49 49.40
C GLU D 116 13.48 39.35 48.41
N LEU D 117 12.30 38.74 48.37
CA LEU D 117 11.99 37.74 47.35
C LEU D 117 11.91 38.40 45.98
N ALA D 118 11.01 39.39 45.84
CA ALA D 118 10.83 40.07 44.57
C ALA D 118 12.15 40.55 44.00
N SER D 119 13.09 40.96 44.86
CA SER D 119 14.45 41.34 44.47
C SER D 119 15.34 40.14 44.14
N GLY D 120 15.09 38.98 44.73
CA GLY D 120 15.97 37.87 44.49
C GLY D 120 16.95 37.59 45.59
N GLU D 121 16.88 38.34 46.71
CA GLU D 121 17.78 38.06 47.83
C GLU D 121 17.61 36.65 48.35
N ALA D 122 16.37 36.18 48.43
CA ALA D 122 16.11 34.93 49.11
C ALA D 122 14.91 34.24 48.48
N MET D 123 14.94 32.91 48.55
CA MET D 123 13.82 32.06 48.16
C MET D 123 13.10 31.61 49.43
N PHE D 124 11.81 31.34 49.29
CA PHE D 124 11.02 30.82 50.39
C PHE D 124 10.83 29.31 50.27
N SER D 125 10.73 28.68 51.42
CA SER D 125 10.23 27.33 51.57
C SER D 125 9.07 27.41 52.54
N TYR D 126 8.34 26.31 52.62
CA TYR D 126 7.05 26.31 53.29
C TYR D 126 6.96 24.97 53.97
N GLY D 127 6.95 24.99 55.30
CA GLY D 127 6.93 23.81 56.12
C GLY D 127 5.59 23.52 56.74
N LEU D 128 4.81 22.66 56.13
CA LEU D 128 3.51 22.28 56.66
C LEU D 128 3.48 20.80 56.99
N SER D 129 3.93 19.96 56.07
CA SER D 129 3.88 18.52 56.24
C SER D 129 4.82 18.06 57.36
N GLU D 130 4.44 16.97 58.03
CA GLU D 130 5.22 16.34 59.09
C GLU D 130 5.06 14.84 58.90
N ARG D 131 6.04 14.08 59.37
CA ARG D 131 6.11 12.68 58.97
C ARG D 131 4.97 11.86 59.55
N GLU D 132 4.52 12.18 60.77
CA GLU D 132 3.41 11.49 61.40
C GLU D 132 2.08 12.13 61.07
N ALA D 133 2.08 13.12 60.19
CA ALA D 133 0.86 13.73 59.69
C ALA D 133 1.19 14.45 58.40
N GLY D 134 1.44 13.69 57.34
CA GLY D 134 1.75 14.30 56.06
C GLY D 134 0.55 14.96 55.41
N SER D 135 -0.42 14.15 54.97
CA SER D 135 -1.63 14.71 54.39
C SER D 135 -2.63 15.20 55.44
N ASP D 136 -2.54 14.71 56.68
CA ASP D 136 -3.41 15.15 57.79
C ASP D 136 -2.78 16.36 58.48
N THR D 137 -2.70 17.44 57.70
CA THR D 137 -2.06 18.65 58.19
C THR D 137 -2.79 19.26 59.40
N ALA D 138 -4.05 18.90 59.64
CA ALA D 138 -4.72 19.48 60.79
C ALA D 138 -4.23 18.94 62.13
N SER D 139 -3.52 17.80 62.17
CA SER D 139 -3.18 17.18 63.45
C SER D 139 -1.66 17.11 63.70
N MET D 140 -0.94 18.15 63.32
CA MET D 140 0.52 18.20 63.38
C MET D 140 1.12 18.39 64.79
N ARG D 141 2.44 18.20 64.84
CA ARG D 141 3.21 18.09 66.07
C ARG D 141 4.08 19.30 66.35
N THR D 142 4.56 19.99 65.32
CA THR D 142 5.41 21.14 65.53
C THR D 142 4.65 22.19 66.31
N ARG D 143 5.39 22.87 67.16
CA ARG D 143 4.91 23.51 68.35
C ARG D 143 5.48 24.91 68.37
N ALA D 144 4.60 25.89 68.48
CA ALA D 144 4.99 27.26 68.77
C ALA D 144 4.42 27.59 70.13
N VAL D 145 5.28 27.66 71.13
CA VAL D 145 4.89 28.20 72.44
C VAL D 145 5.43 29.61 72.51
N ARG D 146 4.74 30.46 73.26
CA ARG D 146 5.27 31.80 73.44
C ARG D 146 6.48 31.74 74.38
N ASP D 147 7.39 32.71 74.21
CA ASP D 147 8.48 32.90 75.17
C ASP D 147 8.82 34.39 75.12
N GLY D 148 8.24 35.14 76.07
CA GLY D 148 8.31 36.59 76.00
C GLY D 148 7.51 37.14 74.83
N ASP D 149 8.10 38.13 74.15
CA ASP D 149 7.55 38.57 72.88
C ASP D 149 7.66 37.46 71.83
N ASP D 150 8.64 36.56 72.01
CA ASP D 150 9.09 35.62 71.01
C ASP D 150 8.22 34.37 70.92
N TRP D 151 8.69 33.49 70.05
CA TRP D 151 8.08 32.20 69.78
C TRP D 151 9.16 31.14 69.79
N ILE D 152 8.92 30.04 70.51
CA ILE D 152 9.74 28.83 70.42
C ILE D 152 9.00 27.86 69.50
N LEU D 153 9.64 27.49 68.40
CA LEU D 153 9.25 26.34 67.61
C LEU D 153 10.03 25.11 68.04
N ASN D 154 9.33 23.98 68.03
CA ASN D 154 9.95 22.68 68.15
C ASN D 154 9.23 21.73 67.22
N GLY D 155 9.96 20.89 66.52
CA GLY D 155 9.28 19.88 65.74
C GLY D 155 9.88 19.64 64.37
N GLN D 156 9.05 19.00 63.56
CA GLN D 156 9.41 18.32 62.35
C GLN D 156 8.70 18.97 61.17
N LYS D 157 9.42 19.29 60.11
CA LYS D 157 8.76 19.48 58.82
C LYS D 157 9.49 18.61 57.79
N SER D 158 8.73 17.99 56.88
CA SER D 158 9.36 17.09 55.94
C SER D 158 8.84 17.37 54.56
N TRP D 159 9.65 16.96 53.59
CA TRP D 159 9.35 17.14 52.19
C TRP D 159 9.30 18.61 51.82
N ILE D 160 10.15 19.40 52.47
CA ILE D 160 10.19 20.84 52.27
C ILE D 160 11.12 21.15 51.11
N THR D 161 10.57 21.74 50.06
CA THR D 161 11.31 21.93 48.84
C THR D 161 12.20 23.17 48.93
N ASN D 162 13.35 23.09 48.29
CA ASN D 162 14.38 24.12 48.29
C ASN D 162 14.98 24.35 49.68
N ALA D 163 14.85 23.37 50.57
CA ALA D 163 15.46 23.42 51.89
C ALA D 163 16.97 23.43 51.74
N GLY D 164 17.65 24.16 52.64
CA GLY D 164 19.06 24.42 52.54
C GLY D 164 19.41 25.60 51.66
N ILE D 165 18.49 26.01 50.80
CA ILE D 165 18.72 27.05 49.82
C ILE D 165 17.77 28.21 50.04
N SER D 166 16.53 27.92 50.36
CA SER D 166 15.64 28.99 50.78
C SER D 166 16.21 29.59 52.04
N LYS D 167 16.14 30.90 52.14
CA LYS D 167 16.57 31.53 53.37
C LYS D 167 15.44 31.57 54.37
N TYR D 168 14.22 31.63 53.87
CA TYR D 168 13.02 31.91 54.66
C TYR D 168 12.05 30.74 54.55
N TYR D 169 11.46 30.37 55.67
CA TYR D 169 10.70 29.13 55.79
C TYR D 169 9.38 29.47 56.48
N THR D 170 8.31 29.58 55.73
CA THR D 170 7.02 29.84 56.38
C THR D 170 6.52 28.60 57.09
N VAL D 171 6.87 28.41 58.34
CA VAL D 171 6.49 27.19 59.06
C VAL D 171 5.09 27.32 59.65
N MET D 172 4.37 26.22 59.70
CA MET D 172 3.06 26.19 60.35
C MET D 172 3.24 25.33 61.60
N ALA D 173 3.10 25.93 62.78
CA ALA D 173 3.30 25.23 64.06
C ALA D 173 2.09 25.46 64.94
N VAL D 174 1.78 24.46 65.78
CA VAL D 174 0.63 24.55 66.67
C VAL D 174 0.90 25.61 67.74
N THR D 175 -0.05 26.53 67.90
CA THR D 175 0.04 27.62 68.86
C THR D 175 -0.79 27.38 70.11
N ASP D 176 -1.98 26.79 69.96
CA ASP D 176 -2.87 26.50 71.07
C ASP D 176 -3.31 25.05 70.97
N PRO D 177 -2.49 24.10 71.45
CA PRO D 177 -2.77 22.68 71.14
C PRO D 177 -4.14 22.20 71.55
N ASP D 178 -4.88 22.95 72.36
CA ASP D 178 -6.27 22.60 72.68
C ASP D 178 -7.20 23.77 72.32
N GLY D 179 -7.45 23.90 71.02
CA GLY D 179 -8.53 24.73 70.51
C GLY D 179 -9.24 23.93 69.46
N PRO D 180 -10.28 24.49 68.86
CA PRO D 180 -11.00 23.79 67.77
C PRO D 180 -10.13 23.63 66.52
N ARG D 181 -9.99 22.37 66.08
CA ARG D 181 -9.07 22.03 64.98
C ARG D 181 -9.21 23.03 63.83
N GLY D 182 -8.07 23.48 63.33
CA GLY D 182 -8.04 24.54 62.34
C GLY D 182 -7.89 25.94 62.91
N ARG D 183 -7.88 26.09 64.24
CA ARG D 183 -7.75 27.39 64.88
C ARG D 183 -6.69 27.37 65.97
N ASN D 184 -5.69 26.50 65.81
CA ASN D 184 -4.67 26.29 66.84
C ASN D 184 -3.27 26.24 66.23
N ILE D 185 -3.15 26.66 64.98
CA ILE D 185 -1.96 26.55 64.16
C ILE D 185 -1.66 27.93 63.60
N SER D 186 -0.40 28.33 63.58
CA SER D 186 -0.07 29.61 62.98
C SER D 186 1.26 29.51 62.28
N ALA D 187 1.50 30.51 61.43
CA ALA D 187 2.63 30.51 60.50
C ALA D 187 3.67 31.52 60.96
N PHE D 188 4.94 31.10 60.93
CA PHE D 188 6.06 31.90 61.40
C PHE D 188 7.22 31.79 60.43
N VAL D 189 7.76 32.93 60.05
CA VAL D 189 8.82 32.89 59.07
C VAL D 189 10.13 32.55 59.78
N VAL D 190 10.56 31.31 59.68
CA VAL D 190 11.85 30.89 60.24
C VAL D 190 12.98 31.23 59.26
N HIS D 191 14.09 31.79 59.76
CA HIS D 191 15.26 32.02 58.89
C HIS D 191 16.26 30.85 58.95
N ILE D 192 17.18 30.81 57.96
CA ILE D 192 18.30 29.89 58.10
C ILE D 192 19.15 30.30 59.30
N ASP D 193 19.19 31.60 59.59
CA ASP D 193 19.95 32.14 60.69
C ASP D 193 19.53 31.37 61.92
N ASP D 194 18.23 31.42 62.18
CA ASP D 194 17.59 31.04 63.43
C ASP D 194 18.22 29.82 64.08
N PRO D 195 18.70 29.97 65.31
CA PRO D 195 19.37 28.86 66.01
C PRO D 195 18.40 27.74 66.31
N GLY D 196 18.89 26.50 66.12
CA GLY D 196 18.13 25.27 66.32
C GLY D 196 17.37 24.79 65.10
N PHE D 197 17.30 25.60 64.06
CA PHE D 197 16.65 25.25 62.81
C PHE D 197 17.73 24.57 61.96
N SER D 198 17.55 23.29 61.69
CA SER D 198 18.50 22.47 60.93
C SER D 198 17.79 21.83 59.75
N PHE D 199 18.57 21.31 58.82
CA PHE D 199 17.98 20.58 57.72
C PHE D 199 18.38 19.10 57.76
N GLY D 200 17.46 18.27 57.29
CA GLY D 200 17.78 16.87 57.09
C GLY D 200 18.54 16.65 55.80
N GLU D 201 19.15 15.46 55.71
CA GLU D 201 19.84 15.05 54.49
C GLU D 201 18.95 15.33 53.28
N PRO D 202 19.52 15.87 52.20
CA PRO D 202 18.74 15.96 50.97
C PRO D 202 18.30 14.55 50.55
N GLU D 203 17.02 14.41 50.23
CA GLU D 203 16.53 13.10 49.90
C GLU D 203 17.08 12.63 48.57
N ARG D 204 17.22 11.32 48.44
CA ARG D 204 17.61 10.73 47.17
C ARG D 204 16.32 10.56 46.35
N LYS D 205 16.08 11.47 45.42
CA LYS D 205 14.78 11.54 44.78
C LYS D 205 14.77 10.80 43.45
N LEU D 206 13.56 10.37 43.08
CA LEU D 206 13.32 9.80 41.74
C LEU D 206 13.54 10.86 40.68
N GLY D 207 12.87 11.99 40.86
CA GLY D 207 12.99 13.16 40.01
C GLY D 207 12.99 14.40 40.89
N ILE D 208 12.97 15.58 40.25
CA ILE D 208 13.32 16.83 40.92
C ILE D 208 14.64 16.58 41.65
N LYS D 209 15.53 15.78 41.07
CA LYS D 209 16.73 15.44 41.84
C LYS D 209 17.50 16.70 42.20
N GLY D 210 17.42 17.74 41.37
CA GLY D 210 18.12 18.99 41.60
C GLY D 210 17.64 19.76 42.82
N SER D 211 16.39 20.19 42.80
CA SER D 211 15.80 20.95 43.88
C SER D 211 15.78 20.13 45.17
N PRO D 212 16.40 20.59 46.25
CA PRO D 212 16.54 19.71 47.41
C PRO D 212 15.20 19.59 48.15
N THR D 213 14.83 18.35 48.44
CA THR D 213 13.70 18.05 49.31
C THR D 213 14.37 17.59 50.60
N ARG D 214 14.32 18.44 51.62
CA ARG D 214 14.97 18.12 52.87
C ARG D 214 13.99 18.22 54.01
N GLU D 215 14.18 17.34 54.97
CA GLU D 215 13.52 17.47 56.25
C GLU D 215 14.13 18.69 56.93
N LEU D 216 13.32 19.45 57.68
CA LEU D 216 13.83 20.54 58.49
C LEU D 216 13.35 20.40 59.95
N ILE D 217 14.33 20.42 60.86
CA ILE D 217 14.16 20.16 62.29
C ILE D 217 14.21 21.47 63.07
N PHE D 218 13.33 21.59 64.09
CA PHE D 218 13.22 22.75 64.98
C PHE D 218 13.57 22.29 66.39
N ASP D 219 14.74 22.71 66.86
CA ASP D 219 15.26 22.40 68.19
C ASP D 219 15.24 23.70 69.00
N ASN D 220 14.10 23.97 69.63
CA ASN D 220 13.89 25.16 70.42
C ASN D 220 14.28 26.40 69.62
N VAL D 221 13.72 26.53 68.43
CA VAL D 221 14.09 27.66 67.61
C VAL D 221 13.29 28.86 68.12
N ARG D 222 13.98 29.79 68.79
CA ARG D 222 13.32 31.01 69.24
C ARG D 222 13.38 32.04 68.13
N ILE D 223 12.30 32.78 68.00
CA ILE D 223 12.09 33.71 66.88
C ILE D 223 11.23 34.89 67.33
N PRO D 224 11.56 36.14 66.95
CA PRO D 224 10.74 37.29 67.38
C PRO D 224 9.25 37.17 67.09
N GLY D 225 8.46 38.02 67.74
CA GLY D 225 7.03 38.02 67.51
C GLY D 225 6.62 38.62 66.18
N ASP D 226 7.48 39.43 65.56
CA ASP D 226 7.09 40.06 64.30
C ASP D 226 7.07 39.08 63.14
N ARG D 227 7.63 37.90 63.34
CA ARG D 227 7.63 36.86 62.32
C ARG D 227 6.40 35.96 62.38
N LEU D 228 5.47 36.21 63.30
CA LEU D 228 4.14 35.67 63.14
C LEU D 228 3.54 36.25 61.87
N VAL D 229 3.07 35.38 60.99
CA VAL D 229 2.46 35.75 59.72
C VAL D 229 1.02 35.27 59.74
N GLY D 230 0.10 36.20 59.51
CA GLY D 230 -1.28 35.94 59.76
C GLY D 230 -1.47 36.11 61.25
N LYS D 231 -2.70 35.93 61.72
CA LYS D 231 -2.89 36.02 63.18
C LYS D 231 -2.54 34.68 63.81
N VAL D 232 -3.01 34.45 65.03
CA VAL D 232 -2.71 33.24 65.78
C VAL D 232 -3.89 32.30 65.64
N GLY D 233 -3.59 31.04 65.32
CA GLY D 233 -4.61 30.06 65.06
C GLY D 233 -5.00 29.99 63.60
N GLU D 234 -4.78 31.07 62.86
CA GLU D 234 -5.16 31.23 61.47
C GLU D 234 -4.26 30.49 60.50
N GLY D 235 -3.32 29.70 61.03
CA GLY D 235 -2.36 29.07 60.15
C GLY D 235 -2.96 28.03 59.21
N LEU D 236 -4.00 27.32 59.66
CA LEU D 236 -4.64 26.36 58.77
C LEU D 236 -5.56 27.04 57.78
N ARG D 237 -6.28 28.07 58.22
CA ARG D 237 -7.11 28.84 57.29
C ARG D 237 -6.25 29.53 56.23
N THR D 238 -4.97 29.79 56.56
CA THR D 238 -3.97 30.29 55.63
C THR D 238 -3.43 29.16 54.75
N ALA D 239 -3.16 28.02 55.37
CA ALA D 239 -2.59 26.88 54.64
C ALA D 239 -3.58 26.37 53.61
N LEU D 240 -4.86 26.40 53.94
CA LEU D 240 -5.87 25.93 53.00
C LEU D 240 -5.90 26.82 51.77
N ARG D 241 -5.97 28.13 51.97
CA ARG D 241 -5.94 28.99 50.80
C ARG D 241 -4.59 28.92 50.09
N THR D 242 -3.52 28.56 50.82
CA THR D 242 -2.23 28.39 50.17
C THR D 242 -2.21 27.14 49.29
N LEU D 243 -2.78 26.03 49.77
CA LEU D 243 -3.00 24.89 48.89
C LEU D 243 -3.84 25.31 47.70
N ASP D 244 -5.04 25.82 47.99
CA ASP D 244 -5.95 26.28 46.95
C ASP D 244 -5.21 26.99 45.82
N HIS D 245 -4.26 27.86 46.16
CA HIS D 245 -3.54 28.58 45.12
C HIS D 245 -2.31 27.83 44.60
N THR D 246 -1.67 26.96 45.38
CA THR D 246 -0.44 26.32 44.93
C THR D 246 -0.67 25.00 44.19
N ARG D 247 -1.83 24.39 44.39
CA ARG D 247 -2.22 23.29 43.52
C ARG D 247 -2.07 23.67 42.06
N VAL D 248 -2.57 24.84 41.67
CA VAL D 248 -2.53 25.15 40.25
C VAL D 248 -1.10 25.35 39.80
N THR D 249 -0.23 25.81 40.69
CA THR D 249 1.15 25.93 40.25
C THR D 249 1.70 24.55 40.00
N ILE D 250 1.28 23.60 40.81
CA ILE D 250 1.80 22.27 40.57
C ILE D 250 1.18 21.69 39.29
N GLY D 251 -0.07 21.99 39.03
CA GLY D 251 -0.65 21.59 37.76
C GLY D 251 0.16 22.11 36.61
N ALA D 252 0.41 23.41 36.60
CA ALA D 252 1.22 24.00 35.55
C ALA D 252 2.59 23.35 35.47
N GLN D 253 3.15 22.98 36.61
CA GLN D 253 4.47 22.34 36.52
C GLN D 253 4.33 21.01 35.80
N ALA D 254 3.28 20.26 36.11
CA ALA D 254 3.05 18.98 35.46
C ALA D 254 2.85 19.16 33.95
N VAL D 255 1.98 20.10 33.60
CA VAL D 255 1.76 20.43 32.20
C VAL D 255 3.10 20.71 31.55
N GLY D 256 3.96 21.44 32.25
CA GLY D 256 5.25 21.79 31.69
C GLY D 256 6.13 20.57 31.49
N ILE D 257 6.24 19.74 32.52
CA ILE D 257 7.07 18.55 32.40
C ILE D 257 6.63 17.76 31.18
N ALA D 258 5.32 17.55 31.05
CA ALA D 258 4.77 16.83 29.92
C ALA D 258 5.06 17.55 28.60
N GLN D 259 4.96 18.88 28.60
CA GLN D 259 5.23 19.63 27.38
C GLN D 259 6.65 19.41 26.89
N GLY D 260 7.62 19.53 27.78
CA GLY D 260 8.98 19.21 27.39
C GLY D 260 9.08 17.80 26.83
N ALA D 261 8.40 16.85 27.48
CA ALA D 261 8.43 15.47 27.03
C ALA D 261 7.83 15.33 25.64
N LEU D 262 6.68 15.97 25.40
CA LEU D 262 6.03 15.92 24.10
C LEU D 262 6.90 16.56 23.04
N ASP D 263 7.63 17.60 23.41
CA ASP D 263 8.51 18.27 22.46
C ASP D 263 9.63 17.33 22.02
N TYR D 264 10.32 16.72 22.98
CA TYR D 264 11.31 15.73 22.56
C TYR D 264 10.67 14.58 21.81
N ALA D 265 9.43 14.21 22.15
CA ALA D 265 8.81 13.12 21.43
C ALA D 265 8.64 13.50 19.96
N LEU D 266 8.02 14.64 19.70
CA LEU D 266 7.80 15.08 18.32
C LEU D 266 9.12 15.20 17.56
N GLY D 267 10.11 15.85 18.16
CA GLY D 267 11.38 15.96 17.50
C GLY D 267 11.95 14.60 17.12
N TYR D 268 12.04 13.71 18.11
CA TYR D 268 12.65 12.41 17.87
C TYR D 268 11.90 11.65 16.81
N VAL D 269 10.58 11.76 16.77
CA VAL D 269 9.87 10.97 15.78
C VAL D 269 10.07 11.55 14.39
N LYS D 270 10.25 12.87 14.28
CA LYS D 270 10.55 13.43 12.96
C LYS D 270 11.97 13.10 12.48
N GLU D 271 12.95 12.94 13.38
CA GLU D 271 14.32 12.62 12.94
C GLU D 271 14.53 11.14 12.61
N ARG D 272 14.32 10.24 13.58
CA ARG D 272 14.69 8.83 13.47
C ARG D 272 13.79 8.05 12.51
N LYS D 273 14.33 6.97 11.91
CA LYS D 273 13.60 6.18 10.90
C LYS D 273 13.82 4.67 11.11
N GLN D 274 12.87 4.00 11.74
CA GLN D 274 12.84 2.54 11.79
C GLN D 274 11.86 2.00 10.77
N PHE D 275 12.12 0.76 10.32
CA PHE D 275 11.42 0.18 9.17
C PHE D 275 11.46 1.15 8.00
N GLY D 276 12.64 1.73 7.78
CA GLY D 276 12.83 2.60 6.64
C GLY D 276 12.28 4.01 6.79
N LYS D 277 11.20 4.18 7.55
CA LYS D 277 10.55 5.48 7.67
C LYS D 277 10.64 6.06 9.07
N ALA D 278 10.63 7.39 9.12
CA ALA D 278 10.42 8.11 10.36
C ALA D 278 9.25 7.52 11.12
N ILE D 279 9.50 7.15 12.38
CA ILE D 279 8.45 6.59 13.22
C ILE D 279 7.32 7.59 13.42
N ALA D 280 7.57 8.87 13.13
CA ALA D 280 6.51 9.86 13.22
C ALA D 280 5.32 9.50 12.33
N ASP D 281 5.55 8.76 11.25
CA ASP D 281 4.49 8.57 10.28
C ASP D 281 3.74 7.25 10.46
N PHE D 282 4.14 6.42 11.43
CA PHE D 282 3.35 5.25 11.79
C PHE D 282 2.08 5.71 12.49
N GLN D 283 0.91 5.30 11.97
CA GLN D 283 -0.35 5.75 12.57
C GLN D 283 -0.46 5.37 14.05
N GLY D 284 0.23 4.31 14.48
CA GLY D 284 0.23 4.01 15.90
C GLY D 284 0.87 5.14 16.68
N ILE D 285 2.10 5.49 16.31
CA ILE D 285 2.81 6.59 16.97
C ILE D 285 2.02 7.88 16.81
N GLN D 286 1.34 8.07 15.69
CA GLN D 286 0.55 9.29 15.50
C GLN D 286 -0.57 9.35 16.54
N PHE D 287 -1.28 8.24 16.76
CA PHE D 287 -2.29 8.17 17.82
C PHE D 287 -1.66 8.48 19.17
N MET D 288 -0.47 7.95 19.42
CA MET D 288 0.15 8.14 20.72
C MET D 288 0.41 9.61 20.96
N LEU D 289 0.95 10.28 19.95
CA LEU D 289 1.17 11.71 20.02
C LEU D 289 -0.14 12.47 20.09
N ALA D 290 -1.18 11.96 19.44
CA ALA D 290 -2.46 12.64 19.54
C ALA D 290 -2.95 12.61 20.98
N ASP D 291 -2.94 11.44 21.61
CA ASP D 291 -3.35 11.38 23.02
C ASP D 291 -2.45 12.23 23.89
N MET D 292 -1.14 12.19 23.68
CA MET D 292 -0.24 13.01 24.48
C MET D 292 -0.61 14.47 24.38
N ALA D 293 -0.68 14.99 23.15
CA ALA D 293 -0.96 16.39 22.93
C ALA D 293 -2.33 16.77 23.45
N MET D 294 -3.31 15.91 23.24
CA MET D 294 -4.68 16.21 23.63
C MET D 294 -4.83 16.26 25.15
N LYS D 295 -4.40 15.19 25.83
CA LYS D 295 -4.39 15.20 27.30
C LYS D 295 -3.65 16.42 27.82
N LEU D 296 -2.42 16.64 27.32
CA LEU D 296 -1.62 17.76 27.77
C LEU D 296 -2.39 19.06 27.62
N GLU D 297 -3.06 19.24 26.49
CA GLU D 297 -3.74 20.51 26.29
C GLU D 297 -4.95 20.64 27.21
N ALA D 298 -5.65 19.54 27.51
CA ALA D 298 -6.75 19.62 28.47
C ALA D 298 -6.23 20.01 29.85
N ALA D 299 -5.16 19.35 30.27
CA ALA D 299 -4.54 19.63 31.56
C ALA D 299 -4.05 21.05 31.61
N ARG D 300 -3.44 21.50 30.52
CA ARG D 300 -2.99 22.88 30.46
C ARG D 300 -4.17 23.82 30.64
N GLN D 301 -5.20 23.67 29.82
CA GLN D 301 -6.33 24.57 29.95
C GLN D 301 -6.91 24.50 31.34
N MET D 302 -6.88 23.34 31.96
CA MET D 302 -7.52 23.33 33.26
C MET D 302 -6.68 24.01 34.31
N VAL D 303 -5.36 23.78 34.33
CA VAL D 303 -4.53 24.51 35.29
C VAL D 303 -4.66 26.00 35.05
N TYR D 304 -4.81 26.41 33.78
CA TYR D 304 -4.97 27.82 33.45
C TYR D 304 -6.35 28.31 33.90
N VAL D 305 -7.39 27.52 33.71
CA VAL D 305 -8.69 27.88 34.25
C VAL D 305 -8.59 28.05 35.76
N ALA D 306 -7.92 27.11 36.42
CA ALA D 306 -7.84 27.19 37.86
C ALA D 306 -6.96 28.35 38.28
N ALA D 307 -6.00 28.72 37.47
CA ALA D 307 -5.22 29.91 37.79
C ALA D 307 -6.12 31.14 37.69
N ALA D 308 -6.94 31.21 36.64
CA ALA D 308 -7.97 32.24 36.57
C ALA D 308 -8.82 32.20 37.82
N LYS D 309 -9.08 31.01 38.31
CA LYS D 309 -9.84 30.86 39.54
C LYS D 309 -9.02 31.36 40.74
N SER D 310 -7.69 31.33 40.63
CA SER D 310 -6.80 31.66 41.75
C SER D 310 -6.52 33.15 41.89
N GLU D 311 -6.38 33.88 40.77
CA GLU D 311 -6.23 35.33 40.88
C GLU D 311 -7.57 36.00 41.09
N ARG D 312 -8.62 35.51 40.43
CA ARG D 312 -9.95 35.99 40.73
C ARG D 312 -10.43 35.49 42.09
N ASP D 313 -9.66 34.61 42.75
CA ASP D 313 -10.06 33.95 44.01
C ASP D 313 -11.53 33.47 43.97
N ASP D 314 -11.88 32.69 42.96
CA ASP D 314 -13.23 32.17 42.78
C ASP D 314 -13.64 31.19 43.89
N ALA D 315 -14.93 30.87 43.89
CA ALA D 315 -15.51 30.04 44.93
C ALA D 315 -15.00 28.60 44.89
N ASP D 316 -15.06 27.99 43.71
CA ASP D 316 -14.76 26.57 43.54
C ASP D 316 -13.27 26.32 43.30
N LEU D 317 -12.43 27.30 43.61
CA LEU D 317 -11.00 27.13 43.41
C LEU D 317 -10.50 25.87 44.10
N SER D 318 -11.11 25.50 45.22
CA SER D 318 -10.75 24.26 45.89
C SER D 318 -10.82 23.11 44.91
N PHE D 319 -11.98 22.91 44.29
CA PHE D 319 -12.16 21.80 43.36
C PHE D 319 -11.21 21.90 42.18
N TYR D 320 -11.36 22.95 41.38
CA TYR D 320 -10.63 23.01 40.12
C TYR D 320 -9.13 23.01 40.39
N GLY D 321 -8.71 23.68 41.44
CA GLY D 321 -7.31 23.68 41.73
C GLY D 321 -6.85 22.26 41.91
N ALA D 322 -7.48 21.55 42.84
CA ALA D 322 -7.16 20.15 43.05
C ALA D 322 -7.26 19.41 41.73
N ALA D 323 -8.40 19.55 41.04
CA ALA D 323 -8.59 18.80 39.81
C ALA D 323 -7.48 19.14 38.82
N ALA D 324 -7.21 20.43 38.63
CA ALA D 324 -6.19 20.80 37.66
C ALA D 324 -4.84 20.17 38.04
N LYS D 325 -4.55 20.17 39.34
CA LYS D 325 -3.32 19.53 39.83
C LYS D 325 -3.36 18.04 39.62
N CYS D 326 -4.49 17.41 39.97
CA CYS D 326 -4.57 15.96 39.84
C CYS D 326 -4.45 15.54 38.40
N PHE D 327 -5.22 16.16 37.53
CA PHE D 327 -5.21 15.81 36.12
C PHE D 327 -3.86 16.13 35.49
N ALA D 328 -3.38 17.36 35.63
CA ALA D 328 -2.10 17.72 35.03
C ALA D 328 -1.01 16.73 35.43
N SER D 329 -0.89 16.46 36.71
CA SER D 329 0.08 15.48 37.16
C SER D 329 -0.17 14.10 36.54
N ASP D 330 -1.42 13.60 36.62
CA ASP D 330 -1.70 12.33 35.97
C ASP D 330 -1.23 12.40 34.53
N VAL D 331 -1.65 13.47 33.84
CA VAL D 331 -1.30 13.61 32.44
C VAL D 331 0.20 13.55 32.25
N ALA D 332 0.93 14.30 33.10
CA ALA D 332 2.38 14.34 32.99
C ALA D 332 2.97 12.94 33.01
N MET D 333 2.56 12.14 34.01
CA MET D 333 3.02 10.75 34.08
C MET D 333 2.66 10.04 32.80
N GLU D 334 1.36 10.10 32.49
CA GLU D 334 0.83 9.41 31.34
C GLU D 334 1.59 9.84 30.10
N ILE D 335 1.86 11.14 29.95
CA ILE D 335 2.56 11.61 28.75
C ILE D 335 4.05 11.27 28.81
N THR D 336 4.71 11.64 29.92
CA THR D 336 6.17 11.50 29.94
C THR D 336 6.55 10.05 29.82
N THR D 337 5.76 9.14 30.43
CA THR D 337 5.98 7.71 30.21
C THR D 337 5.86 7.37 28.75
N ASP D 338 4.77 7.84 28.11
CA ASP D 338 4.65 7.64 26.67
C ASP D 338 5.84 8.26 25.93
N ALA D 339 6.27 9.45 26.35
CA ALA D 339 7.42 10.05 25.70
C ALA D 339 8.62 9.13 25.79
N VAL D 340 8.89 8.61 26.99
CA VAL D 340 10.00 7.66 27.11
C VAL D 340 9.77 6.48 26.19
N GLN D 341 8.54 5.96 26.22
CA GLN D 341 8.19 4.83 25.38
C GLN D 341 8.44 5.20 23.93
N LEU D 342 8.14 6.44 23.57
CA LEU D 342 8.20 6.84 22.17
C LEU D 342 9.62 6.82 21.64
N LEU D 343 10.59 7.16 22.49
CA LEU D 343 11.97 7.16 22.05
C LEU D 343 12.56 5.77 22.18
N GLY D 344 11.75 4.78 22.52
CA GLY D 344 12.25 3.43 22.62
C GLY D 344 13.49 3.37 23.47
N GLY D 345 14.45 2.57 23.01
CA GLY D 345 15.67 2.39 23.78
C GLY D 345 16.33 3.70 24.17
N TYR D 346 16.30 4.68 23.28
CA TYR D 346 16.92 5.95 23.56
C TYR D 346 16.24 6.62 24.75
N GLY D 347 14.92 6.42 24.87
CA GLY D 347 14.17 7.13 25.89
C GLY D 347 14.58 6.83 27.32
N TYR D 348 14.95 5.57 27.62
CA TYR D 348 15.43 5.23 28.95
C TYR D 348 16.92 5.47 29.09
N THR D 349 17.47 6.38 28.28
CA THR D 349 18.84 6.84 28.45
C THR D 349 18.80 8.24 29.02
N ARG D 350 19.75 8.52 29.91
CA ARG D 350 19.81 9.82 30.53
C ARG D 350 20.32 10.88 29.57
N ASP D 351 20.92 10.45 28.47
CA ASP D 351 21.26 11.37 27.39
C ASP D 351 20.02 12.08 26.86
N TYR D 352 18.88 11.42 26.87
CA TYR D 352 17.76 12.22 26.42
C TYR D 352 16.88 12.61 27.59
N PRO D 353 16.26 13.79 27.52
CA PRO D 353 15.57 14.31 28.69
C PRO D 353 14.30 13.55 29.07
N VAL D 354 13.69 12.77 28.18
CA VAL D 354 12.41 12.17 28.54
C VAL D 354 12.53 11.28 29.78
N GLU D 355 13.63 10.56 29.91
CA GLU D 355 13.87 9.78 31.13
C GLU D 355 13.75 10.64 32.37
N ARG D 356 14.54 11.72 32.41
CA ARG D 356 14.46 12.66 33.52
C ARG D 356 13.05 13.22 33.66
N MET D 357 12.38 13.51 32.54
CA MET D 357 11.07 14.12 32.60
C MET D 357 10.02 13.20 33.19
N MET D 358 10.16 11.90 32.95
CA MET D 358 9.26 10.93 33.58
C MET D 358 9.51 10.88 35.09
N ARG D 359 10.80 10.70 35.44
CA ARG D 359 11.21 10.69 36.83
C ARG D 359 10.73 11.94 37.54
N ASP D 360 10.82 13.07 36.85
CA ASP D 360 10.39 14.36 37.41
C ASP D 360 8.87 14.42 37.56
N ALA D 361 8.12 14.04 36.52
CA ALA D 361 6.67 14.23 36.56
C ALA D 361 6.04 13.48 37.71
N LYS D 362 6.66 12.38 38.16
CA LYS D 362 6.02 11.59 39.19
C LYS D 362 5.63 12.43 40.42
N ILE D 363 6.51 13.31 40.86
CA ILE D 363 6.17 14.03 42.11
C ILE D 363 4.92 14.87 41.88
N THR D 364 4.71 15.39 40.67
CA THR D 364 3.53 16.21 40.46
C THR D 364 2.30 15.44 40.88
N GLN D 365 2.33 14.11 40.74
CA GLN D 365 1.27 13.26 41.28
C GLN D 365 1.41 13.03 42.77
N ILE D 366 2.62 13.21 43.34
CA ILE D 366 2.86 12.89 44.78
C ILE D 366 2.90 14.11 45.68
N TYR D 367 3.83 15.03 45.45
CA TYR D 367 4.08 16.13 46.39
C TYR D 367 3.04 17.25 46.32
N GLU D 368 3.00 18.04 47.41
CA GLU D 368 1.95 19.04 47.62
C GLU D 368 0.58 18.37 47.67
N GLY D 369 0.52 17.23 48.35
CA GLY D 369 -0.70 16.47 48.50
C GLY D 369 -0.85 15.46 47.40
N THR D 370 -0.66 14.18 47.72
CA THR D 370 -0.78 13.16 46.68
C THR D 370 -2.17 13.23 46.09
N ASN D 371 -2.23 13.01 44.77
CA ASN D 371 -3.48 13.15 44.03
C ASN D 371 -4.62 12.34 44.61
N GLN D 372 -4.35 11.38 45.45
CA GLN D 372 -5.45 10.80 46.20
C GLN D 372 -6.09 11.85 47.08
N ILE D 373 -5.27 12.68 47.75
CA ILE D 373 -5.86 13.77 48.53
C ILE D 373 -6.62 14.72 47.62
N GLN D 374 -6.08 15.00 46.45
CA GLN D 374 -6.81 15.85 45.52
C GLN D 374 -8.18 15.23 45.21
N ARG D 375 -8.23 13.91 45.06
CA ARG D 375 -9.51 13.25 44.80
C ARG D 375 -10.43 13.31 46.01
N VAL D 376 -9.84 13.26 47.22
CA VAL D 376 -10.66 13.44 48.43
C VAL D 376 -11.27 14.84 48.42
N VAL D 377 -10.43 15.83 48.15
CA VAL D 377 -10.88 17.22 48.09
C VAL D 377 -11.97 17.39 47.06
N MET D 378 -11.75 16.88 45.86
CA MET D 378 -12.73 17.01 44.81
C MET D 378 -14.04 16.37 45.24
N ALA D 379 -13.97 15.16 45.79
CA ALA D 379 -15.19 14.51 46.26
C ALA D 379 -15.94 15.38 47.29
N ARG D 380 -15.22 15.89 48.31
CA ARG D 380 -15.92 16.66 49.35
C ARG D 380 -16.58 17.87 48.71
N GLN D 381 -15.94 18.43 47.67
CA GLN D 381 -16.51 19.58 46.99
C GLN D 381 -17.71 19.20 46.16
N LEU D 382 -17.74 17.97 45.65
CA LEU D 382 -18.85 17.59 44.79
C LEU D 382 -20.11 17.39 45.60
N LEU D 383 -19.96 16.93 46.83
CA LEU D 383 -21.09 16.62 47.71
C LEU D 383 -21.55 17.87 48.47
N LYS D 384 -21.86 18.92 47.71
CA LYS D 384 -22.33 20.19 48.28
C LYS D 384 -23.52 20.68 47.45
N ASP E 5 -20.57 -25.62 -29.31
CA ASP E 5 -20.62 -25.17 -30.70
C ASP E 5 -20.66 -23.67 -30.96
N LEU E 6 -19.47 -23.08 -31.14
CA LEU E 6 -19.27 -21.64 -31.20
C LEU E 6 -17.86 -21.41 -31.70
N TYR E 7 -17.61 -20.16 -32.11
CA TYR E 7 -16.27 -19.71 -32.54
C TYR E 7 -15.50 -20.81 -33.25
N ARG E 8 -16.02 -21.19 -34.41
CA ARG E 8 -15.41 -22.28 -35.13
C ARG E 8 -15.91 -22.14 -36.56
N PRO E 9 -15.10 -22.51 -37.52
CA PRO E 9 -15.62 -22.71 -38.86
C PRO E 9 -16.57 -23.89 -38.79
N THR E 10 -17.73 -23.76 -39.43
CA THR E 10 -18.65 -24.89 -39.43
C THR E 10 -17.96 -26.07 -40.09
N GLU E 11 -18.52 -27.24 -39.82
CA GLU E 11 -17.96 -28.46 -40.38
C GLU E 11 -17.75 -28.33 -41.89
N GLU E 12 -18.74 -27.74 -42.59
CA GLU E 12 -18.61 -27.55 -44.03
C GLU E 12 -17.32 -26.81 -44.38
N HIS E 13 -17.01 -25.73 -43.65
CA HIS E 13 -15.79 -24.98 -43.91
C HIS E 13 -14.55 -25.80 -43.67
N GLU E 14 -14.55 -26.62 -42.62
CA GLU E 14 -13.31 -27.29 -42.30
C GLU E 14 -13.02 -28.35 -43.35
N ALA E 15 -14.08 -28.98 -43.86
CA ALA E 15 -13.97 -29.86 -45.01
C ALA E 15 -13.52 -29.08 -46.24
N LEU E 16 -14.12 -27.91 -46.47
CA LEU E 16 -13.69 -26.99 -47.52
C LEU E 16 -12.21 -26.67 -47.36
N ARG E 17 -11.77 -26.55 -46.12
CA ARG E 17 -10.39 -26.23 -45.84
C ARG E 17 -9.61 -27.37 -46.43
N GLU E 18 -9.76 -28.55 -45.83
CA GLU E 18 -8.92 -29.70 -46.18
C GLU E 18 -8.92 -29.92 -47.70
N ALA E 19 -10.06 -29.66 -48.35
CA ALA E 19 -10.17 -29.68 -49.79
C ALA E 19 -9.22 -28.71 -50.50
N ILE E 20 -9.47 -27.40 -50.31
CA ILE E 20 -8.67 -26.38 -50.99
C ILE E 20 -7.23 -26.46 -50.52
N ARG E 21 -7.04 -26.85 -49.27
CA ARG E 21 -5.69 -27.05 -48.75
C ARG E 21 -4.95 -28.03 -49.63
N SER E 22 -5.55 -29.19 -49.86
CA SER E 22 -4.89 -30.22 -50.66
C SER E 22 -4.75 -29.82 -52.13
N VAL E 23 -5.76 -29.13 -52.69
CA VAL E 23 -5.66 -28.66 -54.08
C VAL E 23 -4.49 -27.70 -54.20
N ALA E 24 -4.30 -26.86 -53.19
CA ALA E 24 -3.18 -25.94 -53.18
C ALA E 24 -1.88 -26.68 -52.95
N GLU E 25 -1.89 -27.63 -52.02
CA GLU E 25 -0.72 -28.43 -51.69
C GLU E 25 -0.13 -29.00 -52.98
N ASP E 26 -0.99 -29.58 -53.80
CA ASP E 26 -0.52 -30.46 -54.86
C ASP E 26 -0.39 -29.75 -56.20
N LYS E 27 -1.41 -28.99 -56.59
CA LYS E 27 -1.33 -28.41 -57.91
C LYS E 27 -0.75 -27.00 -57.88
N ILE E 28 -0.94 -26.25 -56.80
CA ILE E 28 -0.53 -24.84 -56.73
C ILE E 28 0.85 -24.71 -56.10
N ALA E 29 1.02 -25.30 -54.93
CA ALA E 29 2.19 -25.01 -54.10
C ALA E 29 3.50 -25.15 -54.87
N PRO E 30 3.79 -26.25 -55.56
CA PRO E 30 5.10 -26.35 -56.23
C PRO E 30 5.37 -25.21 -57.17
N HIS E 31 4.32 -24.70 -57.82
CA HIS E 31 4.50 -23.63 -58.79
C HIS E 31 4.68 -22.26 -58.15
N ALA E 32 4.36 -22.11 -56.86
CA ALA E 32 4.53 -20.80 -56.22
C ALA E 32 5.91 -20.23 -56.49
N ALA E 33 6.94 -21.07 -56.34
CA ALA E 33 8.33 -20.63 -56.53
C ALA E 33 8.55 -20.07 -57.93
N ASP E 34 7.99 -20.71 -58.95
CA ASP E 34 8.14 -20.18 -60.31
C ASP E 34 7.25 -19.00 -60.61
N VAL E 35 6.01 -19.05 -60.13
CA VAL E 35 5.14 -17.90 -60.25
C VAL E 35 5.89 -16.65 -59.75
N ASP E 36 6.49 -16.76 -58.57
CA ASP E 36 7.26 -15.65 -58.02
C ASP E 36 8.49 -15.37 -58.86
N GLU E 37 9.36 -16.37 -59.05
CA GLU E 37 10.66 -16.12 -59.65
C GLU E 37 10.53 -15.52 -61.04
N GLN E 38 9.56 -15.98 -61.82
CA GLN E 38 9.43 -15.50 -63.17
C GLN E 38 8.41 -14.39 -63.29
N SER E 39 7.82 -13.95 -62.18
CA SER E 39 6.81 -12.91 -62.13
C SER E 39 5.67 -13.20 -63.09
N ARG E 40 5.36 -14.47 -63.23
CA ARG E 40 4.32 -14.85 -64.17
C ARG E 40 3.09 -15.34 -63.45
N PHE E 41 1.98 -15.26 -64.16
CA PHE E 41 0.68 -15.59 -63.58
C PHE E 41 0.70 -17.01 -63.00
N PRO E 42 0.09 -17.21 -61.84
CA PRO E 42 0.02 -18.58 -61.30
C PRO E 42 -0.94 -19.43 -62.12
N GLN E 43 -0.50 -19.66 -63.36
CA GLN E 43 -1.33 -20.29 -64.39
C GLN E 43 -1.80 -21.67 -63.97
N GLU E 44 -0.86 -22.51 -63.51
CA GLU E 44 -1.21 -23.82 -62.98
C GLU E 44 -2.21 -23.68 -61.86
N ALA E 45 -1.99 -22.71 -61.00
CA ALA E 45 -2.89 -22.47 -59.89
C ALA E 45 -4.28 -22.14 -60.40
N TYR E 46 -4.37 -21.30 -61.44
CA TYR E 46 -5.68 -20.93 -61.98
C TYR E 46 -6.41 -22.17 -62.53
N GLU E 47 -5.71 -22.99 -63.33
CA GLU E 47 -6.36 -24.18 -63.87
C GLU E 47 -6.85 -25.08 -62.75
N ALA E 48 -6.00 -25.31 -61.75
CA ALA E 48 -6.37 -26.22 -60.68
C ALA E 48 -7.55 -25.66 -59.88
N LEU E 49 -7.57 -24.34 -59.65
CA LEU E 49 -8.67 -23.74 -58.92
C LEU E 49 -9.97 -23.84 -59.70
N ARG E 50 -9.94 -23.56 -61.02
CA ARG E 50 -11.15 -23.64 -61.83
C ARG E 50 -11.68 -25.07 -61.88
N ALA E 51 -10.78 -26.04 -62.06
CA ALA E 51 -11.20 -27.45 -62.06
C ALA E 51 -11.76 -27.86 -60.70
N SER E 52 -11.41 -27.12 -59.65
CA SER E 52 -11.81 -27.42 -58.30
C SER E 52 -12.89 -26.45 -57.79
N ASP E 53 -13.34 -25.51 -58.64
CA ASP E 53 -14.34 -24.50 -58.31
C ASP E 53 -13.85 -23.59 -57.16
N PHE E 54 -12.56 -23.27 -57.15
CA PHE E 54 -12.05 -22.38 -56.12
C PHE E 54 -11.52 -21.04 -56.65
N HIS E 55 -11.72 -20.76 -57.92
CA HIS E 55 -11.31 -19.50 -58.51
C HIS E 55 -12.26 -18.38 -58.14
N ALA E 56 -13.46 -18.71 -57.69
CA ALA E 56 -14.40 -17.66 -57.39
C ALA E 56 -15.53 -18.19 -56.54
N PRO E 57 -15.24 -18.83 -55.41
CA PRO E 57 -16.29 -19.46 -54.63
C PRO E 57 -17.29 -18.48 -54.08
N HIS E 58 -17.06 -17.18 -54.23
CA HIS E 58 -18.02 -16.24 -53.68
C HIS E 58 -19.25 -16.07 -54.55
N VAL E 59 -19.13 -16.31 -55.86
CA VAL E 59 -20.24 -15.99 -56.76
C VAL E 59 -21.49 -16.76 -56.33
N ALA E 60 -22.64 -16.10 -56.47
CA ALA E 60 -23.92 -16.70 -56.09
C ALA E 60 -24.14 -18.01 -56.82
N GLU E 61 -24.84 -18.94 -56.15
CA GLU E 61 -25.13 -20.21 -56.81
C GLU E 61 -25.98 -19.99 -58.05
N GLU E 62 -26.93 -19.05 -57.97
CA GLU E 62 -27.76 -18.62 -59.10
C GLU E 62 -26.94 -18.33 -60.36
N TYR E 63 -25.67 -18.00 -60.23
CA TYR E 63 -24.83 -17.76 -61.39
C TYR E 63 -23.84 -18.91 -61.62
N GLY E 64 -24.02 -20.02 -60.91
CA GLY E 64 -23.17 -21.16 -61.10
C GLY E 64 -21.93 -21.17 -60.22
N GLY E 65 -21.87 -20.27 -59.24
CA GLY E 65 -20.75 -20.25 -58.33
C GLY E 65 -20.89 -21.26 -57.22
N VAL E 66 -19.85 -21.33 -56.39
CA VAL E 66 -19.88 -22.29 -55.30
C VAL E 66 -20.82 -21.83 -54.20
N GLY E 67 -21.22 -20.56 -54.24
CA GLY E 67 -22.13 -20.02 -53.24
C GLY E 67 -21.57 -20.05 -51.85
N ALA E 68 -20.25 -19.98 -51.74
CA ALA E 68 -19.58 -20.13 -50.45
C ALA E 68 -19.84 -18.90 -49.58
N ASP E 69 -20.05 -19.13 -48.28
CA ASP E 69 -20.13 -18.00 -47.37
C ASP E 69 -18.77 -17.27 -47.33
N ALA E 70 -18.81 -16.00 -46.93
CA ALA E 70 -17.58 -15.20 -46.90
C ALA E 70 -16.49 -15.87 -46.05
N LEU E 71 -16.85 -16.50 -44.91
CA LEU E 71 -15.84 -17.28 -44.22
C LEU E 71 -15.17 -18.28 -45.12
N ALA E 72 -15.97 -19.02 -45.87
CA ALA E 72 -15.39 -20.00 -46.78
C ALA E 72 -14.50 -19.34 -47.82
N THR E 73 -14.97 -18.24 -48.41
CA THR E 73 -14.17 -17.56 -49.42
C THR E 73 -12.83 -17.16 -48.84
N CYS E 74 -12.85 -16.62 -47.62
CA CYS E 74 -11.60 -16.25 -46.94
C CYS E 74 -10.76 -17.48 -46.69
N ILE E 75 -11.35 -18.54 -46.17
CA ILE E 75 -10.55 -19.71 -45.88
C ILE E 75 -9.92 -20.23 -47.14
N VAL E 76 -10.64 -20.11 -48.26
CA VAL E 76 -10.05 -20.50 -49.54
C VAL E 76 -8.85 -19.62 -49.87
N ILE E 77 -9.05 -18.30 -49.82
CA ILE E 77 -8.00 -17.36 -50.12
C ILE E 77 -6.83 -17.59 -49.20
N GLU E 78 -7.12 -17.88 -47.93
CA GLU E 78 -6.12 -18.19 -46.93
C GLU E 78 -5.30 -19.44 -47.30
N GLU E 79 -5.99 -20.57 -47.43
CA GLU E 79 -5.29 -21.82 -47.67
C GLU E 79 -4.50 -21.76 -48.96
N ILE E 80 -4.94 -20.93 -49.93
CA ILE E 80 -4.14 -20.72 -51.11
C ILE E 80 -2.95 -19.86 -50.76
N ALA E 81 -3.23 -18.69 -50.19
CA ALA E 81 -2.15 -17.80 -49.83
C ALA E 81 -1.16 -18.55 -48.99
N ARG E 82 -1.66 -19.51 -48.21
CA ARG E 82 -0.78 -20.37 -47.44
C ARG E 82 0.34 -20.93 -48.28
N VAL E 83 0.11 -21.16 -49.57
CA VAL E 83 1.12 -21.77 -50.40
C VAL E 83 1.63 -20.85 -51.51
N CYS E 84 0.80 -19.94 -52.00
CA CYS E 84 1.15 -19.06 -53.08
C CYS E 84 0.22 -17.91 -52.84
N ALA E 85 0.75 -16.73 -52.56
CA ALA E 85 -0.13 -15.58 -52.36
C ALA E 85 -0.61 -15.07 -53.72
N SER E 86 0.28 -14.96 -54.70
CA SER E 86 -0.17 -14.56 -56.02
C SER E 86 -1.35 -15.43 -56.45
N SER E 87 -1.26 -16.73 -56.18
CA SER E 87 -2.36 -17.61 -56.54
C SER E 87 -3.60 -17.30 -55.74
N SER E 88 -3.44 -16.90 -54.47
CA SER E 88 -4.64 -16.57 -53.71
C SER E 88 -5.34 -15.38 -54.33
N LEU E 89 -4.60 -14.58 -55.09
CA LEU E 89 -5.25 -13.42 -55.69
C LEU E 89 -6.26 -13.80 -56.74
N ILE E 90 -6.15 -15.02 -57.26
CA ILE E 90 -7.11 -15.49 -58.25
C ILE E 90 -8.48 -15.34 -57.60
N PRO E 91 -8.83 -16.07 -56.54
CA PRO E 91 -10.12 -15.79 -55.88
C PRO E 91 -10.21 -14.43 -55.16
N ALA E 92 -9.09 -13.92 -54.62
CA ALA E 92 -9.15 -12.64 -53.90
C ALA E 92 -9.47 -11.50 -54.87
N VAL E 93 -8.75 -11.44 -55.98
CA VAL E 93 -9.03 -10.39 -56.93
C VAL E 93 -10.34 -10.66 -57.64
N ASN E 94 -10.76 -11.93 -57.76
CA ASN E 94 -12.06 -12.18 -58.39
C ASN E 94 -13.21 -11.66 -57.55
N LYS E 95 -13.18 -11.92 -56.24
CA LYS E 95 -14.18 -11.33 -55.36
C LYS E 95 -14.09 -9.82 -55.35
N LEU E 96 -12.88 -9.26 -55.37
CA LEU E 96 -12.79 -7.80 -55.39
C LEU E 96 -13.45 -7.22 -56.62
N GLY E 97 -13.08 -7.74 -57.81
CA GLY E 97 -13.62 -7.16 -59.02
C GLY E 97 -15.11 -7.41 -59.19
N SER E 98 -15.61 -8.50 -58.63
CA SER E 98 -17.03 -8.74 -58.80
C SER E 98 -17.90 -8.16 -57.68
N MET E 99 -17.33 -7.81 -56.55
CA MET E 99 -18.13 -7.35 -55.42
C MET E 99 -19.00 -6.13 -55.73
N PRO E 100 -18.52 -5.12 -56.47
CA PRO E 100 -19.42 -4.01 -56.84
C PRO E 100 -20.56 -4.49 -57.70
N LEU E 101 -20.28 -5.47 -58.55
CA LEU E 101 -21.28 -6.06 -59.41
C LEU E 101 -22.34 -6.81 -58.61
N ILE E 102 -21.99 -7.27 -57.41
CA ILE E 102 -22.92 -7.99 -56.54
C ILE E 102 -23.71 -7.04 -55.68
N LEU E 103 -23.04 -6.09 -55.05
CA LEU E 103 -23.69 -5.30 -54.01
C LEU E 103 -24.76 -4.37 -54.55
N SER E 104 -24.64 -3.96 -55.82
CA SER E 104 -25.53 -2.92 -56.32
C SER E 104 -25.82 -3.13 -57.80
N GLY E 105 -25.13 -4.07 -58.43
CA GLY E 105 -25.39 -4.34 -59.83
C GLY E 105 -26.81 -4.86 -60.05
N SER E 106 -27.38 -4.46 -61.19
CA SER E 106 -28.71 -4.91 -61.59
C SER E 106 -28.70 -6.41 -61.87
N ASP E 107 -29.85 -7.06 -61.67
CA ASP E 107 -29.90 -8.50 -61.88
C ASP E 107 -29.36 -8.89 -63.25
N GLU E 108 -29.52 -8.03 -64.27
CA GLU E 108 -29.13 -8.46 -65.61
C GLU E 108 -27.63 -8.31 -65.85
N VAL E 109 -27.00 -7.26 -65.32
CA VAL E 109 -25.54 -7.16 -65.42
C VAL E 109 -24.88 -8.25 -64.59
N LYS E 110 -25.48 -8.56 -63.43
CA LYS E 110 -25.03 -9.68 -62.63
C LYS E 110 -25.10 -10.98 -63.44
N GLN E 111 -26.21 -11.18 -64.15
CA GLN E 111 -26.39 -12.40 -64.91
C GLN E 111 -25.42 -12.43 -66.06
N ARG E 112 -25.10 -11.26 -66.62
CA ARG E 112 -24.18 -11.24 -67.75
C ARG E 112 -22.79 -11.69 -67.32
N TYR E 113 -22.35 -11.29 -66.13
CA TYR E 113 -20.93 -11.47 -65.78
C TYR E 113 -20.66 -12.58 -64.77
N LEU E 114 -21.34 -12.59 -63.63
CA LEU E 114 -21.00 -13.57 -62.60
C LEU E 114 -21.05 -15.04 -63.04
N PRO E 115 -21.96 -15.49 -63.93
CA PRO E 115 -21.86 -16.88 -64.39
C PRO E 115 -20.59 -17.13 -65.17
N GLU E 116 -20.17 -16.13 -65.95
CA GLU E 116 -18.93 -16.24 -66.70
C GLU E 116 -17.72 -16.31 -65.79
N LEU E 117 -17.81 -15.66 -64.62
CA LEU E 117 -16.78 -15.77 -63.58
C LEU E 117 -16.80 -17.15 -62.93
N ALA E 118 -17.97 -17.53 -62.40
CA ALA E 118 -18.12 -18.81 -61.73
C ALA E 118 -17.61 -19.94 -62.60
N SER E 119 -17.78 -19.81 -63.92
CA SER E 119 -17.22 -20.80 -64.81
C SER E 119 -15.71 -20.67 -64.88
N GLY E 120 -15.20 -19.46 -64.91
CA GLY E 120 -13.79 -19.27 -65.11
C GLY E 120 -13.42 -18.87 -66.52
N GLU E 121 -14.41 -18.57 -67.38
CA GLU E 121 -14.10 -17.96 -68.67
C GLU E 121 -13.37 -16.65 -68.48
N ALA E 122 -13.85 -15.80 -67.56
CA ALA E 122 -13.27 -14.48 -67.28
C ALA E 122 -12.90 -14.31 -65.82
N MET E 123 -11.82 -13.57 -65.59
CA MET E 123 -11.45 -13.12 -64.27
C MET E 123 -11.78 -11.63 -64.12
N PHE E 124 -12.03 -11.20 -62.89
CA PHE E 124 -12.28 -9.80 -62.68
C PHE E 124 -11.09 -9.13 -62.00
N SER E 125 -10.83 -7.91 -62.42
CA SER E 125 -10.00 -6.96 -61.71
C SER E 125 -10.83 -5.69 -61.53
N TYR E 126 -10.31 -4.76 -60.74
CA TYR E 126 -11.10 -3.68 -60.16
C TYR E 126 -10.25 -2.44 -60.26
N GLY E 127 -10.65 -1.52 -61.12
CA GLY E 127 -9.88 -0.32 -61.40
C GLY E 127 -10.41 0.85 -60.62
N LEU E 128 -9.82 1.07 -59.47
CA LEU E 128 -10.27 2.10 -58.55
C LEU E 128 -9.19 3.12 -58.27
N SER E 129 -8.01 2.64 -57.90
CA SER E 129 -6.90 3.46 -57.50
C SER E 129 -6.39 4.28 -58.69
N GLU E 130 -5.79 5.45 -58.42
CA GLU E 130 -5.20 6.25 -59.49
C GLU E 130 -3.84 6.82 -59.07
N ARG E 131 -3.06 7.23 -60.09
CA ARG E 131 -1.67 7.63 -59.88
C ARG E 131 -1.52 8.75 -58.86
N GLU E 132 -2.51 9.62 -58.76
CA GLU E 132 -2.42 10.81 -57.96
C GLU E 132 -3.43 10.84 -56.84
N ALA E 133 -4.41 9.97 -56.87
CA ALA E 133 -5.41 9.93 -55.84
C ALA E 133 -5.79 8.46 -55.66
N GLY E 134 -4.86 7.69 -55.10
CA GLY E 134 -5.08 6.28 -54.83
C GLY E 134 -6.03 6.08 -53.68
N SER E 135 -5.61 6.49 -52.50
CA SER E 135 -6.47 6.39 -51.32
C SER E 135 -7.54 7.48 -51.30
N ASP E 136 -7.33 8.58 -52.03
CA ASP E 136 -8.33 9.64 -52.18
C ASP E 136 -9.18 9.37 -53.42
N THR E 137 -9.96 8.32 -53.33
CA THR E 137 -10.77 7.97 -54.48
C THR E 137 -11.88 9.00 -54.74
N ALA E 138 -12.29 9.76 -53.72
CA ALA E 138 -13.39 10.69 -53.87
C ALA E 138 -13.08 11.84 -54.82
N SER E 139 -11.79 12.09 -55.10
CA SER E 139 -11.38 13.17 -55.99
C SER E 139 -10.61 12.65 -57.19
N MET E 140 -10.97 11.45 -57.67
CA MET E 140 -10.26 10.84 -58.78
C MET E 140 -10.67 11.46 -60.12
N ARG E 141 -9.81 11.29 -61.13
CA ARG E 141 -9.96 11.98 -62.40
C ARG E 141 -10.04 11.03 -63.60
N THR E 142 -10.33 9.75 -63.40
CA THR E 142 -10.72 8.95 -64.55
C THR E 142 -12.14 9.35 -64.90
N ARG E 143 -12.34 9.94 -66.07
CA ARG E 143 -13.64 10.50 -66.46
C ARG E 143 -14.48 9.50 -67.24
N ALA E 144 -15.73 9.35 -66.84
CA ALA E 144 -16.71 8.64 -67.64
C ALA E 144 -17.83 9.63 -67.95
N VAL E 145 -17.86 10.10 -69.20
CA VAL E 145 -18.88 11.03 -69.71
C VAL E 145 -19.89 10.23 -70.52
N ARG E 146 -21.19 10.46 -70.30
CA ARG E 146 -22.13 9.71 -71.12
C ARG E 146 -22.15 10.27 -72.54
N ASP E 147 -22.59 9.41 -73.46
CA ASP E 147 -22.62 9.71 -74.89
C ASP E 147 -23.79 8.88 -75.41
N GLY E 148 -24.97 9.47 -75.39
CA GLY E 148 -26.14 8.66 -75.60
C GLY E 148 -26.36 7.73 -74.42
N ASP E 149 -26.90 6.54 -74.72
CA ASP E 149 -27.03 5.52 -73.68
C ASP E 149 -25.69 4.90 -73.28
N ASP E 150 -24.69 4.85 -74.15
CA ASP E 150 -23.43 4.28 -73.69
C ASP E 150 -22.56 5.39 -73.06
N TRP E 151 -21.30 5.07 -72.67
CA TRP E 151 -20.39 5.98 -71.99
C TRP E 151 -19.04 6.00 -72.67
N ILE E 152 -18.36 7.15 -72.61
CA ILE E 152 -16.98 7.33 -73.05
C ILE E 152 -16.08 7.47 -71.82
N LEU E 153 -15.13 6.54 -71.67
CA LEU E 153 -14.19 6.57 -70.56
C LEU E 153 -12.90 7.24 -70.94
N ASN E 154 -12.37 8.04 -70.00
CA ASN E 154 -11.02 8.55 -70.02
C ASN E 154 -10.49 8.56 -68.59
N GLY E 155 -9.20 8.31 -68.46
CA GLY E 155 -8.50 8.28 -67.19
C GLY E 155 -7.48 7.16 -67.21
N GLN E 156 -6.96 6.83 -66.04
CA GLN E 156 -6.12 5.65 -65.94
C GLN E 156 -6.06 5.21 -64.50
N LYS E 157 -6.46 3.96 -64.29
CA LYS E 157 -6.34 3.28 -63.00
C LYS E 157 -4.98 2.63 -62.90
N SER E 158 -4.37 2.74 -61.71
CA SER E 158 -3.02 2.18 -61.42
C SER E 158 -3.10 1.23 -60.22
N TRP E 159 -2.14 0.32 -60.09
CA TRP E 159 -2.10 -0.73 -59.05
C TRP E 159 -3.35 -1.61 -59.21
N ILE E 160 -3.63 -2.02 -60.44
CA ILE E 160 -4.82 -2.83 -60.72
C ILE E 160 -4.35 -4.24 -60.87
N THR E 161 -4.76 -5.07 -59.93
CA THR E 161 -4.21 -6.40 -59.77
C THR E 161 -4.83 -7.40 -60.74
N ASN E 162 -3.98 -8.34 -61.17
CA ASN E 162 -4.35 -9.40 -62.14
C ASN E 162 -4.98 -8.70 -63.31
N ALA E 163 -4.43 -7.53 -63.64
CA ALA E 163 -4.95 -6.61 -64.66
C ALA E 163 -4.52 -6.94 -66.07
N GLY E 164 -3.64 -7.91 -66.30
CA GLY E 164 -3.32 -8.15 -67.72
C GLY E 164 -4.06 -9.37 -68.21
N ILE E 165 -4.73 -10.04 -67.29
CA ILE E 165 -5.34 -11.34 -67.55
C ILE E 165 -6.83 -11.37 -67.29
N SER E 166 -7.28 -10.56 -66.34
CA SER E 166 -8.71 -10.42 -66.13
C SER E 166 -9.37 -9.90 -67.39
N LYS E 167 -10.48 -10.55 -67.77
CA LYS E 167 -11.23 -10.18 -68.95
C LYS E 167 -12.19 -9.03 -68.65
N TYR E 168 -12.62 -8.89 -67.40
CA TYR E 168 -13.58 -7.87 -67.01
C TYR E 168 -13.04 -7.08 -65.82
N TYR E 169 -13.23 -5.75 -65.87
CA TYR E 169 -12.66 -4.79 -64.93
C TYR E 169 -13.77 -3.89 -64.42
N THR E 170 -14.25 -4.09 -63.19
CA THR E 170 -15.24 -3.15 -62.66
C THR E 170 -14.53 -1.84 -62.36
N VAL E 171 -14.32 -1.01 -63.39
CA VAL E 171 -13.58 0.24 -63.23
C VAL E 171 -14.52 1.35 -62.79
N MET E 172 -14.03 2.23 -61.94
CA MET E 172 -14.83 3.30 -61.38
C MET E 172 -14.30 4.62 -61.87
N ALA E 173 -15.18 5.43 -62.46
CA ALA E 173 -14.80 6.71 -63.05
C ALA E 173 -15.65 7.83 -62.50
N VAL E 174 -15.08 9.05 -62.51
CA VAL E 174 -15.86 10.22 -62.10
C VAL E 174 -16.93 10.47 -63.14
N THR E 175 -18.17 10.57 -62.67
CA THR E 175 -19.31 10.79 -63.55
C THR E 175 -19.70 12.25 -63.52
N ASP E 176 -20.45 12.65 -62.49
CA ASP E 176 -20.94 14.02 -62.34
C ASP E 176 -19.97 14.84 -61.51
N PRO E 177 -19.05 15.63 -62.11
CA PRO E 177 -18.04 16.32 -61.30
C PRO E 177 -18.64 17.30 -60.31
N ASP E 178 -19.35 18.30 -60.84
CA ASP E 178 -19.89 19.37 -60.02
C ASP E 178 -21.23 18.94 -59.40
N GLY E 179 -21.13 17.92 -58.55
CA GLY E 179 -22.20 17.52 -57.68
C GLY E 179 -21.66 17.26 -56.29
N PRO E 180 -22.47 16.72 -55.38
CA PRO E 180 -21.94 16.33 -54.07
C PRO E 180 -20.91 15.21 -54.23
N ARG E 181 -19.76 15.37 -53.56
CA ARG E 181 -18.57 14.55 -53.83
C ARG E 181 -18.71 13.08 -53.44
N GLY E 182 -19.84 12.66 -52.85
CA GLY E 182 -20.01 11.29 -52.42
C GLY E 182 -20.94 10.48 -53.31
N ARG E 183 -21.59 11.18 -54.24
CA ARG E 183 -22.43 10.58 -55.28
C ARG E 183 -21.83 10.86 -56.65
N ASN E 184 -20.55 11.20 -56.69
CA ASN E 184 -19.89 11.83 -57.81
C ASN E 184 -19.31 10.82 -58.79
N ILE E 185 -19.41 9.53 -58.48
CA ILE E 185 -18.62 8.52 -59.17
C ILE E 185 -19.47 7.30 -59.52
N SER E 186 -19.19 6.67 -60.67
CA SER E 186 -19.95 5.47 -61.01
C SER E 186 -19.06 4.35 -61.55
N ALA E 187 -19.59 3.11 -61.47
CA ALA E 187 -18.87 1.87 -61.71
C ALA E 187 -19.34 1.18 -62.98
N PHE E 188 -18.39 0.74 -63.79
CA PHE E 188 -18.62 0.17 -65.12
C PHE E 188 -17.77 -1.06 -65.38
N VAL E 189 -18.39 -2.14 -65.87
CA VAL E 189 -17.62 -3.32 -66.18
C VAL E 189 -17.02 -3.11 -67.56
N VAL E 190 -15.72 -2.81 -67.63
CA VAL E 190 -15.00 -2.66 -68.90
C VAL E 190 -14.41 -3.99 -69.35
N HIS E 191 -14.54 -4.31 -70.64
CA HIS E 191 -13.91 -5.53 -71.15
C HIS E 191 -12.50 -5.23 -71.62
N ILE E 192 -11.67 -6.27 -71.68
CA ILE E 192 -10.32 -6.09 -72.22
C ILE E 192 -10.35 -5.87 -73.73
N ASP E 193 -11.10 -6.71 -74.45
CA ASP E 193 -11.23 -6.57 -75.90
C ASP E 193 -12.26 -5.47 -76.13
N ASP E 194 -11.77 -4.24 -76.11
CA ASP E 194 -12.65 -3.10 -75.98
C ASP E 194 -11.85 -1.88 -76.41
N PRO E 195 -12.01 -1.39 -77.63
CA PRO E 195 -11.05 -0.43 -78.20
C PRO E 195 -10.88 0.86 -77.38
N GLY E 196 -9.61 1.26 -77.26
CA GLY E 196 -9.15 2.39 -76.47
C GLY E 196 -8.75 2.08 -75.03
N PHE E 197 -9.04 0.86 -74.55
CA PHE E 197 -8.70 0.37 -73.22
C PHE E 197 -7.35 -0.34 -73.28
N SER E 198 -6.33 0.23 -72.67
CA SER E 198 -4.98 -0.31 -72.74
C SER E 198 -4.45 -0.58 -71.33
N PHE E 199 -3.35 -1.33 -71.26
CA PHE E 199 -2.69 -1.56 -69.98
C PHE E 199 -1.32 -0.90 -69.92
N GLY E 200 -0.92 -0.53 -68.71
CA GLY E 200 0.45 -0.11 -68.50
C GLY E 200 1.36 -1.32 -68.45
N GLU E 201 2.66 -1.06 -68.44
CA GLU E 201 3.59 -2.16 -68.28
C GLU E 201 3.31 -2.89 -66.96
N PRO E 202 3.59 -4.18 -66.89
CA PRO E 202 3.42 -4.88 -65.61
C PRO E 202 4.38 -4.35 -64.55
N GLU E 203 3.83 -4.07 -63.38
CA GLU E 203 4.66 -3.48 -62.34
C GLU E 203 5.63 -4.55 -61.86
N ARG E 204 6.85 -4.10 -61.59
CA ARG E 204 7.88 -4.93 -60.99
C ARG E 204 7.75 -4.82 -59.47
N LYS E 205 7.10 -5.79 -58.88
CA LYS E 205 6.68 -5.73 -57.49
C LYS E 205 7.68 -6.41 -56.56
N LEU E 206 7.64 -6.00 -55.30
CA LEU E 206 8.45 -6.63 -54.26
C LEU E 206 8.11 -8.11 -54.16
N GLY E 207 6.83 -8.40 -53.97
CA GLY E 207 6.34 -9.76 -53.88
C GLY E 207 5.05 -9.83 -54.65
N ILE E 208 4.32 -10.93 -54.54
CA ILE E 208 3.17 -11.12 -55.42
C ILE E 208 3.59 -10.89 -56.85
N LYS E 209 4.83 -11.23 -57.15
CA LYS E 209 5.40 -10.94 -58.46
C LYS E 209 4.57 -11.60 -59.55
N GLY E 210 3.96 -12.74 -59.22
CA GLY E 210 3.20 -13.52 -60.17
C GLY E 210 1.96 -12.83 -60.66
N SER E 211 1.06 -12.57 -59.74
CA SER E 211 -0.18 -11.92 -60.11
C SER E 211 0.14 -10.51 -60.58
N PRO E 212 -0.14 -10.17 -61.83
CA PRO E 212 0.39 -8.93 -62.41
C PRO E 212 -0.36 -7.71 -61.92
N THR E 213 0.39 -6.69 -61.56
CA THR E 213 -0.12 -5.38 -61.23
C THR E 213 0.19 -4.49 -62.42
N ARG E 214 -0.86 -4.06 -63.11
CA ARG E 214 -0.76 -3.20 -64.28
C ARG E 214 -1.62 -1.97 -64.09
N GLU E 215 -1.21 -0.88 -64.72
CA GLU E 215 -2.10 0.25 -64.93
C GLU E 215 -3.23 -0.11 -65.89
N LEU E 216 -4.36 0.57 -65.72
CA LEU E 216 -5.46 0.54 -66.67
C LEU E 216 -5.53 1.93 -67.26
N ILE E 217 -5.28 2.06 -68.56
CA ILE E 217 -5.28 3.34 -69.24
C ILE E 217 -6.55 3.37 -70.08
N PHE E 218 -7.30 4.46 -70.01
CA PHE E 218 -8.51 4.56 -70.83
C PHE E 218 -8.37 5.73 -71.79
N ASP E 219 -8.27 5.42 -73.08
CA ASP E 219 -8.23 6.46 -74.11
C ASP E 219 -9.53 6.36 -74.91
N ASN E 220 -10.55 7.09 -74.42
CA ASN E 220 -11.87 7.20 -75.06
C ASN E 220 -12.51 5.83 -75.28
N VAL E 221 -12.70 5.11 -74.18
CA VAL E 221 -13.23 3.75 -74.26
C VAL E 221 -14.75 3.82 -74.36
N ARG E 222 -15.29 3.40 -75.48
CA ARG E 222 -16.74 3.30 -75.65
C ARG E 222 -17.24 2.05 -74.94
N ILE E 223 -18.01 2.23 -73.87
CA ILE E 223 -18.64 1.10 -73.19
C ILE E 223 -20.15 1.25 -73.25
N PRO E 224 -20.89 0.19 -73.48
CA PRO E 224 -22.35 0.28 -73.48
C PRO E 224 -22.92 0.85 -72.19
N GLY E 225 -24.14 1.35 -72.25
CA GLY E 225 -24.75 1.82 -71.03
C GLY E 225 -25.09 0.70 -70.05
N ASP E 226 -25.23 -0.53 -70.55
CA ASP E 226 -25.52 -1.62 -69.63
C ASP E 226 -24.28 -2.03 -68.87
N ARG E 227 -23.12 -1.44 -69.21
CA ARG E 227 -21.90 -1.70 -68.46
C ARG E 227 -21.92 -1.03 -67.12
N LEU E 228 -22.94 -0.19 -66.88
CA LEU E 228 -23.20 0.40 -65.59
C LEU E 228 -23.47 -0.67 -64.55
N VAL E 229 -22.84 -0.50 -63.39
CA VAL E 229 -23.02 -1.35 -62.25
C VAL E 229 -23.60 -0.48 -61.15
N GLY E 230 -24.82 -0.78 -60.73
CA GLY E 230 -25.46 0.03 -59.73
C GLY E 230 -25.93 1.35 -60.31
N LYS E 231 -26.58 2.13 -59.44
CA LYS E 231 -27.12 3.41 -59.85
C LYS E 231 -25.99 4.36 -60.17
N VAL E 232 -26.20 5.24 -61.16
CA VAL E 232 -25.14 6.19 -61.47
C VAL E 232 -24.95 7.12 -60.28
N GLY E 233 -23.69 7.29 -59.87
CA GLY E 233 -23.32 8.06 -58.72
C GLY E 233 -23.24 7.23 -57.46
N GLU E 234 -23.97 6.11 -57.42
CA GLU E 234 -23.91 5.13 -56.34
C GLU E 234 -22.55 4.43 -56.33
N GLY E 235 -21.59 4.95 -57.11
CA GLY E 235 -20.35 4.21 -57.26
C GLY E 235 -19.41 4.27 -56.08
N LEU E 236 -19.32 5.41 -55.40
CA LEU E 236 -18.40 5.50 -54.27
C LEU E 236 -18.94 4.77 -53.04
N ARG E 237 -20.24 4.89 -52.75
CA ARG E 237 -20.78 4.09 -51.65
C ARG E 237 -20.77 2.60 -52.01
N THR E 238 -20.82 2.28 -53.31
CA THR E 238 -20.58 0.91 -53.75
C THR E 238 -19.15 0.46 -53.49
N ALA E 239 -18.16 1.33 -53.81
CA ALA E 239 -16.75 0.97 -53.64
C ALA E 239 -16.43 0.81 -52.17
N LEU E 240 -17.03 1.66 -51.34
CA LEU E 240 -16.83 1.56 -49.92
C LEU E 240 -17.39 0.23 -49.42
N ARG E 241 -18.56 -0.15 -49.93
CA ARG E 241 -19.17 -1.39 -49.45
C ARG E 241 -18.39 -2.60 -49.95
N THR E 242 -17.77 -2.50 -51.13
CA THR E 242 -16.93 -3.62 -51.60
C THR E 242 -15.65 -3.71 -50.78
N LEU E 243 -15.07 -2.56 -50.43
CA LEU E 243 -13.93 -2.55 -49.52
C LEU E 243 -14.28 -3.26 -48.22
N ASP E 244 -15.37 -2.86 -47.56
CA ASP E 244 -15.82 -3.48 -46.31
C ASP E 244 -15.70 -5.02 -46.36
N HIS E 245 -15.95 -5.63 -47.51
CA HIS E 245 -15.87 -7.08 -47.61
C HIS E 245 -14.50 -7.57 -48.10
N THR E 246 -13.82 -6.83 -48.96
CA THR E 246 -12.60 -7.39 -49.52
C THR E 246 -11.38 -7.09 -48.68
N ARG E 247 -11.50 -6.15 -47.74
CA ARG E 247 -10.53 -6.06 -46.65
C ARG E 247 -10.34 -7.42 -46.02
N VAL E 248 -11.45 -8.11 -45.66
CA VAL E 248 -11.31 -9.37 -44.95
C VAL E 248 -10.73 -10.45 -45.85
N THR E 249 -10.94 -10.37 -47.17
CA THR E 249 -10.28 -11.38 -48.00
C THR E 249 -8.80 -11.17 -47.98
N ILE E 250 -8.35 -9.92 -48.01
CA ILE E 250 -6.91 -9.68 -47.83
C ILE E 250 -6.45 -10.04 -46.43
N GLY E 251 -7.33 -9.86 -45.44
CA GLY E 251 -7.03 -10.36 -44.11
C GLY E 251 -6.70 -11.82 -44.15
N ALA E 252 -7.58 -12.61 -44.77
CA ALA E 252 -7.34 -14.05 -44.97
C ALA E 252 -6.07 -14.32 -45.76
N GLN E 253 -5.83 -13.57 -46.82
CA GLN E 253 -4.59 -13.74 -47.58
C GLN E 253 -3.39 -13.52 -46.68
N ALA E 254 -3.44 -12.49 -45.85
CA ALA E 254 -2.35 -12.19 -44.94
C ALA E 254 -2.16 -13.33 -43.96
N VAL E 255 -3.23 -13.70 -43.25
CA VAL E 255 -3.22 -14.82 -42.32
C VAL E 255 -2.74 -16.09 -43.02
N GLY E 256 -3.15 -16.28 -44.26
CA GLY E 256 -2.71 -17.46 -44.98
C GLY E 256 -1.21 -17.43 -45.21
N ILE E 257 -0.70 -16.30 -45.70
CA ILE E 257 0.74 -16.16 -45.89
C ILE E 257 1.44 -16.41 -44.56
N ALA E 258 0.89 -15.85 -43.49
CA ALA E 258 1.48 -16.05 -42.17
C ALA E 258 1.50 -17.53 -41.81
N GLN E 259 0.40 -18.23 -42.11
CA GLN E 259 0.30 -19.66 -41.84
C GLN E 259 1.39 -20.43 -42.56
N GLY E 260 1.49 -20.22 -43.88
CA GLY E 260 2.53 -20.91 -44.64
C GLY E 260 3.92 -20.66 -44.11
N ALA E 261 4.26 -19.39 -43.85
CA ALA E 261 5.61 -19.10 -43.40
C ALA E 261 5.88 -19.77 -42.07
N LEU E 262 4.94 -19.69 -41.13
CA LEU E 262 5.17 -20.36 -39.87
C LEU E 262 5.29 -21.84 -40.08
N ASP E 263 4.60 -22.39 -41.08
CA ASP E 263 4.73 -23.81 -41.34
C ASP E 263 6.17 -24.13 -41.72
N TYR E 264 6.71 -23.43 -42.72
CA TYR E 264 8.09 -23.69 -43.07
C TYR E 264 9.01 -23.45 -41.91
N ALA E 265 8.70 -22.48 -41.08
CA ALA E 265 9.55 -22.21 -39.93
C ALA E 265 9.54 -23.38 -38.97
N LEU E 266 8.35 -23.87 -38.61
CA LEU E 266 8.24 -25.02 -37.73
C LEU E 266 8.96 -26.22 -38.30
N GLY E 267 8.70 -26.53 -39.56
CA GLY E 267 9.38 -27.64 -40.17
C GLY E 267 10.89 -27.52 -40.04
N TYR E 268 11.44 -26.37 -40.44
CA TYR E 268 12.88 -26.20 -40.39
C TYR E 268 13.42 -26.28 -38.97
N VAL E 269 12.75 -25.67 -37.99
CA VAL E 269 13.32 -25.65 -36.63
C VAL E 269 13.18 -27.01 -35.93
N LYS E 270 12.17 -27.81 -36.30
CA LYS E 270 12.14 -29.18 -35.79
C LYS E 270 13.27 -29.97 -36.41
N GLU E 271 13.38 -29.91 -37.73
CA GLU E 271 14.35 -30.68 -38.48
C GLU E 271 15.77 -30.26 -38.15
N ARG E 272 16.12 -29.01 -38.46
CA ARG E 272 17.51 -28.67 -38.69
C ARG E 272 18.17 -28.14 -37.44
N LYS E 273 19.49 -28.28 -37.36
CA LYS E 273 20.17 -28.36 -36.08
C LYS E 273 21.40 -27.45 -35.97
N GLN E 274 21.49 -26.75 -34.85
CA GLN E 274 22.64 -25.92 -34.52
C GLN E 274 23.01 -26.16 -33.07
N PHE E 275 24.30 -26.01 -32.76
CA PHE E 275 24.81 -26.21 -31.41
C PHE E 275 24.43 -27.59 -30.84
N GLY E 276 24.63 -28.63 -31.65
CA GLY E 276 24.35 -30.00 -31.25
C GLY E 276 22.96 -30.22 -30.69
N LYS E 277 22.00 -29.37 -31.06
CA LYS E 277 20.64 -29.43 -30.55
C LYS E 277 19.69 -29.02 -31.68
N ALA E 278 18.51 -29.65 -31.72
CA ALA E 278 17.47 -29.18 -32.63
C ALA E 278 17.08 -27.76 -32.24
N ILE E 279 17.05 -26.86 -33.22
CA ILE E 279 16.96 -25.46 -32.84
C ILE E 279 15.61 -25.14 -32.20
N ALA E 280 14.58 -25.96 -32.42
CA ALA E 280 13.35 -25.76 -31.65
C ALA E 280 13.52 -26.13 -30.19
N ASP E 281 14.61 -26.80 -29.86
CA ASP E 281 14.92 -27.17 -28.49
C ASP E 281 15.66 -26.07 -27.75
N PHE E 282 15.71 -24.87 -28.32
CA PHE E 282 16.20 -23.68 -27.63
C PHE E 282 15.03 -22.75 -27.37
N GLN E 283 14.98 -22.20 -26.15
CA GLN E 283 13.76 -21.56 -25.70
C GLN E 283 13.54 -20.18 -26.29
N GLY E 284 14.59 -19.51 -26.74
CA GLY E 284 14.37 -18.25 -27.41
C GLY E 284 13.57 -18.51 -28.66
N ILE E 285 14.11 -19.40 -29.50
CA ILE E 285 13.43 -19.83 -30.72
C ILE E 285 12.10 -20.43 -30.40
N GLN E 286 12.00 -21.07 -29.26
CA GLN E 286 10.74 -21.67 -28.89
C GLN E 286 9.69 -20.59 -28.67
N PHE E 287 10.02 -19.56 -27.88
CA PHE E 287 9.09 -18.43 -27.70
C PHE E 287 8.77 -17.80 -29.04
N MET E 288 9.77 -17.69 -29.89
CA MET E 288 9.58 -16.98 -31.14
C MET E 288 8.55 -17.70 -31.99
N LEU E 289 8.61 -19.03 -32.00
CA LEU E 289 7.58 -19.84 -32.66
C LEU E 289 6.22 -19.66 -31.99
N ALA E 290 6.23 -19.54 -30.67
CA ALA E 290 4.97 -19.33 -29.95
C ALA E 290 4.36 -18.01 -30.37
N ASP E 291 5.17 -16.96 -30.39
CA ASP E 291 4.69 -15.63 -30.75
C ASP E 291 4.11 -15.64 -32.15
N MET E 292 4.84 -16.20 -33.10
CA MET E 292 4.33 -16.25 -34.46
C MET E 292 2.97 -16.95 -34.49
N ALA E 293 2.89 -18.13 -33.88
CA ALA E 293 1.62 -18.86 -33.92
C ALA E 293 0.53 -18.10 -33.21
N MET E 294 0.86 -17.45 -32.10
CA MET E 294 -0.15 -16.76 -31.30
C MET E 294 -0.71 -15.55 -32.05
N LYS E 295 0.17 -14.66 -32.50
CA LYS E 295 -0.28 -13.59 -33.36
C LYS E 295 -1.12 -14.16 -34.50
N LEU E 296 -0.55 -15.11 -35.25
CA LEU E 296 -1.25 -15.67 -36.40
C LEU E 296 -2.64 -16.14 -36.05
N GLU E 297 -2.80 -16.80 -34.90
CA GLU E 297 -4.11 -17.31 -34.58
C GLU E 297 -5.06 -16.17 -34.22
N ALA E 298 -4.56 -15.15 -33.51
CA ALA E 298 -5.42 -13.99 -33.25
C ALA E 298 -5.83 -13.33 -34.56
N ALA E 299 -4.85 -13.13 -35.44
CA ALA E 299 -5.10 -12.53 -36.75
C ALA E 299 -6.05 -13.38 -37.55
N ARG E 300 -5.88 -14.70 -37.47
CA ARG E 300 -6.80 -15.60 -38.16
C ARG E 300 -8.21 -15.41 -37.65
N GLN E 301 -8.41 -15.65 -36.34
CA GLN E 301 -9.74 -15.63 -35.77
C GLN E 301 -10.40 -14.30 -36.01
N MET E 302 -9.61 -13.22 -36.04
CA MET E 302 -10.21 -11.92 -36.33
C MET E 302 -10.56 -11.78 -37.80
N VAL E 303 -9.74 -12.34 -38.71
CA VAL E 303 -10.17 -12.36 -40.10
C VAL E 303 -11.47 -13.12 -40.22
N TYR E 304 -11.64 -14.19 -39.44
CA TYR E 304 -12.87 -14.98 -39.53
C TYR E 304 -14.03 -14.24 -38.90
N VAL E 305 -13.80 -13.56 -37.77
CA VAL E 305 -14.85 -12.72 -37.20
C VAL E 305 -15.32 -11.70 -38.21
N ALA E 306 -14.37 -11.02 -38.86
CA ALA E 306 -14.76 -10.04 -39.87
C ALA E 306 -15.35 -10.70 -41.11
N ALA E 307 -14.94 -11.92 -41.42
CA ALA E 307 -15.56 -12.61 -42.53
C ALA E 307 -17.00 -12.94 -42.21
N ALA E 308 -17.22 -13.53 -41.04
CA ALA E 308 -18.56 -13.82 -40.59
C ALA E 308 -19.41 -12.56 -40.59
N LYS E 309 -18.84 -11.45 -40.14
CA LYS E 309 -19.57 -10.19 -40.14
C LYS E 309 -19.76 -9.69 -41.55
N SER E 310 -18.90 -10.11 -42.50
CA SER E 310 -19.05 -9.65 -43.88
C SER E 310 -20.12 -10.43 -44.61
N GLU E 311 -20.40 -11.66 -44.17
CA GLU E 311 -21.61 -12.29 -44.69
C GLU E 311 -22.87 -11.88 -43.94
N ARG E 312 -22.86 -11.91 -42.62
CA ARG E 312 -24.01 -11.34 -41.94
C ARG E 312 -24.18 -9.88 -42.31
N ASP E 313 -23.14 -9.27 -42.86
CA ASP E 313 -23.16 -7.86 -43.25
C ASP E 313 -23.62 -7.00 -42.07
N ASP E 314 -22.97 -7.20 -40.92
CA ASP E 314 -23.24 -6.44 -39.70
C ASP E 314 -22.83 -4.98 -39.88
N ALA E 315 -23.26 -4.16 -38.93
CA ALA E 315 -23.03 -2.73 -39.01
C ALA E 315 -21.56 -2.39 -38.90
N ASP E 316 -20.82 -3.07 -38.02
CA ASP E 316 -19.40 -2.80 -37.80
C ASP E 316 -18.48 -3.56 -38.76
N LEU E 317 -19.01 -4.10 -39.87
CA LEU E 317 -18.13 -4.76 -40.82
C LEU E 317 -17.01 -3.83 -41.26
N SER E 318 -17.30 -2.53 -41.37
CA SER E 318 -16.23 -1.58 -41.70
C SER E 318 -15.10 -1.67 -40.68
N PHE E 319 -15.40 -1.39 -39.41
CA PHE E 319 -14.37 -1.46 -38.40
C PHE E 319 -13.77 -2.84 -38.33
N TYR E 320 -14.61 -3.87 -38.17
CA TYR E 320 -14.05 -5.19 -37.97
C TYR E 320 -13.25 -5.66 -39.17
N GLY E 321 -13.75 -5.40 -40.37
CA GLY E 321 -13.02 -5.76 -41.57
C GLY E 321 -11.67 -5.10 -41.62
N ALA E 322 -11.64 -3.77 -41.40
CA ALA E 322 -10.36 -3.06 -41.33
C ALA E 322 -9.44 -3.61 -40.25
N ALA E 323 -9.92 -3.74 -39.01
CA ALA E 323 -9.05 -4.18 -37.93
C ALA E 323 -8.49 -5.55 -38.24
N ALA E 324 -9.36 -6.49 -38.64
CA ALA E 324 -8.88 -7.81 -39.01
C ALA E 324 -7.92 -7.73 -40.18
N LYS E 325 -8.27 -6.97 -41.22
CA LYS E 325 -7.36 -6.87 -42.38
C LYS E 325 -6.03 -6.29 -41.91
N CYS E 326 -6.09 -5.21 -41.13
CA CYS E 326 -4.85 -4.54 -40.63
C CYS E 326 -4.05 -5.47 -39.72
N PHE E 327 -4.73 -6.17 -38.80
CA PHE E 327 -4.01 -7.07 -37.86
C PHE E 327 -3.43 -8.23 -38.67
N ALA E 328 -4.25 -8.85 -39.50
CA ALA E 328 -3.81 -9.92 -40.36
C ALA E 328 -2.58 -9.50 -41.12
N SER E 329 -2.63 -8.37 -41.81
CA SER E 329 -1.49 -7.90 -42.60
C SER E 329 -0.25 -7.62 -41.75
N ASP E 330 -0.39 -6.81 -40.69
CA ASP E 330 0.73 -6.51 -39.81
C ASP E 330 1.36 -7.79 -39.28
N VAL E 331 0.51 -8.69 -38.79
CA VAL E 331 0.95 -9.97 -38.25
C VAL E 331 1.65 -10.78 -39.33
N ALA E 332 1.09 -10.84 -40.53
CA ALA E 332 1.78 -11.56 -41.60
C ALA E 332 3.17 -11.00 -41.80
N MET E 333 3.29 -9.68 -41.81
CA MET E 333 4.58 -9.05 -41.98
C MET E 333 5.54 -9.49 -40.88
N GLU E 334 5.11 -9.38 -39.61
CA GLU E 334 5.97 -9.77 -38.48
C GLU E 334 6.33 -11.25 -38.52
N ILE E 335 5.35 -12.08 -38.84
CA ILE E 335 5.55 -13.52 -38.84
C ILE E 335 6.51 -13.91 -39.94
N THR E 336 6.26 -13.48 -41.17
CA THR E 336 7.18 -13.83 -42.22
C THR E 336 8.57 -13.21 -42.01
N THR E 337 8.67 -12.00 -41.45
CA THR E 337 10.00 -11.50 -41.12
C THR E 337 10.70 -12.42 -40.13
N ASP E 338 10.00 -12.81 -39.07
CA ASP E 338 10.55 -13.79 -38.13
C ASP E 338 10.81 -15.15 -38.78
N ALA E 339 9.93 -15.61 -39.68
CA ALA E 339 10.10 -16.88 -40.38
C ALA E 339 11.37 -16.89 -41.20
N VAL E 340 11.60 -15.83 -41.97
CA VAL E 340 12.89 -15.77 -42.64
C VAL E 340 13.98 -15.80 -41.60
N GLN E 341 13.80 -15.06 -40.50
CA GLN E 341 14.81 -15.05 -39.46
C GLN E 341 15.13 -16.44 -38.98
N LEU E 342 14.10 -17.27 -38.80
CA LEU E 342 14.33 -18.58 -38.18
C LEU E 342 15.12 -19.48 -39.09
N LEU E 343 14.95 -19.37 -40.40
CA LEU E 343 15.72 -20.30 -41.19
C LEU E 343 17.13 -19.80 -41.40
N GLY E 344 17.48 -18.69 -40.77
CA GLY E 344 18.81 -18.17 -40.90
C GLY E 344 19.20 -18.00 -42.34
N GLY E 345 20.46 -18.34 -42.65
CA GLY E 345 20.96 -18.19 -44.02
C GLY E 345 20.10 -18.89 -45.05
N TYR E 346 19.57 -20.05 -44.70
CA TYR E 346 18.76 -20.79 -45.65
C TYR E 346 17.49 -20.00 -45.99
N GLY E 347 16.87 -19.37 -44.99
CA GLY E 347 15.63 -18.63 -45.19
C GLY E 347 15.78 -17.39 -46.05
N TYR E 348 17.00 -16.93 -46.20
CA TYR E 348 17.32 -15.80 -47.03
C TYR E 348 17.56 -16.17 -48.47
N THR E 349 17.34 -17.43 -48.86
CA THR E 349 17.57 -17.91 -50.22
C THR E 349 16.24 -18.19 -50.91
N ARG E 350 16.20 -17.97 -52.22
CA ARG E 350 14.95 -18.25 -52.94
C ARG E 350 14.68 -19.73 -53.07
N ASP E 351 15.69 -20.56 -52.80
CA ASP E 351 15.53 -22.01 -52.72
C ASP E 351 14.50 -22.38 -51.65
N TYR E 352 14.43 -21.59 -50.59
CA TYR E 352 13.47 -21.76 -49.52
C TYR E 352 12.40 -20.67 -49.60
N PRO E 353 11.14 -21.02 -49.30
CA PRO E 353 10.00 -20.14 -49.65
C PRO E 353 9.76 -18.92 -48.74
N VAL E 354 10.28 -18.90 -47.50
CA VAL E 354 10.00 -17.85 -46.53
C VAL E 354 10.41 -16.46 -47.01
N GLU E 355 11.49 -16.36 -47.79
CA GLU E 355 11.84 -15.10 -48.43
C GLU E 355 10.68 -14.56 -49.26
N ARG E 356 10.12 -15.40 -50.13
CA ARG E 356 8.94 -14.98 -50.86
C ARG E 356 7.76 -14.73 -49.92
N MET E 357 7.58 -15.55 -48.90
CA MET E 357 6.42 -15.31 -48.06
C MET E 357 6.50 -13.98 -47.35
N MET E 358 7.72 -13.51 -47.06
CA MET E 358 7.91 -12.16 -46.54
C MET E 358 7.61 -11.11 -47.59
N ARG E 359 8.25 -11.21 -48.75
CA ARG E 359 7.95 -10.24 -49.80
C ARG E 359 6.46 -10.19 -50.05
N ASP E 360 5.83 -11.36 -50.11
CA ASP E 360 4.40 -11.38 -50.36
C ASP E 360 3.62 -10.77 -49.22
N ALA E 361 3.99 -11.03 -47.96
CA ALA E 361 3.16 -10.45 -46.89
C ALA E 361 3.16 -8.92 -46.97
N LYS E 362 4.25 -8.33 -47.49
CA LYS E 362 4.35 -6.87 -47.44
C LYS E 362 3.21 -6.13 -48.17
N ILE E 363 2.57 -6.74 -49.18
CA ILE E 363 1.42 -5.99 -49.77
C ILE E 363 0.20 -6.15 -48.90
N THR E 364 0.15 -7.21 -48.10
CA THR E 364 -1.13 -7.36 -47.40
C THR E 364 -1.38 -6.17 -46.51
N GLN E 365 -0.30 -5.53 -46.07
CA GLN E 365 -0.31 -4.26 -45.38
C GLN E 365 -0.55 -3.07 -46.30
N ILE E 366 -0.29 -3.20 -47.60
CA ILE E 366 -0.33 -2.03 -48.46
C ILE E 366 -1.62 -1.97 -49.26
N TYR E 367 -1.89 -2.95 -50.12
CA TYR E 367 -3.09 -2.75 -50.93
C TYR E 367 -4.36 -3.00 -50.13
N GLU E 368 -5.47 -2.59 -50.72
CA GLU E 368 -6.78 -2.69 -50.09
C GLU E 368 -6.80 -1.76 -48.89
N GLY E 369 -6.21 -0.60 -49.10
CA GLY E 369 -6.20 0.37 -48.04
C GLY E 369 -5.03 0.03 -47.17
N THR E 370 -3.97 0.80 -47.28
CA THR E 370 -2.79 0.58 -46.47
C THR E 370 -3.19 0.56 -45.01
N ASN E 371 -2.46 -0.22 -44.19
CA ASN E 371 -2.88 -0.35 -42.80
C ASN E 371 -2.93 0.99 -42.09
N GLN E 372 -2.30 2.02 -42.65
CA GLN E 372 -2.53 3.37 -42.15
C GLN E 372 -3.95 3.81 -42.44
N ILE E 373 -4.40 3.66 -43.68
CA ILE E 373 -5.78 4.03 -44.00
C ILE E 373 -6.73 3.19 -43.17
N GLN E 374 -6.41 1.90 -42.99
CA GLN E 374 -7.23 1.07 -42.13
C GLN E 374 -7.26 1.64 -40.73
N ARG E 375 -6.14 2.17 -40.24
CA ARG E 375 -6.14 2.74 -38.90
C ARG E 375 -7.01 4.00 -38.84
N VAL E 376 -7.01 4.79 -39.91
CA VAL E 376 -7.88 5.97 -39.96
C VAL E 376 -9.33 5.52 -39.84
N VAL E 377 -9.70 4.54 -40.67
CA VAL E 377 -11.06 4.02 -40.72
C VAL E 377 -11.47 3.47 -39.37
N MET E 378 -10.59 2.73 -38.71
CA MET E 378 -10.92 2.19 -37.41
C MET E 378 -11.20 3.30 -36.43
N ALA E 379 -10.29 4.26 -36.35
CA ALA E 379 -10.51 5.37 -35.43
C ALA E 379 -11.85 6.02 -35.73
N ARG E 380 -12.17 6.21 -37.02
CA ARG E 380 -13.42 6.85 -37.34
C ARG E 380 -14.58 6.06 -36.79
N GLN E 381 -14.46 4.74 -36.76
CA GLN E 381 -15.56 3.96 -36.21
C GLN E 381 -15.60 4.07 -34.68
N LEU E 382 -14.45 4.19 -34.03
CA LEU E 382 -14.47 4.30 -32.56
C LEU E 382 -15.00 5.65 -32.12
N LEU E 383 -14.75 6.69 -32.89
CA LEU E 383 -15.22 8.05 -32.58
C LEU E 383 -16.61 8.24 -33.22
N LYS E 384 -17.56 7.46 -32.69
CA LYS E 384 -18.96 7.52 -33.10
C LYS E 384 -19.78 7.12 -31.87
N ASP F 5 -24.42 -16.90 -39.34
CA ASP F 5 -24.59 -16.89 -37.87
C ASP F 5 -23.29 -17.37 -37.23
N LEU F 6 -22.21 -17.20 -37.96
CA LEU F 6 -20.93 -17.68 -37.49
C LEU F 6 -20.18 -16.66 -36.63
N TYR F 7 -19.15 -17.18 -35.94
CA TYR F 7 -18.15 -16.40 -35.20
C TYR F 7 -18.73 -15.19 -34.45
N ARG F 8 -19.68 -15.46 -33.55
CA ARG F 8 -20.24 -14.40 -32.74
C ARG F 8 -20.75 -14.95 -31.43
N PRO F 9 -20.67 -14.21 -30.33
CA PRO F 9 -21.36 -14.66 -29.13
C PRO F 9 -22.86 -14.63 -29.41
N THR F 10 -23.54 -15.72 -29.06
CA THR F 10 -24.95 -15.79 -29.33
C THR F 10 -25.68 -14.66 -28.65
N GLU F 11 -26.82 -14.29 -29.24
CA GLU F 11 -27.64 -13.24 -28.67
C GLU F 11 -27.94 -13.55 -27.21
N GLU F 12 -28.10 -14.84 -26.88
CA GLU F 12 -28.15 -15.24 -25.48
C GLU F 12 -26.98 -14.59 -24.75
N HIS F 13 -25.75 -14.90 -25.16
CA HIS F 13 -24.58 -14.33 -24.50
C HIS F 13 -24.58 -12.82 -24.54
N GLU F 14 -25.05 -12.21 -25.62
CA GLU F 14 -25.03 -10.76 -25.69
C GLU F 14 -26.00 -10.15 -24.68
N ALA F 15 -27.11 -10.83 -24.46
CA ALA F 15 -28.01 -10.48 -23.39
C ALA F 15 -27.30 -10.60 -22.06
N LEU F 16 -26.59 -11.72 -21.88
CA LEU F 16 -25.76 -11.95 -20.69
C LEU F 16 -24.76 -10.82 -20.48
N ARG F 17 -24.18 -10.34 -21.57
CA ARG F 17 -23.22 -9.26 -21.59
C ARG F 17 -23.86 -8.03 -21.02
N GLU F 18 -24.80 -7.44 -21.76
CA GLU F 18 -25.45 -6.23 -21.26
C GLU F 18 -25.90 -6.38 -19.83
N ALA F 19 -26.29 -7.59 -19.42
CA ALA F 19 -26.62 -7.86 -18.02
C ALA F 19 -25.44 -7.59 -17.09
N ILE F 20 -24.36 -8.36 -17.26
CA ILE F 20 -23.22 -8.23 -16.37
C ILE F 20 -22.57 -6.87 -16.55
N ARG F 21 -22.62 -6.30 -17.75
CA ARG F 21 -22.15 -4.94 -17.95
C ARG F 21 -22.90 -4.01 -17.03
N SER F 22 -24.23 -4.15 -17.01
CA SER F 22 -25.05 -3.28 -16.18
C SER F 22 -24.75 -3.48 -14.70
N VAL F 23 -24.61 -4.71 -14.26
CA VAL F 23 -24.25 -4.94 -12.87
C VAL F 23 -22.89 -4.31 -12.57
N ALA F 24 -21.98 -4.38 -13.52
CA ALA F 24 -20.64 -3.86 -13.31
C ALA F 24 -20.65 -2.34 -13.25
N GLU F 25 -21.05 -1.70 -14.34
CA GLU F 25 -21.22 -0.25 -14.38
C GLU F 25 -22.01 0.25 -13.18
N ASP F 26 -23.06 -0.48 -12.80
CA ASP F 26 -24.02 -0.02 -11.80
C ASP F 26 -23.45 -0.19 -10.40
N LYS F 27 -23.24 -1.43 -10.00
CA LYS F 27 -22.92 -1.78 -8.63
C LYS F 27 -21.43 -2.04 -8.40
N ILE F 28 -20.67 -2.40 -9.43
CA ILE F 28 -19.26 -2.77 -9.29
C ILE F 28 -18.35 -1.57 -9.54
N ALA F 29 -18.57 -0.87 -10.66
CA ALA F 29 -17.66 0.18 -11.12
C ALA F 29 -17.39 1.29 -10.11
N PRO F 30 -18.39 1.95 -9.51
CA PRO F 30 -18.06 3.07 -8.61
C PRO F 30 -17.15 2.68 -7.47
N HIS F 31 -17.22 1.43 -7.01
CA HIS F 31 -16.40 0.99 -5.89
C HIS F 31 -14.99 0.58 -6.31
N ALA F 32 -14.76 0.35 -7.60
CA ALA F 32 -13.45 -0.08 -8.11
C ALA F 32 -12.32 0.82 -7.62
N ALA F 33 -12.54 2.13 -7.66
CA ALA F 33 -11.51 3.09 -7.26
C ALA F 33 -11.05 2.86 -5.82
N ASP F 34 -12.01 2.67 -4.92
CA ASP F 34 -11.65 2.45 -3.53
C ASP F 34 -11.06 1.05 -3.38
N VAL F 35 -11.66 0.10 -4.11
CA VAL F 35 -11.16 -1.27 -4.18
C VAL F 35 -9.66 -1.27 -4.37
N ASP F 36 -9.20 -0.51 -5.36
CA ASP F 36 -7.77 -0.40 -5.62
C ASP F 36 -7.06 0.40 -4.52
N GLU F 37 -7.57 1.60 -4.22
CA GLU F 37 -6.82 2.51 -3.36
C GLU F 37 -6.58 1.89 -2.00
N GLN F 38 -7.60 1.29 -1.41
CA GLN F 38 -7.46 0.74 -0.07
C GLN F 38 -7.06 -0.71 -0.06
N SER F 39 -6.70 -1.27 -1.21
CA SER F 39 -6.22 -2.65 -1.25
C SER F 39 -7.16 -3.56 -0.45
N ARG F 40 -8.46 -3.26 -0.53
CA ARG F 40 -9.49 -3.97 0.24
C ARG F 40 -10.33 -4.86 -0.68
N PHE F 41 -10.93 -5.90 -0.09
CA PHE F 41 -11.73 -6.80 -0.92
C PHE F 41 -12.87 -6.03 -1.58
N PRO F 42 -13.21 -6.35 -2.84
CA PRO F 42 -14.37 -5.71 -3.49
C PRO F 42 -15.68 -6.26 -2.98
N GLN F 43 -15.97 -6.10 -1.68
CA GLN F 43 -17.18 -6.69 -1.07
C GLN F 43 -18.45 -6.23 -1.77
N GLU F 44 -18.54 -4.94 -2.08
CA GLU F 44 -19.67 -4.39 -2.81
C GLU F 44 -19.88 -5.12 -4.13
N ALA F 45 -18.77 -5.38 -4.86
CA ALA F 45 -18.86 -6.13 -6.10
C ALA F 45 -19.37 -7.55 -5.86
N TYR F 46 -18.83 -8.21 -4.83
CA TYR F 46 -19.24 -9.58 -4.57
C TYR F 46 -20.73 -9.64 -4.34
N GLU F 47 -21.23 -8.74 -3.51
CA GLU F 47 -22.65 -8.73 -3.23
C GLU F 47 -23.47 -8.46 -4.49
N ALA F 48 -22.98 -7.58 -5.38
CA ALA F 48 -23.76 -7.27 -6.58
C ALA F 48 -23.85 -8.45 -7.55
N LEU F 49 -22.72 -9.14 -7.74
CA LEU F 49 -22.70 -10.31 -8.61
C LEU F 49 -23.60 -11.39 -8.05
N ARG F 50 -23.50 -11.61 -6.73
CA ARG F 50 -24.32 -12.61 -6.09
C ARG F 50 -25.80 -12.29 -6.25
N ALA F 51 -26.18 -11.02 -6.09
CA ALA F 51 -27.58 -10.67 -6.26
C ALA F 51 -28.05 -10.91 -7.69
N SER F 52 -27.14 -10.84 -8.68
CA SER F 52 -27.54 -11.07 -10.07
C SER F 52 -27.04 -12.39 -10.63
N ASP F 53 -26.52 -13.29 -9.80
CA ASP F 53 -26.05 -14.61 -10.25
C ASP F 53 -24.88 -14.54 -11.23
N PHE F 54 -23.93 -13.65 -10.95
CA PHE F 54 -22.71 -13.57 -11.71
C PHE F 54 -21.49 -13.81 -10.86
N HIS F 55 -21.66 -14.31 -9.63
CA HIS F 55 -20.53 -14.50 -8.73
C HIS F 55 -19.70 -15.71 -9.11
N ALA F 56 -20.33 -16.69 -9.73
CA ALA F 56 -19.73 -17.95 -10.06
C ALA F 56 -20.62 -18.62 -11.09
N PRO F 57 -20.86 -17.96 -12.22
CA PRO F 57 -21.88 -18.46 -13.15
C PRO F 57 -21.55 -19.78 -13.84
N HIS F 58 -20.36 -20.36 -13.66
CA HIS F 58 -20.01 -21.56 -14.40
C HIS F 58 -20.67 -22.85 -13.87
N VAL F 59 -21.09 -22.86 -12.59
CA VAL F 59 -21.62 -24.06 -11.95
C VAL F 59 -22.92 -24.57 -12.61
N ALA F 60 -23.05 -25.90 -12.69
CA ALA F 60 -24.23 -26.56 -13.25
C ALA F 60 -25.50 -26.20 -12.49
N GLU F 61 -26.61 -26.12 -13.23
CA GLU F 61 -27.90 -25.84 -12.60
C GLU F 61 -28.32 -26.94 -11.60
N GLU F 62 -27.77 -28.16 -11.72
CA GLU F 62 -27.98 -29.22 -10.73
C GLU F 62 -27.65 -28.76 -9.32
N TYR F 63 -26.68 -27.87 -9.18
CA TYR F 63 -26.19 -27.40 -7.90
C TYR F 63 -26.70 -26.00 -7.60
N GLY F 64 -27.66 -25.51 -8.39
CA GLY F 64 -28.26 -24.22 -8.18
C GLY F 64 -27.55 -23.06 -8.84
N GLY F 65 -26.57 -23.33 -9.71
CA GLY F 65 -25.92 -22.27 -10.45
C GLY F 65 -26.73 -21.88 -11.66
N VAL F 66 -26.23 -20.88 -12.39
CA VAL F 66 -26.88 -20.56 -13.66
C VAL F 66 -26.46 -21.51 -14.76
N GLY F 67 -25.38 -22.27 -14.56
CA GLY F 67 -24.94 -23.21 -15.57
C GLY F 67 -24.47 -22.54 -16.84
N ALA F 68 -23.91 -21.34 -16.73
CA ALA F 68 -23.53 -20.59 -17.92
C ALA F 68 -22.34 -21.28 -18.59
N ASP F 69 -22.37 -21.36 -19.93
CA ASP F 69 -21.26 -21.94 -20.66
C ASP F 69 -19.98 -21.13 -20.46
N ALA F 70 -18.82 -21.80 -20.62
CA ALA F 70 -17.54 -21.14 -20.32
C ALA F 70 -17.34 -19.86 -21.12
N LEU F 71 -17.79 -19.83 -22.39
CA LEU F 71 -17.79 -18.58 -23.16
C LEU F 71 -18.59 -17.50 -22.44
N ALA F 72 -19.78 -17.85 -21.95
CA ALA F 72 -20.57 -16.88 -21.20
C ALA F 72 -19.81 -16.42 -19.97
N THR F 73 -19.19 -17.35 -19.26
CA THR F 73 -18.38 -16.99 -18.10
C THR F 73 -17.26 -16.02 -18.49
N CYS F 74 -16.63 -16.28 -19.63
CA CYS F 74 -15.59 -15.37 -20.07
C CYS F 74 -16.16 -13.97 -20.29
N ILE F 75 -17.29 -13.88 -21.00
CA ILE F 75 -17.87 -12.57 -21.22
C ILE F 75 -18.19 -11.89 -19.90
N VAL F 76 -18.62 -12.67 -18.92
CA VAL F 76 -18.86 -12.09 -17.59
C VAL F 76 -17.56 -11.55 -17.01
N ILE F 77 -16.52 -12.40 -16.97
CA ILE F 77 -15.24 -12.01 -16.38
C ILE F 77 -14.67 -10.78 -17.11
N GLU F 78 -14.84 -10.75 -18.43
CA GLU F 78 -14.45 -9.59 -19.22
C GLU F 78 -15.24 -8.35 -18.79
N GLU F 79 -16.56 -8.39 -18.94
CA GLU F 79 -17.36 -7.20 -18.73
C GLU F 79 -17.25 -6.70 -17.30
N ILE F 80 -16.90 -7.57 -16.35
CA ILE F 80 -16.49 -7.10 -15.03
C ILE F 80 -15.13 -6.46 -15.08
N ALA F 81 -14.13 -7.20 -15.58
CA ALA F 81 -12.76 -6.68 -15.61
C ALA F 81 -12.72 -5.33 -16.30
N ARG F 82 -13.56 -5.15 -17.30
CA ARG F 82 -13.73 -3.86 -17.95
C ARG F 82 -13.98 -2.73 -16.94
N VAL F 83 -14.47 -3.02 -15.72
CA VAL F 83 -14.66 -1.93 -14.75
C VAL F 83 -13.81 -2.12 -13.49
N CYS F 84 -13.52 -3.35 -13.11
CA CYS F 84 -12.70 -3.62 -11.93
C CYS F 84 -12.15 -5.02 -12.22
N ALA F 85 -10.83 -5.13 -12.28
CA ALA F 85 -10.19 -6.43 -12.46
C ALA F 85 -10.27 -7.24 -11.20
N SER F 86 -10.09 -6.55 -10.07
CA SER F 86 -10.20 -7.21 -8.77
C SER F 86 -11.52 -7.97 -8.67
N SER F 87 -12.63 -7.33 -9.08
CA SER F 87 -13.94 -7.97 -9.06
C SER F 87 -14.08 -9.02 -10.16
N SER F 88 -13.40 -8.85 -11.30
CA SER F 88 -13.38 -9.94 -12.25
C SER F 88 -12.73 -11.16 -11.63
N LEU F 89 -11.89 -10.98 -10.62
CA LEU F 89 -11.33 -12.15 -9.98
C LEU F 89 -12.36 -12.94 -9.20
N ILE F 90 -13.45 -12.31 -8.79
CA ILE F 90 -14.49 -13.04 -8.07
C ILE F 90 -14.93 -14.22 -8.93
N PRO F 91 -15.57 -14.01 -10.10
CA PRO F 91 -15.92 -15.18 -10.90
C PRO F 91 -14.71 -15.90 -11.43
N ALA F 92 -13.61 -15.20 -11.66
CA ALA F 92 -12.45 -15.88 -12.25
C ALA F 92 -11.86 -16.86 -11.26
N VAL F 93 -11.57 -16.41 -10.02
CA VAL F 93 -11.00 -17.34 -9.04
C VAL F 93 -12.03 -18.32 -8.52
N ASN F 94 -13.33 -17.98 -8.57
CA ASN F 94 -14.32 -18.99 -8.22
C ASN F 94 -14.31 -20.12 -9.24
N LYS F 95 -14.21 -19.80 -10.55
CA LYS F 95 -14.02 -20.86 -11.53
C LYS F 95 -12.69 -21.58 -11.31
N LEU F 96 -11.63 -20.84 -10.97
CA LEU F 96 -10.34 -21.53 -10.81
C LEU F 96 -10.42 -22.58 -9.71
N GLY F 97 -10.93 -22.21 -8.54
CA GLY F 97 -11.02 -23.18 -7.45
C GLY F 97 -12.06 -24.26 -7.70
N SER F 98 -13.10 -23.98 -8.49
CA SER F 98 -14.14 -24.97 -8.71
C SER F 98 -13.83 -25.92 -9.86
N MET F 99 -12.92 -25.59 -10.77
CA MET F 99 -12.66 -26.54 -11.85
C MET F 99 -12.10 -27.86 -11.36
N PRO F 100 -11.16 -27.94 -10.41
CA PRO F 100 -10.70 -29.29 -10.00
C PRO F 100 -11.84 -30.12 -9.43
N LEU F 101 -12.76 -29.45 -8.75
CA LEU F 101 -13.85 -30.18 -8.10
C LEU F 101 -14.91 -30.52 -9.14
N ILE F 102 -14.94 -29.79 -10.26
CA ILE F 102 -15.94 -30.02 -11.30
C ILE F 102 -15.48 -31.07 -12.30
N LEU F 103 -14.28 -30.88 -12.86
CA LEU F 103 -13.80 -31.73 -13.94
C LEU F 103 -13.43 -33.13 -13.49
N SER F 104 -13.08 -33.31 -12.21
CA SER F 104 -12.55 -34.59 -11.75
C SER F 104 -12.96 -34.89 -10.31
N GLY F 105 -13.55 -33.92 -9.63
CA GLY F 105 -14.02 -34.16 -8.26
C GLY F 105 -15.13 -35.19 -8.20
N SER F 106 -15.18 -35.90 -7.07
CA SER F 106 -16.23 -36.91 -6.87
C SER F 106 -17.61 -36.27 -6.82
N ASP F 107 -18.61 -36.99 -7.36
CA ASP F 107 -19.96 -36.47 -7.41
C ASP F 107 -20.50 -36.08 -6.02
N GLU F 108 -20.06 -36.78 -4.97
CA GLU F 108 -20.51 -36.45 -3.62
C GLU F 108 -19.91 -35.12 -3.16
N VAL F 109 -18.63 -34.88 -3.44
CA VAL F 109 -18.00 -33.63 -3.05
C VAL F 109 -18.53 -32.47 -3.89
N LYS F 110 -18.85 -32.74 -5.17
CA LYS F 110 -19.50 -31.73 -5.99
C LYS F 110 -20.82 -31.31 -5.38
N GLN F 111 -21.69 -32.26 -5.05
CA GLN F 111 -22.96 -31.87 -4.44
C GLN F 111 -22.78 -31.32 -3.02
N ARG F 112 -21.61 -31.56 -2.40
CA ARG F 112 -21.25 -30.87 -1.16
C ARG F 112 -21.06 -29.38 -1.37
N TYR F 113 -20.03 -29.08 -2.15
CA TYR F 113 -19.48 -27.73 -2.20
C TYR F 113 -20.10 -26.84 -3.28
N LEU F 114 -20.17 -27.33 -4.52
CA LEU F 114 -20.58 -26.46 -5.62
C LEU F 114 -21.90 -25.73 -5.42
N PRO F 115 -22.93 -26.30 -4.78
CA PRO F 115 -24.12 -25.48 -4.49
C PRO F 115 -23.84 -24.33 -3.53
N GLU F 116 -23.00 -24.57 -2.52
CA GLU F 116 -22.67 -23.52 -1.55
C GLU F 116 -21.93 -22.37 -2.20
N LEU F 117 -21.13 -22.66 -3.23
CA LEU F 117 -20.53 -21.63 -4.08
C LEU F 117 -21.59 -20.96 -4.95
N ALA F 118 -22.33 -21.76 -5.73
CA ALA F 118 -23.32 -21.24 -6.67
C ALA F 118 -24.33 -20.30 -6.03
N SER F 119 -24.73 -20.55 -4.77
CA SER F 119 -25.63 -19.60 -4.13
C SER F 119 -24.89 -18.34 -3.75
N GLY F 120 -23.61 -18.46 -3.41
CA GLY F 120 -22.80 -17.36 -2.96
C GLY F 120 -22.53 -17.32 -1.47
N GLU F 121 -22.82 -18.38 -0.74
CA GLU F 121 -22.36 -18.44 0.64
C GLU F 121 -20.84 -18.54 0.72
N ALA F 122 -20.22 -19.14 -0.30
CA ALA F 122 -18.78 -19.41 -0.28
C ALA F 122 -18.15 -19.09 -1.64
N MET F 123 -16.92 -18.59 -1.57
CA MET F 123 -16.05 -18.36 -2.71
C MET F 123 -15.00 -19.45 -2.70
N PHE F 124 -14.45 -19.76 -3.87
CA PHE F 124 -13.34 -20.69 -3.96
C PHE F 124 -12.06 -19.96 -4.31
N SER F 125 -10.96 -20.43 -3.76
CA SER F 125 -9.67 -20.09 -4.28
C SER F 125 -8.87 -21.39 -4.41
N TYR F 126 -7.69 -21.27 -5.00
CA TYR F 126 -6.97 -22.41 -5.57
C TYR F 126 -5.50 -22.30 -5.22
N GLY F 127 -5.03 -23.18 -4.36
CA GLY F 127 -3.66 -23.12 -3.88
C GLY F 127 -2.77 -24.10 -4.60
N LEU F 128 -2.03 -23.62 -5.60
CA LEU F 128 -1.15 -24.49 -6.38
C LEU F 128 0.30 -24.05 -6.30
N SER F 129 0.57 -22.77 -6.54
CA SER F 129 1.93 -22.24 -6.58
C SER F 129 2.59 -22.22 -5.20
N GLU F 130 3.92 -22.25 -5.16
CA GLU F 130 4.66 -22.16 -3.90
C GLU F 130 5.89 -21.28 -4.07
N ARG F 131 6.73 -21.23 -3.04
CA ARG F 131 7.94 -20.42 -3.07
C ARG F 131 8.92 -21.02 -4.07
N GLU F 132 9.50 -22.17 -3.69
CA GLU F 132 10.56 -22.77 -4.50
C GLU F 132 10.01 -23.39 -5.77
N ALA F 133 8.70 -23.62 -5.84
CA ALA F 133 8.08 -24.31 -6.95
C ALA F 133 6.80 -23.56 -7.32
N GLY F 134 6.97 -22.39 -7.94
CA GLY F 134 5.79 -21.66 -8.36
C GLY F 134 5.10 -22.24 -9.59
N SER F 135 5.75 -22.09 -10.75
CA SER F 135 5.29 -22.65 -12.01
C SER F 135 5.69 -24.11 -12.19
N ASP F 136 6.69 -24.56 -11.43
CA ASP F 136 7.08 -25.97 -11.44
C ASP F 136 6.21 -26.70 -10.44
N THR F 137 4.94 -26.82 -10.80
CA THR F 137 3.94 -27.44 -9.96
C THR F 137 4.30 -28.89 -9.62
N ALA F 138 5.20 -29.50 -10.39
CA ALA F 138 5.65 -30.86 -10.11
C ALA F 138 6.57 -30.99 -8.89
N SER F 139 7.18 -29.88 -8.41
CA SER F 139 8.13 -29.94 -7.29
C SER F 139 7.61 -29.22 -6.07
N MET F 140 6.30 -29.27 -5.87
CA MET F 140 5.65 -28.54 -4.79
C MET F 140 5.89 -29.19 -3.42
N ARG F 141 6.33 -28.37 -2.47
CA ARG F 141 6.72 -28.81 -1.14
C ARG F 141 5.54 -29.03 -0.19
N THR F 142 4.32 -28.64 -0.57
CA THR F 142 3.13 -28.83 0.26
C THR F 142 2.72 -30.28 0.19
N ARG F 143 2.90 -31.00 1.30
CA ARG F 143 2.67 -32.42 1.38
C ARG F 143 1.38 -32.72 2.13
N ALA F 144 0.82 -33.88 1.84
CA ALA F 144 -0.38 -34.36 2.49
C ALA F 144 -0.14 -35.84 2.79
N VAL F 145 0.16 -36.13 4.03
CA VAL F 145 0.40 -37.49 4.46
C VAL F 145 -0.93 -38.06 4.97
N ARG F 146 -1.38 -39.14 4.36
CA ARG F 146 -2.60 -39.75 4.89
C ARG F 146 -2.34 -40.15 6.35
N ASP F 147 -3.41 -40.28 7.11
CA ASP F 147 -3.23 -40.57 8.52
C ASP F 147 -4.58 -41.20 8.93
N GLY F 148 -4.63 -42.53 8.86
CA GLY F 148 -5.93 -43.18 8.94
C GLY F 148 -6.74 -42.92 7.68
N ASP F 149 -8.07 -42.81 7.82
CA ASP F 149 -8.88 -42.43 6.67
C ASP F 149 -8.69 -40.96 6.29
N ASP F 150 -8.37 -40.08 7.24
CA ASP F 150 -8.29 -38.66 6.93
C ASP F 150 -6.88 -38.32 6.43
N TRP F 151 -6.59 -37.02 6.23
CA TRP F 151 -5.35 -36.52 5.65
C TRP F 151 -4.73 -35.43 6.51
N ILE F 152 -3.39 -35.39 6.56
CA ILE F 152 -2.63 -34.43 7.36
C ILE F 152 -1.80 -33.60 6.41
N LEU F 153 -2.09 -32.31 6.29
CA LEU F 153 -1.36 -31.44 5.38
C LEU F 153 -0.27 -30.67 6.13
N ASN F 154 0.86 -30.49 5.46
CA ASN F 154 1.91 -29.59 5.91
C ASN F 154 2.47 -28.88 4.69
N GLY F 155 2.84 -27.62 4.85
CA GLY F 155 3.43 -26.92 3.71
C GLY F 155 3.06 -25.45 3.56
N GLN F 156 3.49 -24.82 2.47
CA GLN F 156 3.15 -23.43 2.21
C GLN F 156 2.83 -23.25 0.73
N LYS F 157 1.61 -22.83 0.45
CA LYS F 157 1.13 -22.37 -0.84
C LYS F 157 1.33 -20.86 -0.88
N SER F 158 1.71 -20.31 -2.03
CA SER F 158 1.85 -18.86 -2.08
C SER F 158 1.23 -18.36 -3.39
N TRP F 159 0.94 -17.04 -3.47
CA TRP F 159 0.30 -16.44 -4.64
C TRP F 159 -1.10 -17.03 -4.87
N ILE F 160 -1.91 -17.05 -3.81
CA ILE F 160 -3.24 -17.64 -3.85
C ILE F 160 -4.27 -16.52 -3.77
N THR F 161 -5.00 -16.32 -4.87
CA THR F 161 -5.90 -15.18 -4.98
C THR F 161 -7.17 -15.50 -4.21
N ASN F 162 -7.71 -14.48 -3.55
CA ASN F 162 -8.82 -14.55 -2.61
C ASN F 162 -8.50 -15.29 -1.32
N ALA F 163 -7.23 -15.52 -1.01
CA ALA F 163 -6.87 -16.20 0.23
C ALA F 163 -7.29 -15.37 1.43
N GLY F 164 -8.09 -15.94 2.32
CA GLY F 164 -8.59 -15.23 3.49
C GLY F 164 -10.07 -14.92 3.45
N ILE F 165 -10.69 -14.98 2.27
CA ILE F 165 -12.07 -14.56 2.10
C ILE F 165 -12.95 -15.67 1.54
N SER F 166 -12.44 -16.41 0.57
CA SER F 166 -13.11 -17.60 0.07
C SER F 166 -13.24 -18.60 1.20
N LYS F 167 -14.29 -19.41 1.15
CA LYS F 167 -14.46 -20.36 2.25
C LYS F 167 -13.58 -21.59 2.02
N TYR F 168 -13.54 -22.07 0.77
CA TYR F 168 -13.00 -23.38 0.42
C TYR F 168 -11.82 -23.24 -0.54
N TYR F 169 -10.77 -24.01 -0.27
CA TYR F 169 -9.48 -23.84 -0.92
C TYR F 169 -9.07 -25.21 -1.42
N THR F 170 -9.31 -25.50 -2.69
CA THR F 170 -8.88 -26.79 -3.22
C THR F 170 -7.38 -26.75 -3.35
N VAL F 171 -6.70 -27.13 -2.29
CA VAL F 171 -5.26 -27.10 -2.22
C VAL F 171 -4.75 -28.37 -2.87
N MET F 172 -3.66 -28.27 -3.60
CA MET F 172 -3.10 -29.41 -4.31
C MET F 172 -1.73 -29.74 -3.72
N ALA F 173 -1.61 -30.92 -3.14
CA ALA F 173 -0.42 -31.29 -2.39
C ALA F 173 0.18 -32.60 -2.89
N VAL F 174 1.50 -32.73 -2.59
CA VAL F 174 2.22 -34.00 -2.91
C VAL F 174 1.69 -35.02 -1.91
N THR F 175 1.16 -36.10 -2.42
CA THR F 175 0.51 -37.13 -1.60
C THR F 175 1.40 -38.34 -1.36
N ASP F 176 2.24 -38.70 -2.32
CA ASP F 176 3.18 -39.82 -2.19
C ASP F 176 4.53 -39.31 -2.64
N PRO F 177 5.53 -39.24 -1.74
CA PRO F 177 6.79 -38.53 -2.04
C PRO F 177 7.60 -39.02 -3.25
N ASP F 178 7.64 -40.31 -3.57
CA ASP F 178 8.48 -40.77 -4.68
C ASP F 178 7.68 -41.20 -5.92
N GLY F 179 6.41 -40.83 -6.00
CA GLY F 179 5.61 -41.16 -7.14
C GLY F 179 6.12 -40.50 -8.42
N PRO F 180 5.46 -40.81 -9.54
CA PRO F 180 5.84 -40.19 -10.82
C PRO F 180 5.63 -38.68 -10.78
N ARG F 181 6.70 -37.92 -11.11
CA ARG F 181 6.65 -36.46 -11.06
C ARG F 181 5.47 -36.02 -11.91
N GLY F 182 4.49 -35.37 -11.29
CA GLY F 182 3.28 -35.06 -12.01
C GLY F 182 2.18 -36.11 -11.96
N ARG F 183 2.41 -37.26 -11.32
CA ARG F 183 1.31 -38.15 -10.98
C ARG F 183 1.18 -38.33 -9.47
N ASN F 184 2.16 -37.86 -8.71
CA ASN F 184 2.20 -37.99 -7.28
C ASN F 184 1.47 -36.85 -6.55
N ILE F 185 0.59 -36.12 -7.23
CA ILE F 185 -0.04 -34.91 -6.71
C ILE F 185 -1.53 -35.18 -6.58
N SER F 186 -2.14 -34.75 -5.48
CA SER F 186 -3.59 -34.90 -5.38
C SER F 186 -4.22 -33.65 -4.80
N ALA F 187 -5.52 -33.54 -5.06
CA ALA F 187 -6.27 -32.32 -4.78
C ALA F 187 -7.24 -32.56 -3.63
N PHE F 188 -7.24 -31.62 -2.69
CA PHE F 188 -7.96 -31.70 -1.42
C PHE F 188 -8.65 -30.38 -1.14
N VAL F 189 -9.94 -30.39 -0.86
CA VAL F 189 -10.64 -29.16 -0.52
C VAL F 189 -10.37 -28.86 0.96
N VAL F 190 -9.50 -27.88 1.28
CA VAL F 190 -9.33 -27.48 2.67
C VAL F 190 -10.38 -26.42 2.98
N HIS F 191 -10.94 -26.48 4.18
CA HIS F 191 -11.84 -25.41 4.61
C HIS F 191 -11.06 -24.24 5.18
N ILE F 192 -11.72 -23.09 5.14
CA ILE F 192 -11.20 -21.89 5.78
C ILE F 192 -11.10 -22.17 7.27
N ASP F 193 -11.99 -23.03 7.78
CA ASP F 193 -12.17 -23.44 9.16
C ASP F 193 -11.15 -24.47 9.63
N ASP F 194 -10.33 -25.05 8.74
CA ASP F 194 -9.57 -26.24 9.11
C ASP F 194 -8.40 -25.91 10.02
N PRO F 195 -8.32 -26.52 11.21
CA PRO F 195 -7.32 -26.11 12.20
C PRO F 195 -5.90 -26.30 11.70
N GLY F 196 -5.01 -25.38 12.06
CA GLY F 196 -3.62 -25.41 11.65
C GLY F 196 -3.35 -24.79 10.31
N PHE F 197 -4.40 -24.49 9.55
CA PHE F 197 -4.31 -23.80 8.28
C PHE F 197 -4.45 -22.30 8.51
N SER F 198 -3.39 -21.55 8.21
CA SER F 198 -3.30 -20.11 8.42
C SER F 198 -3.02 -19.42 7.08
N PHE F 199 -3.13 -18.09 7.03
CA PHE F 199 -2.73 -17.34 5.85
C PHE F 199 -1.48 -16.51 6.13
N GLY F 200 -0.66 -16.27 5.08
CA GLY F 200 0.48 -15.39 5.17
C GLY F 200 0.15 -13.91 5.06
N GLU F 201 1.15 -13.10 5.41
CA GLU F 201 1.01 -11.65 5.40
C GLU F 201 0.66 -11.19 3.99
N PRO F 202 -0.55 -10.66 3.75
CA PRO F 202 -1.01 -10.38 2.38
C PRO F 202 -0.03 -9.53 1.57
N GLU F 203 0.07 -9.90 0.28
CA GLU F 203 1.05 -9.32 -0.62
C GLU F 203 0.67 -7.87 -0.95
N ARG F 204 1.68 -7.03 -1.07
CA ARG F 204 1.48 -5.66 -1.53
C ARG F 204 1.62 -5.63 -3.04
N LYS F 205 0.51 -5.62 -3.75
CA LYS F 205 0.56 -5.83 -5.18
C LYS F 205 0.58 -4.51 -5.95
N LEU F 206 1.25 -4.55 -7.10
CA LEU F 206 1.26 -3.45 -8.05
C LEU F 206 -0.15 -3.11 -8.50
N GLY F 207 -0.90 -4.12 -8.88
CA GLY F 207 -2.29 -3.96 -9.27
C GLY F 207 -3.09 -5.11 -8.73
N ILE F 208 -4.36 -5.22 -9.16
CA ILE F 208 -5.30 -6.14 -8.51
C ILE F 208 -5.21 -5.91 -7.02
N LYS F 209 -5.05 -4.65 -6.61
CA LYS F 209 -4.90 -4.47 -5.19
C LYS F 209 -6.12 -5.02 -4.47
N GLY F 210 -7.28 -4.98 -5.12
CA GLY F 210 -8.52 -5.39 -4.48
C GLY F 210 -8.58 -6.86 -4.10
N SER F 211 -8.50 -7.76 -5.07
CA SER F 211 -8.59 -9.19 -4.76
C SER F 211 -7.33 -9.63 -4.05
N PRO F 212 -7.43 -10.10 -2.79
CA PRO F 212 -6.25 -10.28 -1.94
C PRO F 212 -5.46 -11.52 -2.32
N THR F 213 -4.16 -11.38 -2.44
CA THR F 213 -3.27 -12.47 -2.72
C THR F 213 -2.47 -12.77 -1.46
N ARG F 214 -2.76 -13.91 -0.83
CA ARG F 214 -2.09 -14.33 0.38
C ARG F 214 -1.45 -15.71 0.20
N GLU F 215 -0.44 -15.96 1.03
CA GLU F 215 0.05 -17.31 1.28
C GLU F 215 -1.03 -18.14 1.96
N LEU F 216 -0.96 -19.47 1.73
CA LEU F 216 -1.82 -20.46 2.41
C LEU F 216 -0.83 -21.35 3.14
N ILE F 217 -0.76 -21.32 4.46
CA ILE F 217 0.17 -22.09 5.27
C ILE F 217 -0.58 -23.22 5.92
N PHE F 218 0.02 -24.41 5.89
CA PHE F 218 -0.51 -25.65 6.47
C PHE F 218 0.47 -26.10 7.52
N ASP F 219 0.05 -26.02 8.78
CA ASP F 219 0.79 -26.54 9.94
C ASP F 219 -0.02 -27.69 10.55
N ASN F 220 0.20 -28.90 10.01
CA ASN F 220 -0.45 -30.13 10.43
C ASN F 220 -1.98 -30.02 10.36
N VAL F 221 -2.47 -29.67 9.16
CA VAL F 221 -3.90 -29.49 8.94
C VAL F 221 -4.56 -30.84 8.65
N ARG F 222 -5.04 -31.50 9.71
CA ARG F 222 -5.87 -32.70 9.57
C ARG F 222 -7.20 -32.33 8.94
N ILE F 223 -7.29 -32.55 7.64
CA ILE F 223 -8.54 -32.41 6.89
C ILE F 223 -9.02 -33.83 6.59
N PRO F 224 -10.32 -34.10 6.70
CA PRO F 224 -10.83 -35.46 6.46
C PRO F 224 -10.41 -36.12 5.16
N GLY F 225 -10.60 -37.44 5.10
CA GLY F 225 -10.22 -38.22 3.93
C GLY F 225 -11.11 -38.01 2.73
N ASP F 226 -12.36 -37.57 2.93
CA ASP F 226 -13.29 -37.33 1.82
C ASP F 226 -12.99 -36.04 1.07
N ARG F 227 -11.98 -35.30 1.52
CA ARG F 227 -11.62 -34.04 0.90
C ARG F 227 -10.85 -34.22 -0.40
N LEU F 228 -10.45 -35.44 -0.76
CA LEU F 228 -9.87 -35.66 -2.06
C LEU F 228 -10.89 -35.38 -3.16
N VAL F 229 -10.42 -34.75 -4.23
CA VAL F 229 -11.24 -34.51 -5.40
C VAL F 229 -10.60 -35.30 -6.54
N GLY F 230 -11.31 -36.33 -7.00
CA GLY F 230 -10.75 -37.32 -7.90
C GLY F 230 -9.97 -38.39 -7.16
N LYS F 231 -9.38 -39.30 -7.94
CA LYS F 231 -8.49 -40.30 -7.36
C LYS F 231 -7.24 -39.59 -6.79
N VAL F 232 -6.51 -40.31 -5.98
CA VAL F 232 -5.26 -39.78 -5.46
C VAL F 232 -4.25 -39.76 -6.58
N GLY F 233 -3.52 -38.66 -6.71
CA GLY F 233 -2.49 -38.59 -7.72
C GLY F 233 -2.77 -37.96 -9.07
N GLU F 234 -3.96 -38.13 -9.68
CA GLU F 234 -4.11 -37.52 -11.01
C GLU F 234 -4.41 -36.03 -10.88
N GLY F 235 -4.33 -35.53 -9.63
CA GLY F 235 -4.50 -34.11 -9.38
C GLY F 235 -3.73 -33.22 -10.32
N LEU F 236 -2.57 -33.66 -10.81
CA LEU F 236 -1.87 -32.80 -11.75
C LEU F 236 -2.53 -32.74 -13.12
N ARG F 237 -3.12 -33.86 -13.59
CA ARG F 237 -3.95 -33.76 -14.79
C ARG F 237 -5.08 -32.79 -14.56
N THR F 238 -5.69 -32.84 -13.38
CA THR F 238 -6.75 -31.89 -13.07
C THR F 238 -6.21 -30.46 -13.09
N ALA F 239 -4.98 -30.27 -12.59
CA ALA F 239 -4.41 -28.92 -12.55
C ALA F 239 -4.12 -28.40 -13.94
N LEU F 240 -3.55 -29.23 -14.81
CA LEU F 240 -3.29 -28.78 -16.18
C LEU F 240 -4.59 -28.61 -16.95
N ARG F 241 -5.62 -29.39 -16.65
CA ARG F 241 -6.90 -29.22 -17.33
C ARG F 241 -7.65 -28.00 -16.80
N THR F 242 -7.47 -27.72 -15.51
CA THR F 242 -7.98 -26.49 -14.93
C THR F 242 -7.28 -25.30 -15.54
N LEU F 243 -5.96 -25.37 -15.71
CA LEU F 243 -5.28 -24.33 -16.49
C LEU F 243 -5.90 -24.23 -17.87
N ASP F 244 -5.93 -25.34 -18.59
CA ASP F 244 -6.48 -25.40 -19.93
C ASP F 244 -7.81 -24.63 -19.98
N HIS F 245 -8.61 -24.70 -18.92
CA HIS F 245 -9.87 -23.96 -18.92
C HIS F 245 -9.84 -22.56 -18.30
N THR F 246 -8.97 -22.29 -17.31
CA THR F 246 -9.00 -21.03 -16.58
C THR F 246 -8.04 -19.99 -17.15
N ARG F 247 -7.09 -20.42 -17.97
CA ARG F 247 -6.39 -19.48 -18.82
C ARG F 247 -7.38 -18.60 -19.54
N VAL F 248 -8.41 -19.18 -20.15
CA VAL F 248 -9.26 -18.31 -20.97
C VAL F 248 -9.95 -17.30 -20.08
N THR F 249 -10.17 -17.63 -18.82
CA THR F 249 -10.73 -16.60 -17.97
C THR F 249 -9.69 -15.53 -17.64
N ILE F 250 -8.44 -15.90 -17.43
CA ILE F 250 -7.50 -14.80 -17.25
C ILE F 250 -7.38 -14.02 -18.54
N GLY F 251 -7.50 -14.68 -19.68
CA GLY F 251 -7.55 -14.00 -20.95
C GLY F 251 -8.68 -13.00 -20.99
N ALA F 252 -9.91 -13.45 -20.72
CA ALA F 252 -11.06 -12.56 -20.71
C ALA F 252 -10.87 -11.41 -19.72
N GLN F 253 -10.20 -11.70 -18.61
CA GLN F 253 -9.92 -10.70 -17.59
C GLN F 253 -9.04 -9.62 -18.20
N ALA F 254 -8.04 -10.05 -18.97
CA ALA F 254 -7.15 -9.11 -19.66
C ALA F 254 -7.92 -8.30 -20.70
N VAL F 255 -8.68 -8.99 -21.56
CA VAL F 255 -9.52 -8.35 -22.55
C VAL F 255 -10.37 -7.27 -21.89
N GLY F 256 -10.88 -7.57 -20.70
CA GLY F 256 -11.74 -6.63 -19.99
C GLY F 256 -10.97 -5.41 -19.54
N ILE F 257 -9.83 -5.63 -18.88
CA ILE F 257 -9.03 -4.50 -18.45
C ILE F 257 -8.67 -3.62 -19.62
N ALA F 258 -8.27 -4.25 -20.72
CA ALA F 258 -7.92 -3.51 -21.91
C ALA F 258 -9.13 -2.72 -22.39
N GLN F 259 -10.30 -3.36 -22.47
CA GLN F 259 -11.49 -2.65 -22.90
C GLN F 259 -11.77 -1.47 -22.00
N GLY F 260 -11.72 -1.68 -20.68
CA GLY F 260 -11.96 -0.57 -19.77
C GLY F 260 -11.03 0.58 -20.06
N ALA F 261 -9.74 0.29 -20.23
CA ALA F 261 -8.74 1.29 -20.54
C ALA F 261 -9.01 1.98 -21.86
N LEU F 262 -9.32 1.20 -22.89
CA LEU F 262 -9.61 1.77 -24.19
C LEU F 262 -10.84 2.66 -24.12
N ASP F 263 -11.78 2.30 -23.25
CA ASP F 263 -12.97 3.12 -23.05
C ASP F 263 -12.66 4.47 -22.43
N TYR F 264 -11.93 4.49 -21.31
CA TYR F 264 -11.61 5.81 -20.76
C TYR F 264 -10.82 6.62 -21.76
N ALA F 265 -9.92 5.98 -22.51
CA ALA F 265 -9.16 6.75 -23.50
C ALA F 265 -10.08 7.34 -24.55
N LEU F 266 -10.96 6.54 -25.14
CA LEU F 266 -11.88 7.05 -26.15
C LEU F 266 -12.70 8.20 -25.62
N GLY F 267 -13.28 8.03 -24.43
CA GLY F 267 -14.06 9.11 -23.85
C GLY F 267 -13.24 10.37 -23.66
N TYR F 268 -12.10 10.24 -22.99
CA TYR F 268 -11.27 11.39 -22.68
C TYR F 268 -10.76 12.09 -23.93
N VAL F 269 -10.34 11.34 -24.95
CA VAL F 269 -9.77 12.00 -26.13
C VAL F 269 -10.86 12.58 -27.04
N LYS F 270 -12.09 12.05 -27.05
CA LYS F 270 -13.15 12.76 -27.76
C LYS F 270 -13.53 14.02 -26.99
N GLU F 271 -13.63 13.90 -25.68
CA GLU F 271 -14.05 15.01 -24.84
C GLU F 271 -12.98 16.08 -24.75
N ARG F 272 -11.79 15.73 -24.24
CA ARG F 272 -10.77 16.74 -23.99
C ARG F 272 -10.07 17.21 -25.26
N LYS F 273 -9.96 18.53 -25.40
CA LYS F 273 -9.37 19.19 -26.55
C LYS F 273 -7.94 19.58 -26.26
N GLN F 274 -7.16 19.75 -27.32
CA GLN F 274 -5.89 20.43 -27.17
C GLN F 274 -5.36 20.89 -28.51
N PHE F 275 -4.60 21.98 -28.48
CA PHE F 275 -4.15 22.67 -29.69
C PHE F 275 -5.32 23.03 -30.58
N GLY F 276 -6.48 23.30 -29.98
CA GLY F 276 -7.59 23.75 -30.76
C GLY F 276 -8.67 22.73 -31.03
N LYS F 277 -8.30 21.49 -31.35
CA LYS F 277 -9.26 20.41 -31.60
C LYS F 277 -9.26 19.39 -30.47
N ALA F 278 -10.31 18.55 -30.47
CA ALA F 278 -10.37 17.37 -29.60
C ALA F 278 -9.10 16.57 -29.80
N ILE F 279 -8.59 15.95 -28.74
CA ILE F 279 -7.30 15.30 -28.98
C ILE F 279 -7.50 14.00 -29.77
N ALA F 280 -8.69 13.39 -29.75
CA ALA F 280 -8.99 12.29 -30.66
C ALA F 280 -9.03 12.72 -32.11
N ASP F 281 -8.96 14.02 -32.38
CA ASP F 281 -8.87 14.51 -33.74
C ASP F 281 -7.45 14.51 -34.28
N PHE F 282 -6.44 14.27 -33.44
CA PHE F 282 -5.08 14.20 -33.92
C PHE F 282 -4.74 12.80 -34.41
N GLN F 283 -4.24 12.70 -35.65
CA GLN F 283 -4.13 11.38 -36.26
C GLN F 283 -3.17 10.47 -35.51
N GLY F 284 -2.18 11.02 -34.82
CA GLY F 284 -1.35 10.16 -34.00
C GLY F 284 -2.21 9.44 -32.97
N ILE F 285 -3.05 10.19 -32.27
CA ILE F 285 -3.98 9.63 -31.30
C ILE F 285 -4.99 8.70 -31.95
N GLN F 286 -5.39 9.00 -33.19
CA GLN F 286 -6.33 8.11 -33.86
C GLN F 286 -5.68 6.76 -34.13
N PHE F 287 -4.45 6.77 -34.66
CA PHE F 287 -3.74 5.52 -34.84
C PHE F 287 -3.61 4.78 -33.54
N MET F 288 -3.29 5.49 -32.46
CA MET F 288 -3.05 4.80 -31.20
C MET F 288 -4.31 4.09 -30.75
N LEU F 289 -5.46 4.75 -30.92
CA LEU F 289 -6.73 4.12 -30.65
C LEU F 289 -7.01 2.96 -31.59
N ALA F 290 -6.60 3.08 -32.87
CA ALA F 290 -6.80 1.99 -33.83
C ALA F 290 -6.02 0.75 -33.41
N ASP F 291 -4.75 0.94 -33.03
CA ASP F 291 -3.95 -0.14 -32.50
C ASP F 291 -4.57 -0.72 -31.25
N MET F 292 -5.01 0.13 -30.32
CA MET F 292 -5.64 -0.40 -29.13
C MET F 292 -6.88 -1.20 -29.49
N ALA F 293 -7.74 -0.65 -30.34
CA ALA F 293 -8.98 -1.36 -30.67
C ALA F 293 -8.69 -2.66 -31.36
N MET F 294 -7.80 -2.67 -32.36
CA MET F 294 -7.59 -3.91 -33.10
C MET F 294 -6.83 -4.92 -32.24
N LYS F 295 -5.73 -4.51 -31.61
CA LYS F 295 -5.09 -5.41 -30.67
C LYS F 295 -6.13 -6.01 -29.70
N LEU F 296 -6.95 -5.14 -29.07
CA LEU F 296 -7.94 -5.58 -28.09
C LEU F 296 -8.93 -6.57 -28.68
N GLU F 297 -9.48 -6.26 -29.85
CA GLU F 297 -10.48 -7.13 -30.44
C GLU F 297 -9.85 -8.42 -30.90
N ALA F 298 -8.63 -8.39 -31.39
CA ALA F 298 -8.02 -9.66 -31.68
C ALA F 298 -7.94 -10.46 -30.40
N ALA F 299 -7.51 -9.83 -29.32
CA ALA F 299 -7.40 -10.53 -28.05
C ALA F 299 -8.75 -11.06 -27.62
N ARG F 300 -9.79 -10.27 -27.80
CA ARG F 300 -11.14 -10.75 -27.48
C ARG F 300 -11.51 -11.95 -28.33
N GLN F 301 -11.39 -11.81 -29.66
CA GLN F 301 -11.80 -12.89 -30.55
C GLN F 301 -11.02 -14.14 -30.23
N MET F 302 -9.77 -14.00 -29.81
CA MET F 302 -9.06 -15.21 -29.44
C MET F 302 -9.50 -15.72 -28.08
N VAL F 303 -9.82 -14.82 -27.15
CA VAL F 303 -10.37 -15.25 -25.87
C VAL F 303 -11.67 -16.02 -26.06
N TYR F 304 -12.52 -15.57 -26.99
CA TYR F 304 -13.79 -16.26 -27.22
C TYR F 304 -13.59 -17.54 -27.99
N VAL F 305 -12.67 -17.56 -28.95
CA VAL F 305 -12.30 -18.81 -29.61
C VAL F 305 -11.79 -19.83 -28.60
N ALA F 306 -10.89 -19.42 -27.72
CA ALA F 306 -10.41 -20.35 -26.73
C ALA F 306 -11.48 -20.66 -25.68
N ALA F 307 -12.41 -19.74 -25.43
CA ALA F 307 -13.51 -20.03 -24.51
C ALA F 307 -14.43 -21.09 -25.10
N ALA F 308 -14.81 -20.92 -26.37
CA ALA F 308 -15.56 -21.96 -27.06
C ALA F 308 -14.79 -23.29 -27.02
N LYS F 309 -13.46 -23.24 -27.17
CA LYS F 309 -12.69 -24.48 -27.08
C LYS F 309 -12.61 -25.04 -25.66
N SER F 310 -12.81 -24.23 -24.61
CA SER F 310 -12.78 -24.82 -23.27
C SER F 310 -14.12 -25.44 -22.91
N GLU F 311 -15.20 -24.86 -23.43
CA GLU F 311 -16.50 -25.46 -23.20
C GLU F 311 -16.60 -26.76 -23.98
N ARG F 312 -16.15 -26.75 -25.25
CA ARG F 312 -16.20 -27.95 -26.09
C ARG F 312 -15.05 -28.92 -25.87
N ASP F 313 -14.01 -28.53 -25.11
CA ASP F 313 -12.89 -29.39 -24.69
C ASP F 313 -12.00 -29.88 -25.81
N ASP F 314 -11.82 -29.12 -26.90
CA ASP F 314 -10.97 -29.58 -27.99
C ASP F 314 -9.52 -29.76 -27.52
N ALA F 315 -8.75 -30.50 -28.33
CA ALA F 315 -7.41 -30.88 -27.90
C ALA F 315 -6.51 -29.67 -27.77
N ASP F 316 -6.62 -28.74 -28.70
CA ASP F 316 -5.69 -27.64 -28.79
C ASP F 316 -5.98 -26.56 -27.77
N LEU F 317 -6.84 -26.86 -26.80
CA LEU F 317 -7.17 -25.89 -25.77
C LEU F 317 -5.95 -25.44 -24.99
N SER F 318 -5.00 -26.35 -24.77
CA SER F 318 -3.73 -25.93 -24.17
C SER F 318 -3.17 -24.75 -24.94
N PHE F 319 -2.99 -24.92 -26.25
CA PHE F 319 -2.50 -23.85 -27.08
C PHE F 319 -3.41 -22.62 -27.14
N TYR F 320 -4.62 -22.78 -27.69
CA TYR F 320 -5.50 -21.63 -27.92
C TYR F 320 -5.85 -20.93 -26.63
N GLY F 321 -5.98 -21.68 -25.54
CA GLY F 321 -6.15 -21.04 -24.24
C GLY F 321 -4.96 -20.20 -23.83
N ALA F 322 -3.77 -20.82 -23.80
CA ALA F 322 -2.53 -20.10 -23.49
C ALA F 322 -2.38 -18.89 -24.41
N ALA F 323 -2.50 -19.10 -25.72
CA ALA F 323 -2.32 -17.99 -26.64
C ALA F 323 -3.31 -16.89 -26.30
N ALA F 324 -4.59 -17.25 -26.15
CA ALA F 324 -5.56 -16.21 -25.84
C ALA F 324 -5.21 -15.51 -24.54
N LYS F 325 -4.77 -16.27 -23.54
CA LYS F 325 -4.34 -15.63 -22.29
C LYS F 325 -3.06 -14.83 -22.48
N CYS F 326 -2.06 -15.41 -23.14
CA CYS F 326 -0.81 -14.66 -23.30
C CYS F 326 -1.01 -13.44 -24.19
N PHE F 327 -1.70 -13.63 -25.30
CA PHE F 327 -1.89 -12.51 -26.21
C PHE F 327 -2.75 -11.44 -25.56
N ALA F 328 -3.94 -11.82 -25.08
CA ALA F 328 -4.81 -10.83 -24.46
C ALA F 328 -4.08 -10.11 -23.35
N SER F 329 -3.45 -10.85 -22.44
CA SER F 329 -2.72 -10.17 -21.38
C SER F 329 -1.70 -9.24 -21.99
N ASP F 330 -0.86 -9.74 -22.92
CA ASP F 330 0.13 -8.89 -23.57
C ASP F 330 -0.56 -7.64 -24.12
N VAL F 331 -1.67 -7.85 -24.85
CA VAL F 331 -2.45 -6.75 -25.41
C VAL F 331 -2.93 -5.79 -24.34
N ALA F 332 -3.52 -6.31 -23.27
CA ALA F 332 -3.99 -5.41 -22.21
C ALA F 332 -2.84 -4.53 -21.72
N MET F 333 -1.68 -5.12 -21.45
CA MET F 333 -0.54 -4.31 -21.03
C MET F 333 -0.28 -3.20 -22.03
N GLU F 334 -0.19 -3.52 -23.32
CA GLU F 334 0.04 -2.47 -24.30
C GLU F 334 -1.09 -1.46 -24.25
N ILE F 335 -2.32 -1.96 -24.26
CA ILE F 335 -3.46 -1.08 -24.33
C ILE F 335 -3.55 -0.25 -23.07
N THR F 336 -3.53 -0.90 -21.91
CA THR F 336 -3.63 -0.14 -20.68
C THR F 336 -2.47 0.82 -20.55
N THR F 337 -1.26 0.43 -21.01
CA THR F 337 -0.20 1.43 -20.98
C THR F 337 -0.57 2.65 -21.82
N ASP F 338 -0.99 2.42 -23.06
CA ASP F 338 -1.40 3.52 -23.90
C ASP F 338 -2.58 4.28 -23.29
N ALA F 339 -3.45 3.60 -22.55
CA ALA F 339 -4.54 4.34 -21.92
C ALA F 339 -3.97 5.42 -21.04
N VAL F 340 -3.02 5.06 -20.18
CA VAL F 340 -2.36 6.05 -19.32
C VAL F 340 -1.81 7.17 -20.18
N GLN F 341 -1.06 6.80 -21.22
CA GLN F 341 -0.41 7.77 -22.08
C GLN F 341 -1.44 8.71 -22.67
N LEU F 342 -2.59 8.19 -23.05
CA LEU F 342 -3.54 9.06 -23.77
C LEU F 342 -4.10 10.10 -22.81
N LEU F 343 -4.22 9.78 -21.52
CA LEU F 343 -4.68 10.82 -20.63
C LEU F 343 -3.52 11.69 -20.15
N GLY F 344 -2.32 11.44 -20.67
CA GLY F 344 -1.19 12.26 -20.34
C GLY F 344 -1.02 12.37 -18.85
N GLY F 345 -0.68 13.57 -18.39
CA GLY F 345 -0.52 13.80 -16.96
C GLY F 345 -1.72 13.37 -16.16
N TYR F 346 -2.91 13.54 -16.73
CA TYR F 346 -4.13 13.12 -16.03
C TYR F 346 -4.13 11.62 -15.80
N GLY F 347 -3.73 10.86 -16.82
CA GLY F 347 -3.72 9.42 -16.71
C GLY F 347 -2.72 8.93 -15.72
N TYR F 348 -1.79 9.77 -15.34
CA TYR F 348 -0.81 9.30 -14.40
C TYR F 348 -1.33 9.41 -12.98
N THR F 349 -2.42 10.11 -12.76
CA THR F 349 -2.98 10.22 -11.42
C THR F 349 -4.00 9.12 -11.19
N ARG F 350 -4.09 8.68 -9.94
CA ARG F 350 -5.05 7.67 -9.59
C ARG F 350 -6.47 8.21 -9.56
N ASP F 351 -6.65 9.51 -9.67
CA ASP F 351 -7.98 10.10 -9.82
C ASP F 351 -8.67 9.57 -11.06
N TYR F 352 -7.90 9.24 -12.06
CA TYR F 352 -8.41 8.60 -13.26
C TYR F 352 -8.02 7.10 -13.30
N PRO F 353 -8.90 6.24 -13.81
CA PRO F 353 -8.72 4.79 -13.63
C PRO F 353 -7.69 4.11 -14.51
N VAL F 354 -7.29 4.70 -15.63
CA VAL F 354 -6.40 4.00 -16.53
C VAL F 354 -5.13 3.59 -15.81
N GLU F 355 -4.66 4.43 -14.89
CA GLU F 355 -3.50 4.10 -14.08
C GLU F 355 -3.69 2.76 -13.39
N ARG F 356 -4.80 2.59 -12.68
CA ARG F 356 -5.05 1.29 -12.06
C ARG F 356 -5.24 0.18 -13.08
N MET F 357 -5.95 0.44 -14.18
CA MET F 357 -6.18 -0.61 -15.18
C MET F 357 -4.87 -1.08 -15.77
N MET F 358 -3.89 -0.19 -15.86
CA MET F 358 -2.58 -0.64 -16.26
C MET F 358 -1.99 -1.53 -15.18
N ARG F 359 -2.05 -1.05 -13.93
CA ARG F 359 -1.56 -1.86 -12.82
C ARG F 359 -2.27 -3.21 -12.74
N ASP F 360 -3.57 -3.23 -13.00
CA ASP F 360 -4.30 -4.48 -13.01
C ASP F 360 -3.87 -5.36 -14.18
N ALA F 361 -3.71 -4.77 -15.37
CA ALA F 361 -3.37 -5.59 -16.53
C ALA F 361 -2.03 -6.27 -16.37
N LYS F 362 -1.15 -5.72 -15.58
CA LYS F 362 0.13 -6.36 -15.48
C LYS F 362 0.09 -7.76 -14.99
N ILE F 363 -0.75 -8.10 -14.02
CA ILE F 363 -0.77 -9.47 -13.55
C ILE F 363 -1.19 -10.39 -14.64
N THR F 364 -2.17 -9.99 -15.40
CA THR F 364 -2.69 -10.96 -16.37
C THR F 364 -1.56 -11.57 -17.19
N GLN F 365 -0.45 -10.88 -17.31
CA GLN F 365 0.71 -11.50 -17.90
C GLN F 365 1.46 -12.43 -16.97
N ILE F 366 1.24 -12.36 -15.65
CA ILE F 366 2.03 -13.12 -14.68
C ILE F 366 1.25 -14.31 -14.14
N TYR F 367 0.15 -14.04 -13.43
CA TYR F 367 -0.60 -15.12 -12.80
C TYR F 367 -1.37 -15.99 -13.80
N GLU F 368 -1.69 -17.22 -13.34
CA GLU F 368 -2.26 -18.32 -14.15
C GLU F 368 -1.28 -18.78 -15.25
N GLY F 369 0.01 -18.83 -14.92
CA GLY F 369 1.07 -19.24 -15.82
C GLY F 369 1.61 -18.03 -16.53
N THR F 370 2.81 -17.59 -16.12
CA THR F 370 3.40 -16.40 -16.69
C THR F 370 3.46 -16.55 -18.20
N ASN F 371 3.34 -15.43 -18.90
CA ASN F 371 3.24 -15.48 -20.34
C ASN F 371 4.44 -16.15 -20.99
N GLN F 372 5.55 -16.26 -20.26
CA GLN F 372 6.67 -17.05 -20.77
C GLN F 372 6.32 -18.54 -20.78
N ILE F 373 5.78 -19.04 -19.68
CA ILE F 373 5.34 -20.43 -19.63
C ILE F 373 4.23 -20.65 -20.63
N GLN F 374 3.35 -19.66 -20.80
CA GLN F 374 2.35 -19.81 -21.84
C GLN F 374 3.02 -20.02 -23.18
N ARG F 375 4.12 -19.29 -23.44
CA ARG F 375 4.82 -19.50 -24.69
C ARG F 375 5.46 -20.88 -24.75
N VAL F 376 5.95 -21.42 -23.62
CA VAL F 376 6.49 -22.79 -23.61
C VAL F 376 5.39 -23.78 -23.96
N VAL F 377 4.22 -23.62 -23.34
CA VAL F 377 3.05 -24.45 -23.63
C VAL F 377 2.75 -24.39 -25.12
N MET F 378 2.76 -23.19 -25.69
CA MET F 378 2.51 -23.05 -27.12
C MET F 378 3.58 -23.76 -27.94
N ALA F 379 4.85 -23.54 -27.61
CA ALA F 379 5.92 -24.18 -28.37
C ALA F 379 5.68 -25.68 -28.42
N ARG F 380 5.40 -26.29 -27.28
CA ARG F 380 5.04 -27.71 -27.27
C ARG F 380 3.91 -27.98 -28.27
N GLN F 381 2.80 -27.26 -28.18
CA GLN F 381 1.67 -27.53 -29.06
C GLN F 381 1.98 -27.34 -30.54
N LEU F 382 2.93 -26.46 -30.85
CA LEU F 382 3.37 -26.27 -32.22
C LEU F 382 4.23 -27.41 -32.69
N LEU F 383 4.96 -28.02 -31.76
CA LEU F 383 5.83 -29.14 -32.11
C LEU F 383 5.09 -30.47 -31.95
N LYS F 384 3.94 -30.52 -32.62
CA LYS F 384 3.00 -31.65 -32.66
C LYS F 384 2.47 -31.67 -34.08
N ASP G 3 34.77 23.61 -26.38
CA ASP G 3 33.75 22.82 -27.08
C ASP G 3 33.80 21.36 -26.64
N PHE G 4 32.69 20.84 -26.13
CA PHE G 4 32.54 19.41 -25.79
C PHE G 4 32.80 18.54 -27.03
N ASP G 5 33.74 17.61 -26.94
CA ASP G 5 33.92 16.74 -28.10
C ASP G 5 33.47 15.31 -27.77
N LEU G 6 32.26 15.18 -27.20
CA LEU G 6 31.77 13.86 -26.86
C LEU G 6 30.55 13.47 -27.68
N TYR G 7 30.44 12.14 -27.86
CA TYR G 7 29.37 11.49 -28.62
C TYR G 7 29.26 12.05 -30.03
N ARG G 8 30.38 12.49 -30.54
CA ARG G 8 30.53 13.14 -31.81
C ARG G 8 31.59 12.38 -32.61
N PRO G 9 31.32 12.06 -33.88
CA PRO G 9 32.42 11.66 -34.75
C PRO G 9 33.35 12.84 -34.90
N THR G 10 34.64 12.55 -34.97
CA THR G 10 35.59 13.64 -35.14
C THR G 10 35.26 14.43 -36.40
N GLU G 11 35.67 15.68 -36.38
CA GLU G 11 35.51 16.51 -37.56
C GLU G 11 36.12 15.81 -38.76
N GLU G 12 37.26 15.14 -38.54
CA GLU G 12 37.84 14.24 -39.55
C GLU G 12 36.83 13.21 -40.01
N HIS G 13 36.06 12.66 -39.06
CA HIS G 13 35.06 11.68 -39.43
C HIS G 13 33.94 12.31 -40.24
N GLU G 14 33.50 13.51 -39.87
CA GLU G 14 32.39 14.07 -40.63
C GLU G 14 32.83 14.44 -42.04
N ALA G 15 34.07 14.91 -42.20
CA ALA G 15 34.56 15.12 -43.55
C ALA G 15 34.55 13.81 -44.32
N LEU G 16 35.00 12.72 -43.67
CA LEU G 16 34.90 11.39 -44.27
C LEU G 16 33.45 11.06 -44.63
N ARG G 17 32.53 11.47 -43.77
CA ARG G 17 31.12 11.20 -44.01
C ARG G 17 30.69 11.83 -45.32
N GLU G 18 30.87 13.14 -45.44
CA GLU G 18 30.67 13.81 -46.71
C GLU G 18 31.35 13.07 -47.86
N ALA G 19 32.60 12.66 -47.63
CA ALA G 19 33.40 12.10 -48.71
C ALA G 19 32.73 10.86 -49.29
N ILE G 20 32.57 9.85 -48.46
CA ILE G 20 31.97 8.60 -48.89
C ILE G 20 30.53 8.85 -49.29
N ARG G 21 29.88 9.85 -48.69
CA ARG G 21 28.51 10.20 -49.05
C ARG G 21 28.41 10.55 -50.51
N SER G 22 29.27 11.46 -50.96
CA SER G 22 29.26 11.83 -52.36
C SER G 22 29.68 10.64 -53.22
N VAL G 23 30.63 9.83 -52.75
CA VAL G 23 31.01 8.67 -53.56
C VAL G 23 29.82 7.74 -53.74
N ALA G 24 29.02 7.58 -52.68
CA ALA G 24 27.86 6.70 -52.68
C ALA G 24 26.71 7.29 -53.49
N GLU G 25 26.23 8.46 -53.08
CA GLU G 25 25.16 9.17 -53.78
C GLU G 25 25.52 9.55 -55.21
N ASP G 26 26.79 9.52 -55.60
CA ASP G 26 27.16 9.93 -56.95
C ASP G 26 27.65 8.78 -57.81
N LYS G 27 28.58 7.96 -57.34
CA LYS G 27 29.05 6.88 -58.19
C LYS G 27 28.37 5.56 -57.86
N ILE G 28 27.92 5.36 -56.63
CA ILE G 28 27.41 4.05 -56.22
C ILE G 28 25.89 3.97 -56.37
N ALA G 29 25.19 4.95 -55.81
CA ALA G 29 23.73 4.91 -55.67
C ALA G 29 22.98 4.59 -56.97
N PRO G 30 23.23 5.27 -58.10
CA PRO G 30 22.41 4.99 -59.29
C PRO G 30 22.49 3.55 -59.74
N HIS G 31 23.61 2.88 -59.49
CA HIS G 31 23.74 1.50 -59.92
C HIS G 31 23.06 0.51 -58.99
N ALA G 32 22.74 0.93 -57.77
CA ALA G 32 22.18 0.03 -56.77
C ALA G 32 20.99 -0.74 -57.29
N ALA G 33 20.06 -0.04 -57.93
CA ALA G 33 18.83 -0.67 -58.40
C ALA G 33 19.15 -1.84 -59.31
N ASP G 34 20.11 -1.63 -60.21
CA ASP G 34 20.46 -2.67 -61.16
C ASP G 34 21.23 -3.78 -60.45
N VAL G 35 22.12 -3.40 -59.55
CA VAL G 35 22.84 -4.38 -58.75
C VAL G 35 21.87 -5.40 -58.17
N ASP G 36 20.80 -4.91 -57.55
CA ASP G 36 19.81 -5.82 -56.95
C ASP G 36 19.03 -6.58 -58.02
N GLU G 37 18.50 -5.86 -59.02
CA GLU G 37 17.61 -6.49 -60.00
C GLU G 37 18.32 -7.62 -60.76
N GLN G 38 19.53 -7.35 -61.26
CA GLN G 38 20.29 -8.27 -62.09
C GLN G 38 21.17 -9.22 -61.29
N SER G 39 21.30 -9.01 -59.98
CA SER G 39 22.19 -9.78 -59.12
C SER G 39 23.66 -9.72 -59.54
N ARG G 40 24.14 -8.57 -60.01
CA ARG G 40 25.52 -8.42 -60.46
C ARG G 40 26.33 -7.91 -59.31
N PHE G 41 27.61 -8.24 -59.31
CA PHE G 41 28.43 -7.71 -58.24
C PHE G 41 28.43 -6.19 -58.45
N PRO G 42 28.37 -5.41 -57.39
CA PRO G 42 28.38 -3.95 -57.61
C PRO G 42 29.68 -3.36 -58.15
N GLN G 43 29.98 -3.70 -59.42
CA GLN G 43 31.30 -3.39 -59.99
C GLN G 43 31.63 -1.90 -59.95
N GLU G 44 30.76 -1.03 -60.50
CA GLU G 44 31.05 0.40 -60.45
C GLU G 44 31.21 0.87 -59.02
N ALA G 45 30.42 0.31 -58.11
CA ALA G 45 30.62 0.67 -56.72
C ALA G 45 32.03 0.32 -56.29
N TYR G 46 32.49 -0.90 -56.63
CA TYR G 46 33.84 -1.31 -56.30
C TYR G 46 34.84 -0.34 -56.91
N GLU G 47 34.58 0.07 -58.14
CA GLU G 47 35.46 0.97 -58.84
C GLU G 47 35.59 2.26 -58.05
N ALA G 48 34.47 2.92 -57.84
CA ALA G 48 34.46 4.23 -57.20
C ALA G 48 35.05 4.16 -55.82
N LEU G 49 34.81 3.04 -55.14
CA LEU G 49 35.35 2.83 -53.79
C LEU G 49 36.86 2.68 -53.82
N ARG G 50 37.38 1.88 -54.76
CA ARG G 50 38.81 1.73 -54.94
C ARG G 50 39.47 3.04 -55.37
N ALA G 51 38.80 3.82 -56.22
CA ALA G 51 39.35 5.11 -56.67
C ALA G 51 39.46 6.12 -55.56
N SER G 52 38.61 6.04 -54.54
CA SER G 52 38.69 6.94 -53.38
C SER G 52 39.15 6.19 -52.13
N ASP G 53 39.60 4.94 -52.31
CA ASP G 53 40.20 4.10 -51.26
C ASP G 53 39.24 3.82 -50.09
N PHE G 54 37.97 3.56 -50.42
CA PHE G 54 36.93 3.21 -49.47
C PHE G 54 36.55 1.75 -49.56
N HIS G 55 37.35 0.96 -50.27
CA HIS G 55 37.08 -0.45 -50.39
C HIS G 55 37.51 -1.23 -49.15
N ALA G 56 38.47 -0.70 -48.37
CA ALA G 56 39.00 -1.36 -47.18
C ALA G 56 39.80 -0.40 -46.31
N PRO G 57 39.18 0.71 -45.88
CA PRO G 57 39.91 1.72 -45.11
C PRO G 57 40.37 1.26 -43.71
N HIS G 58 40.03 0.06 -43.26
CA HIS G 58 40.45 -0.38 -41.93
C HIS G 58 41.92 -0.73 -41.90
N VAL G 59 42.50 -1.07 -43.06
CA VAL G 59 43.91 -1.46 -43.12
C VAL G 59 44.81 -0.31 -42.68
N ALA G 60 45.92 -0.67 -42.01
CA ALA G 60 46.88 0.31 -41.50
C ALA G 60 47.45 1.20 -42.62
N GLU G 61 48.11 2.30 -42.22
CA GLU G 61 48.94 3.01 -43.17
C GLU G 61 50.21 2.21 -43.48
N GLU G 62 50.72 1.46 -42.49
CA GLU G 62 51.86 0.57 -42.71
C GLU G 62 51.69 -0.33 -43.94
N TYR G 63 50.45 -0.73 -44.22
CA TYR G 63 50.22 -1.64 -45.31
C TYR G 63 49.64 -0.91 -46.52
N GLY G 64 49.68 0.42 -46.49
CA GLY G 64 49.22 1.23 -47.59
C GLY G 64 47.75 1.58 -47.56
N GLY G 65 47.06 1.31 -46.46
CA GLY G 65 45.67 1.67 -46.36
C GLY G 65 45.53 3.13 -46.02
N VAL G 66 44.28 3.59 -45.95
CA VAL G 66 44.08 4.96 -45.51
C VAL G 66 44.20 5.05 -44.00
N GLY G 67 44.27 3.90 -43.31
CA GLY G 67 44.43 3.92 -41.88
C GLY G 67 43.23 4.51 -41.18
N ALA G 68 42.06 4.30 -41.77
CA ALA G 68 40.85 4.89 -41.23
C ALA G 68 40.49 4.23 -39.92
N ASP G 69 40.03 5.06 -38.99
CA ASP G 69 39.51 4.63 -37.70
C ASP G 69 38.33 3.66 -37.87
N ALA G 70 38.15 2.75 -36.90
CA ALA G 70 37.08 1.74 -37.01
C ALA G 70 35.68 2.38 -37.05
N LEU G 71 35.45 3.43 -36.24
CA LEU G 71 34.24 4.25 -36.33
C LEU G 71 34.12 4.89 -37.71
N ALA G 72 35.22 5.42 -38.24
CA ALA G 72 35.23 5.91 -39.60
C ALA G 72 34.91 4.79 -40.58
N THR G 73 35.49 3.60 -40.36
CA THR G 73 35.11 2.47 -41.21
C THR G 73 33.61 2.27 -41.17
N CYS G 74 33.02 2.37 -39.98
CA CYS G 74 31.57 2.23 -39.88
C CYS G 74 30.89 3.29 -40.73
N ILE G 75 31.26 4.55 -40.53
CA ILE G 75 30.59 5.63 -41.23
C ILE G 75 30.68 5.41 -42.73
N VAL G 76 31.80 4.87 -43.18
CA VAL G 76 31.90 4.50 -44.58
C VAL G 76 30.84 3.46 -44.92
N ILE G 77 30.83 2.35 -44.17
CA ILE G 77 29.88 1.27 -44.42
C ILE G 77 28.45 1.76 -44.30
N GLU G 78 28.18 2.67 -43.36
CA GLU G 78 26.86 3.25 -43.23
C GLU G 78 26.55 4.00 -44.51
N GLU G 79 27.37 4.99 -44.83
CA GLU G 79 27.11 5.87 -45.95
C GLU G 79 27.04 5.11 -47.27
N ILE G 80 27.74 3.99 -47.38
CA ILE G 80 27.56 3.17 -48.56
C ILE G 80 26.23 2.47 -48.48
N ALA G 81 26.01 1.72 -47.40
CA ALA G 81 24.75 1.02 -47.27
C ALA G 81 23.60 1.97 -47.48
N ARG G 82 23.78 3.24 -47.11
CA ARG G 82 22.74 4.23 -47.31
C ARG G 82 22.23 4.22 -48.75
N VAL G 83 23.08 3.93 -49.71
CA VAL G 83 22.65 3.91 -51.10
C VAL G 83 22.75 2.54 -51.71
N CYS G 84 23.58 1.66 -51.19
CA CYS G 84 23.71 0.35 -51.82
C CYS G 84 24.26 -0.63 -50.80
N ALA G 85 23.42 -1.60 -50.42
CA ALA G 85 23.83 -2.58 -49.42
C ALA G 85 24.85 -3.55 -50.01
N SER G 86 24.54 -4.09 -51.19
CA SER G 86 25.49 -4.98 -51.85
C SER G 86 26.84 -4.30 -51.97
N SER G 87 26.83 -3.01 -52.27
CA SER G 87 28.10 -2.29 -52.30
C SER G 87 28.67 -2.06 -50.91
N SER G 88 27.83 -1.90 -49.88
CA SER G 88 28.41 -1.77 -48.55
C SER G 88 29.19 -3.02 -48.16
N LEU G 89 28.89 -4.16 -48.79
CA LEU G 89 29.66 -5.36 -48.45
C LEU G 89 31.13 -5.25 -48.85
N ILE G 90 31.47 -4.34 -49.76
CA ILE G 90 32.87 -4.17 -50.14
C ILE G 90 33.68 -3.83 -48.89
N PRO G 91 33.51 -2.68 -48.26
CA PRO G 91 34.33 -2.44 -47.06
C PRO G 91 34.01 -3.40 -45.94
N ALA G 92 32.77 -3.87 -45.86
CA ALA G 92 32.41 -4.72 -44.73
C ALA G 92 33.05 -6.08 -44.84
N VAL G 93 32.86 -6.78 -45.98
CA VAL G 93 33.45 -8.10 -46.09
C VAL G 93 34.96 -8.01 -46.24
N ASN G 94 35.49 -6.89 -46.75
CA ASN G 94 36.94 -6.73 -46.74
C ASN G 94 37.49 -6.60 -45.32
N LYS G 95 36.85 -5.80 -44.48
CA LYS G 95 37.28 -5.78 -43.09
C LYS G 95 37.09 -7.16 -42.46
N LEU G 96 35.96 -7.81 -42.75
CA LEU G 96 35.65 -9.10 -42.16
C LEU G 96 36.67 -10.17 -42.52
N GLY G 97 36.99 -10.29 -43.81
CA GLY G 97 37.92 -11.30 -44.28
C GLY G 97 39.35 -11.01 -43.89
N SER G 98 39.70 -9.74 -43.68
CA SER G 98 41.07 -9.47 -43.29
C SER G 98 41.24 -9.43 -41.78
N MET G 99 40.17 -9.33 -41.03
CA MET G 99 40.31 -9.17 -39.58
C MET G 99 41.07 -10.29 -38.88
N PRO G 100 40.82 -11.58 -39.15
CA PRO G 100 41.68 -12.59 -38.49
C PRO G 100 43.14 -12.44 -38.90
N LEU G 101 43.36 -12.08 -40.16
CA LEU G 101 44.69 -11.84 -40.70
C LEU G 101 45.35 -10.62 -40.10
N ILE G 102 44.57 -9.67 -39.59
CA ILE G 102 45.14 -8.47 -38.99
C ILE G 102 45.37 -8.62 -37.50
N LEU G 103 44.37 -9.08 -36.77
CA LEU G 103 44.50 -9.08 -35.29
C LEU G 103 45.52 -10.09 -34.81
N SER G 104 45.82 -11.10 -35.61
CA SER G 104 46.66 -12.18 -35.13
C SER G 104 47.54 -12.67 -36.28
N GLY G 105 47.28 -12.18 -37.47
CA GLY G 105 48.11 -12.55 -38.60
C GLY G 105 49.55 -12.10 -38.38
N SER G 106 50.46 -12.93 -38.89
CA SER G 106 51.88 -12.65 -38.85
C SER G 106 52.26 -11.45 -39.73
N ASP G 107 53.29 -10.69 -39.28
CA ASP G 107 53.73 -9.49 -39.99
C ASP G 107 53.89 -9.75 -41.48
N GLU G 108 54.34 -10.96 -41.84
CA GLU G 108 54.52 -11.23 -43.26
C GLU G 108 53.20 -11.64 -43.90
N VAL G 109 52.35 -12.38 -43.17
CA VAL G 109 51.05 -12.73 -43.74
C VAL G 109 50.21 -11.47 -43.88
N LYS G 110 50.36 -10.56 -42.92
CA LYS G 110 49.79 -9.22 -43.03
C LYS G 110 50.38 -8.50 -44.25
N GLN G 111 51.70 -8.63 -44.43
CA GLN G 111 52.39 -7.90 -45.49
C GLN G 111 52.06 -8.39 -46.89
N ARG G 112 51.78 -9.68 -47.06
CA ARG G 112 51.51 -10.21 -48.39
C ARG G 112 50.23 -9.66 -48.97
N TYR G 113 49.25 -9.38 -48.10
CA TYR G 113 47.85 -9.28 -48.44
C TYR G 113 47.29 -7.89 -48.19
N LEU G 114 47.47 -7.38 -46.99
CA LEU G 114 46.87 -6.12 -46.59
C LEU G 114 47.22 -5.00 -47.56
N PRO G 115 48.43 -4.95 -48.15
CA PRO G 115 48.64 -3.97 -49.23
C PRO G 115 47.85 -4.24 -50.50
N GLU G 116 47.66 -5.50 -50.93
CA GLU G 116 46.86 -5.71 -52.12
C GLU G 116 45.41 -5.32 -51.88
N LEU G 117 44.96 -5.51 -50.66
CA LEU G 117 43.65 -5.01 -50.25
C LEU G 117 43.63 -3.49 -50.22
N ALA G 118 44.50 -2.91 -49.41
CA ALA G 118 44.54 -1.47 -49.22
C ALA G 118 44.67 -0.71 -50.54
N SER G 119 45.42 -1.25 -51.51
CA SER G 119 45.51 -0.63 -52.81
C SER G 119 44.20 -0.76 -53.57
N GLY G 120 43.49 -1.86 -53.34
CA GLY G 120 42.26 -2.12 -54.04
C GLY G 120 42.38 -3.13 -55.14
N GLU G 121 43.33 -4.05 -55.04
CA GLU G 121 43.55 -5.00 -56.12
C GLU G 121 42.94 -6.36 -55.84
N ALA G 122 42.61 -6.63 -54.59
CA ALA G 122 42.03 -7.92 -54.27
C ALA G 122 41.03 -7.74 -53.13
N MET G 123 40.00 -8.57 -53.16
CA MET G 123 38.98 -8.58 -52.12
C MET G 123 39.14 -9.76 -51.19
N PHE G 124 38.67 -9.59 -49.95
CA PHE G 124 38.67 -10.65 -48.97
C PHE G 124 37.28 -11.12 -48.60
N SER G 125 37.21 -12.40 -48.27
CA SER G 125 36.07 -12.98 -47.61
C SER G 125 36.53 -13.84 -46.44
N TYR G 126 35.56 -14.41 -45.74
CA TYR G 126 35.77 -14.98 -44.42
C TYR G 126 35.02 -16.30 -44.36
N GLY G 127 35.73 -17.42 -44.38
CA GLY G 127 35.06 -18.70 -44.37
C GLY G 127 34.98 -19.28 -42.96
N LEU G 128 33.86 -19.01 -42.30
CA LEU G 128 33.53 -19.45 -40.94
C LEU G 128 32.26 -20.24 -40.88
N SER G 129 31.21 -19.75 -41.52
CA SER G 129 29.92 -20.42 -41.50
C SER G 129 30.05 -21.75 -42.24
N GLU G 130 29.20 -22.72 -41.87
CA GLU G 130 29.20 -24.02 -42.54
C GLU G 130 27.77 -24.52 -42.77
N ARG G 131 27.70 -25.74 -43.30
CA ARG G 131 26.47 -26.43 -43.68
C ARG G 131 25.79 -27.03 -42.47
N GLU G 132 26.49 -27.95 -41.79
CA GLU G 132 25.91 -28.59 -40.63
C GLU G 132 25.97 -27.68 -39.42
N ALA G 133 27.03 -26.87 -39.31
CA ALA G 133 27.39 -26.15 -38.12
C ALA G 133 27.93 -24.79 -38.57
N GLY G 134 27.03 -23.93 -39.01
CA GLY G 134 27.36 -22.57 -39.41
C GLY G 134 27.69 -21.64 -38.26
N SER G 135 26.70 -21.34 -37.42
CA SER G 135 26.90 -20.48 -36.26
C SER G 135 27.58 -21.19 -35.08
N ASP G 136 27.56 -22.54 -35.05
CA ASP G 136 28.27 -23.32 -34.02
C ASP G 136 29.67 -23.63 -34.54
N THR G 137 30.45 -22.56 -34.65
CA THR G 137 31.78 -22.63 -35.27
C THR G 137 32.75 -23.53 -34.52
N ALA G 138 32.54 -23.83 -33.23
CA ALA G 138 33.53 -24.66 -32.56
C ALA G 138 33.52 -26.09 -33.07
N SER G 139 32.47 -26.51 -33.77
CA SER G 139 32.34 -27.89 -34.23
C SER G 139 32.35 -27.98 -35.74
N MET G 140 33.15 -27.15 -36.41
CA MET G 140 33.11 -27.22 -37.86
C MET G 140 33.77 -28.51 -38.30
N ARG G 141 33.51 -28.88 -39.55
CA ARG G 141 34.08 -30.11 -40.08
C ARG G 141 35.31 -29.86 -40.94
N THR G 142 35.41 -28.70 -41.57
CA THR G 142 36.52 -28.42 -42.45
C THR G 142 37.85 -28.58 -41.71
N ARG G 143 38.66 -29.53 -42.18
CA ARG G 143 39.91 -29.90 -41.53
C ARG G 143 41.12 -29.52 -42.39
N ALA G 144 42.08 -28.89 -41.73
CA ALA G 144 43.38 -28.56 -42.27
C ALA G 144 44.41 -29.44 -41.59
N VAL G 145 44.94 -30.40 -42.33
CA VAL G 145 46.02 -31.26 -41.87
C VAL G 145 47.33 -30.69 -42.42
N ARG G 146 48.44 -30.91 -41.70
CA ARG G 146 49.73 -30.38 -42.10
C ARG G 146 50.49 -31.42 -42.94
N ASP G 147 51.45 -30.93 -43.73
CA ASP G 147 52.13 -31.73 -44.76
C ASP G 147 53.37 -30.95 -45.20
N GLY G 148 54.49 -31.22 -44.54
CA GLY G 148 55.65 -30.36 -44.73
C GLY G 148 55.37 -28.98 -44.15
N ASP G 149 55.83 -27.94 -44.84
CA ASP G 149 55.31 -26.61 -44.53
C ASP G 149 53.84 -26.51 -44.89
N ASP G 150 53.40 -27.28 -45.90
CA ASP G 150 52.10 -27.07 -46.52
C ASP G 150 50.97 -27.68 -45.67
N TRP G 151 49.75 -27.55 -46.17
CA TRP G 151 48.53 -28.05 -45.54
C TRP G 151 47.66 -28.70 -46.60
N ILE G 152 46.72 -29.50 -46.14
CA ILE G 152 45.64 -30.00 -46.96
C ILE G 152 44.32 -29.65 -46.29
N LEU G 153 43.39 -29.13 -47.08
CA LEU G 153 42.13 -28.59 -46.59
C LEU G 153 40.97 -29.39 -47.15
N ASN G 154 40.00 -29.71 -46.30
CA ASN G 154 38.77 -30.31 -46.79
C ASN G 154 37.56 -29.78 -46.03
N GLY G 155 36.48 -29.59 -46.75
CA GLY G 155 35.26 -29.17 -46.10
C GLY G 155 34.56 -28.10 -46.90
N GLN G 156 33.52 -27.56 -46.28
CA GLN G 156 32.59 -26.63 -46.89
C GLN G 156 32.54 -25.36 -46.07
N LYS G 157 32.60 -24.22 -46.72
CA LYS G 157 32.29 -22.98 -46.05
C LYS G 157 31.14 -22.39 -46.86
N SER G 158 30.10 -21.89 -46.18
CA SER G 158 28.91 -21.45 -46.88
C SER G 158 28.41 -20.13 -46.34
N TRP G 159 27.53 -19.50 -47.13
CA TRP G 159 27.06 -18.15 -46.86
C TRP G 159 28.22 -17.15 -46.91
N ILE G 160 29.19 -17.36 -47.78
CA ILE G 160 30.40 -16.56 -47.68
C ILE G 160 30.32 -15.42 -48.65
N THR G 161 30.31 -14.22 -48.11
CA THR G 161 30.03 -13.05 -48.89
C THR G 161 31.24 -12.71 -49.74
N ASN G 162 31.00 -12.20 -50.94
CA ASN G 162 32.01 -11.85 -51.92
C ASN G 162 32.74 -13.06 -52.45
N ALA G 163 32.24 -14.26 -52.17
CA ALA G 163 32.84 -15.49 -52.67
C ALA G 163 32.69 -15.57 -54.19
N GLY G 164 33.79 -15.52 -54.91
CA GLY G 164 33.77 -15.54 -56.36
C GLY G 164 34.46 -14.36 -56.98
N ILE G 165 34.60 -13.26 -56.24
CA ILE G 165 35.27 -12.09 -56.78
C ILE G 165 36.39 -11.81 -55.78
N SER G 166 36.18 -12.17 -54.53
CA SER G 166 37.29 -12.11 -53.58
C SER G 166 38.42 -13.02 -54.02
N LYS G 167 39.64 -12.55 -53.78
CA LYS G 167 40.85 -13.29 -54.06
C LYS G 167 41.26 -14.19 -52.91
N TYR G 168 41.05 -13.76 -51.67
CA TYR G 168 41.60 -14.45 -50.51
C TYR G 168 40.49 -14.70 -49.52
N TYR G 169 40.44 -15.91 -48.98
CA TYR G 169 39.31 -16.40 -48.20
C TYR G 169 39.92 -16.90 -46.90
N THR G 170 39.86 -16.06 -45.87
CA THR G 170 40.47 -16.44 -44.61
C THR G 170 39.60 -17.51 -44.00
N VAL G 171 39.86 -18.76 -44.32
CA VAL G 171 39.05 -19.87 -43.88
C VAL G 171 39.52 -20.42 -42.53
N MET G 172 38.57 -20.86 -41.73
CA MET G 172 38.82 -21.38 -40.40
C MET G 172 38.73 -22.88 -40.51
N ALA G 173 39.81 -23.58 -40.18
CA ALA G 173 39.70 -25.02 -40.24
C ALA G 173 40.08 -25.57 -38.89
N VAL G 174 39.40 -26.64 -38.48
CA VAL G 174 39.84 -27.36 -37.30
C VAL G 174 41.08 -28.13 -37.70
N THR G 175 42.12 -28.01 -36.90
CA THR G 175 43.32 -28.71 -37.32
C THR G 175 43.52 -30.02 -36.57
N ASP G 176 43.23 -30.02 -35.28
CA ASP G 176 43.49 -31.19 -34.46
C ASP G 176 42.27 -31.47 -33.60
N PRO G 177 41.51 -32.53 -33.88
CA PRO G 177 40.32 -32.79 -33.08
C PRO G 177 40.56 -32.83 -31.57
N ASP G 178 41.69 -33.35 -31.06
CA ASP G 178 41.68 -33.69 -29.63
C ASP G 178 41.74 -32.46 -28.73
N GLY G 179 42.44 -31.39 -29.14
CA GLY G 179 42.54 -30.20 -28.32
C GLY G 179 41.17 -29.69 -27.97
N PRO G 180 41.01 -29.01 -26.82
CA PRO G 180 39.69 -28.50 -26.45
C PRO G 180 39.02 -27.83 -27.65
N ARG G 181 37.81 -28.31 -27.97
CA ARG G 181 37.16 -27.99 -29.24
C ARG G 181 37.24 -26.52 -29.60
N GLY G 182 37.31 -25.64 -28.59
CA GLY G 182 37.54 -24.22 -28.88
C GLY G 182 38.93 -23.97 -29.40
N ARG G 183 39.94 -24.46 -28.69
CA ARG G 183 41.34 -24.29 -29.06
C ARG G 183 41.81 -25.26 -30.14
N ASN G 184 40.93 -25.81 -30.99
CA ASN G 184 41.36 -26.85 -31.91
C ASN G 184 41.36 -26.42 -33.38
N ILE G 185 41.13 -25.14 -33.65
CA ILE G 185 41.00 -24.65 -35.02
C ILE G 185 41.94 -23.47 -35.23
N SER G 186 42.49 -23.37 -36.44
CA SER G 186 43.30 -22.23 -36.78
C SER G 186 42.94 -21.77 -38.18
N ALA G 187 43.36 -20.55 -38.50
CA ALA G 187 42.87 -19.82 -39.65
C ALA G 187 43.92 -19.68 -40.73
N PHE G 188 43.52 -19.95 -41.97
CA PHE G 188 44.42 -19.95 -43.13
C PHE G 188 43.76 -19.21 -44.29
N VAL G 189 44.51 -18.30 -44.88
CA VAL G 189 44.02 -17.52 -46.01
C VAL G 189 44.17 -18.37 -47.28
N VAL G 190 43.05 -18.93 -47.78
CA VAL G 190 43.02 -19.70 -49.02
C VAL G 190 42.87 -18.75 -50.21
N HIS G 191 43.67 -18.96 -51.25
CA HIS G 191 43.59 -18.14 -52.44
C HIS G 191 42.50 -18.67 -53.39
N ILE G 192 42.03 -17.78 -54.27
CA ILE G 192 41.06 -18.18 -55.29
C ILE G 192 41.69 -19.13 -56.33
N ASP G 193 43.01 -19.03 -56.57
CA ASP G 193 43.76 -19.80 -57.57
C ASP G 193 44.04 -21.25 -57.18
N ASP G 194 43.73 -21.65 -55.93
CA ASP G 194 44.32 -22.83 -55.32
C ASP G 194 43.84 -24.15 -55.94
N PRO G 195 44.64 -25.21 -55.81
CA PRO G 195 44.22 -26.50 -56.35
C PRO G 195 43.00 -26.99 -55.61
N GLY G 196 41.96 -27.40 -56.34
CA GLY G 196 40.80 -28.02 -55.73
C GLY G 196 39.85 -27.06 -55.04
N PHE G 197 40.19 -25.79 -54.93
CA PHE G 197 39.38 -24.83 -54.21
C PHE G 197 38.29 -24.36 -55.15
N SER G 198 37.04 -24.68 -54.82
CA SER G 198 35.97 -24.43 -55.75
C SER G 198 34.90 -23.54 -55.11
N PHE G 199 34.01 -23.00 -55.96
CA PHE G 199 32.87 -22.22 -55.53
C PHE G 199 31.55 -22.94 -55.83
N GLY G 200 30.55 -22.71 -54.96
CA GLY G 200 29.22 -23.17 -55.20
C GLY G 200 28.48 -22.32 -56.21
N GLU G 201 27.27 -22.74 -56.51
CA GLU G 201 26.39 -21.95 -57.36
C GLU G 201 25.94 -20.73 -56.57
N PRO G 202 26.05 -19.52 -57.13
CA PRO G 202 25.72 -18.32 -56.35
C PRO G 202 24.29 -18.36 -55.82
N GLU G 203 24.15 -17.99 -54.56
CA GLU G 203 22.85 -18.09 -53.91
C GLU G 203 21.88 -17.09 -54.50
N ARG G 204 20.62 -17.52 -54.59
CA ARG G 204 19.53 -16.61 -54.94
C ARG G 204 19.01 -15.99 -53.64
N LYS G 205 19.47 -14.78 -53.35
CA LYS G 205 19.27 -14.19 -52.04
C LYS G 205 18.03 -13.28 -52.05
N LEU G 206 17.45 -13.09 -50.87
CA LEU G 206 16.33 -12.17 -50.74
C LEU G 206 16.76 -10.77 -51.15
N GLY G 207 17.80 -10.27 -50.54
CA GLY G 207 18.32 -8.97 -50.86
C GLY G 207 19.81 -9.10 -50.79
N ILE G 208 20.51 -7.98 -50.85
CA ILE G 208 21.94 -8.02 -51.04
C ILE G 208 22.18 -8.85 -52.29
N LYS G 209 21.24 -8.82 -53.25
CA LYS G 209 21.36 -9.73 -54.39
C LYS G 209 22.67 -9.52 -55.16
N GLY G 210 23.20 -8.29 -55.13
CA GLY G 210 24.42 -7.97 -55.84
C GLY G 210 25.63 -8.71 -55.33
N SER G 211 26.03 -8.46 -54.09
CA SER G 211 27.25 -9.09 -53.58
C SER G 211 27.03 -10.59 -53.47
N PRO G 212 27.81 -11.41 -54.18
CA PRO G 212 27.46 -12.84 -54.32
C PRO G 212 27.74 -13.61 -53.05
N THR G 213 26.76 -14.42 -52.65
CA THR G 213 26.93 -15.32 -51.52
C THR G 213 27.06 -16.72 -52.10
N ARG G 214 28.28 -17.28 -52.02
CA ARG G 214 28.61 -18.57 -52.58
C ARG G 214 29.15 -19.50 -51.50
N GLU G 215 28.89 -20.80 -51.67
CA GLU G 215 29.56 -21.84 -50.88
C GLU G 215 31.05 -21.93 -51.27
N LEU G 216 31.91 -22.26 -50.32
CA LEU G 216 33.36 -22.46 -50.54
C LEU G 216 33.66 -23.93 -50.38
N ILE G 217 34.22 -24.55 -51.40
CA ILE G 217 34.50 -25.97 -51.50
C ILE G 217 36.00 -26.17 -51.29
N PHE G 218 36.34 -27.11 -50.40
CA PHE G 218 37.72 -27.49 -50.16
C PHE G 218 37.86 -28.97 -50.46
N ASP G 219 38.50 -29.27 -51.59
CA ASP G 219 38.82 -30.62 -52.08
C ASP G 219 40.33 -30.81 -52.04
N ASN G 220 40.84 -31.23 -50.88
CA ASN G 220 42.25 -31.48 -50.68
C ASN G 220 43.06 -30.31 -51.20
N VAL G 221 42.72 -29.14 -50.68
CA VAL G 221 43.36 -27.91 -51.10
C VAL G 221 44.66 -27.79 -50.33
N ARG G 222 45.79 -27.94 -51.01
CA ARG G 222 47.08 -27.82 -50.36
C ARG G 222 47.46 -26.35 -50.32
N ILE G 223 47.84 -25.87 -49.14
CA ILE G 223 48.23 -24.47 -48.97
C ILE G 223 49.46 -24.34 -48.09
N PRO G 224 50.43 -23.51 -48.48
CA PRO G 224 51.67 -23.37 -47.69
C PRO G 224 51.51 -23.12 -46.21
N GLY G 225 52.61 -23.28 -45.48
CA GLY G 225 52.58 -23.06 -44.05
C GLY G 225 52.40 -21.62 -43.67
N ASP G 226 52.74 -20.68 -44.56
CA ASP G 226 52.59 -19.27 -44.22
C ASP G 226 51.13 -18.81 -44.23
N ARG G 227 50.18 -19.69 -44.54
CA ARG G 227 48.77 -19.31 -44.47
C ARG G 227 48.23 -19.29 -43.04
N LEU G 228 48.97 -19.77 -42.05
CA LEU G 228 48.53 -19.62 -40.67
C LEU G 228 48.46 -18.15 -40.26
N VAL G 229 47.34 -17.78 -39.64
CA VAL G 229 47.17 -16.45 -39.04
C VAL G 229 46.90 -16.66 -37.55
N GLY G 230 47.78 -16.11 -36.69
CA GLY G 230 47.76 -16.45 -35.28
C GLY G 230 48.50 -17.75 -35.06
N LYS G 231 48.31 -18.33 -33.89
CA LYS G 231 48.95 -19.58 -33.55
C LYS G 231 47.93 -20.72 -33.70
N VAL G 232 48.36 -21.86 -34.25
CA VAL G 232 47.44 -22.98 -34.52
C VAL G 232 46.66 -23.34 -33.27
N GLY G 233 45.35 -23.52 -33.45
CA GLY G 233 44.44 -23.81 -32.37
C GLY G 233 43.88 -22.53 -31.76
N GLU G 234 44.65 -21.48 -31.98
CA GLU G 234 44.32 -20.08 -31.61
C GLU G 234 43.16 -19.64 -32.51
N GLY G 235 42.78 -20.46 -33.49
CA GLY G 235 41.79 -20.05 -34.50
C GLY G 235 40.49 -19.52 -33.93
N LEU G 236 39.91 -20.19 -32.94
CA LEU G 236 38.60 -19.75 -32.40
C LEU G 236 38.72 -18.34 -31.81
N ARG G 237 39.81 -18.07 -31.10
CA ARG G 237 40.02 -16.74 -30.50
C ARG G 237 40.08 -15.71 -31.63
N THR G 238 40.77 -16.03 -32.72
CA THR G 238 40.82 -15.09 -33.84
C THR G 238 39.43 -14.96 -34.48
N ALA G 239 38.56 -15.97 -34.38
CA ALA G 239 37.28 -15.81 -35.05
C ALA G 239 36.26 -15.12 -34.14
N LEU G 240 36.32 -15.42 -32.85
CA LEU G 240 35.42 -14.76 -31.92
C LEU G 240 35.67 -13.26 -31.89
N ARG G 241 36.94 -12.83 -31.95
CA ARG G 241 37.16 -11.39 -31.86
C ARG G 241 36.91 -10.70 -33.20
N THR G 242 37.07 -11.43 -34.32
CA THR G 242 36.62 -10.85 -35.57
C THR G 242 35.11 -10.61 -35.55
N LEU G 243 34.33 -11.58 -35.06
CA LEU G 243 32.90 -11.32 -34.84
C LEU G 243 32.72 -10.10 -33.98
N ASP G 244 33.32 -10.10 -32.78
CA ASP G 244 33.20 -8.95 -31.88
C ASP G 244 33.31 -7.65 -32.66
N HIS G 245 34.24 -7.60 -33.63
CA HIS G 245 34.57 -6.32 -34.27
C HIS G 245 33.73 -6.01 -35.49
N THR G 246 33.34 -7.04 -36.25
CA THR G 246 32.62 -6.91 -37.51
C THR G 246 31.11 -6.95 -37.31
N ARG G 247 30.67 -7.38 -36.14
CA ARG G 247 29.33 -7.09 -35.66
C ARG G 247 29.04 -5.61 -35.73
N VAL G 248 29.93 -4.79 -35.19
CA VAL G 248 29.66 -3.37 -35.19
C VAL G 248 29.63 -2.88 -36.64
N THR G 249 30.37 -3.54 -37.51
CA THR G 249 30.37 -3.19 -38.92
C THR G 249 29.04 -3.51 -39.59
N ILE G 250 28.48 -4.70 -39.34
CA ILE G 250 27.17 -4.98 -39.90
C ILE G 250 26.14 -4.10 -39.25
N GLY G 251 26.35 -3.73 -38.01
CA GLY G 251 25.48 -2.74 -37.41
C GLY G 251 25.43 -1.49 -38.26
N ALA G 252 26.62 -0.95 -38.58
CA ALA G 252 26.69 0.23 -39.43
C ALA G 252 25.98 0.01 -40.77
N GLN G 253 26.12 -1.18 -41.34
CA GLN G 253 25.37 -1.51 -42.56
C GLN G 253 23.87 -1.38 -42.33
N ALA G 254 23.38 -1.89 -41.20
CA ALA G 254 21.96 -1.82 -40.90
C ALA G 254 21.51 -0.38 -40.73
N VAL G 255 22.24 0.38 -39.93
CA VAL G 255 21.90 1.79 -39.77
C VAL G 255 21.90 2.46 -41.14
N GLY G 256 22.87 2.11 -41.99
CA GLY G 256 22.95 2.74 -43.29
C GLY G 256 21.76 2.43 -44.16
N ILE G 257 21.42 1.14 -44.29
CA ILE G 257 20.25 0.77 -45.06
C ILE G 257 19.02 1.47 -44.53
N ALA G 258 18.86 1.51 -43.20
CA ALA G 258 17.71 2.18 -42.61
C ALA G 258 17.75 3.65 -42.92
N GLN G 259 18.92 4.25 -42.87
CA GLN G 259 19.03 5.66 -43.21
C GLN G 259 18.54 5.89 -44.64
N GLY G 260 19.04 5.08 -45.57
CA GLY G 260 18.56 5.19 -46.93
C GLY G 260 17.06 5.05 -47.01
N ALA G 261 16.51 4.07 -46.31
CA ALA G 261 15.08 3.85 -46.38
C ALA G 261 14.34 5.08 -45.87
N LEU G 262 14.72 5.59 -44.69
CA LEU G 262 14.04 6.75 -44.15
C LEU G 262 14.26 7.97 -45.02
N ASP G 263 15.44 8.08 -45.61
CA ASP G 263 15.72 9.23 -46.45
C ASP G 263 14.73 9.27 -47.60
N TYR G 264 14.61 8.15 -48.30
CA TYR G 264 13.67 8.07 -49.41
C TYR G 264 12.25 8.26 -48.92
N ALA G 265 11.92 7.72 -47.76
CA ALA G 265 10.56 7.85 -47.26
C ALA G 265 10.21 9.31 -47.05
N LEU G 266 11.08 10.01 -46.33
CA LEU G 266 10.90 11.45 -46.00
C LEU G 266 10.70 12.25 -47.27
N GLY G 267 11.56 12.06 -48.27
CA GLY G 267 11.44 12.82 -49.52
C GLY G 267 10.12 12.55 -50.20
N TYR G 268 9.71 11.28 -50.26
CA TYR G 268 8.43 10.90 -50.91
C TYR G 268 7.24 11.48 -50.13
N VAL G 269 7.24 11.36 -48.81
CA VAL G 269 6.07 11.82 -47.98
C VAL G 269 6.00 13.35 -47.98
N LYS G 270 7.13 14.03 -48.13
CA LYS G 270 7.14 15.48 -48.23
C LYS G 270 6.53 15.91 -49.55
N GLU G 271 7.00 15.34 -50.67
CA GLU G 271 6.51 15.79 -51.96
C GLU G 271 5.12 15.24 -52.25
N ARG G 272 4.97 13.93 -52.26
CA ARG G 272 3.67 13.34 -52.58
C ARG G 272 2.58 13.82 -51.63
N LYS G 273 1.42 14.08 -52.21
CA LYS G 273 0.25 14.57 -51.50
C LYS G 273 -0.90 13.57 -51.65
N GLN G 274 -1.80 13.61 -50.67
CA GLN G 274 -3.05 12.87 -50.65
C GLN G 274 -4.07 13.63 -49.84
N PHE G 275 -5.32 13.67 -50.32
CA PHE G 275 -6.34 14.48 -49.69
C PHE G 275 -5.82 15.90 -49.46
N GLY G 276 -5.23 16.46 -50.51
CA GLY G 276 -4.93 17.88 -50.52
C GLY G 276 -3.60 18.34 -49.94
N LYS G 277 -3.26 17.80 -48.78
CA LYS G 277 -1.99 18.11 -48.13
C LYS G 277 -0.96 17.02 -48.44
N ALA G 278 0.30 17.34 -48.19
CA ALA G 278 1.33 16.32 -48.24
C ALA G 278 1.02 15.24 -47.22
N ILE G 279 1.36 14.00 -47.55
CA ILE G 279 1.06 12.94 -46.60
C ILE G 279 1.87 13.11 -45.33
N ALA G 280 3.09 13.64 -45.45
CA ALA G 280 3.89 13.93 -44.25
C ALA G 280 3.14 14.81 -43.26
N ASP G 281 2.10 15.50 -43.71
CA ASP G 281 1.32 16.34 -42.83
C ASP G 281 0.40 15.55 -41.93
N PHE G 282 0.17 14.28 -42.23
CA PHE G 282 -0.75 13.48 -41.43
C PHE G 282 -0.04 13.04 -40.17
N GLN G 283 -0.68 13.26 -39.01
CA GLN G 283 0.08 13.10 -37.78
C GLN G 283 0.48 11.67 -37.60
N GLY G 284 -0.30 10.74 -38.14
CA GLY G 284 0.11 9.36 -38.08
C GLY G 284 1.43 9.17 -38.78
N ILE G 285 1.51 9.57 -40.05
CA ILE G 285 2.75 9.42 -40.81
C ILE G 285 3.89 10.16 -40.13
N GLN G 286 3.58 11.23 -39.44
CA GLN G 286 4.63 11.92 -38.69
C GLN G 286 5.16 11.04 -37.58
N PHE G 287 4.26 10.37 -36.85
CA PHE G 287 4.66 9.40 -35.83
C PHE G 287 5.47 8.28 -36.44
N MET G 288 5.05 7.83 -37.60
CA MET G 288 5.73 6.72 -38.21
C MET G 288 7.16 7.13 -38.57
N LEU G 289 7.31 8.28 -39.22
CA LEU G 289 8.65 8.79 -39.59
C LEU G 289 9.45 9.12 -38.33
N ALA G 290 8.78 9.57 -37.27
CA ALA G 290 9.45 9.87 -36.02
C ALA G 290 10.01 8.60 -35.44
N ASP G 291 9.19 7.55 -35.39
CA ASP G 291 9.68 6.27 -34.90
C ASP G 291 10.85 5.81 -35.74
N MET G 292 10.72 5.88 -37.05
CA MET G 292 11.82 5.49 -37.91
C MET G 292 13.07 6.25 -37.54
N ALA G 293 13.00 7.58 -37.52
CA ALA G 293 14.17 8.40 -37.25
C ALA G 293 14.72 8.13 -35.86
N MET G 294 13.83 7.97 -34.90
CA MET G 294 14.24 7.75 -33.53
C MET G 294 14.93 6.41 -33.34
N LYS G 295 14.28 5.32 -33.76
CA LYS G 295 14.92 4.01 -33.76
C LYS G 295 16.25 4.09 -34.46
N LEU G 296 16.25 4.65 -35.68
CA LEU G 296 17.44 4.74 -36.51
C LEU G 296 18.56 5.46 -35.80
N GLU G 297 18.25 6.60 -35.17
CA GLU G 297 19.29 7.36 -34.50
C GLU G 297 19.81 6.60 -33.30
N ALA G 298 18.92 5.94 -32.54
CA ALA G 298 19.40 5.10 -31.47
C ALA G 298 20.29 3.98 -32.01
N ALA G 299 19.86 3.33 -33.08
CA ALA G 299 20.65 2.27 -33.66
C ALA G 299 22.00 2.80 -34.08
N ARG G 300 22.03 3.97 -34.71
CA ARG G 300 23.26 4.61 -35.14
C ARG G 300 24.15 4.96 -33.96
N GLN G 301 23.61 5.73 -33.02
CA GLN G 301 24.43 6.14 -31.90
C GLN G 301 24.97 4.93 -31.17
N MET G 302 24.19 3.87 -31.04
CA MET G 302 24.80 2.73 -30.41
C MET G 302 25.81 2.07 -31.34
N VAL G 303 25.55 2.05 -32.65
CA VAL G 303 26.54 1.48 -33.56
C VAL G 303 27.85 2.22 -33.42
N TYR G 304 27.77 3.53 -33.23
CA TYR G 304 28.97 4.34 -33.09
C TYR G 304 29.65 4.09 -31.74
N VAL G 305 28.86 3.97 -30.67
CA VAL G 305 29.45 3.68 -29.37
C VAL G 305 30.25 2.40 -29.44
N ALA G 306 29.63 1.35 -29.99
CA ALA G 306 30.30 0.07 -30.10
C ALA G 306 31.45 0.13 -31.06
N ALA G 307 31.43 1.10 -31.99
CA ALA G 307 32.57 1.27 -32.89
C ALA G 307 33.79 1.75 -32.14
N ALA G 308 33.62 2.82 -31.35
CA ALA G 308 34.74 3.23 -30.51
C ALA G 308 35.15 2.07 -29.64
N LYS G 309 34.18 1.31 -29.15
CA LYS G 309 34.46 0.15 -28.33
C LYS G 309 35.19 -0.93 -29.12
N SER G 310 35.04 -0.94 -30.46
CA SER G 310 35.73 -1.89 -31.33
C SER G 310 37.13 -1.45 -31.76
N GLU G 311 37.39 -0.16 -31.90
CA GLU G 311 38.75 0.19 -32.25
C GLU G 311 39.69 0.14 -31.04
N ARG G 312 39.28 0.77 -29.94
CA ARG G 312 40.00 0.65 -28.66
C ARG G 312 39.98 -0.78 -28.15
N ASP G 313 39.07 -1.59 -28.63
CA ASP G 313 38.81 -2.93 -28.11
C ASP G 313 38.60 -2.91 -26.59
N ASP G 314 37.61 -2.12 -26.18
CA ASP G 314 37.24 -2.12 -24.79
C ASP G 314 36.74 -3.50 -24.35
N ALA G 315 36.56 -3.64 -23.03
CA ALA G 315 36.26 -4.94 -22.43
C ALA G 315 34.91 -5.47 -22.85
N ASP G 316 33.87 -4.64 -22.79
CA ASP G 316 32.52 -5.10 -23.02
C ASP G 316 32.15 -5.16 -24.49
N LEU G 317 33.13 -5.01 -25.39
CA LEU G 317 32.85 -4.97 -26.82
C LEU G 317 32.00 -6.14 -27.30
N SER G 318 32.24 -7.35 -26.77
CA SER G 318 31.41 -8.47 -27.18
C SER G 318 29.96 -8.09 -27.03
N PHE G 319 29.57 -7.73 -25.81
CA PHE G 319 28.19 -7.31 -25.61
C PHE G 319 27.83 -6.18 -26.57
N TYR G 320 28.58 -5.07 -26.54
CA TYR G 320 28.17 -3.93 -27.34
C TYR G 320 28.13 -4.32 -28.79
N GLY G 321 29.08 -5.15 -29.22
CA GLY G 321 29.07 -5.55 -30.61
C GLY G 321 27.77 -6.19 -30.96
N ALA G 322 27.36 -7.19 -30.17
CA ALA G 322 26.07 -7.80 -30.39
C ALA G 322 24.97 -6.76 -30.33
N ALA G 323 24.94 -5.98 -29.26
CA ALA G 323 23.79 -5.13 -29.03
C ALA G 323 23.54 -4.17 -30.17
N ALA G 324 24.54 -3.37 -30.53
CA ALA G 324 24.31 -2.39 -31.57
C ALA G 324 23.87 -3.10 -32.82
N LYS G 325 24.56 -4.18 -33.18
CA LYS G 325 24.20 -4.88 -34.40
C LYS G 325 22.77 -5.39 -34.33
N CYS G 326 22.46 -6.11 -33.23
CA CYS G 326 21.14 -6.72 -33.14
C CYS G 326 20.10 -5.64 -33.16
N PHE G 327 20.40 -4.52 -32.52
CA PHE G 327 19.45 -3.42 -32.53
C PHE G 327 19.38 -2.78 -33.90
N ALA G 328 20.55 -2.40 -34.43
CA ALA G 328 20.56 -1.78 -35.74
C ALA G 328 19.83 -2.68 -36.74
N SER G 329 20.23 -3.94 -36.83
CA SER G 329 19.56 -4.82 -37.77
C SER G 329 18.05 -4.87 -37.50
N ASP G 330 17.65 -5.12 -36.25
CA ASP G 330 16.22 -5.12 -35.94
C ASP G 330 15.60 -3.82 -36.39
N VAL G 331 16.19 -2.71 -35.96
CA VAL G 331 15.68 -1.41 -36.31
C VAL G 331 15.62 -1.24 -37.82
N ALA G 332 16.69 -1.65 -38.51
CA ALA G 332 16.72 -1.54 -39.97
C ALA G 332 15.52 -2.24 -40.56
N MET G 333 15.26 -3.47 -40.12
CA MET G 333 14.08 -4.18 -40.64
C MET G 333 12.83 -3.34 -40.43
N GLU G 334 12.60 -2.91 -39.18
CA GLU G 334 11.41 -2.13 -38.89
C GLU G 334 11.36 -0.89 -39.77
N ILE G 335 12.48 -0.19 -39.86
CA ILE G 335 12.44 1.04 -40.62
C ILE G 335 12.17 0.72 -42.09
N THR G 336 12.90 -0.22 -42.64
CA THR G 336 12.69 -0.48 -44.04
C THR G 336 11.28 -1.00 -44.30
N THR G 337 10.70 -1.75 -43.36
CA THR G 337 9.31 -2.13 -43.60
C THR G 337 8.42 -0.90 -43.67
N ASP G 338 8.56 -0.02 -42.67
CA ASP G 338 7.76 1.20 -42.72
C ASP G 338 8.12 2.00 -43.95
N ALA G 339 9.37 1.98 -44.40
CA ALA G 339 9.65 2.72 -45.63
C ALA G 339 8.81 2.18 -46.78
N VAL G 340 8.74 0.87 -46.91
CA VAL G 340 7.87 0.35 -47.95
C VAL G 340 6.46 0.83 -47.71
N GLN G 341 5.99 0.73 -46.46
CA GLN G 341 4.61 1.10 -46.16
C GLN G 341 4.35 2.53 -46.57
N LEU G 342 5.32 3.40 -46.36
CA LEU G 342 5.05 4.81 -46.62
C LEU G 342 4.87 5.05 -48.10
N LEU G 343 5.57 4.33 -48.95
CA LEU G 343 5.36 4.60 -50.36
C LEU G 343 4.21 3.79 -50.94
N GLY G 344 3.50 3.04 -50.11
CA GLY G 344 2.34 2.34 -50.62
C GLY G 344 2.72 1.54 -51.83
N GLY G 345 1.84 1.55 -52.82
CA GLY G 345 2.13 0.82 -54.04
C GLY G 345 3.44 1.21 -54.68
N TYR G 346 3.77 2.50 -54.67
CA TYR G 346 5.03 2.88 -55.30
C TYR G 346 6.18 2.16 -54.62
N GLY G 347 6.15 2.12 -53.28
CA GLY G 347 7.20 1.48 -52.50
C GLY G 347 7.24 -0.02 -52.66
N TYR G 348 6.10 -0.63 -52.99
CA TYR G 348 6.04 -2.04 -53.32
C TYR G 348 6.62 -2.34 -54.69
N THR G 349 6.98 -1.34 -55.47
CA THR G 349 7.58 -1.61 -56.76
C THR G 349 9.10 -1.55 -56.64
N ARG G 350 9.75 -2.30 -57.52
CA ARG G 350 11.20 -2.29 -57.66
C ARG G 350 11.70 -1.04 -58.37
N ASP G 351 10.81 -0.26 -59.00
CA ASP G 351 11.23 1.03 -59.56
C ASP G 351 11.81 1.93 -58.48
N TYR G 352 11.29 1.81 -57.25
CA TYR G 352 11.69 2.50 -56.06
C TYR G 352 12.57 1.60 -55.20
N PRO G 353 13.59 2.23 -54.62
CA PRO G 353 14.64 1.46 -53.95
C PRO G 353 14.26 0.93 -52.57
N VAL G 354 13.26 1.52 -51.90
CA VAL G 354 12.93 1.14 -50.54
C VAL G 354 12.56 -0.32 -50.46
N GLU G 355 11.94 -0.85 -51.51
CA GLU G 355 11.68 -2.28 -51.63
C GLU G 355 12.97 -3.09 -51.51
N ARG G 356 13.98 -2.73 -52.31
CA ARG G 356 15.29 -3.34 -52.17
C ARG G 356 15.82 -3.12 -50.75
N MET G 357 15.55 -1.94 -50.17
CA MET G 357 16.09 -1.64 -48.86
C MET G 357 15.49 -2.53 -47.78
N MET G 358 14.23 -2.89 -47.92
CA MET G 358 13.68 -3.86 -46.99
C MET G 358 14.32 -5.22 -47.20
N ARG G 359 14.35 -5.70 -48.45
CA ARG G 359 14.98 -6.98 -48.67
C ARG G 359 16.42 -6.97 -48.17
N ASP G 360 17.15 -5.89 -48.42
CA ASP G 360 18.52 -5.84 -47.95
C ASP G 360 18.55 -5.84 -46.43
N ALA G 361 17.70 -5.04 -45.78
CA ALA G 361 17.73 -4.90 -44.32
C ALA G 361 17.47 -6.21 -43.63
N LYS G 362 16.77 -7.12 -44.31
CA LYS G 362 16.44 -8.41 -43.69
C LYS G 362 17.72 -9.12 -43.28
N ILE G 363 18.64 -9.30 -44.20
CA ILE G 363 19.89 -10.10 -43.95
C ILE G 363 20.67 -9.53 -42.78
N THR G 364 20.61 -8.23 -42.54
CA THR G 364 21.44 -7.73 -41.46
C THR G 364 21.03 -8.39 -40.16
N GLN G 365 19.80 -8.83 -40.06
CA GLN G 365 19.35 -9.56 -38.90
C GLN G 365 19.84 -10.99 -38.87
N ILE G 366 20.23 -11.57 -39.99
CA ILE G 366 20.55 -12.97 -40.10
C ILE G 366 22.06 -13.21 -40.11
N TYR G 367 22.74 -12.72 -41.15
CA TYR G 367 24.17 -13.04 -41.28
C TYR G 367 24.97 -12.21 -40.28
N GLU G 368 26.20 -12.70 -40.01
CA GLU G 368 27.16 -12.12 -39.08
C GLU G 368 26.72 -12.32 -37.65
N GLY G 369 26.16 -13.50 -37.41
CA GLY G 369 25.68 -13.89 -36.11
C GLY G 369 24.26 -13.42 -36.00
N THR G 370 23.32 -14.32 -36.24
CA THR G 370 21.91 -13.99 -36.19
C THR G 370 21.60 -13.37 -34.85
N ASN G 371 20.57 -12.52 -34.85
CA ASN G 371 20.13 -11.82 -33.65
C ASN G 371 19.74 -12.76 -32.53
N GLN G 372 19.42 -14.01 -32.84
CA GLN G 372 19.26 -14.97 -31.75
C GLN G 372 20.61 -15.23 -31.11
N ILE G 373 21.63 -15.46 -31.93
CA ILE G 373 22.98 -15.63 -31.44
C ILE G 373 23.41 -14.35 -30.71
N GLN G 374 23.04 -13.18 -31.24
CA GLN G 374 23.34 -11.92 -30.55
C GLN G 374 22.66 -11.84 -29.21
N ARG G 375 21.42 -12.29 -29.13
CA ARG G 375 20.71 -12.26 -27.87
C ARG G 375 21.36 -13.18 -26.87
N VAL G 376 21.84 -14.34 -27.34
CA VAL G 376 22.58 -15.27 -26.50
C VAL G 376 23.90 -14.65 -26.04
N VAL G 377 24.65 -14.05 -26.97
CA VAL G 377 25.93 -13.40 -26.64
C VAL G 377 25.73 -12.31 -25.60
N MET G 378 24.68 -11.51 -25.77
CA MET G 378 24.36 -10.45 -24.82
C MET G 378 24.02 -11.06 -23.47
N ALA G 379 23.14 -12.06 -23.48
CA ALA G 379 22.76 -12.73 -22.24
C ALA G 379 24.00 -13.26 -21.53
N ARG G 380 24.95 -13.80 -22.29
CA ARG G 380 26.15 -14.34 -21.67
C ARG G 380 26.95 -13.22 -21.01
N GLN G 381 27.10 -12.07 -21.67
CA GLN G 381 27.87 -10.99 -21.07
C GLN G 381 27.22 -10.43 -19.80
N LEU G 382 25.88 -10.37 -19.74
CA LEU G 382 25.28 -9.85 -18.51
C LEU G 382 25.25 -10.89 -17.39
N LEU G 383 25.09 -12.17 -17.73
CA LEU G 383 25.19 -13.23 -16.74
C LEU G 383 26.64 -13.66 -16.63
N LYS G 384 27.50 -12.67 -16.40
CA LYS G 384 28.94 -12.83 -16.50
C LYS G 384 29.49 -13.79 -15.46
N ASP H 5 39.46 7.19 -27.91
CA ASP H 5 38.61 8.05 -27.08
C ASP H 5 37.53 8.73 -27.91
N LEU H 6 36.30 8.24 -27.87
CA LEU H 6 35.31 8.77 -28.80
C LEU H 6 33.95 8.85 -28.17
N TYR H 7 33.41 7.68 -27.82
CA TYR H 7 32.05 7.56 -27.30
C TYR H 7 32.05 7.08 -25.86
N ARG H 8 33.12 7.23 -25.20
CA ARG H 8 32.99 7.00 -23.77
C ARG H 8 32.61 8.31 -23.07
N PRO H 9 32.06 8.24 -21.87
CA PRO H 9 32.09 9.42 -21.00
C PRO H 9 33.53 9.64 -20.52
N THR H 10 33.91 10.92 -20.33
CA THR H 10 35.28 11.20 -19.88
C THR H 10 35.55 10.45 -18.59
N GLU H 11 36.81 10.08 -18.38
CA GLU H 11 37.09 9.36 -17.15
C GLU H 11 36.77 10.22 -15.94
N GLU H 12 36.79 11.55 -16.12
CA GLU H 12 36.07 12.44 -15.20
C GLU H 12 34.63 11.99 -15.00
N HIS H 13 33.91 11.84 -16.12
CA HIS H 13 32.52 11.38 -16.06
C HIS H 13 32.40 10.03 -15.40
N GLU H 14 33.31 9.09 -15.69
CA GLU H 14 33.16 7.75 -15.14
C GLU H 14 33.42 7.73 -13.64
N ALA H 15 34.39 8.54 -13.18
CA ALA H 15 34.58 8.70 -11.74
C ALA H 15 33.36 9.33 -11.10
N LEU H 16 32.82 10.39 -11.73
CA LEU H 16 31.59 11.00 -11.24
C LEU H 16 30.47 9.98 -11.16
N ARG H 17 30.38 9.10 -12.15
CA ARG H 17 29.31 8.11 -12.17
C ARG H 17 29.43 7.20 -10.98
N GLU H 18 30.65 6.73 -10.69
CA GLU H 18 30.81 5.89 -9.51
C GLU H 18 30.50 6.69 -8.24
N ALA H 19 30.75 8.00 -8.26
CA ALA H 19 30.39 8.80 -7.10
C ALA H 19 28.89 8.77 -6.87
N ILE H 20 28.16 9.35 -7.83
CA ILE H 20 26.73 9.50 -7.64
C ILE H 20 26.08 8.13 -7.49
N ARG H 21 26.67 7.12 -8.11
CA ARG H 21 26.19 5.77 -7.88
C ARG H 21 26.26 5.40 -6.41
N SER H 22 27.42 5.59 -5.77
CA SER H 22 27.49 5.23 -4.36
C SER H 22 26.61 6.14 -3.50
N VAL H 23 26.48 7.41 -3.85
CA VAL H 23 25.55 8.25 -3.09
C VAL H 23 24.15 7.65 -3.14
N ALA H 24 23.77 7.13 -4.31
CA ALA H 24 22.46 6.50 -4.52
C ALA H 24 22.35 5.13 -3.84
N GLU H 25 23.27 4.22 -4.18
CA GLU H 25 23.27 2.84 -3.70
C GLU H 25 23.32 2.76 -2.18
N ASP H 26 24.01 3.70 -1.53
CA ASP H 26 24.13 3.68 -0.07
C ASP H 26 23.11 4.59 0.61
N LYS H 27 23.04 5.86 0.20
CA LYS H 27 22.28 6.81 0.99
C LYS H 27 20.84 6.99 0.52
N ILE H 28 20.54 6.83 -0.77
CA ILE H 28 19.19 7.04 -1.30
C ILE H 28 18.44 5.71 -1.49
N ALA H 29 19.09 4.75 -2.15
CA ALA H 29 18.40 3.54 -2.60
C ALA H 29 17.56 2.88 -1.52
N PRO H 30 18.09 2.60 -0.31
CA PRO H 30 17.27 1.87 0.67
C PRO H 30 15.96 2.58 0.97
N HIS H 31 15.97 3.90 0.89
CA HIS H 31 14.76 4.62 1.17
C HIS H 31 13.80 4.65 0.01
N ALA H 32 14.22 4.24 -1.19
CA ALA H 32 13.37 4.35 -2.38
C ALA H 32 11.96 3.78 -2.15
N ALA H 33 11.88 2.56 -1.60
CA ALA H 33 10.58 1.93 -1.42
C ALA H 33 9.70 2.79 -0.56
N ASP H 34 10.27 3.35 0.49
CA ASP H 34 9.51 4.16 1.41
C ASP H 34 9.10 5.47 0.78
N VAL H 35 10.01 6.07 0.01
CA VAL H 35 9.78 7.39 -0.66
C VAL H 35 8.51 7.29 -1.52
N ASP H 36 8.46 6.28 -2.40
CA ASP H 36 7.30 6.08 -3.33
C ASP H 36 6.13 5.49 -2.53
N GLU H 37 6.42 4.52 -1.68
CA GLU H 37 5.40 3.83 -0.86
C GLU H 37 4.60 4.78 0.03
N GLN H 38 5.24 5.79 0.65
CA GLN H 38 4.47 6.60 1.63
C GLN H 38 4.07 7.86 0.88
N SER H 39 4.42 7.80 -0.40
CA SER H 39 4.28 8.86 -1.40
C SER H 39 4.87 10.16 -0.85
N ARG H 40 5.98 10.03 -0.15
CA ARG H 40 6.62 11.18 0.48
C ARG H 40 7.92 11.56 -0.22
N PHE H 41 8.28 12.83 -0.06
CA PHE H 41 9.47 13.38 -0.67
C PHE H 41 10.67 12.59 -0.17
N PRO H 42 11.65 12.29 -1.01
CA PRO H 42 12.82 11.52 -0.52
C PRO H 42 13.82 12.32 0.33
N GLN H 43 13.39 12.76 1.54
CA GLN H 43 14.21 13.70 2.29
C GLN H 43 15.62 13.16 2.51
N GLU H 44 15.74 11.89 2.90
CA GLU H 44 17.07 11.31 3.04
C GLU H 44 17.86 11.44 1.74
N ALA H 45 17.20 11.25 0.60
CA ALA H 45 17.86 11.42 -0.69
C ALA H 45 18.30 12.86 -0.90
N TYR H 46 17.42 13.83 -0.65
CA TYR H 46 17.81 15.22 -0.84
C TYR H 46 18.95 15.57 0.11
N GLU H 47 18.97 14.94 1.28
CA GLU H 47 20.10 14.98 2.19
C GLU H 47 21.44 14.52 1.65
N ALA H 48 21.48 13.28 1.17
CA ALA H 48 22.74 12.76 0.64
C ALA H 48 23.16 13.46 -0.64
N LEU H 49 22.20 13.88 -1.46
CA LEU H 49 22.53 14.59 -2.69
C LEU H 49 23.15 15.94 -2.39
N ARG H 50 22.57 16.70 -1.46
CA ARG H 50 23.18 17.96 -1.06
C ARG H 50 24.56 17.71 -0.47
N ALA H 51 24.69 16.61 0.28
CA ALA H 51 25.96 16.23 0.90
C ALA H 51 27.04 15.89 -0.12
N SER H 52 26.68 15.45 -1.33
CA SER H 52 27.68 15.17 -2.34
C SER H 52 27.62 16.11 -3.55
N ASP H 53 26.89 17.23 -3.43
CA ASP H 53 26.77 18.20 -4.54
C ASP H 53 26.10 17.56 -5.75
N PHE H 54 25.04 16.81 -5.49
CA PHE H 54 24.21 16.18 -6.50
C PHE H 54 22.77 16.69 -6.47
N HIS H 55 22.51 17.78 -5.76
CA HIS H 55 21.18 18.37 -5.66
C HIS H 55 20.85 19.20 -6.89
N ALA H 56 21.84 19.71 -7.56
CA ALA H 56 21.64 20.56 -8.71
C ALA H 56 22.99 20.73 -9.37
N PRO H 57 23.68 19.65 -9.75
CA PRO H 57 25.09 19.79 -10.14
C PRO H 57 25.27 20.64 -11.37
N HIS H 58 24.18 20.97 -12.06
CA HIS H 58 24.32 21.69 -13.29
C HIS H 58 24.77 23.12 -13.06
N VAL H 59 24.57 23.66 -11.85
CA VAL H 59 24.86 25.07 -11.60
C VAL H 59 26.33 25.38 -11.85
N ALA H 60 26.56 26.54 -12.48
CA ALA H 60 27.87 27.01 -12.88
C ALA H 60 28.83 27.10 -11.70
N GLU H 61 30.11 27.21 -12.03
CA GLU H 61 31.10 27.48 -11.00
C GLU H 61 30.90 28.89 -10.45
N GLU H 62 30.46 29.81 -11.33
CA GLU H 62 30.21 31.21 -11.00
C GLU H 62 29.35 31.39 -9.76
N TYR H 63 28.46 30.45 -9.49
CA TYR H 63 27.57 30.56 -8.35
C TYR H 63 27.87 29.49 -7.31
N GLY H 64 28.99 28.79 -7.46
CA GLY H 64 29.44 27.81 -6.51
C GLY H 64 28.96 26.39 -6.77
N GLY H 65 28.40 26.14 -7.96
CA GLY H 65 27.93 24.81 -8.30
C GLY H 65 29.08 23.93 -8.70
N VAL H 66 28.73 22.67 -9.01
CA VAL H 66 29.71 21.69 -9.47
C VAL H 66 30.14 21.94 -10.90
N GLY H 67 29.45 22.83 -11.61
CA GLY H 67 29.84 23.06 -12.99
C GLY H 67 29.64 21.84 -13.85
N ALA H 68 28.63 21.06 -13.47
CA ALA H 68 28.32 19.78 -14.14
C ALA H 68 27.99 20.01 -15.61
N ASP H 69 28.45 19.10 -16.46
CA ASP H 69 28.15 19.13 -17.92
C ASP H 69 26.76 18.56 -18.14
N ALA H 70 26.15 18.86 -19.30
CA ALA H 70 24.83 18.29 -19.61
C ALA H 70 24.92 16.77 -19.47
N LEU H 71 26.06 16.18 -19.87
CA LEU H 71 26.20 14.73 -19.78
C LEU H 71 26.40 14.29 -18.34
N ALA H 72 27.18 15.04 -17.57
CA ALA H 72 27.39 14.71 -16.17
C ALA H 72 26.07 14.76 -15.40
N THR H 73 25.30 15.83 -15.61
CA THR H 73 24.02 15.93 -14.96
C THR H 73 23.14 14.74 -15.31
N CYS H 74 23.15 14.35 -16.58
CA CYS H 74 22.39 13.18 -17.00
C CYS H 74 22.87 11.96 -16.25
N ILE H 75 24.19 11.77 -16.13
CA ILE H 75 24.72 10.60 -15.43
C ILE H 75 24.24 10.60 -13.98
N VAL H 76 24.20 11.77 -13.36
CA VAL H 76 23.68 11.85 -12.01
C VAL H 76 22.21 11.46 -11.97
N ILE H 77 21.39 12.08 -12.83
CA ILE H 77 19.96 11.78 -12.85
C ILE H 77 19.72 10.30 -13.15
N GLU H 78 20.50 9.75 -14.06
CA GLU H 78 20.41 8.32 -14.33
C GLU H 78 20.74 7.52 -13.07
N GLU H 79 21.94 7.74 -12.52
CA GLU H 79 22.43 6.93 -11.42
C GLU H 79 21.57 7.04 -10.16
N ILE H 80 20.87 8.16 -9.98
CA ILE H 80 19.87 8.26 -8.91
C ILE H 80 18.60 7.51 -9.29
N ALA H 81 17.96 7.90 -10.39
CA ALA H 81 16.72 7.26 -10.78
C ALA H 81 16.86 5.75 -10.85
N ARG H 82 18.07 5.28 -11.19
CA ARG H 82 18.33 3.87 -11.22
C ARG H 82 17.93 3.18 -9.94
N VAL H 83 18.03 3.89 -8.82
CA VAL H 83 17.72 3.30 -7.52
C VAL H 83 16.47 3.92 -6.91
N CYS H 84 16.17 5.16 -7.24
CA CYS H 84 14.96 5.82 -6.75
C CYS H 84 14.71 6.80 -7.88
N ALA H 85 13.60 6.62 -8.57
CA ALA H 85 13.24 7.55 -9.63
C ALA H 85 12.75 8.84 -9.03
N SER H 86 11.96 8.73 -7.96
CA SER H 86 11.48 9.90 -7.25
C SER H 86 12.63 10.83 -6.90
N SER H 87 13.75 10.27 -6.44
CA SER H 87 14.87 11.10 -6.03
C SER H 87 15.52 11.82 -7.21
N SER H 88 15.61 11.18 -8.39
CA SER H 88 16.32 11.82 -9.50
C SER H 88 15.68 13.15 -9.92
N LEU H 89 14.41 13.41 -9.56
CA LEU H 89 13.82 14.69 -9.85
C LEU H 89 14.45 15.83 -9.07
N ILE H 90 15.18 15.52 -8.01
CA ILE H 90 15.88 16.57 -7.26
C ILE H 90 16.80 17.31 -8.24
N PRO H 91 17.86 16.71 -8.79
CA PRO H 91 18.65 17.48 -9.76
C PRO H 91 17.90 17.74 -11.05
N ALA H 92 16.99 16.86 -11.45
CA ALA H 92 16.29 17.03 -12.72
C ALA H 92 15.33 18.21 -12.67
N VAL H 93 14.46 18.28 -11.65
CA VAL H 93 13.60 19.45 -11.56
C VAL H 93 14.42 20.66 -11.16
N ASN H 94 15.56 20.47 -10.50
CA ASN H 94 16.42 21.61 -10.22
C ASN H 94 16.99 22.20 -11.49
N LYS H 95 17.52 21.36 -12.39
CA LYS H 95 17.93 21.86 -13.69
C LYS H 95 16.72 22.38 -14.45
N LEU H 96 15.58 21.70 -14.35
CA LEU H 96 14.40 22.14 -15.09
C LEU H 96 13.99 23.55 -14.67
N GLY H 97 13.82 23.79 -13.37
CA GLY H 97 13.39 25.10 -12.93
C GLY H 97 14.45 26.17 -13.06
N SER H 98 15.73 25.78 -12.98
CA SER H 98 16.79 26.76 -13.04
C SER H 98 17.24 27.03 -14.45
N MET H 99 16.86 26.18 -15.40
CA MET H 99 17.25 26.41 -16.79
C MET H 99 16.69 27.69 -17.34
N PRO H 100 15.40 28.04 -17.18
CA PRO H 100 14.97 29.37 -17.65
C PRO H 100 15.74 30.45 -16.93
N LEU H 101 16.11 30.15 -15.69
CA LEU H 101 16.92 31.05 -14.91
C LEU H 101 18.34 31.12 -15.46
N ILE H 102 18.80 30.05 -16.11
CA ILE H 102 20.15 30.06 -16.65
C ILE H 102 20.20 30.68 -18.04
N LEU H 103 19.31 30.23 -18.92
CA LEU H 103 19.37 30.52 -20.35
C LEU H 103 19.02 31.96 -20.69
N SER H 104 18.27 32.66 -19.88
CA SER H 104 17.85 33.98 -20.35
C SER H 104 17.75 34.98 -19.21
N GLY H 105 17.71 34.49 -17.98
CA GLY H 105 17.57 35.39 -16.85
C GLY H 105 18.73 36.35 -16.79
N SER H 106 18.46 37.56 -16.29
CA SER H 106 19.49 38.61 -16.16
C SER H 106 20.54 38.13 -15.16
N ASP H 107 21.78 38.64 -15.26
CA ASP H 107 22.88 38.17 -14.38
C ASP H 107 22.50 38.38 -12.91
N GLU H 108 21.87 39.50 -12.58
CA GLU H 108 21.35 39.68 -11.20
C GLU H 108 20.34 38.55 -10.93
N VAL H 109 19.36 38.31 -11.83
CA VAL H 109 18.40 37.25 -11.53
C VAL H 109 19.11 35.89 -11.39
N LYS H 110 20.15 35.66 -12.19
CA LYS H 110 20.98 34.48 -12.00
C LYS H 110 21.65 34.48 -10.62
N GLN H 111 22.22 35.63 -10.21
CA GLN H 111 22.95 35.66 -8.93
C GLN H 111 22.02 35.58 -7.72
N ARG H 112 20.81 36.10 -7.81
CA ARG H 112 19.92 36.03 -6.64
C ARG H 112 19.69 34.59 -6.19
N TYR H 113 19.65 33.65 -7.16
CA TYR H 113 19.08 32.32 -7.00
C TYR H 113 20.08 31.18 -7.16
N LEU H 114 20.84 31.17 -8.27
CA LEU H 114 21.74 30.04 -8.49
C LEU H 114 22.72 29.76 -7.36
N PRO H 115 23.29 30.74 -6.65
CA PRO H 115 24.12 30.33 -5.51
C PRO H 115 23.31 29.60 -4.47
N GLU H 116 22.07 30.05 -4.23
CA GLU H 116 21.21 29.43 -3.23
C GLU H 116 20.78 28.02 -3.64
N LEU H 117 20.60 27.78 -4.95
CA LEU H 117 20.36 26.42 -5.42
C LEU H 117 21.62 25.56 -5.29
N ALA H 118 22.72 26.03 -5.86
CA ALA H 118 23.97 25.27 -5.86
C ALA H 118 24.40 24.87 -4.47
N SER H 119 24.19 25.77 -3.49
CA SER H 119 24.51 25.38 -2.11
C SER H 119 23.54 24.33 -1.61
N GLY H 120 22.28 24.41 -2.06
CA GLY H 120 21.22 23.50 -1.61
C GLY H 120 20.21 24.11 -0.67
N GLU H 121 20.38 25.36 -0.24
CA GLU H 121 19.36 25.99 0.59
C GLU H 121 17.99 25.84 -0.05
N ALA H 122 17.93 26.03 -1.35
CA ALA H 122 16.67 26.02 -2.06
C ALA H 122 16.71 25.02 -3.20
N MET H 123 15.56 24.42 -3.45
CA MET H 123 15.32 23.57 -4.58
C MET H 123 14.45 24.35 -5.54
N PHE H 124 14.53 24.00 -6.81
CA PHE H 124 13.71 24.63 -7.83
C PHE H 124 12.61 23.71 -8.35
N SER H 125 11.51 24.36 -8.70
CA SER H 125 10.46 23.81 -9.53
C SER H 125 10.25 24.75 -10.71
N TYR H 126 9.46 24.26 -11.65
CA TYR H 126 9.33 24.86 -12.97
C TYR H 126 7.84 24.77 -13.30
N GLY H 127 7.19 25.92 -13.31
CA GLY H 127 5.77 25.94 -13.51
C GLY H 127 5.34 26.31 -14.91
N LEU H 128 5.09 25.34 -15.76
CA LEU H 128 4.71 25.64 -17.14
C LEU H 128 3.35 25.10 -17.50
N SER H 129 3.10 23.80 -17.28
CA SER H 129 1.87 23.13 -17.72
C SER H 129 0.63 23.63 -16.97
N GLU H 130 -0.52 23.50 -17.63
CA GLU H 130 -1.77 23.95 -17.04
C GLU H 130 -2.89 22.95 -17.29
N ARG H 131 -4.07 23.32 -16.79
CA ARG H 131 -5.26 22.49 -16.81
C ARG H 131 -5.70 22.23 -18.25
N GLU H 132 -6.16 23.30 -18.91
CA GLU H 132 -6.64 23.19 -20.28
C GLU H 132 -5.49 23.15 -21.28
N ALA H 133 -4.51 24.03 -21.09
CA ALA H 133 -3.41 24.13 -22.01
C ALA H 133 -2.13 23.71 -21.30
N GLY H 134 -2.02 22.43 -21.00
CA GLY H 134 -0.80 21.90 -20.41
C GLY H 134 0.32 21.80 -21.42
N SER H 135 0.12 20.89 -22.41
CA SER H 135 1.06 20.70 -23.52
C SER H 135 0.93 21.80 -24.57
N ASP H 136 -0.24 22.47 -24.63
CA ASP H 136 -0.45 23.62 -25.53
C ASP H 136 -0.07 24.90 -24.77
N THR H 137 1.25 25.03 -24.62
CA THR H 137 1.83 26.11 -23.85
C THR H 137 1.44 27.50 -24.34
N ALA H 138 1.02 27.64 -25.59
CA ALA H 138 0.71 28.98 -26.07
C ALA H 138 -0.55 29.56 -25.48
N SER H 139 -1.50 28.75 -25.05
CA SER H 139 -2.79 29.29 -24.65
C SER H 139 -3.03 29.16 -23.16
N MET H 140 -1.99 29.33 -22.36
CA MET H 140 -2.21 29.17 -20.94
C MET H 140 -2.89 30.41 -20.37
N ARG H 141 -3.47 30.25 -19.19
CA ARG H 141 -4.34 31.28 -18.65
C ARG H 141 -3.69 32.04 -17.51
N THR H 142 -2.74 31.42 -16.82
CA THR H 142 -1.97 32.07 -15.78
C THR H 142 -1.61 33.38 -16.45
N ARG H 143 -2.15 34.48 -15.95
CA ARG H 143 -1.75 35.79 -16.39
C ARG H 143 -0.79 36.47 -15.43
N ALA H 144 -0.08 37.43 -15.98
CA ALA H 144 0.79 38.34 -15.24
C ALA H 144 0.45 39.73 -15.73
N VAL H 145 -0.25 40.49 -14.88
CA VAL H 145 -0.55 41.90 -15.15
C VAL H 145 0.52 42.71 -14.42
N ARG H 146 1.36 43.41 -15.18
CA ARG H 146 2.31 44.33 -14.59
C ARG H 146 1.52 45.39 -13.81
N ASP H 147 1.88 45.57 -12.54
CA ASP H 147 1.25 46.57 -11.66
C ASP H 147 2.35 47.47 -11.10
N GLY H 148 2.49 48.63 -11.74
CA GLY H 148 3.60 49.49 -11.44
C GLY H 148 4.89 48.82 -11.87
N ASP H 149 5.91 49.02 -11.05
CA ASP H 149 7.17 48.31 -11.21
C ASP H 149 7.02 46.81 -10.90
N ASP H 150 6.01 46.42 -10.13
CA ASP H 150 5.80 45.03 -9.72
C ASP H 150 4.98 44.24 -10.74
N TRP H 151 4.69 42.98 -10.39
CA TRP H 151 3.91 42.07 -11.20
C TRP H 151 2.84 41.42 -10.35
N ILE H 152 1.69 41.15 -10.95
CA ILE H 152 0.58 40.49 -10.30
C ILE H 152 0.27 39.22 -11.07
N LEU H 153 0.52 38.06 -10.46
CA LEU H 153 0.24 36.76 -11.07
C LEU H 153 -1.14 36.29 -10.68
N ASN H 154 -1.82 35.68 -11.64
CA ASN H 154 -3.11 35.03 -11.40
C ASN H 154 -3.13 33.72 -12.18
N GLY H 155 -3.71 32.68 -11.60
CA GLY H 155 -3.82 31.47 -12.40
C GLY H 155 -3.59 30.13 -11.76
N GLN H 156 -3.04 29.20 -12.54
CA GLN H 156 -3.24 27.77 -12.28
C GLN H 156 -2.17 27.00 -13.06
N LYS H 157 -1.03 26.75 -12.44
CA LYS H 157 -0.07 25.82 -13.01
C LYS H 157 -0.29 24.45 -12.37
N SER H 158 -0.24 23.39 -13.18
CA SER H 158 -0.56 22.06 -12.69
C SER H 158 0.46 21.02 -13.13
N TRP H 159 0.51 19.94 -12.35
CA TRP H 159 1.57 18.92 -12.42
C TRP H 159 2.95 19.51 -12.18
N ILE H 160 3.08 20.47 -11.27
CA ILE H 160 4.36 21.16 -11.13
C ILE H 160 5.21 20.42 -10.12
N THR H 161 6.33 19.90 -10.58
CA THR H 161 7.04 18.90 -9.82
C THR H 161 7.79 19.56 -8.65
N ASN H 162 7.90 18.80 -7.54
CA ASN H 162 8.52 19.20 -6.26
C ASN H 162 7.78 20.33 -5.58
N ALA H 163 6.56 20.59 -6.00
CA ALA H 163 5.78 21.69 -5.46
C ALA H 163 5.51 21.46 -3.98
N GLY H 164 5.87 22.44 -3.18
CA GLY H 164 5.77 22.36 -1.74
C GLY H 164 7.11 22.23 -1.09
N ILE H 165 8.10 21.73 -1.82
CA ILE H 165 9.40 21.49 -1.25
C ILE H 165 10.44 22.40 -1.87
N SER H 166 10.30 22.72 -3.14
CA SER H 166 11.10 23.77 -3.74
C SER H 166 10.73 25.12 -3.13
N LYS H 167 11.75 25.96 -2.95
CA LYS H 167 11.50 27.34 -2.53
C LYS H 167 11.13 28.22 -3.71
N TYR H 168 11.55 27.86 -4.91
CA TYR H 168 11.55 28.78 -6.04
C TYR H 168 10.94 28.15 -7.29
N TYR H 169 10.05 28.89 -7.94
CA TYR H 169 9.18 28.38 -9.00
C TYR H 169 9.25 29.30 -10.21
N THR H 170 10.04 28.91 -11.22
CA THR H 170 10.17 29.68 -12.46
C THR H 170 8.86 29.50 -13.21
N VAL H 171 7.87 30.26 -12.87
CA VAL H 171 6.58 30.06 -13.52
C VAL H 171 6.49 30.90 -14.78
N MET H 172 5.83 30.35 -15.79
CA MET H 172 5.66 31.03 -17.05
C MET H 172 4.23 31.49 -17.08
N ALA H 173 4.02 32.79 -17.12
CA ALA H 173 2.68 33.34 -17.05
C ALA H 173 2.47 34.18 -18.30
N VAL H 174 1.22 34.28 -18.74
CA VAL H 174 0.98 35.10 -19.92
C VAL H 174 1.18 36.56 -19.55
N THR H 175 2.02 37.26 -20.32
CA THR H 175 2.23 38.68 -20.05
C THR H 175 1.47 39.56 -21.01
N ASP H 176 1.32 39.15 -22.27
CA ASP H 176 0.55 39.93 -23.24
C ASP H 176 -0.45 38.95 -23.82
N PRO H 177 -1.69 38.96 -23.35
CA PRO H 177 -2.66 37.99 -23.84
C PRO H 177 -3.02 38.15 -25.31
N ASP H 178 -3.37 39.36 -25.75
CA ASP H 178 -3.74 39.57 -27.14
C ASP H 178 -2.56 39.73 -28.07
N GLY H 179 -1.33 39.56 -27.59
CA GLY H 179 -0.17 39.84 -28.38
C GLY H 179 0.08 38.74 -29.39
N PRO H 180 1.07 38.92 -30.27
CA PRO H 180 1.40 37.85 -31.23
C PRO H 180 1.81 36.57 -30.49
N ARG H 181 1.40 35.43 -31.06
CA ARG H 181 1.47 34.18 -30.30
C ARG H 181 2.87 33.87 -29.83
N GLY H 182 3.86 34.04 -30.70
CA GLY H 182 5.18 33.61 -30.35
C GLY H 182 5.60 34.05 -28.96
N ARG H 183 5.26 35.28 -28.61
CA ARG H 183 5.96 35.99 -27.56
C ARG H 183 4.96 36.59 -26.57
N ASN H 184 4.10 35.72 -26.02
CA ASN H 184 3.04 36.18 -25.13
C ASN H 184 3.22 35.68 -23.70
N ILE H 185 4.32 35.04 -23.41
CA ILE H 185 4.55 34.37 -22.13
C ILE H 185 5.87 34.89 -21.59
N SER H 186 5.95 35.10 -20.28
CA SER H 186 7.23 35.46 -19.69
C SER H 186 7.41 34.67 -18.41
N ALA H 187 8.66 34.62 -17.95
CA ALA H 187 9.04 33.77 -16.83
C ALA H 187 9.34 34.64 -15.61
N PHE H 188 8.79 34.24 -14.46
CA PHE H 188 8.92 34.98 -13.21
C PHE H 188 9.24 33.98 -12.11
N VAL H 189 10.27 34.26 -11.32
CA VAL H 189 10.66 33.36 -10.24
C VAL H 189 9.79 33.68 -9.02
N VAL H 190 8.81 32.83 -8.75
CA VAL H 190 7.98 32.98 -7.57
C VAL H 190 8.62 32.25 -6.40
N HIS H 191 8.68 32.90 -5.25
CA HIS H 191 9.14 32.22 -4.05
C HIS H 191 7.92 31.57 -3.41
N ILE H 192 8.18 30.60 -2.52
CA ILE H 192 7.09 29.98 -1.78
C ILE H 192 6.38 30.97 -0.84
N ASP H 193 7.10 32.02 -0.39
CA ASP H 193 6.67 33.05 0.57
C ASP H 193 5.69 34.07 0.00
N ASP H 194 5.42 34.06 -1.30
CA ASP H 194 4.74 35.17 -1.97
C ASP H 194 3.25 35.25 -1.61
N PRO H 195 2.71 36.47 -1.53
CA PRO H 195 1.30 36.65 -1.15
C PRO H 195 0.38 36.04 -2.18
N GLY H 196 -0.58 35.23 -1.72
CA GLY H 196 -1.60 34.65 -2.56
C GLY H 196 -1.19 33.42 -3.34
N PHE H 197 0.09 33.07 -3.33
CA PHE H 197 0.60 31.92 -4.06
C PHE H 197 0.43 30.71 -3.16
N SER H 198 -0.43 29.80 -3.57
CA SER H 198 -0.81 28.65 -2.79
C SER H 198 -0.52 27.37 -3.58
N PHE H 199 -0.61 26.22 -2.92
CA PHE H 199 -0.50 24.95 -3.60
C PHE H 199 -1.84 24.21 -3.58
N GLY H 200 -2.05 23.39 -4.60
CA GLY H 200 -3.16 22.46 -4.61
C GLY H 200 -2.86 21.23 -3.76
N GLU H 201 -3.69 20.17 -3.95
CA GLU H 201 -3.30 19.04 -3.13
C GLU H 201 -2.32 18.16 -3.90
N PRO H 202 -1.42 17.47 -3.20
CA PRO H 202 -0.45 16.63 -3.92
C PRO H 202 -1.18 15.55 -4.70
N GLU H 203 -0.73 15.32 -5.93
CA GLU H 203 -1.41 14.36 -6.77
C GLU H 203 -1.16 12.95 -6.27
N ARG H 204 -2.18 12.11 -6.39
CA ARG H 204 -2.03 10.68 -6.15
C ARG H 204 -1.59 10.06 -7.47
N LYS H 205 -0.28 9.95 -7.64
CA LYS H 205 0.25 9.55 -8.97
C LYS H 205 0.62 8.07 -9.03
N LEU H 206 0.63 7.56 -10.26
CA LEU H 206 0.95 6.17 -10.57
C LEU H 206 2.30 5.78 -10.00
N GLY H 207 3.31 6.56 -10.30
CA GLY H 207 4.63 6.33 -9.80
C GLY H 207 5.24 7.68 -9.54
N ILE H 208 6.53 7.70 -9.21
CA ILE H 208 7.15 8.93 -8.76
C ILE H 208 6.26 9.48 -7.66
N LYS H 209 5.66 8.56 -6.89
CA LYS H 209 4.80 9.01 -5.81
C LYS H 209 5.61 9.88 -4.86
N GLY H 210 6.91 9.58 -4.75
CA GLY H 210 7.80 10.26 -3.86
C GLY H 210 7.91 11.71 -4.18
N SER H 211 8.38 12.04 -5.38
CA SER H 211 8.49 13.46 -5.73
C SER H 211 7.11 14.06 -5.80
N PRO H 212 6.77 15.01 -4.93
CA PRO H 212 5.37 15.46 -4.85
C PRO H 212 5.06 16.34 -6.04
N THR H 213 3.94 16.07 -6.67
CA THR H 213 3.38 16.91 -7.72
C THR H 213 2.10 17.54 -7.20
N ARG H 214 2.15 18.85 -6.98
CA ARG H 214 1.04 19.62 -6.45
C ARG H 214 0.63 20.63 -7.49
N GLU H 215 -0.64 20.96 -7.52
CA GLU H 215 -1.02 22.10 -8.31
C GLU H 215 -0.52 23.34 -7.61
N LEU H 216 -0.21 24.36 -8.43
CA LEU H 216 0.16 25.71 -7.91
C LEU H 216 -0.94 26.65 -8.31
N ILE H 217 -1.42 27.42 -7.36
CA ILE H 217 -2.46 28.43 -7.58
C ILE H 217 -1.86 29.81 -7.35
N PHE H 218 -2.24 30.74 -8.22
CA PHE H 218 -1.78 32.11 -8.18
C PHE H 218 -3.00 32.99 -7.93
N ASP H 219 -3.11 33.50 -6.73
CA ASP H 219 -4.18 34.40 -6.34
C ASP H 219 -3.50 35.76 -6.08
N ASN H 220 -3.48 36.60 -7.10
CA ASN H 220 -3.01 37.99 -7.03
C ASN H 220 -1.66 38.08 -6.32
N VAL H 221 -0.70 37.37 -6.87
CA VAL H 221 0.63 37.35 -6.27
C VAL H 221 1.39 38.58 -6.75
N ARG H 222 1.60 39.53 -5.84
CA ARG H 222 2.52 40.64 -6.08
C ARG H 222 3.94 40.13 -5.91
N ILE H 223 4.68 40.17 -7.01
CA ILE H 223 6.09 39.77 -7.04
C ILE H 223 6.84 40.96 -7.58
N PRO H 224 7.97 41.31 -7.02
CA PRO H 224 8.71 42.49 -7.51
C PRO H 224 8.95 42.40 -9.01
N GLY H 225 9.26 43.53 -9.65
CA GLY H 225 9.48 43.49 -11.09
C GLY H 225 10.74 42.78 -11.51
N ASP H 226 11.72 42.63 -10.61
CA ASP H 226 13.02 42.04 -10.90
C ASP H 226 13.06 40.51 -10.93
N ARG H 227 12.02 39.82 -10.48
CA ARG H 227 12.01 38.36 -10.60
C ARG H 227 11.53 37.87 -11.96
N LEU H 228 11.10 38.75 -12.84
CA LEU H 228 10.96 38.32 -14.21
C LEU H 228 12.34 37.91 -14.71
N VAL H 229 12.41 36.72 -15.28
CA VAL H 229 13.67 36.08 -15.65
C VAL H 229 13.74 35.98 -17.16
N GLY H 230 14.72 36.65 -17.74
CA GLY H 230 14.81 36.85 -19.17
C GLY H 230 13.97 38.04 -19.61
N LYS H 231 13.81 38.14 -20.92
CA LYS H 231 13.14 39.27 -21.52
C LYS H 231 11.62 39.05 -21.45
N VAL H 232 10.86 40.14 -21.27
CA VAL H 232 9.40 40.01 -21.27
C VAL H 232 8.99 39.39 -22.58
N GLY H 233 8.12 38.38 -22.52
CA GLY H 233 7.65 37.74 -23.73
C GLY H 233 8.49 36.56 -24.19
N GLU H 234 9.77 36.54 -23.82
CA GLU H 234 10.71 35.49 -24.24
C GLU H 234 10.48 34.21 -23.46
N GLY H 235 9.30 34.08 -22.84
CA GLY H 235 9.01 32.93 -22.01
C GLY H 235 8.72 31.67 -22.80
N LEU H 236 8.10 31.79 -23.98
CA LEU H 236 7.94 30.60 -24.80
C LEU H 236 9.27 30.15 -25.36
N ARG H 237 10.03 31.11 -25.91
CA ARG H 237 11.38 30.83 -26.40
C ARG H 237 12.18 30.08 -25.34
N THR H 238 12.12 30.59 -24.11
CA THR H 238 12.85 29.95 -23.03
C THR H 238 12.27 28.59 -22.71
N ALA H 239 10.94 28.44 -22.80
CA ALA H 239 10.35 27.14 -22.49
C ALA H 239 10.81 26.09 -23.48
N LEU H 240 10.88 26.43 -24.78
CA LEU H 240 11.37 25.47 -25.76
C LEU H 240 12.84 25.20 -25.60
N ARG H 241 13.63 26.21 -25.21
CA ARG H 241 15.08 25.96 -25.06
C ARG H 241 15.34 25.14 -23.80
N THR H 242 14.62 25.44 -22.74
CA THR H 242 14.62 24.62 -21.55
C THR H 242 14.13 23.21 -21.84
N LEU H 243 13.09 23.07 -22.67
CA LEU H 243 12.74 21.75 -23.14
C LEU H 243 13.95 21.09 -23.77
N ASP H 244 14.48 21.72 -24.80
CA ASP H 244 15.59 21.21 -25.55
C ASP H 244 16.60 20.57 -24.60
N HIS H 245 16.82 21.21 -23.45
CA HIS H 245 17.83 20.67 -22.54
C HIS H 245 17.34 19.66 -21.52
N THR H 246 16.12 19.79 -21.01
CA THR H 246 15.72 18.92 -19.92
C THR H 246 15.02 17.65 -20.40
N ARG H 247 14.55 17.65 -21.65
CA ARG H 247 14.15 16.41 -22.28
C ARG H 247 15.21 15.37 -22.07
N VAL H 248 16.46 15.72 -22.36
CA VAL H 248 17.47 14.68 -22.31
C VAL H 248 17.65 14.23 -20.87
N THR H 249 17.37 15.11 -19.88
CA THR H 249 17.51 14.68 -18.49
C THR H 249 16.42 13.69 -18.13
N ILE H 250 15.19 13.91 -18.60
CA ILE H 250 14.14 12.91 -18.35
C ILE H 250 14.50 11.63 -19.07
N GLY H 251 15.09 11.74 -20.26
CA GLY H 251 15.62 10.56 -20.92
C GLY H 251 16.61 9.80 -20.05
N ALA H 252 17.57 10.53 -19.49
CA ALA H 252 18.53 9.93 -18.58
C ALA H 252 17.83 9.30 -17.38
N GLN H 253 16.85 9.99 -16.82
CA GLN H 253 16.10 9.43 -15.71
C GLN H 253 15.45 8.13 -16.12
N ALA H 254 14.85 8.12 -17.29
CA ALA H 254 14.23 6.90 -17.79
C ALA H 254 15.29 5.82 -17.91
N VAL H 255 16.43 6.16 -18.52
CA VAL H 255 17.56 5.26 -18.64
C VAL H 255 17.91 4.70 -17.29
N GLY H 256 17.92 5.55 -16.27
CA GLY H 256 18.23 5.11 -14.93
C GLY H 256 17.18 4.14 -14.43
N ILE H 257 15.92 4.52 -14.58
CA ILE H 257 14.85 3.65 -14.12
C ILE H 257 15.02 2.28 -14.73
N ALA H 258 15.28 2.26 -16.02
CA ALA H 258 15.50 1.00 -16.71
C ALA H 258 16.76 0.32 -16.21
N GLN H 259 17.83 1.08 -16.00
CA GLN H 259 19.07 0.46 -15.57
C GLN H 259 18.85 -0.27 -14.26
N GLY H 260 18.22 0.39 -13.31
CA GLY H 260 17.86 -0.29 -12.07
C GLY H 260 16.99 -1.53 -12.29
N ALA H 261 15.96 -1.39 -13.12
CA ALA H 261 15.07 -2.50 -13.34
C ALA H 261 15.85 -3.68 -13.89
N LEU H 262 16.71 -3.41 -14.87
CA LEU H 262 17.54 -4.45 -15.44
C LEU H 262 18.51 -5.00 -14.39
N ASP H 263 18.95 -4.18 -13.46
CA ASP H 263 19.81 -4.68 -12.40
C ASP H 263 19.09 -5.72 -11.58
N TYR H 264 17.91 -5.37 -11.09
CA TYR H 264 17.16 -6.33 -10.29
C TYR H 264 16.78 -7.55 -11.11
N ALA H 265 16.46 -7.37 -12.39
CA ALA H 265 16.12 -8.53 -13.20
C ALA H 265 17.33 -9.43 -13.37
N LEU H 266 18.49 -8.86 -13.73
CA LEU H 266 19.70 -9.64 -13.94
C LEU H 266 20.03 -10.48 -12.73
N GLY H 267 20.18 -9.80 -11.58
CA GLY H 267 20.46 -10.48 -10.34
C GLY H 267 19.42 -11.52 -9.97
N TYR H 268 18.14 -11.13 -9.90
CA TYR H 268 17.13 -12.06 -9.44
C TYR H 268 17.12 -13.31 -10.30
N VAL H 269 17.25 -13.15 -11.61
CA VAL H 269 17.13 -14.32 -12.46
C VAL H 269 18.38 -15.19 -12.38
N LYS H 270 19.54 -14.60 -12.02
CA LYS H 270 20.73 -15.39 -11.76
C LYS H 270 20.57 -16.20 -10.46
N GLU H 271 19.85 -15.62 -9.50
CA GLU H 271 19.60 -16.27 -8.23
C GLU H 271 18.47 -17.28 -8.35
N ARG H 272 17.28 -16.81 -8.69
CA ARG H 272 16.07 -17.60 -8.67
C ARG H 272 16.23 -18.91 -9.44
N LYS H 273 15.58 -19.98 -8.95
CA LYS H 273 15.59 -21.29 -9.63
C LYS H 273 14.19 -21.87 -9.73
N GLN H 274 13.80 -22.19 -10.99
CA GLN H 274 12.60 -22.96 -11.34
C GLN H 274 13.02 -24.00 -12.36
N PHE H 275 12.41 -25.17 -12.29
CA PHE H 275 12.73 -26.24 -13.23
C PHE H 275 14.24 -26.50 -13.25
N GLY H 276 14.83 -26.65 -12.06
CA GLY H 276 16.15 -27.21 -11.91
C GLY H 276 17.34 -26.31 -12.18
N LYS H 277 17.14 -25.07 -12.66
CA LYS H 277 18.24 -24.14 -12.92
C LYS H 277 17.83 -22.70 -12.62
N ALA H 278 18.82 -21.81 -12.64
CA ALA H 278 18.58 -20.38 -12.54
C ALA H 278 17.85 -19.94 -13.79
N ILE H 279 16.68 -19.32 -13.62
CA ILE H 279 15.85 -18.99 -14.77
C ILE H 279 16.65 -18.22 -15.81
N ALA H 280 17.63 -17.43 -15.37
CA ALA H 280 18.54 -16.74 -16.28
C ALA H 280 19.05 -17.63 -17.39
N ASP H 281 19.04 -18.93 -17.19
CA ASP H 281 19.65 -19.85 -18.12
C ASP H 281 18.67 -20.42 -19.14
N PHE H 282 17.38 -20.42 -18.84
CA PHE H 282 16.38 -20.56 -19.88
C PHE H 282 16.66 -19.58 -21.01
N GLN H 283 16.53 -20.04 -22.24
CA GLN H 283 16.85 -19.14 -23.32
C GLN H 283 15.80 -18.05 -23.48
N GLY H 284 14.56 -18.31 -23.06
CA GLY H 284 13.57 -17.25 -23.13
C GLY H 284 13.98 -16.05 -22.32
N ILE H 285 14.22 -16.26 -21.02
CA ILE H 285 14.69 -15.18 -20.16
C ILE H 285 15.99 -14.62 -20.71
N GLN H 286 16.80 -15.45 -21.35
CA GLN H 286 18.06 -14.98 -21.93
C GLN H 286 17.80 -13.95 -23.03
N PHE H 287 16.92 -14.27 -23.97
CA PHE H 287 16.53 -13.31 -25.00
C PHE H 287 15.97 -12.05 -24.38
N MET H 288 15.08 -12.22 -23.40
CA MET H 288 14.35 -11.10 -22.81
C MET H 288 15.28 -10.13 -22.11
N LEU H 289 16.24 -10.66 -21.39
CA LEU H 289 17.28 -9.83 -20.80
C LEU H 289 18.12 -9.22 -21.89
N ALA H 290 18.35 -9.96 -22.98
CA ALA H 290 19.15 -9.39 -24.06
C ALA H 290 18.46 -8.17 -24.65
N ASP H 291 17.18 -8.31 -24.97
CA ASP H 291 16.41 -7.18 -25.47
C ASP H 291 16.43 -6.04 -24.47
N MET H 292 16.19 -6.33 -23.21
CA MET H 292 16.18 -5.27 -22.22
C MET H 292 17.49 -4.49 -22.22
N ALA H 293 18.61 -5.19 -22.11
CA ALA H 293 19.89 -4.50 -22.04
C ALA H 293 20.21 -3.78 -23.34
N MET H 294 19.87 -4.39 -24.48
CA MET H 294 20.21 -3.82 -25.78
C MET H 294 19.43 -2.54 -26.02
N LYS H 295 18.11 -2.62 -25.85
CA LYS H 295 17.29 -1.42 -25.89
C LYS H 295 17.81 -0.41 -24.89
N LEU H 296 17.96 -0.81 -23.63
CA LEU H 296 18.42 0.12 -22.61
C LEU H 296 19.70 0.79 -23.02
N GLU H 297 20.65 0.03 -23.53
CA GLU H 297 21.93 0.61 -23.82
C GLU H 297 21.84 1.55 -25.02
N ALA H 298 21.03 1.19 -26.02
CA ALA H 298 20.82 2.10 -27.15
C ALA H 298 20.26 3.43 -26.68
N ALA H 299 19.24 3.38 -25.81
CA ALA H 299 18.63 4.56 -25.23
C ALA H 299 19.61 5.35 -24.38
N ARG H 300 20.46 4.66 -23.62
CA ARG H 300 21.52 5.35 -22.89
C ARG H 300 22.40 6.12 -23.85
N GLN H 301 22.89 5.44 -24.88
CA GLN H 301 23.79 6.12 -25.78
C GLN H 301 23.10 7.31 -26.40
N MET H 302 21.83 7.18 -26.71
CA MET H 302 21.19 8.34 -27.29
C MET H 302 20.94 9.42 -26.26
N VAL H 303 20.67 9.05 -25.01
CA VAL H 303 20.54 10.09 -24.00
C VAL H 303 21.84 10.89 -23.89
N TYR H 304 22.99 10.20 -23.96
CA TYR H 304 24.28 10.89 -23.82
C TYR H 304 24.60 11.67 -25.07
N VAL H 305 24.32 11.12 -26.25
CA VAL H 305 24.51 11.89 -27.47
C VAL H 305 23.72 13.18 -27.39
N ALA H 306 22.46 13.07 -26.98
CA ALA H 306 21.61 14.26 -26.88
C ALA H 306 22.03 15.13 -25.71
N ALA H 307 22.62 14.54 -24.68
CA ALA H 307 23.15 15.33 -23.56
C ALA H 307 24.35 16.14 -24.00
N ALA H 308 25.30 15.51 -24.67
CA ALA H 308 26.42 16.22 -25.26
C ALA H 308 25.93 17.32 -26.18
N LYS H 309 24.92 17.02 -26.99
CA LYS H 309 24.40 18.04 -27.87
C LYS H 309 23.72 19.14 -27.07
N SER H 310 23.32 18.84 -25.82
CA SER H 310 22.72 19.86 -24.96
C SER H 310 23.80 20.74 -24.32
N GLU H 311 24.95 20.15 -23.98
CA GLU H 311 26.05 20.94 -23.44
C GLU H 311 26.66 21.77 -24.56
N ARG H 312 27.07 21.09 -25.64
CA ARG H 312 27.39 21.73 -26.92
C ARG H 312 26.33 22.71 -27.41
N ASP H 313 25.09 22.60 -26.95
CA ASP H 313 23.99 23.35 -27.53
C ASP H 313 23.98 23.22 -29.05
N ASP H 314 24.02 21.98 -29.54
CA ASP H 314 23.95 21.77 -30.98
C ASP H 314 22.60 22.24 -31.52
N ALA H 315 22.57 22.39 -32.85
CA ALA H 315 21.36 22.85 -33.51
C ALA H 315 20.29 21.77 -33.47
N ASP H 316 20.67 20.55 -33.76
CA ASP H 316 19.64 19.53 -33.87
C ASP H 316 19.24 18.97 -32.52
N LEU H 317 19.62 19.65 -31.44
CA LEU H 317 19.26 19.20 -30.11
C LEU H 317 17.78 18.91 -29.95
N SER H 318 16.93 19.75 -30.55
CA SER H 318 15.50 19.49 -30.46
C SER H 318 15.21 18.05 -30.83
N PHE H 319 15.59 17.64 -32.05
CA PHE H 319 15.32 16.27 -32.45
C PHE H 319 15.93 15.28 -31.46
N TYR H 320 17.23 15.40 -31.22
CA TYR H 320 17.88 14.41 -30.37
C TYR H 320 17.28 14.46 -28.97
N GLY H 321 17.00 15.66 -28.48
CA GLY H 321 16.38 15.77 -27.17
C GLY H 321 15.06 15.03 -27.11
N ALA H 322 14.20 15.26 -28.11
CA ALA H 322 12.98 14.48 -28.20
C ALA H 322 13.31 13.00 -28.35
N ALA H 323 14.15 12.66 -29.31
CA ALA H 323 14.34 11.25 -29.63
C ALA H 323 14.83 10.49 -28.42
N ALA H 324 15.90 10.95 -27.82
CA ALA H 324 16.41 10.24 -26.67
C ALA H 324 15.39 10.22 -25.55
N LYS H 325 14.72 11.35 -25.30
CA LYS H 325 13.73 11.33 -24.24
C LYS H 325 12.61 10.38 -24.58
N CYS H 326 12.13 10.43 -25.82
CA CYS H 326 11.07 9.52 -26.20
C CYS H 326 11.57 8.08 -26.10
N PHE H 327 12.75 7.84 -26.70
CA PHE H 327 13.21 6.46 -26.83
C PHE H 327 13.55 5.88 -25.49
N ALA H 328 14.35 6.60 -24.71
CA ALA H 328 14.66 6.23 -23.35
C ALA H 328 13.37 5.93 -22.61
N SER H 329 12.44 6.87 -22.67
CA SER H 329 11.18 6.69 -21.97
C SER H 329 10.51 5.43 -22.43
N ASP H 330 10.32 5.28 -23.75
CA ASP H 330 9.70 4.06 -24.27
C ASP H 330 10.45 2.82 -23.79
N VAL H 331 11.78 2.79 -23.95
CA VAL H 331 12.53 1.62 -23.51
C VAL H 331 12.33 1.39 -22.03
N ALA H 332 12.38 2.44 -21.21
CA ALA H 332 12.16 2.24 -19.78
C ALA H 332 10.83 1.53 -19.56
N MET H 333 9.76 2.01 -20.19
CA MET H 333 8.49 1.33 -20.03
C MET H 333 8.61 -0.12 -20.44
N GLU H 334 9.21 -0.34 -21.61
CA GLU H 334 9.43 -1.69 -22.11
C GLU H 334 10.30 -2.51 -21.16
N ILE H 335 11.33 -1.91 -20.56
CA ILE H 335 12.22 -2.71 -19.70
C ILE H 335 11.53 -3.04 -18.38
N THR H 336 11.06 -2.00 -17.68
CA THR H 336 10.54 -2.19 -16.33
C THR H 336 9.34 -3.11 -16.32
N THR H 337 8.52 -3.04 -17.36
CA THR H 337 7.45 -4.01 -17.47
C THR H 337 7.99 -5.42 -17.46
N ASP H 338 8.93 -5.69 -18.35
CA ASP H 338 9.58 -6.99 -18.34
C ASP H 338 10.31 -7.22 -17.01
N ALA H 339 10.85 -6.15 -16.40
CA ALA H 339 11.47 -6.31 -15.09
C ALA H 339 10.48 -6.92 -14.11
N VAL H 340 9.29 -6.32 -13.99
CA VAL H 340 8.27 -6.95 -13.17
C VAL H 340 8.03 -8.36 -13.66
N GLN H 341 7.85 -8.50 -14.99
CA GLN H 341 7.59 -9.80 -15.58
C GLN H 341 8.67 -10.80 -15.22
N LEU H 342 9.94 -10.36 -15.19
CA LEU H 342 10.97 -11.36 -14.99
C LEU H 342 10.89 -11.95 -13.59
N LEU H 343 10.45 -11.18 -12.59
CA LEU H 343 10.34 -11.74 -11.26
C LEU H 343 8.99 -12.40 -11.04
N GLY H 344 8.15 -12.46 -12.07
CA GLY H 344 6.87 -13.11 -11.92
C GLY H 344 6.09 -12.56 -10.75
N GLY H 345 5.48 -13.46 -10.00
CA GLY H 345 4.70 -13.04 -8.85
C GLY H 345 5.48 -12.15 -7.89
N TYR H 346 6.76 -12.42 -7.70
CA TYR H 346 7.54 -11.59 -6.79
C TYR H 346 7.69 -10.19 -7.35
N GLY H 347 7.83 -10.08 -8.67
CA GLY H 347 8.02 -8.78 -9.31
C GLY H 347 6.82 -7.87 -9.21
N TYR H 348 5.62 -8.46 -9.19
CA TYR H 348 4.32 -7.82 -8.99
C TYR H 348 4.12 -7.27 -7.57
N THR H 349 5.06 -7.48 -6.67
CA THR H 349 4.89 -7.13 -5.28
C THR H 349 5.75 -5.94 -4.89
N ARG H 350 5.21 -5.14 -3.96
CA ARG H 350 5.93 -3.98 -3.49
C ARG H 350 7.09 -4.38 -2.60
N ASP H 351 7.14 -5.63 -2.14
CA ASP H 351 8.36 -6.11 -1.52
C ASP H 351 9.51 -6.02 -2.51
N TYR H 352 9.23 -6.16 -3.81
CA TYR H 352 10.34 -5.91 -4.72
C TYR H 352 10.20 -4.58 -5.49
N PRO H 353 11.33 -3.87 -5.70
CA PRO H 353 11.25 -2.50 -6.20
C PRO H 353 10.88 -2.41 -7.67
N VAL H 354 11.07 -3.47 -8.46
CA VAL H 354 10.90 -3.35 -9.90
C VAL H 354 9.51 -2.83 -10.21
N GLU H 355 8.52 -3.21 -9.42
CA GLU H 355 7.18 -2.65 -9.54
C GLU H 355 7.23 -1.13 -9.41
N ARG H 356 7.93 -0.64 -8.38
CA ARG H 356 8.11 0.81 -8.29
C ARG H 356 8.76 1.34 -9.54
N MET H 357 9.73 0.61 -10.08
CA MET H 357 10.42 1.07 -11.27
C MET H 357 9.51 1.11 -12.48
N MET H 358 8.56 0.20 -12.59
CA MET H 358 7.62 0.28 -13.68
C MET H 358 6.73 1.49 -13.51
N ARG H 359 6.12 1.62 -12.32
CA ARG H 359 5.26 2.78 -12.10
C ARG H 359 6.03 4.07 -12.37
N ASP H 360 7.29 4.13 -11.94
CA ASP H 360 8.13 5.30 -12.15
C ASP H 360 8.37 5.55 -13.63
N ALA H 361 8.64 4.49 -14.38
CA ALA H 361 8.95 4.69 -15.78
C ALA H 361 7.76 5.28 -16.54
N LYS H 362 6.54 4.88 -16.17
CA LYS H 362 5.40 5.25 -17.03
C LYS H 362 5.27 6.76 -17.24
N ILE H 363 5.87 7.56 -16.34
CA ILE H 363 5.83 9.05 -16.41
C ILE H 363 6.94 9.54 -17.33
N THR H 364 8.02 8.75 -17.44
CA THR H 364 9.08 9.15 -18.35
C THR H 364 8.51 9.22 -19.75
N GLN H 365 7.45 8.47 -20.00
CA GLN H 365 6.71 8.61 -21.24
C GLN H 365 5.82 9.85 -21.28
N ILE H 366 5.48 10.47 -20.13
CA ILE H 366 4.44 11.50 -20.10
C ILE H 366 4.97 12.92 -20.03
N TYR H 367 5.51 13.30 -18.87
CA TYR H 367 5.81 14.72 -18.71
C TYR H 367 7.01 15.08 -19.55
N GLU H 368 7.25 16.39 -19.65
CA GLU H 368 8.28 16.94 -20.51
C GLU H 368 7.83 16.68 -21.93
N GLY H 369 6.50 16.80 -22.17
CA GLY H 369 5.95 16.62 -23.48
C GLY H 369 5.62 15.17 -23.68
N THR H 370 4.34 14.83 -23.75
CA THR H 370 3.97 13.44 -23.97
C THR H 370 4.72 12.95 -25.20
N ASN H 371 5.17 11.69 -25.17
CA ASN H 371 6.02 11.25 -26.28
C ASN H 371 5.26 11.41 -27.58
N GLN H 372 3.95 11.62 -27.51
CA GLN H 372 3.24 12.03 -28.71
C GLN H 372 3.72 13.41 -29.16
N ILE H 373 3.82 14.36 -28.22
CA ILE H 373 4.40 15.66 -28.57
C ILE H 373 5.81 15.48 -29.06
N GLN H 374 6.58 14.62 -28.39
CA GLN H 374 7.95 14.36 -28.81
C GLN H 374 7.98 13.83 -30.23
N ARG H 375 7.04 12.95 -30.57
CA ARG H 375 7.05 12.40 -31.91
C ARG H 375 6.77 13.49 -32.91
N VAL H 376 5.88 14.41 -32.57
CA VAL H 376 5.63 15.56 -33.44
C VAL H 376 6.89 16.41 -33.60
N VAL H 377 7.59 16.65 -32.50
CA VAL H 377 8.84 17.42 -32.54
C VAL H 377 9.84 16.78 -33.49
N MET H 378 10.01 15.47 -33.36
CA MET H 378 10.91 14.75 -34.23
C MET H 378 10.45 14.85 -35.67
N ALA H 379 9.16 14.66 -35.89
CA ALA H 379 8.61 14.74 -37.22
C ALA H 379 8.95 16.07 -37.84
N ARG H 380 8.65 17.17 -37.13
CA ARG H 380 8.85 18.48 -37.74
C ARG H 380 10.34 18.77 -37.95
N GLN H 381 11.24 18.18 -37.15
CA GLN H 381 12.66 18.33 -37.47
C GLN H 381 13.06 17.55 -38.74
N LEU H 382 12.40 16.41 -39.02
CA LEU H 382 12.75 15.63 -40.20
C LEU H 382 12.29 16.31 -41.48
N LEU H 383 11.18 17.04 -41.42
CA LEU H 383 10.60 17.73 -42.57
C LEU H 383 11.22 19.13 -42.73
N LYS H 384 12.51 19.25 -42.49
CA LYS H 384 13.20 20.53 -42.45
C LYS H 384 14.61 20.33 -43.02
PA 875 I . -0.85 6.39 -50.58
O1A 875 I . -1.85 6.39 -49.47
O2A 875 I . -1.01 7.41 -51.66
O5B 875 I . 0.60 6.53 -49.93
C5B 875 I . 0.66 7.59 -48.95
C4B 875 I . 1.27 7.02 -47.70
O4B 875 I . 0.75 7.72 -46.55
C3B 875 I . 0.91 5.55 -47.42
O3B 875 I . 1.78 4.98 -46.47
C2B 875 I . -0.47 5.70 -46.77
O2B 875 I . -0.80 4.64 -45.93
C1B 875 I . -0.35 7.02 -46.01
N9A 875 I . -1.55 7.85 -46.10
C8A 875 I . -2.05 8.51 -47.21
N7A 875 I . -3.16 9.15 -46.95
C5A 875 I . -3.41 8.93 -45.60
C6A 875 I . -4.43 9.34 -44.73
N6A 875 I . -5.45 10.12 -45.09
N1A 875 I . -4.35 8.91 -43.44
C2A 875 I . -3.32 8.14 -43.07
N3A 875 I . -2.31 7.68 -43.81
C4A 875 I . -2.42 8.12 -45.08
N10 875 I . -0.91 -3.05 -55.31
C1' 875 I . -1.05 -1.57 -55.24
C2' 875 I . -2.04 -1.10 -54.17
O2' 875 I . -3.35 -1.56 -54.49
C3' 875 I . -2.07 0.42 -54.04
O3' 875 I . -0.75 0.89 -53.81
C4' 875 I . -2.97 0.97 -52.93
O4' 875 I . -4.33 0.53 -53.13
C5' 875 I . -2.91 2.48 -52.80
O5' 875 I . -1.54 3.03 -52.83
P 875 I . -1.31 4.63 -52.77
O1P 875 I . -0.26 5.10 -53.71
O2P 875 I . -2.59 5.35 -52.96
O3P 875 I . -0.79 4.95 -51.29
PA 875 J . 21.67 -20.92 -38.82
O1A 875 J . 22.02 -21.18 -37.41
O2A 875 J . 21.66 -22.12 -39.69
O5B 875 J . 20.20 -20.33 -38.83
C5B 875 J . 19.38 -21.16 -37.95
C4B 875 J . 18.70 -20.27 -36.95
O4B 875 J . 18.87 -20.81 -35.62
C3B 875 J . 19.23 -18.84 -36.89
O3B 875 J . 18.05 -18.07 -37.06
C2B 875 J . 19.55 -18.58 -35.42
O2B 875 J . 19.04 -17.31 -35.10
C1B 875 J . 18.90 -19.76 -34.68
N9A 875 J . 19.80 -20.21 -33.63
C8A 875 J . 20.97 -20.90 -33.84
N7A 875 J . 21.59 -21.20 -32.73
C5A 875 J . 20.78 -20.69 -31.73
C6A 875 J . 20.89 -20.69 -30.32
N6A 875 J . 21.85 -21.20 -29.52
N1A 875 J . 19.88 -20.08 -29.70
C2A 875 J . 18.80 -19.48 -30.27
N3A 875 J . 18.64 -19.46 -31.60
C4A 875 J . 19.65 -20.07 -32.27
N10 875 J . 26.64 -14.38 -44.65
C1' 875 J . 27.70 -14.77 -43.69
C2' 875 J . 27.19 -14.94 -42.26
O2' 875 J . 28.34 -14.99 -41.39
C3' 875 J . 26.29 -16.19 -42.14
O3' 875 J . 25.37 -16.19 -43.23
C4' 875 J . 25.48 -16.33 -40.84
O4' 875 J . 26.33 -16.77 -39.78
C5' 875 J . 24.28 -17.24 -40.96
O5' 875 J . 24.59 -18.64 -40.65
P 875 J . 23.49 -19.81 -40.80
O1P 875 J . 22.57 -19.53 -41.95
O2P 875 J . 24.25 -21.09 -40.85
O3P 875 J . 22.64 -19.79 -39.44
PA 875 K . 7.82 -18.20 -11.27
O1A 875 K . 8.08 -19.11 -12.43
O2A 875 K . 8.29 -18.74 -9.98
O5B 875 K . 8.50 -16.78 -11.55
C5B 875 K . 9.91 -16.84 -11.87
C4B 875 K . 10.15 -16.12 -13.17
O4B 875 K . 10.87 -17.04 -14.04
C3B 875 K . 8.93 -15.67 -13.98
O3B 875 K . 9.33 -14.67 -14.89
C2B 875 K . 8.73 -16.82 -14.97
O2B 875 K . 8.10 -16.37 -16.14
C1B 875 K . 10.17 -17.22 -15.24
N9A 875 K . 10.19 -18.64 -15.48
C8A 875 K . 10.06 -19.64 -14.55
N7A 875 K . 10.11 -20.83 -15.09
C5A 875 K . 10.26 -20.59 -16.45
C6A 875 K . 10.37 -21.45 -17.56
N6A 875 K . 10.33 -22.78 -17.48
N1A 875 K . 10.51 -20.88 -18.77
C2A 875 K . 10.55 -19.54 -18.85
N3A 875 K . 10.46 -18.64 -17.89
C4A 875 K . 10.32 -19.25 -16.69
N10 875 K . -2.70 -17.43 -8.53
C1' 875 K . -1.50 -16.79 -9.10
C2' 875 K . -0.60 -17.76 -9.83
O2' 875 K . -0.86 -19.10 -9.41
C3' 875 K . 0.88 -17.51 -9.53
O3' 875 K . 1.02 -16.19 -9.02
C4' 875 K . 1.77 -17.66 -10.77
O4' 875 K . 1.20 -18.65 -11.62
C5' 875 K . 3.19 -18.08 -10.44
O5' 875 K . 4.07 -16.96 -10.16
P 875 K . 5.59 -17.24 -9.72
O1P 875 K . 6.20 -15.95 -9.26
O2P 875 K . 5.58 -18.38 -8.75
O3P 875 K . 6.28 -17.77 -11.07
#